data_8I4Y
#
_entry.id   8I4Y
#
loop_
_entity.id
_entity.type
_entity.pdbx_description
1 polymer 'Beta-ketoacyl-acyl-carrier-protein synthase I'
2 non-polymer '11-oxidanylidene-11-(1~{H}-pyrrol-2-yl)undecanoic acid'
3 non-polymer '3-HYDROXYANTHRANILIC ACID'
#
_entity_poly.entity_id   1
_entity_poly.type   'polypeptide(L)'
_entity_poly.pdbx_seq_one_letter_code
;MPDEEKLQKYLRKVTAELQQARRRLAAAESQSQEPIAVLGIGCRFPGGVRSPEDLWDLVDSGGDAVGGLPAGRGWQAGSA
LDGVNAGFIHGVEEFDPYFFGLDPVEAAAMDPQQRLLLETTWEAFERAGIDPVAARGSRTAVYAGVQFGGYPLLMREAPP
PQVLDHLGLGNSVGAASGRLAYQFGLLGGAVTVDTQCTSSIVALHLAVKALRNGECALALAGGACVMSLPTVLMDFHRRS
LLAPDGRSKSFAAAADGVSLAEGAGMLLLERLSDARRNGHPVMAVIRGTAINQDGATNGIISPSGRAQERVIRAALADGR
VTADSVDAVEGHGVGATLGDGVEVTSLLSTYGQERPAGRPLLLGSVKSNIGHTQTVGAVAGIVKLVMALRNERLPRTVHV
DGPTPHADWSSGTVRLLTEPEPWRRGERVRRAGLTCLTLSGTNGHLILEEPPADEPAARPANPERTVPLVLSAKSPTALR
EQAERLRATITAAEPVDVGHSLHTTRSSFRHRAVVLGTGREELAAGLDALAGDRTADGLVRGVARAQGQTALLFGGAGDG
TSGDRPADAEGPRTARGLYEAFPAFAEALDEVTEHLAGLLGPEVRAAVREPGPACAEPTVVGQAVAFALNTALHRLLTAF
AVRPDATLGHGAGEVAAAYAAGALSLADGAALVTALGRITERVATGPGASVWVRATEDEVRAALSGSQEQVGAAVAAVDE
PGTTVVSGDAGAVARVAAHWRAHGRATGAPRPARLLLSPDDEQAALAELRAIVAGLAFREPEVPLLSTVTGQPVEPAELR
SAEHWLDHLRGPTRFLDGVRRLRTDGVTRLVGLDLSGDLTGPAGRSAAGFGEPGRPLLLASVPGGGRPPGQALLSALGEL
HTDGVAIDWSQAFEGRGARRVDLPTYPYQKVRCWLVPPEPQVSVVAAPPHPLLGTALDLVDATGQSFTQQLTPGQVAGVF
GQQLYGTPVLPAGARLEWLLAAARHGSPDSAWTLTGIRLPGTVSAASGTPVALQTSREDSGDGHRVRAFVKGPGTGGGRW
AERGGATVVPAVTRPAPDRVDPESLPEGLAELDVAEVYRRLWRQGSDYAEPLRVLRRVWLGGDEAVALVGTADVPTGPSG
WSRWAAVLEAAVQLAALSGSGPRTPVSVDRLEVSGPPSEVVWLRVRHGADGAADAVVLSGEGVRLAAVQGLRLRPMAGRE
PAGLAEAPLERHEVVWHALAEDGRPGAIGGGTGSWLVFSDDPERAAAWCDELALFGVPAVALAGEDAEGRDGTETVPVGT
GDPDVVGKTFAELRERGVTVAGLLVHDAGDAREPASGADDPLDAACRRGGRTLALVRGFLQEYAEQTPRIVLCSAGAAAG
LAGGPPHPAQAPLTALFTSLVWEHPELPCAQVDLDPAEDPPTVVSLLGQVMRLPGAGRLAVRGGRWFEARLERRPAPADR
GERLALRPDATYLVAGGDTRHAAAALEWLAARGARSVVLAGAESERGDLAGARTTGHAGIERLEHVAVDLSSAADVARLA
ELCADGRPPLRGVLLLPQPVAGGGLDELDGARFGAELAGALRGPVELTRRFTDVGLTGGTDFFVLSTSVVSLPGRAGTVV
GSAADAFLTALARHHRQAGLPVVAAAWGPWLESVDESDEAPAVAFAEAGVYPAPGGEMLDALLPLPAAGEADGSGEAGLA
RVDWDRYLTAGHRPLPYTVLETRASYDEEKAPGFGQNRM
;
_entity_poly.pdbx_strand_id   A,B
#
loop_
_chem_comp.id
_chem_comp.type
_chem_comp.name
_chem_comp.formula
3HA non-polymer '3-HYDROXYANTHRANILIC ACID' 'C7 H7 N O3'
ONF non-polymer '11-oxidanylidene-11-(1~{H}-pyrrol-2-yl)undecanoic acid' 'C15 H23 N O3'
#
# COMPACT_ATOMS: atom_id res chain seq x y z
N GLN A 33 10.44 -37.91 -9.29
CA GLN A 33 10.12 -36.51 -9.55
C GLN A 33 9.98 -36.26 -11.06
N GLU A 34 8.75 -35.93 -11.50
CA GLU A 34 8.34 -35.90 -12.90
C GLU A 34 8.51 -34.53 -13.59
N PRO A 35 8.61 -34.49 -14.93
CA PRO A 35 8.52 -33.27 -15.71
C PRO A 35 7.11 -32.63 -15.69
N ILE A 36 7.06 -31.29 -15.69
CA ILE A 36 5.83 -30.50 -15.76
C ILE A 36 5.75 -29.80 -17.11
N ALA A 37 4.61 -29.86 -17.79
CA ALA A 37 4.39 -29.29 -19.11
C ALA A 37 3.78 -27.90 -19.04
N VAL A 38 4.32 -26.93 -19.77
CA VAL A 38 3.62 -25.68 -20.10
C VAL A 38 2.59 -26.01 -21.18
N LEU A 39 1.31 -25.95 -20.85
CA LEU A 39 0.22 -26.16 -21.81
C LEU A 39 -0.19 -24.88 -22.54
N GLY A 40 0.04 -23.72 -21.94
CA GLY A 40 -0.26 -22.44 -22.57
C GLY A 40 0.36 -21.25 -21.86
N ILE A 41 0.54 -20.16 -22.61
CA ILE A 41 1.02 -18.87 -22.11
C ILE A 41 0.17 -17.74 -22.66
N GLY A 42 -0.16 -16.76 -21.83
CA GLY A 42 -0.78 -15.51 -22.25
C GLY A 42 0.01 -14.36 -21.65
N CYS A 43 0.08 -13.21 -22.33
CA CYS A 43 0.90 -12.10 -21.83
C CYS A 43 0.54 -10.71 -22.38
N ARG A 44 0.93 -9.67 -21.65
CA ARG A 44 0.89 -8.25 -22.04
C ARG A 44 2.24 -7.63 -21.65
N PHE A 45 2.86 -6.91 -22.55
CA PHE A 45 4.22 -6.38 -22.41
C PHE A 45 4.34 -5.05 -23.15
N PRO A 46 5.40 -4.26 -22.93
CA PRO A 46 5.67 -3.08 -23.74
C PRO A 46 5.79 -3.39 -25.23
N GLY A 47 5.49 -2.40 -26.07
CA GLY A 47 5.52 -2.52 -27.53
C GLY A 47 4.25 -3.10 -28.15
N GLY A 48 3.13 -3.11 -27.44
CA GLY A 48 1.85 -3.58 -27.96
C GLY A 48 1.76 -5.10 -28.14
N VAL A 49 2.64 -5.86 -27.48
CA VAL A 49 2.63 -7.32 -27.47
C VAL A 49 1.40 -7.84 -26.74
N ARG A 50 0.61 -8.70 -27.39
CA ARG A 50 -0.57 -9.36 -26.82
C ARG A 50 -0.60 -10.86 -27.07
N SER A 51 0.54 -11.46 -27.40
CA SER A 51 0.73 -12.90 -27.60
C SER A 51 2.21 -13.26 -27.59
N PRO A 52 2.56 -14.55 -27.44
CA PRO A 52 3.88 -15.06 -27.75
C PRO A 52 4.37 -14.72 -29.15
N GLU A 53 3.52 -14.76 -30.17
CA GLU A 53 3.89 -14.45 -31.55
C GLU A 53 4.25 -12.98 -31.73
N ASP A 54 3.56 -12.05 -31.09
CA ASP A 54 3.97 -10.64 -31.10
C ASP A 54 5.34 -10.43 -30.44
N LEU A 55 5.61 -11.11 -29.32
CA LEU A 55 6.91 -11.01 -28.66
C LEU A 55 8.01 -11.57 -29.55
N TRP A 56 7.77 -12.71 -30.21
CA TRP A 56 8.73 -13.28 -31.14
C TRP A 56 9.00 -12.35 -32.32
N ASP A 57 7.96 -11.79 -32.94
CA ASP A 57 8.13 -10.79 -34.00
C ASP A 57 8.98 -9.59 -33.54
N LEU A 58 8.73 -9.03 -32.36
CA LEU A 58 9.53 -7.92 -31.81
C LEU A 58 10.98 -8.33 -31.56
N VAL A 59 11.19 -9.46 -30.91
CA VAL A 59 12.52 -9.94 -30.52
C VAL A 59 13.35 -10.35 -31.74
N ASP A 60 12.77 -11.07 -32.70
CA ASP A 60 13.45 -11.51 -33.92
C ASP A 60 13.73 -10.36 -34.90
N SER A 61 12.83 -9.37 -35.00
CA SER A 61 13.09 -8.15 -35.79
C SER A 61 14.09 -7.20 -35.13
N GLY A 62 14.59 -7.50 -33.93
CA GLY A 62 15.63 -6.73 -33.26
C GLY A 62 15.18 -5.37 -32.71
N GLY A 63 13.90 -5.19 -32.41
CA GLY A 63 13.35 -3.94 -31.91
C GLY A 63 13.58 -3.73 -30.40
N ASP A 64 13.40 -2.49 -29.95
CA ASP A 64 13.27 -2.15 -28.52
C ASP A 64 11.95 -1.41 -28.23
N ALA A 65 11.41 -1.61 -27.03
CA ALA A 65 10.04 -1.23 -26.67
C ALA A 65 9.92 -0.18 -25.55
N VAL A 66 11.05 0.31 -25.04
CA VAL A 66 11.09 1.46 -24.13
C VAL A 66 10.59 2.72 -24.84
N GLY A 67 9.87 3.60 -24.14
CA GLY A 67 9.26 4.80 -24.72
C GLY A 67 8.84 5.84 -23.69
N GLY A 68 7.84 6.66 -24.06
CA GLY A 68 7.41 7.84 -23.31
C GLY A 68 6.45 7.58 -22.16
N LEU A 69 6.41 8.48 -21.19
CA LEU A 69 5.57 8.38 -20.00
C LEU A 69 4.09 8.45 -20.36
N PRO A 70 3.22 7.59 -19.80
CA PRO A 70 1.86 7.42 -20.28
C PRO A 70 0.97 8.62 -19.92
N ALA A 71 0.41 9.28 -20.92
CA ALA A 71 -0.74 10.16 -20.77
C ALA A 71 -2.02 9.35 -20.50
N GLY A 72 -3.13 10.02 -20.21
CA GLY A 72 -4.42 9.37 -19.94
C GLY A 72 -4.55 8.74 -18.55
N ARG A 73 -3.45 8.35 -17.90
CA ARG A 73 -3.40 8.11 -16.46
C ARG A 73 -3.47 9.45 -15.73
N GLY A 74 -4.09 9.51 -14.57
CA GLY A 74 -4.36 10.75 -13.83
C GLY A 74 -3.15 11.40 -13.12
N TRP A 75 -1.94 11.23 -13.64
CA TRP A 75 -0.70 11.66 -12.99
C TRP A 75 -0.57 13.18 -12.86
N GLN A 76 0.03 13.61 -11.76
CA GLN A 76 0.28 15.02 -11.44
C GLN A 76 1.79 15.34 -11.37
N ALA A 77 2.64 14.49 -11.94
CA ALA A 77 4.09 14.65 -11.91
C ALA A 77 4.54 15.85 -12.76
N GLY A 78 5.32 16.75 -12.16
CA GLY A 78 5.88 17.94 -12.80
C GLY A 78 7.18 17.64 -13.53
N SER A 79 8.21 18.45 -13.29
CA SER A 79 9.58 18.22 -13.80
C SER A 79 10.25 16.98 -13.20
N ALA A 80 9.67 16.36 -12.17
CA ALA A 80 10.24 15.23 -11.43
C ALA A 80 10.48 13.96 -12.27
N LEU A 81 9.82 13.81 -13.42
CA LEU A 81 10.09 12.76 -14.41
C LEU A 81 10.49 13.30 -15.80
N ASP A 82 10.90 14.57 -15.91
CA ASP A 82 11.30 15.15 -17.20
C ASP A 82 12.44 14.36 -17.86
N GLY A 83 12.19 13.79 -19.05
CA GLY A 83 13.18 13.05 -19.82
C GLY A 83 13.37 11.58 -19.44
N VAL A 84 12.60 11.04 -18.49
CA VAL A 84 12.62 9.61 -18.14
C VAL A 84 11.98 8.78 -19.26
N ASN A 85 12.65 7.72 -19.69
CA ASN A 85 12.12 6.73 -20.62
C ASN A 85 11.92 5.38 -19.91
N ALA A 86 10.81 4.69 -20.18
CA ALA A 86 10.46 3.40 -19.60
C ALA A 86 9.43 2.68 -20.49
N GLY A 87 9.21 1.38 -20.26
CA GLY A 87 8.30 0.59 -21.09
C GLY A 87 6.91 0.43 -20.46
N PHE A 88 5.86 0.98 -21.07
CA PHE A 88 4.51 0.93 -20.48
C PHE A 88 3.50 0.17 -21.33
N ILE A 89 2.52 -0.44 -20.68
CA ILE A 89 1.33 -1.02 -21.29
C ILE A 89 0.36 0.13 -21.58
N HIS A 90 0.28 0.54 -22.85
CA HIS A 90 -0.74 1.50 -23.28
C HIS A 90 -2.13 0.87 -23.22
N GLY A 91 -3.13 1.64 -22.83
CA GLY A 91 -4.51 1.14 -22.73
C GLY A 91 -4.79 0.24 -21.52
N VAL A 92 -3.90 0.19 -20.52
CA VAL A 92 -4.17 -0.52 -19.26
C VAL A 92 -5.34 0.10 -18.48
N GLU A 93 -5.67 1.36 -18.75
CA GLU A 93 -6.83 2.06 -18.24
C GLU A 93 -8.17 1.66 -18.90
N GLU A 94 -8.14 0.72 -19.85
CA GLU A 94 -9.32 0.23 -20.57
C GLU A 94 -9.60 -1.26 -20.30
N PHE A 95 -10.87 -1.63 -20.20
CA PHE A 95 -11.35 -2.94 -19.76
C PHE A 95 -12.77 -3.21 -20.25
N ASP A 96 -13.28 -4.43 -20.13
CA ASP A 96 -14.61 -4.82 -20.63
C ASP A 96 -15.43 -5.51 -19.51
N PRO A 97 -16.08 -4.75 -18.61
CA PRO A 97 -16.65 -5.28 -17.38
C PRO A 97 -17.72 -6.35 -17.57
N TYR A 98 -18.52 -6.19 -18.61
CA TYR A 98 -19.64 -7.05 -18.94
C TYR A 98 -19.24 -8.49 -19.27
N PHE A 99 -18.05 -8.71 -19.82
CA PHE A 99 -17.61 -10.06 -20.15
C PHE A 99 -17.41 -10.95 -18.92
N PHE A 100 -16.88 -10.39 -17.84
CA PHE A 100 -16.56 -11.12 -16.61
C PHE A 100 -17.70 -11.08 -15.57
N GLY A 101 -18.81 -10.41 -15.86
CA GLY A 101 -19.93 -10.28 -14.93
C GLY A 101 -19.82 -9.16 -13.88
N LEU A 102 -18.94 -8.18 -14.08
CA LEU A 102 -18.75 -7.04 -13.18
C LEU A 102 -19.63 -5.84 -13.58
N ASP A 103 -20.21 -5.15 -12.60
CA ASP A 103 -20.75 -3.81 -12.77
C ASP A 103 -19.60 -2.80 -12.97
N PRO A 104 -19.71 -1.79 -13.85
CA PRO A 104 -18.64 -0.82 -14.08
C PRO A 104 -18.14 -0.06 -12.85
N VAL A 105 -18.89 0.02 -11.74
CA VAL A 105 -18.36 0.60 -10.49
C VAL A 105 -17.28 -0.27 -9.85
N GLU A 106 -17.36 -1.61 -9.92
CA GLU A 106 -16.31 -2.46 -9.36
C GLU A 106 -15.08 -2.45 -10.25
N ALA A 107 -15.26 -2.40 -11.56
CA ALA A 107 -14.16 -2.23 -12.51
C ALA A 107 -13.38 -0.93 -12.29
N ALA A 108 -13.99 0.13 -11.77
CA ALA A 108 -13.28 1.33 -11.37
C ALA A 108 -12.46 1.13 -10.09
N ALA A 109 -12.99 0.43 -9.09
CA ALA A 109 -12.30 0.14 -7.84
C ALA A 109 -11.10 -0.82 -7.97
N MET A 110 -11.12 -1.77 -8.91
CA MET A 110 -10.07 -2.78 -9.05
C MET A 110 -8.69 -2.26 -9.45
N ASP A 111 -7.67 -2.73 -8.76
CA ASP A 111 -6.26 -2.58 -9.11
C ASP A 111 -6.01 -3.08 -10.55
N PRO A 112 -5.32 -2.31 -11.41
CA PRO A 112 -5.02 -2.73 -12.77
C PRO A 112 -4.36 -4.11 -12.88
N GLN A 113 -3.61 -4.51 -11.85
CA GLN A 113 -2.95 -5.81 -11.77
C GLN A 113 -3.96 -6.95 -11.71
N GLN A 114 -5.05 -6.82 -10.96
CA GLN A 114 -6.11 -7.82 -10.90
C GLN A 114 -6.85 -7.91 -12.24
N ARG A 115 -7.06 -6.78 -12.93
CA ARG A 115 -7.65 -6.76 -14.27
C ARG A 115 -6.79 -7.49 -15.30
N LEU A 116 -5.48 -7.23 -15.35
CA LEU A 116 -4.60 -7.92 -16.30
C LEU A 116 -4.49 -9.42 -16.03
N LEU A 117 -4.45 -9.88 -14.77
CA LEU A 117 -4.39 -11.32 -14.50
C LEU A 117 -5.66 -12.03 -14.97
N LEU A 118 -6.82 -11.41 -14.79
CA LEU A 118 -8.12 -11.97 -15.11
C LEU A 118 -8.35 -12.06 -16.63
N GLU A 119 -7.92 -11.07 -17.39
CA GLU A 119 -7.83 -11.14 -18.85
C GLU A 119 -6.80 -12.17 -19.34
N THR A 120 -5.58 -12.15 -18.80
CA THR A 120 -4.50 -13.05 -19.21
C THR A 120 -4.78 -14.51 -18.87
N THR A 121 -5.52 -14.78 -17.80
CA THR A 121 -5.96 -16.13 -17.47
C THR A 121 -6.90 -16.68 -18.52
N TRP A 122 -7.91 -15.93 -18.96
CA TRP A 122 -8.81 -16.41 -20.01
C TRP A 122 -8.04 -16.73 -21.29
N GLU A 123 -7.10 -15.88 -21.66
CA GLU A 123 -6.21 -16.10 -22.80
C GLU A 123 -5.34 -17.35 -22.66
N ALA A 124 -4.74 -17.59 -21.49
CA ALA A 124 -3.95 -18.78 -21.22
C ALA A 124 -4.80 -20.05 -21.33
N PHE A 125 -6.03 -20.06 -20.81
CA PHE A 125 -6.96 -21.18 -21.01
C PHE A 125 -7.32 -21.38 -22.50
N GLU A 126 -7.68 -20.34 -23.25
CA GLU A 126 -8.05 -20.48 -24.66
C GLU A 126 -6.93 -21.06 -25.52
N ARG A 127 -5.66 -20.75 -25.23
CA ARG A 127 -4.51 -21.36 -25.93
C ARG A 127 -4.13 -22.74 -25.42
N ALA A 128 -4.39 -23.05 -24.16
CA ALA A 128 -4.22 -24.40 -23.64
C ALA A 128 -5.25 -25.38 -24.23
N GLY A 129 -6.29 -24.91 -24.92
CA GLY A 129 -7.32 -25.75 -25.51
C GLY A 129 -8.32 -26.31 -24.50
N ILE A 130 -8.35 -25.74 -23.29
CA ILE A 130 -9.24 -26.12 -22.20
C ILE A 130 -10.35 -25.08 -22.15
N ASP A 131 -11.61 -25.51 -22.27
CA ASP A 131 -12.76 -24.65 -22.12
C ASP A 131 -12.88 -24.16 -20.67
N PRO A 132 -12.93 -22.84 -20.38
CA PRO A 132 -13.16 -22.33 -19.04
C PRO A 132 -14.45 -22.84 -18.37
N VAL A 133 -15.45 -23.30 -19.12
CA VAL A 133 -16.67 -23.95 -18.59
C VAL A 133 -16.42 -25.40 -18.16
N ALA A 134 -15.38 -26.04 -18.69
CA ALA A 134 -14.91 -27.36 -18.26
C ALA A 134 -13.89 -27.31 -17.11
N ALA A 135 -13.31 -26.14 -16.82
CA ALA A 135 -12.42 -25.92 -15.68
C ALA A 135 -13.15 -25.77 -14.33
N ARG A 136 -14.45 -25.45 -14.32
CA ARG A 136 -15.24 -25.23 -13.10
C ARG A 136 -15.37 -26.51 -12.28
N GLY A 137 -15.14 -26.44 -10.98
CA GLY A 137 -15.13 -27.58 -10.07
C GLY A 137 -13.82 -28.38 -10.04
N SER A 138 -12.78 -27.94 -10.75
CA SER A 138 -11.48 -28.62 -10.79
C SER A 138 -10.58 -28.30 -9.61
N ARG A 139 -9.69 -29.24 -9.27
CA ARG A 139 -8.57 -29.05 -8.33
C ARG A 139 -7.42 -28.27 -8.98
N THR A 140 -7.71 -27.12 -9.58
CA THR A 140 -6.68 -26.22 -10.10
C THR A 140 -6.22 -25.27 -9.03
N ALA A 141 -4.93 -25.13 -8.82
CA ALA A 141 -4.35 -24.16 -7.91
C ALA A 141 -4.00 -22.83 -8.62
N VAL A 142 -3.98 -21.73 -7.88
CA VAL A 142 -3.57 -20.41 -8.38
C VAL A 142 -2.43 -19.84 -7.54
N TYR A 143 -1.33 -19.46 -8.18
CA TYR A 143 -0.15 -18.88 -7.54
C TYR A 143 0.27 -17.60 -8.27
N ALA A 144 -0.15 -16.44 -7.77
CA ALA A 144 0.04 -15.16 -8.44
C ALA A 144 1.11 -14.29 -7.77
N GLY A 145 2.09 -13.80 -8.53
CA GLY A 145 3.05 -12.80 -8.08
C GLY A 145 2.53 -11.39 -8.31
N VAL A 146 2.23 -10.66 -7.24
CA VAL A 146 1.63 -9.32 -7.26
C VAL A 146 2.25 -8.48 -6.14
N GLN A 147 2.25 -7.16 -6.25
CA GLN A 147 2.68 -6.25 -5.20
C GLN A 147 1.68 -5.10 -5.05
N PHE A 148 1.65 -4.40 -3.91
CA PHE A 148 0.67 -3.32 -3.73
C PHE A 148 0.95 -2.18 -4.71
N GLY A 149 -0.03 -1.83 -5.54
CA GLY A 149 0.16 -0.97 -6.71
C GLY A 149 -0.06 0.52 -6.47
N GLY A 150 -0.53 0.93 -5.29
CA GLY A 150 -0.76 2.32 -4.92
C GLY A 150 -2.03 2.95 -5.49
N TYR A 151 -2.80 2.26 -6.32
CA TYR A 151 -3.86 2.83 -7.16
C TYR A 151 -4.87 3.77 -6.47
N PRO A 152 -5.38 3.49 -5.26
CA PRO A 152 -6.33 4.38 -4.60
C PRO A 152 -5.76 5.77 -4.30
N LEU A 153 -4.43 5.89 -4.22
CA LEU A 153 -3.74 7.12 -3.89
C LEU A 153 -3.71 8.12 -5.06
N LEU A 154 -4.19 7.75 -6.26
CA LEU A 154 -4.42 8.72 -7.34
C LEU A 154 -5.60 9.66 -7.06
N MET A 155 -6.57 9.27 -6.25
CA MET A 155 -7.77 10.05 -6.01
C MET A 155 -7.45 11.42 -5.41
N ARG A 156 -7.70 12.49 -6.17
CA ARG A 156 -7.51 13.89 -5.76
C ARG A 156 -8.62 14.42 -4.85
N GLU A 157 -9.75 13.71 -4.77
CA GLU A 157 -10.93 14.05 -3.99
C GLU A 157 -11.58 12.79 -3.43
N ALA A 158 -12.32 12.88 -2.33
CA ALA A 158 -12.91 11.74 -1.64
C ALA A 158 -13.82 10.91 -2.57
N PRO A 159 -13.83 9.58 -2.44
CA PRO A 159 -14.56 8.71 -3.35
C PRO A 159 -16.08 8.83 -3.19
N PRO A 160 -16.86 8.59 -4.25
CA PRO A 160 -18.30 8.39 -4.17
C PRO A 160 -18.70 7.24 -3.22
N PRO A 161 -19.91 7.24 -2.68
CA PRO A 161 -20.31 6.32 -1.61
C PRO A 161 -20.42 4.85 -2.03
N GLN A 162 -20.60 4.55 -3.31
CA GLN A 162 -20.60 3.17 -3.81
C GLN A 162 -19.18 2.61 -3.96
N VAL A 163 -18.28 3.33 -4.64
CA VAL A 163 -16.91 2.84 -4.91
C VAL A 163 -16.11 2.64 -3.62
N LEU A 164 -16.36 3.44 -2.58
CA LEU A 164 -15.73 3.28 -1.28
C LEU A 164 -16.03 1.94 -0.59
N ASP A 165 -17.17 1.31 -0.86
CA ASP A 165 -17.48 -0.03 -0.35
C ASP A 165 -16.94 -1.18 -1.24
N HIS A 166 -16.38 -0.89 -2.41
CA HIS A 166 -15.65 -1.86 -3.24
C HIS A 166 -14.13 -1.83 -3.09
N LEU A 167 -13.52 -0.77 -2.56
CA LEU A 167 -12.07 -0.56 -2.63
C LEU A 167 -11.25 -1.65 -1.95
N GLY A 168 -11.73 -2.25 -0.85
CA GLY A 168 -10.96 -3.23 -0.06
C GLY A 168 -10.54 -4.45 -0.86
N LEU A 169 -11.48 -5.31 -1.25
CA LEU A 169 -11.19 -6.47 -2.09
C LEU A 169 -10.79 -6.07 -3.53
N GLY A 170 -10.96 -4.82 -3.92
CA GLY A 170 -10.43 -4.30 -5.18
C GLY A 170 -8.91 -4.10 -5.16
N ASN A 171 -8.28 -3.97 -3.99
CA ASN A 171 -6.88 -3.54 -3.88
C ASN A 171 -6.02 -4.36 -2.91
N SER A 172 -6.59 -5.11 -1.97
CA SER A 172 -5.81 -5.98 -1.08
C SER A 172 -5.09 -7.05 -1.89
N VAL A 173 -3.77 -7.22 -1.72
CA VAL A 173 -2.95 -8.09 -2.58
C VAL A 173 -3.46 -9.53 -2.58
N GLY A 174 -3.75 -10.08 -1.40
CA GLY A 174 -4.31 -11.42 -1.23
C GLY A 174 -5.70 -11.65 -1.84
N ALA A 175 -6.39 -10.60 -2.30
CA ALA A 175 -7.64 -10.77 -3.04
C ALA A 175 -7.41 -11.24 -4.48
N ALA A 176 -6.22 -11.02 -5.07
CA ALA A 176 -5.94 -11.36 -6.47
C ALA A 176 -6.03 -12.86 -6.75
N SER A 177 -5.48 -13.72 -5.89
CA SER A 177 -5.57 -15.18 -6.07
C SER A 177 -7.00 -15.68 -5.87
N GLY A 178 -7.70 -15.16 -4.86
CA GLY A 178 -9.08 -15.52 -4.58
C GLY A 178 -10.04 -15.11 -5.68
N ARG A 179 -9.87 -13.93 -6.29
CA ARG A 179 -10.73 -13.46 -7.36
C ARG A 179 -10.62 -14.33 -8.61
N LEU A 180 -9.43 -14.78 -9.00
CA LEU A 180 -9.28 -15.74 -10.09
C LEU A 180 -10.00 -17.05 -9.78
N ALA A 181 -9.83 -17.59 -8.57
CA ALA A 181 -10.50 -18.81 -8.16
C ALA A 181 -12.03 -18.66 -8.12
N TYR A 182 -12.55 -17.47 -7.80
CA TYR A 182 -13.98 -17.17 -7.85
C TYR A 182 -14.52 -17.11 -9.28
N GLN A 183 -13.89 -16.32 -10.16
CA GLN A 183 -14.36 -16.15 -11.53
C GLN A 183 -14.40 -17.48 -12.30
N PHE A 184 -13.32 -18.26 -12.22
CA PHE A 184 -13.20 -19.51 -12.96
C PHE A 184 -13.65 -20.75 -12.18
N GLY A 185 -14.18 -20.61 -10.97
CA GLY A 185 -14.73 -21.72 -10.19
C GLY A 185 -13.71 -22.79 -9.80
N LEU A 186 -12.51 -22.41 -9.41
CA LEU A 186 -11.40 -23.32 -9.13
C LEU A 186 -11.33 -23.62 -7.62
N LEU A 187 -11.26 -24.91 -7.26
CA LEU A 187 -11.34 -25.37 -5.86
C LEU A 187 -9.99 -25.59 -5.18
N GLY A 188 -8.89 -25.64 -5.93
CA GLY A 188 -7.54 -25.78 -5.37
C GLY A 188 -7.08 -24.52 -4.64
N GLY A 189 -5.94 -24.60 -3.96
CA GLY A 189 -5.40 -23.49 -3.17
C GLY A 189 -5.15 -22.24 -4.00
N ALA A 190 -5.24 -21.07 -3.37
CA ALA A 190 -5.07 -19.79 -4.04
C ALA A 190 -4.21 -18.85 -3.21
N VAL A 191 -2.91 -18.77 -3.48
CA VAL A 191 -1.94 -17.97 -2.72
C VAL A 191 -1.32 -16.86 -3.57
N THR A 192 -1.00 -15.72 -2.96
CA THR A 192 -0.19 -14.67 -3.58
C THR A 192 1.17 -14.59 -2.93
N VAL A 193 2.20 -14.38 -3.73
CA VAL A 193 3.59 -14.33 -3.32
C VAL A 193 4.22 -13.00 -3.69
N ASP A 194 5.06 -12.44 -2.84
CA ASP A 194 5.92 -11.31 -3.17
C ASP A 194 7.35 -11.62 -2.76
N THR A 195 8.25 -11.59 -3.73
CA THR A 195 9.70 -11.56 -3.57
C THR A 195 10.30 -10.66 -4.65
N GLN A 196 9.74 -9.45 -4.80
CA GLN A 196 10.16 -8.43 -5.75
C GLN A 196 10.34 -9.04 -7.15
N CYS A 197 11.45 -8.76 -7.83
CA CYS A 197 11.70 -9.17 -9.21
C CYS A 197 11.59 -10.68 -9.45
N THR A 198 11.90 -11.52 -8.46
CA THR A 198 11.86 -12.98 -8.64
C THR A 198 10.50 -13.60 -8.32
N SER A 199 9.45 -12.79 -8.15
CA SER A 199 8.12 -13.31 -7.82
C SER A 199 7.60 -14.32 -8.83
N SER A 200 7.95 -14.22 -10.10
CA SER A 200 7.58 -15.21 -11.11
C SER A 200 8.28 -16.57 -10.96
N ILE A 201 9.59 -16.63 -10.64
CA ILE A 201 10.25 -17.92 -10.38
C ILE A 201 9.76 -18.52 -9.07
N VAL A 202 9.51 -17.71 -8.02
CA VAL A 202 8.88 -18.22 -6.80
C VAL A 202 7.51 -18.82 -7.07
N ALA A 203 6.68 -18.20 -7.90
CA ALA A 203 5.39 -18.77 -8.28
C ALA A 203 5.54 -20.12 -9.01
N LEU A 204 6.42 -20.20 -10.02
CA LEU A 204 6.68 -21.45 -10.74
C LEU A 204 7.24 -22.54 -9.83
N HIS A 205 8.17 -22.21 -8.94
CA HIS A 205 8.77 -23.19 -8.04
C HIS A 205 7.72 -23.85 -7.15
N LEU A 206 6.86 -23.05 -6.51
CA LEU A 206 5.80 -23.59 -5.66
C LEU A 206 4.76 -24.37 -6.48
N ALA A 207 4.42 -23.92 -7.69
CA ALA A 207 3.50 -24.62 -8.57
C ALA A 207 4.05 -25.98 -9.02
N VAL A 208 5.32 -26.04 -9.42
CA VAL A 208 5.97 -27.30 -9.81
C VAL A 208 5.99 -28.26 -8.62
N LYS A 209 6.36 -27.80 -7.42
CA LYS A 209 6.39 -28.67 -6.24
C LYS A 209 4.99 -29.12 -5.81
N ALA A 210 3.96 -28.30 -5.98
CA ALA A 210 2.57 -28.68 -5.73
C ALA A 210 2.07 -29.77 -6.68
N LEU A 211 2.35 -29.64 -7.98
CA LEU A 211 1.97 -30.64 -8.98
C LEU A 211 2.68 -31.99 -8.77
N ARG A 212 3.96 -31.99 -8.37
CA ARG A 212 4.73 -33.20 -8.07
C ARG A 212 4.24 -33.93 -6.83
N ASN A 213 3.86 -33.21 -5.77
CA ASN A 213 3.31 -33.79 -4.56
C ASN A 213 1.84 -34.25 -4.67
N GLY A 214 1.18 -34.01 -5.80
CA GLY A 214 -0.23 -34.38 -5.98
C GLY A 214 -1.20 -33.47 -5.23
N GLU A 215 -0.83 -32.23 -4.89
CA GLU A 215 -1.75 -31.28 -4.25
C GLU A 215 -2.89 -30.86 -5.19
N CYS A 216 -2.63 -30.80 -6.49
CA CYS A 216 -3.52 -30.26 -7.52
C CYS A 216 -3.41 -31.02 -8.84
N ALA A 217 -4.42 -30.90 -9.70
CA ALA A 217 -4.45 -31.52 -11.03
C ALA A 217 -3.88 -30.61 -12.13
N LEU A 218 -4.00 -29.30 -11.96
CA LEU A 218 -3.43 -28.22 -12.76
C LEU A 218 -2.93 -27.13 -11.81
N ALA A 219 -2.02 -26.29 -12.28
CA ALA A 219 -1.62 -25.10 -11.57
C ALA A 219 -1.49 -23.94 -12.56
N LEU A 220 -1.96 -22.78 -12.14
CA LEU A 220 -1.93 -21.54 -12.89
C LEU A 220 -0.98 -20.60 -12.16
N ALA A 221 0.13 -20.23 -12.78
CA ALA A 221 1.24 -19.52 -12.15
C ALA A 221 1.70 -18.35 -12.99
N GLY A 222 2.04 -17.22 -12.38
CA GLY A 222 2.45 -16.04 -13.13
C GLY A 222 2.55 -14.78 -12.29
N GLY A 223 2.32 -13.61 -12.88
CA GLY A 223 2.26 -12.36 -12.14
C GLY A 223 1.82 -11.17 -12.95
N ALA A 224 1.76 -10.01 -12.30
CA ALA A 224 1.48 -8.73 -12.93
C ALA A 224 2.25 -7.58 -12.28
N CYS A 225 2.49 -6.51 -13.03
CA CYS A 225 3.14 -5.31 -12.58
C CYS A 225 2.70 -4.12 -13.43
N VAL A 226 1.89 -3.24 -12.86
CA VAL A 226 1.41 -2.02 -13.52
C VAL A 226 1.70 -0.84 -12.61
N MET A 227 2.44 0.14 -13.12
CA MET A 227 2.84 1.33 -12.38
C MET A 227 1.69 2.33 -12.37
N SER A 228 0.71 2.15 -11.48
CA SER A 228 -0.39 3.11 -11.40
C SER A 228 0.05 4.48 -10.87
N LEU A 229 1.10 4.55 -10.03
CA LEU A 229 1.70 5.79 -9.51
C LEU A 229 3.14 5.95 -10.03
N PRO A 230 3.63 7.20 -10.19
CA PRO A 230 4.97 7.46 -10.71
C PRO A 230 6.13 7.13 -9.75
N THR A 231 5.85 6.79 -8.49
CA THR A 231 6.83 6.87 -7.39
C THR A 231 8.01 5.92 -7.54
N VAL A 232 7.83 4.74 -8.14
CA VAL A 232 8.96 3.82 -8.42
C VAL A 232 9.92 4.38 -9.46
N LEU A 233 9.42 5.10 -10.48
CA LEU A 233 10.28 5.78 -11.45
C LEU A 233 11.02 6.94 -10.80
N MET A 234 10.31 7.78 -10.07
CA MET A 234 10.88 8.93 -9.40
C MET A 234 12.01 8.55 -8.45
N ASP A 235 11.84 7.53 -7.61
CA ASP A 235 12.86 7.25 -6.61
C ASP A 235 14.13 6.67 -7.23
N PHE A 236 14.00 5.81 -8.25
CA PHE A 236 15.15 5.30 -8.99
C PHE A 236 15.85 6.40 -9.78
N HIS A 237 15.12 7.41 -10.26
CA HIS A 237 15.65 8.58 -10.95
C HIS A 237 16.38 9.51 -9.97
N ARG A 238 15.81 9.76 -8.80
CA ARG A 238 16.40 10.54 -7.71
C ARG A 238 17.70 9.93 -7.22
N ARG A 239 17.77 8.60 -7.02
CA ARG A 239 19.03 7.88 -6.68
C ARG A 239 19.92 7.56 -7.88
N SER A 240 19.59 8.04 -9.07
CA SER A 240 20.38 7.86 -10.30
C SER A 240 20.66 6.40 -10.70
N LEU A 241 19.76 5.47 -10.36
CA LEU A 241 19.85 4.06 -10.73
C LEU A 241 19.44 3.77 -12.19
N LEU A 242 18.62 4.65 -12.78
CA LEU A 242 18.14 4.52 -14.15
C LEU A 242 19.22 4.88 -15.18
N ALA A 243 19.28 4.13 -16.27
CA ALA A 243 20.05 4.54 -17.44
C ALA A 243 19.44 5.83 -18.05
N PRO A 244 20.24 6.83 -18.46
CA PRO A 244 19.73 8.12 -18.94
C PRO A 244 18.97 8.03 -20.28
N ASP A 245 19.24 7.02 -21.11
CA ASP A 245 18.46 6.73 -22.32
C ASP A 245 17.32 5.71 -22.11
N GLY A 246 17.25 5.11 -20.92
CA GLY A 246 16.27 4.11 -20.53
C GLY A 246 16.52 2.69 -21.03
N ARG A 247 17.70 2.32 -21.56
CA ARG A 247 17.95 0.96 -22.10
C ARG A 247 18.75 0.08 -21.13
N SER A 248 18.27 -1.13 -20.87
CA SER A 248 19.04 -2.18 -20.22
C SER A 248 19.95 -2.89 -21.23
N LYS A 249 21.17 -2.36 -21.43
CA LYS A 249 22.18 -2.91 -22.35
C LYS A 249 22.80 -4.19 -21.76
N SER A 250 22.09 -5.31 -21.87
CA SER A 250 22.14 -6.43 -20.91
C SER A 250 23.51 -6.94 -20.45
N PHE A 251 24.46 -7.10 -21.36
CA PHE A 251 25.84 -7.51 -21.03
C PHE A 251 26.88 -6.68 -21.80
N ALA A 252 26.48 -5.52 -22.33
CA ALA A 252 27.32 -4.71 -23.19
C ALA A 252 28.41 -3.95 -22.41
N ALA A 253 29.52 -3.64 -23.07
CA ALA A 253 30.49 -2.69 -22.54
C ALA A 253 29.81 -1.35 -22.22
N ALA A 254 30.22 -0.72 -21.13
CA ALA A 254 29.64 0.53 -20.62
C ALA A 254 28.10 0.47 -20.44
N ALA A 255 27.61 -0.55 -19.74
CA ALA A 255 26.23 -0.61 -19.26
C ALA A 255 25.93 0.53 -18.26
N ASP A 256 24.88 1.31 -18.52
CA ASP A 256 24.62 2.59 -17.85
C ASP A 256 23.78 2.50 -16.57
N GLY A 257 22.82 1.59 -16.49
CA GLY A 257 21.86 1.50 -15.39
C GLY A 257 20.64 0.64 -15.74
N VAL A 258 19.68 0.53 -14.82
CA VAL A 258 18.49 -0.31 -15.05
C VAL A 258 17.45 0.41 -15.91
N SER A 259 16.49 -0.34 -16.43
CA SER A 259 15.35 0.16 -17.21
C SER A 259 14.06 -0.41 -16.65
N LEU A 260 13.16 0.43 -16.14
CA LEU A 260 11.89 -0.04 -15.61
C LEU A 260 10.86 -0.25 -16.72
N ALA A 261 9.98 -1.23 -16.53
CA ALA A 261 8.89 -1.55 -17.42
C ALA A 261 7.75 -2.28 -16.71
N GLU A 262 6.58 -2.30 -17.34
CA GLU A 262 5.38 -2.99 -16.89
C GLU A 262 5.25 -4.39 -17.49
N GLY A 263 4.35 -5.22 -16.99
CA GLY A 263 4.05 -6.50 -17.64
C GLY A 263 3.00 -7.35 -16.92
N ALA A 264 2.40 -8.30 -17.63
CA ALA A 264 1.58 -9.34 -17.03
C ALA A 264 1.69 -10.64 -17.81
N GLY A 265 1.59 -11.78 -17.15
CA GLY A 265 1.75 -13.08 -17.77
C GLY A 265 1.24 -14.23 -16.91
N MET A 266 0.60 -15.22 -17.52
CA MET A 266 0.16 -16.45 -16.86
C MET A 266 0.59 -17.67 -17.66
N LEU A 267 1.12 -18.66 -16.96
CA LEU A 267 1.52 -19.97 -17.43
C LEU A 267 0.57 -21.01 -16.84
N LEU A 268 0.05 -21.90 -17.67
CA LEU A 268 -0.87 -22.95 -17.27
C LEU A 268 -0.15 -24.30 -17.37
N LEU A 269 -0.07 -25.04 -16.26
CA LEU A 269 0.79 -26.20 -16.10
C LEU A 269 0.04 -27.50 -15.73
N GLU A 270 0.56 -28.63 -16.18
CA GLU A 270 0.10 -29.99 -15.83
C GLU A 270 1.27 -30.98 -15.81
N ARG A 271 1.15 -32.11 -15.09
CA ARG A 271 2.15 -33.20 -15.16
C ARG A 271 2.19 -33.76 -16.58
N LEU A 272 3.37 -34.01 -17.15
CA LEU A 272 3.48 -34.51 -18.53
C LEU A 272 2.75 -35.84 -18.73
N SER A 273 2.78 -36.70 -17.72
CA SER A 273 2.05 -37.98 -17.70
C SER A 273 0.53 -37.83 -17.78
N ASP A 274 -0.05 -36.74 -17.29
CA ASP A 274 -1.47 -36.44 -17.43
C ASP A 274 -1.76 -35.66 -18.73
N ALA A 275 -0.86 -34.78 -19.15
CA ALA A 275 -0.99 -34.03 -20.40
C ALA A 275 -1.08 -34.97 -21.62
N ARG A 276 -0.24 -35.99 -21.69
CA ARG A 276 -0.19 -36.91 -22.84
C ARG A 276 -1.38 -37.87 -22.94
N ARG A 277 -1.94 -38.36 -21.82
CA ARG A 277 -3.17 -39.19 -21.85
C ARG A 277 -4.43 -38.39 -22.16
N ASN A 278 -4.50 -37.13 -21.74
CA ASN A 278 -5.62 -36.23 -22.09
C ASN A 278 -5.50 -35.65 -23.52
N GLY A 279 -4.32 -35.64 -24.11
CA GLY A 279 -4.09 -35.15 -25.47
C GLY A 279 -3.97 -33.64 -25.61
N HIS A 280 -3.69 -32.93 -24.51
CA HIS A 280 -3.45 -31.48 -24.53
C HIS A 280 -2.10 -31.14 -25.19
N PRO A 281 -1.94 -29.97 -25.83
CA PRO A 281 -0.70 -29.60 -26.49
C PRO A 281 0.37 -29.22 -25.47
N VAL A 282 1.63 -29.62 -25.71
CA VAL A 282 2.78 -29.32 -24.83
C VAL A 282 3.71 -28.34 -25.52
N MET A 283 3.95 -27.18 -24.94
CA MET A 283 4.81 -26.15 -25.53
C MET A 283 6.28 -26.24 -25.07
N ALA A 284 6.52 -26.60 -23.81
CA ALA A 284 7.84 -26.90 -23.26
C ALA A 284 7.71 -27.69 -21.96
N VAL A 285 8.80 -28.31 -21.50
CA VAL A 285 8.86 -29.03 -20.23
C VAL A 285 9.74 -28.31 -19.23
N ILE A 286 9.22 -27.99 -18.04
CA ILE A 286 9.96 -27.51 -16.89
C ILE A 286 10.44 -28.74 -16.14
N ARG A 287 11.75 -28.86 -15.93
CA ARG A 287 12.35 -30.10 -15.43
C ARG A 287 13.00 -29.98 -14.06
N GLY A 288 13.53 -28.82 -13.70
CA GLY A 288 14.18 -28.62 -12.41
C GLY A 288 14.15 -27.18 -11.98
N THR A 289 13.85 -26.94 -10.70
CA THR A 289 13.71 -25.59 -10.14
C THR A 289 14.43 -25.48 -8.80
N ALA A 290 15.08 -24.35 -8.53
CA ALA A 290 15.71 -24.10 -7.23
C ALA A 290 15.71 -22.60 -6.92
N ILE A 291 15.66 -22.28 -5.63
CA ILE A 291 15.68 -20.91 -5.11
C ILE A 291 16.62 -20.84 -3.89
N ASN A 292 17.41 -19.78 -3.76
CA ASN A 292 18.29 -19.56 -2.61
C ASN A 292 18.41 -18.06 -2.28
N GLN A 293 19.24 -17.72 -1.30
CA GLN A 293 19.34 -16.37 -0.74
C GLN A 293 20.80 -15.98 -0.49
N ASP A 294 21.16 -14.73 -0.76
CA ASP A 294 22.55 -14.26 -0.69
C ASP A 294 23.17 -14.28 0.72
N GLY A 295 22.41 -14.47 1.78
CA GLY A 295 22.92 -14.33 3.15
C GLY A 295 23.26 -12.88 3.48
N ALA A 296 24.46 -12.62 4.00
CA ALA A 296 24.96 -11.28 4.29
C ALA A 296 26.48 -11.19 4.12
N THR A 297 27.03 -9.98 4.21
CA THR A 297 28.49 -9.71 4.14
C THR A 297 28.89 -8.57 5.07
N ASN A 298 30.13 -8.59 5.56
CA ASN A 298 30.75 -7.46 6.26
C ASN A 298 31.23 -6.33 5.31
N GLY A 299 31.21 -6.59 4.00
CA GLY A 299 31.56 -5.65 2.93
C GLY A 299 32.89 -5.91 2.22
N ILE A 300 33.77 -6.81 2.72
CA ILE A 300 35.07 -7.08 2.06
C ILE A 300 34.92 -7.84 0.72
N ILE A 301 33.81 -8.54 0.52
CA ILE A 301 33.49 -9.29 -0.71
C ILE A 301 31.97 -9.40 -0.92
N SER A 302 31.50 -9.45 -2.17
CA SER A 302 30.10 -9.76 -2.48
C SER A 302 29.80 -11.28 -2.35
N PRO A 303 28.76 -11.69 -1.59
CA PRO A 303 28.38 -13.10 -1.46
C PRO A 303 27.55 -13.60 -2.66
N SER A 304 26.99 -12.71 -3.48
CA SER A 304 26.06 -13.06 -4.55
C SER A 304 26.66 -13.96 -5.63
N GLY A 305 27.98 -13.89 -5.85
CA GLY A 305 28.69 -14.80 -6.75
C GLY A 305 28.54 -16.26 -6.33
N ARG A 306 28.84 -16.57 -5.07
CA ARG A 306 28.67 -17.94 -4.53
C ARG A 306 27.20 -18.35 -4.48
N ALA A 307 26.30 -17.41 -4.20
CA ALA A 307 24.87 -17.70 -4.19
C ALA A 307 24.33 -18.07 -5.59
N GLN A 308 24.73 -17.37 -6.63
CA GLN A 308 24.39 -17.70 -8.01
C GLN A 308 25.01 -19.02 -8.47
N GLU A 309 26.19 -19.39 -7.96
CA GLU A 309 26.79 -20.69 -8.26
C GLU A 309 26.04 -21.85 -7.60
N ARG A 310 25.64 -21.73 -6.33
CA ARG A 310 24.90 -22.79 -5.63
C ARG A 310 23.54 -23.09 -6.23
N VAL A 311 22.78 -22.07 -6.66
CA VAL A 311 21.43 -22.28 -7.21
C VAL A 311 21.46 -23.02 -8.54
N ILE A 312 22.51 -22.84 -9.35
CA ILE A 312 22.65 -23.56 -10.61
C ILE A 312 22.83 -25.06 -10.35
N ARG A 313 23.75 -25.44 -9.47
CA ARG A 313 23.97 -26.85 -9.10
C ARG A 313 22.74 -27.48 -8.47
N ALA A 314 22.00 -26.73 -7.65
CA ALA A 314 20.74 -27.19 -7.07
C ALA A 314 19.66 -27.48 -8.11
N ALA A 315 19.46 -26.61 -9.12
CA ALA A 315 18.46 -26.82 -10.15
C ALA A 315 18.82 -27.98 -11.08
N LEU A 316 20.10 -28.13 -11.42
CA LEU A 316 20.58 -29.24 -12.22
C LEU A 316 20.35 -30.59 -11.51
N ALA A 317 20.65 -30.66 -10.22
CA ALA A 317 20.33 -31.82 -9.40
C ALA A 317 18.81 -32.09 -9.32
N ASP A 318 17.96 -31.07 -9.18
CA ASP A 318 16.51 -31.23 -9.08
C ASP A 318 15.91 -31.92 -10.31
N GLY A 319 16.41 -31.60 -11.50
CA GLY A 319 15.97 -32.22 -12.76
C GLY A 319 16.71 -33.49 -13.17
N ARG A 320 17.73 -33.92 -12.40
CA ARG A 320 18.68 -34.98 -12.76
C ARG A 320 19.39 -34.74 -14.11
N VAL A 321 19.65 -33.48 -14.45
CA VAL A 321 20.24 -33.05 -15.73
C VAL A 321 21.70 -32.64 -15.55
N THR A 322 22.58 -33.11 -16.44
CA THR A 322 24.02 -32.78 -16.43
C THR A 322 24.29 -31.44 -17.10
N ALA A 323 25.26 -30.67 -16.61
CA ALA A 323 25.53 -29.30 -17.06
C ALA A 323 25.89 -29.20 -18.56
N ASP A 324 26.55 -30.22 -19.11
CA ASP A 324 26.90 -30.31 -20.53
C ASP A 324 25.69 -30.34 -21.47
N SER A 325 24.50 -30.69 -20.98
CA SER A 325 23.30 -30.82 -21.80
C SER A 325 22.59 -29.50 -22.11
N VAL A 326 22.88 -28.42 -21.38
CA VAL A 326 22.29 -27.09 -21.63
C VAL A 326 22.99 -26.38 -22.80
N ASP A 327 22.23 -25.83 -23.74
CA ASP A 327 22.77 -25.08 -24.90
C ASP A 327 22.86 -23.57 -24.67
N ALA A 328 21.88 -22.99 -24.01
CA ALA A 328 21.75 -21.54 -23.84
C ALA A 328 21.20 -21.15 -22.48
N VAL A 329 21.51 -19.95 -22.01
CA VAL A 329 20.90 -19.35 -20.83
C VAL A 329 20.27 -18.02 -21.20
N GLU A 330 18.99 -17.86 -20.89
CA GLU A 330 18.26 -16.61 -20.93
C GLU A 330 18.53 -15.89 -19.61
N GLY A 331 19.63 -15.14 -19.58
CA GLY A 331 20.20 -14.60 -18.36
C GLY A 331 19.42 -13.42 -17.80
N HIS A 332 19.85 -12.89 -16.65
CA HIS A 332 19.25 -11.69 -16.09
C HIS A 332 19.62 -10.49 -16.96
N GLY A 333 20.89 -10.09 -16.98
CA GLY A 333 21.38 -9.05 -17.87
C GLY A 333 20.59 -7.73 -17.74
N VAL A 334 20.55 -7.13 -16.55
CA VAL A 334 19.71 -5.96 -16.26
C VAL A 334 20.33 -4.64 -16.71
N GLY A 335 21.62 -4.60 -17.00
CA GLY A 335 22.36 -3.40 -17.39
C GLY A 335 23.02 -2.71 -16.20
N ALA A 336 23.21 -3.40 -15.08
CA ALA A 336 23.95 -2.86 -13.95
C ALA A 336 25.45 -2.81 -14.29
N THR A 337 26.19 -1.88 -13.67
CA THR A 337 27.62 -1.70 -13.95
C THR A 337 28.45 -2.93 -13.57
N LEU A 338 28.18 -3.53 -12.40
CA LEU A 338 28.90 -4.71 -11.88
C LEU A 338 28.05 -5.98 -11.82
N GLY A 339 26.75 -5.86 -11.50
CA GLY A 339 25.89 -7.02 -11.23
C GLY A 339 25.86 -8.06 -12.34
N ASP A 340 25.81 -7.64 -13.60
CA ASP A 340 25.82 -8.57 -14.74
C ASP A 340 27.21 -9.17 -15.01
N GLY A 341 28.29 -8.52 -14.58
CA GLY A 341 29.62 -9.14 -14.54
C GLY A 341 29.71 -10.30 -13.55
N VAL A 342 29.04 -10.19 -12.40
CA VAL A 342 28.93 -11.30 -11.45
C VAL A 342 28.13 -12.46 -12.05
N GLU A 343 27.03 -12.19 -12.75
CA GLU A 343 26.29 -13.26 -13.43
C GLU A 343 27.15 -13.97 -14.47
N VAL A 344 27.81 -13.26 -15.40
CA VAL A 344 28.67 -13.93 -16.38
C VAL A 344 29.77 -14.75 -15.70
N THR A 345 30.35 -14.24 -14.62
CA THR A 345 31.32 -14.98 -13.83
C THR A 345 30.73 -16.27 -13.29
N SER A 346 29.51 -16.25 -12.75
CA SER A 346 28.85 -17.42 -12.20
C SER A 346 28.50 -18.46 -13.28
N LEU A 347 28.17 -18.03 -14.50
CA LEU A 347 27.95 -18.93 -15.62
C LEU A 347 29.26 -19.56 -16.08
N LEU A 348 30.34 -18.79 -16.18
CA LEU A 348 31.67 -19.31 -16.54
C LEU A 348 32.16 -20.35 -15.53
N SER A 349 31.90 -20.16 -14.23
CA SER A 349 32.34 -21.10 -13.21
C SER A 349 31.45 -22.35 -13.07
N THR A 350 30.17 -22.30 -13.47
CA THR A 350 29.23 -23.44 -13.35
C THR A 350 29.13 -24.23 -14.65
N TYR A 351 28.39 -23.76 -15.64
CA TYR A 351 28.30 -24.37 -16.96
C TYR A 351 29.61 -24.30 -17.73
N GLY A 352 30.30 -23.16 -17.65
CA GLY A 352 31.46 -22.85 -18.50
C GLY A 352 32.70 -23.72 -18.30
N GLN A 353 32.75 -24.57 -17.27
CA GLN A 353 33.85 -25.52 -17.03
C GLN A 353 33.56 -26.94 -17.52
N GLU A 354 32.35 -27.25 -17.97
CA GLU A 354 31.91 -28.62 -18.29
C GLU A 354 31.40 -28.79 -19.74
N ARG A 355 31.76 -27.88 -20.65
CA ARG A 355 31.29 -27.85 -22.04
C ARG A 355 31.89 -28.96 -22.90
N PRO A 356 31.12 -29.63 -23.77
CA PRO A 356 31.68 -30.38 -24.89
C PRO A 356 32.42 -29.46 -25.87
N ALA A 357 33.36 -30.00 -26.65
CA ALA A 357 34.02 -29.23 -27.70
C ALA A 357 33.01 -28.80 -28.78
N GLY A 358 33.13 -27.58 -29.29
CA GLY A 358 32.25 -27.04 -30.34
C GLY A 358 30.85 -26.63 -29.88
N ARG A 359 30.56 -26.61 -28.56
CA ARG A 359 29.26 -26.20 -27.99
C ARG A 359 29.40 -25.19 -26.83
N PRO A 360 29.93 -23.97 -27.02
CA PRO A 360 29.92 -22.94 -26.00
C PRO A 360 28.50 -22.60 -25.54
N LEU A 361 28.33 -22.18 -24.29
CA LEU A 361 27.04 -21.72 -23.79
C LEU A 361 26.68 -20.39 -24.47
N LEU A 362 25.55 -20.33 -25.15
CA LEU A 362 25.02 -19.10 -25.72
C LEU A 362 24.26 -18.31 -24.65
N LEU A 363 24.50 -17.00 -24.56
CA LEU A 363 23.91 -16.12 -23.55
C LEU A 363 23.24 -14.89 -24.18
N GLY A 364 22.05 -14.53 -23.70
CA GLY A 364 21.36 -13.29 -24.02
C GLY A 364 20.31 -12.93 -22.97
N SER A 365 19.54 -11.86 -23.16
CA SER A 365 18.44 -11.51 -22.26
C SER A 365 17.38 -10.65 -22.95
N VAL A 366 16.12 -11.04 -22.86
CA VAL A 366 14.96 -10.30 -23.38
C VAL A 366 14.79 -8.94 -22.73
N LYS A 367 15.41 -8.72 -21.56
CA LYS A 367 15.38 -7.42 -20.86
C LYS A 367 16.08 -6.31 -21.67
N SER A 368 16.93 -6.67 -22.63
CA SER A 368 17.44 -5.72 -23.62
C SER A 368 16.39 -5.15 -24.56
N ASN A 369 15.36 -5.92 -24.91
CA ASN A 369 14.27 -5.48 -25.78
C ASN A 369 13.17 -4.74 -25.02
N ILE A 370 12.71 -5.27 -23.88
CA ILE A 370 11.45 -4.85 -23.24
C ILE A 370 11.60 -4.13 -21.89
N GLY A 371 12.82 -3.84 -21.43
CA GLY A 371 13.07 -3.37 -20.06
C GLY A 371 12.97 -4.49 -19.04
N HIS A 372 13.10 -4.16 -17.76
CA HIS A 372 13.21 -5.18 -16.70
C HIS A 372 11.94 -6.00 -16.43
N THR A 373 10.76 -5.41 -16.57
CA THR A 373 9.42 -5.96 -16.25
C THR A 373 9.14 -6.30 -14.79
N GLN A 374 10.07 -6.09 -13.86
CA GLN A 374 9.83 -6.19 -12.41
C GLN A 374 9.29 -7.57 -12.00
N THR A 375 8.09 -7.70 -11.43
CA THR A 375 7.62 -8.98 -10.86
C THR A 375 7.52 -10.12 -11.86
N VAL A 376 7.36 -9.85 -13.16
CA VAL A 376 7.12 -10.89 -14.17
C VAL A 376 8.37 -11.35 -14.93
N GLY A 377 9.56 -11.00 -14.45
CA GLY A 377 10.82 -11.16 -15.20
C GLY A 377 11.03 -12.52 -15.87
N ALA A 378 10.70 -13.63 -15.20
CA ALA A 378 10.89 -14.96 -15.77
C ALA A 378 9.83 -15.39 -16.79
N VAL A 379 8.62 -14.81 -16.80
CA VAL A 379 7.62 -15.11 -17.84
C VAL A 379 8.09 -14.60 -19.20
N ALA A 380 8.68 -13.41 -19.27
CA ALA A 380 9.24 -12.88 -20.50
C ALA A 380 10.32 -13.81 -21.09
N GLY A 381 11.18 -14.35 -20.22
CA GLY A 381 12.19 -15.31 -20.59
C GLY A 381 11.61 -16.61 -21.12
N ILE A 382 10.59 -17.19 -20.45
CA ILE A 382 9.93 -18.41 -20.92
C ILE A 382 9.25 -18.17 -22.26
N VAL A 383 8.51 -17.07 -22.45
CA VAL A 383 7.86 -16.80 -23.75
C VAL A 383 8.89 -16.71 -24.87
N LYS A 384 10.04 -16.04 -24.66
CA LYS A 384 11.14 -16.04 -25.61
C LYS A 384 11.67 -17.45 -25.88
N LEU A 385 12.07 -18.23 -24.88
CA LEU A 385 12.67 -19.56 -25.10
C LEU A 385 11.68 -20.58 -25.69
N VAL A 386 10.41 -20.55 -25.30
CA VAL A 386 9.38 -21.39 -25.93
C VAL A 386 9.25 -21.05 -27.41
N MET A 387 9.23 -19.76 -27.76
CA MET A 387 9.18 -19.36 -29.18
C MET A 387 10.48 -19.61 -29.95
N ALA A 388 11.65 -19.53 -29.30
CA ALA A 388 12.91 -19.96 -29.86
C ALA A 388 12.92 -21.47 -30.18
N LEU A 389 12.35 -22.29 -29.31
CA LEU A 389 12.19 -23.72 -29.57
C LEU A 389 11.23 -23.97 -30.74
N ARG A 390 10.09 -23.27 -30.82
CA ARG A 390 9.10 -23.45 -31.92
C ARG A 390 9.61 -23.04 -33.30
N ASN A 391 10.35 -21.95 -33.40
CA ASN A 391 10.93 -21.46 -34.67
C ASN A 391 12.30 -22.09 -35.00
N GLU A 392 12.92 -22.82 -34.06
CA GLU A 392 14.24 -23.41 -34.22
C GLU A 392 15.37 -22.39 -34.48
N ARG A 393 15.33 -21.24 -33.78
CA ARG A 393 16.32 -20.15 -33.84
C ARG A 393 16.52 -19.51 -32.47
N LEU A 394 17.72 -19.04 -32.13
CA LEU A 394 17.99 -18.24 -30.93
C LEU A 394 18.20 -16.76 -31.32
N PRO A 395 17.38 -15.81 -30.84
CA PRO A 395 17.48 -14.40 -31.21
C PRO A 395 18.68 -13.64 -30.68
N ARG A 396 18.96 -12.49 -31.29
CA ARG A 396 20.05 -11.56 -30.97
C ARG A 396 19.77 -10.73 -29.71
N THR A 397 20.81 -10.19 -29.06
CA THR A 397 20.70 -9.18 -27.99
C THR A 397 20.94 -7.79 -28.58
N VAL A 398 19.99 -6.86 -28.43
CA VAL A 398 19.82 -5.78 -29.43
C VAL A 398 20.78 -4.59 -29.39
N HIS A 399 21.31 -4.22 -28.23
CA HIS A 399 22.21 -3.05 -28.11
C HIS A 399 23.67 -3.40 -27.76
N VAL A 400 24.04 -4.68 -27.74
CA VAL A 400 25.43 -5.09 -27.54
C VAL A 400 26.27 -4.75 -28.77
N ASP A 401 27.32 -3.95 -28.60
CA ASP A 401 28.43 -3.82 -29.55
C ASP A 401 29.56 -4.80 -29.25
N GLY A 402 29.80 -5.10 -27.97
CA GLY A 402 30.83 -6.04 -27.52
C GLY A 402 30.74 -6.32 -26.01
N PRO A 403 31.39 -7.37 -25.50
CA PRO A 403 31.14 -7.88 -24.17
C PRO A 403 31.63 -6.96 -23.05
N THR A 404 30.98 -6.98 -21.89
CA THR A 404 31.42 -6.19 -20.73
C THR A 404 32.80 -6.60 -20.22
N PRO A 405 33.72 -5.67 -19.92
CA PRO A 405 35.05 -5.99 -19.39
C PRO A 405 35.09 -6.55 -17.97
N HIS A 406 34.05 -6.37 -17.15
CA HIS A 406 34.03 -6.85 -15.76
C HIS A 406 34.01 -8.37 -15.61
N ALA A 407 33.61 -9.10 -16.65
CA ALA A 407 33.70 -10.55 -16.71
C ALA A 407 35.11 -11.02 -17.11
N ASP A 408 35.29 -12.30 -17.40
CA ASP A 408 36.57 -12.87 -17.84
C ASP A 408 36.36 -13.90 -18.97
N TRP A 409 36.02 -13.41 -20.16
CA TRP A 409 35.67 -14.20 -21.35
C TRP A 409 36.81 -15.04 -21.94
N SER A 410 38.05 -14.94 -21.44
CA SER A 410 39.25 -15.45 -22.11
C SER A 410 39.27 -16.96 -22.36
N SER A 411 38.61 -17.77 -21.54
CA SER A 411 38.48 -19.22 -21.78
C SER A 411 37.53 -19.57 -22.93
N GLY A 412 36.64 -18.65 -23.33
CA GLY A 412 35.83 -18.74 -24.55
C GLY A 412 34.69 -19.77 -24.51
N THR A 413 34.34 -20.33 -23.36
CA THR A 413 33.26 -21.32 -23.21
C THR A 413 31.86 -20.72 -23.08
N VAL A 414 31.73 -19.40 -22.97
CA VAL A 414 30.47 -18.64 -22.94
C VAL A 414 30.56 -17.52 -23.97
N ARG A 415 29.50 -17.25 -24.75
CA ARG A 415 29.47 -16.09 -25.66
C ARG A 415 28.10 -15.43 -25.73
N LEU A 416 28.09 -14.12 -25.98
CA LEU A 416 26.86 -13.37 -26.23
C LEU A 416 26.33 -13.65 -27.64
N LEU A 417 25.00 -13.71 -27.76
CA LEU A 417 24.29 -13.77 -29.03
C LEU A 417 24.28 -12.41 -29.73
N THR A 418 25.44 -11.95 -30.23
CA THR A 418 25.53 -10.72 -31.05
C THR A 418 25.16 -10.97 -32.52
N GLU A 419 25.17 -12.23 -32.97
CA GLU A 419 24.48 -12.68 -34.18
C GLU A 419 23.60 -13.90 -33.85
N PRO A 420 22.44 -14.09 -34.50
CA PRO A 420 21.56 -15.23 -34.23
C PRO A 420 22.19 -16.56 -34.63
N GLU A 421 21.76 -17.65 -34.00
CA GLU A 421 22.24 -19.02 -34.27
C GLU A 421 21.07 -20.01 -34.44
N PRO A 422 21.13 -20.94 -35.39
CA PRO A 422 20.10 -21.95 -35.62
C PRO A 422 20.13 -23.04 -34.54
N TRP A 423 18.97 -23.58 -34.18
CA TRP A 423 18.80 -24.45 -33.02
C TRP A 423 17.79 -25.55 -33.36
N ARG A 424 18.12 -26.38 -34.34
CA ARG A 424 17.25 -27.40 -34.95
C ARG A 424 17.13 -28.67 -34.10
N ARG A 425 16.04 -29.42 -34.21
CA ARG A 425 15.87 -30.74 -33.59
C ARG A 425 16.90 -31.75 -34.14
N GLY A 426 17.39 -32.65 -33.28
CA GLY A 426 18.41 -33.63 -33.64
C GLY A 426 18.68 -34.68 -32.56
N GLU A 427 19.83 -35.36 -32.63
CA GLU A 427 20.22 -36.45 -31.74
C GLU A 427 20.48 -36.01 -30.27
N ARG A 428 20.69 -34.72 -30.04
CA ARG A 428 20.87 -34.09 -28.73
C ARG A 428 19.60 -33.31 -28.35
N VAL A 429 19.00 -33.62 -27.19
CA VAL A 429 17.80 -32.93 -26.72
C VAL A 429 18.13 -31.48 -26.34
N ARG A 430 17.45 -30.51 -26.94
CA ARG A 430 17.69 -29.08 -26.66
C ARG A 430 17.26 -28.73 -25.24
N ARG A 431 18.09 -28.01 -24.50
CA ARG A 431 17.79 -27.52 -23.14
C ARG A 431 18.31 -26.12 -22.94
N ALA A 432 17.62 -25.33 -22.13
CA ALA A 432 18.03 -23.97 -21.81
C ALA A 432 17.72 -23.63 -20.35
N GLY A 433 18.50 -22.74 -19.75
CA GLY A 433 18.30 -22.25 -18.40
C GLY A 433 17.73 -20.84 -18.34
N LEU A 434 17.02 -20.49 -17.27
CA LEU A 434 16.60 -19.12 -16.96
C LEU A 434 17.07 -18.71 -15.57
N THR A 435 17.47 -17.45 -15.39
CA THR A 435 17.92 -16.88 -14.09
C THR A 435 17.07 -15.71 -13.67
N CYS A 436 17.00 -15.41 -12.37
CA CYS A 436 16.43 -14.15 -11.89
C CYS A 436 17.12 -13.66 -10.61
N LEU A 437 17.22 -12.36 -10.38
CA LEU A 437 17.95 -11.78 -9.25
C LEU A 437 17.15 -10.58 -8.70
N THR A 438 17.37 -10.16 -7.45
CA THR A 438 16.67 -9.01 -6.84
C THR A 438 17.46 -8.35 -5.71
N LEU A 439 17.20 -7.07 -5.42
CA LEU A 439 17.79 -6.32 -4.30
C LEU A 439 17.59 -6.98 -2.92
N SER A 440 16.48 -7.68 -2.70
CA SER A 440 16.23 -8.45 -1.48
C SER A 440 17.10 -9.71 -1.34
N GLY A 441 17.86 -10.10 -2.36
CA GLY A 441 18.87 -11.15 -2.27
C GLY A 441 18.41 -12.59 -2.58
N THR A 442 17.15 -12.84 -2.92
CA THR A 442 16.71 -14.14 -3.44
C THR A 442 17.14 -14.34 -4.89
N ASN A 443 17.65 -15.52 -5.23
CA ASN A 443 18.02 -15.92 -6.59
C ASN A 443 17.26 -17.18 -6.99
N GLY A 444 17.05 -17.41 -8.28
CA GLY A 444 16.36 -18.61 -8.76
C GLY A 444 16.82 -19.07 -10.13
N HIS A 445 16.70 -20.37 -10.41
CA HIS A 445 17.03 -20.97 -11.69
C HIS A 445 16.00 -22.03 -12.13
N LEU A 446 15.69 -22.07 -13.43
CA LEU A 446 14.79 -23.05 -14.05
C LEU A 446 15.53 -23.75 -15.20
N ILE A 447 15.31 -25.05 -15.40
CA ILE A 447 15.74 -25.77 -16.60
C ILE A 447 14.53 -26.12 -17.45
N LEU A 448 14.59 -25.78 -18.73
CA LEU A 448 13.51 -25.91 -19.71
C LEU A 448 13.97 -26.80 -20.87
N GLU A 449 13.08 -27.64 -21.39
CA GLU A 449 13.39 -28.73 -22.32
C GLU A 449 12.33 -28.84 -23.44
N GLU A 450 12.69 -29.45 -24.57
CA GLU A 450 11.80 -29.68 -25.70
C GLU A 450 10.54 -30.48 -25.35
N PRO A 451 9.42 -30.25 -26.03
CA PRO A 451 8.32 -31.19 -26.06
C PRO A 451 8.73 -32.53 -26.68
N PRO A 452 8.11 -33.65 -26.28
CA PRO A 452 8.16 -34.89 -27.06
C PRO A 452 7.64 -34.67 -28.49
N ALA A 453 8.32 -35.22 -29.50
CA ALA A 453 7.93 -35.02 -30.90
C ALA A 453 6.55 -35.64 -31.23
N ASP A 454 5.80 -35.00 -32.13
CA ASP A 454 4.48 -35.47 -32.56
C ASP A 454 4.58 -36.76 -33.40
N GLU A 455 3.62 -37.67 -33.26
CA GLU A 455 3.57 -38.92 -34.03
C GLU A 455 3.16 -38.66 -35.51
N PRO A 456 3.76 -39.36 -36.51
CA PRO A 456 3.32 -39.27 -37.90
C PRO A 456 1.85 -39.66 -38.08
N ALA A 457 1.03 -38.74 -38.59
CA ALA A 457 -0.43 -38.90 -38.61
C ALA A 457 -0.95 -39.87 -39.70
N ALA A 458 -0.19 -40.06 -40.79
CA ALA A 458 -0.62 -40.80 -42.00
C ALA A 458 -1.99 -40.31 -42.53
N ARG A 459 -2.17 -38.99 -42.52
CA ARG A 459 -3.47 -38.30 -42.63
C ARG A 459 -4.20 -38.61 -43.94
N PRO A 460 -5.47 -39.06 -43.91
CA PRO A 460 -6.18 -39.57 -45.09
C PRO A 460 -6.57 -38.48 -46.09
N ALA A 461 -6.72 -38.87 -47.36
CA ALA A 461 -7.38 -38.07 -48.40
C ALA A 461 -8.91 -38.19 -48.35
N ASN A 462 -9.63 -37.20 -48.88
CA ASN A 462 -11.10 -37.20 -48.97
C ASN A 462 -11.62 -36.29 -50.11
N PRO A 463 -12.84 -36.51 -50.61
CA PRO A 463 -13.59 -35.50 -51.37
C PRO A 463 -14.02 -34.32 -50.47
N GLU A 464 -14.43 -33.22 -51.10
CA GLU A 464 -14.79 -31.94 -50.47
C GLU A 464 -16.17 -31.93 -49.76
N ARG A 465 -16.33 -32.76 -48.72
CA ARG A 465 -17.53 -32.78 -47.86
C ARG A 465 -17.71 -31.47 -47.10
N THR A 466 -18.95 -31.03 -46.84
CA THR A 466 -19.25 -29.78 -46.11
C THR A 466 -18.63 -29.73 -44.71
N VAL A 467 -18.08 -28.60 -44.30
CA VAL A 467 -17.55 -28.35 -42.95
C VAL A 467 -18.45 -27.35 -42.22
N PRO A 468 -19.04 -27.68 -41.06
CA PRO A 468 -19.73 -26.71 -40.23
C PRO A 468 -18.74 -25.95 -39.36
N LEU A 469 -18.76 -24.64 -39.46
CA LEU A 469 -17.87 -23.74 -38.75
C LEU A 469 -18.74 -22.92 -37.78
N VAL A 470 -18.53 -23.05 -36.47
CA VAL A 470 -19.33 -22.40 -35.42
C VAL A 470 -18.57 -21.25 -34.77
N LEU A 471 -19.19 -20.09 -34.60
CA LEU A 471 -18.65 -18.97 -33.83
C LEU A 471 -19.64 -18.56 -32.73
N SER A 472 -19.15 -18.05 -31.60
CA SER A 472 -20.02 -17.42 -30.59
C SER A 472 -19.36 -16.26 -29.86
N ALA A 473 -20.19 -15.38 -29.28
CA ALA A 473 -19.78 -14.14 -28.66
C ALA A 473 -20.80 -13.69 -27.60
N LYS A 474 -20.43 -12.76 -26.71
CA LYS A 474 -21.31 -12.27 -25.64
C LYS A 474 -22.06 -10.98 -26.00
N SER A 475 -21.76 -10.37 -27.15
CA SER A 475 -22.52 -9.26 -27.75
C SER A 475 -22.33 -9.25 -29.27
N PRO A 476 -23.22 -8.60 -30.06
CA PRO A 476 -23.17 -8.68 -31.51
C PRO A 476 -21.86 -8.23 -32.15
N THR A 477 -21.26 -7.14 -31.64
CA THR A 477 -20.03 -6.56 -32.21
C THR A 477 -18.84 -7.52 -32.13
N ALA A 478 -18.71 -8.24 -31.01
CA ALA A 478 -17.62 -9.19 -30.84
C ALA A 478 -17.69 -10.36 -31.85
N LEU A 479 -18.89 -10.74 -32.31
CA LEU A 479 -19.05 -11.77 -33.34
C LEU A 479 -18.43 -11.32 -34.67
N ARG A 480 -18.67 -10.06 -35.06
CA ARG A 480 -18.18 -9.52 -36.33
C ARG A 480 -16.66 -9.32 -36.30
N GLU A 481 -16.10 -8.84 -35.19
CA GLU A 481 -14.65 -8.75 -35.07
C GLU A 481 -13.98 -10.13 -35.01
N GLN A 482 -14.65 -11.14 -34.44
CA GLN A 482 -14.13 -12.51 -34.44
C GLN A 482 -14.13 -13.13 -35.85
N ALA A 483 -15.12 -12.81 -36.67
CA ALA A 483 -15.12 -13.18 -38.08
C ALA A 483 -13.98 -12.50 -38.87
N GLU A 484 -13.67 -11.23 -38.59
CA GLU A 484 -12.51 -10.57 -39.20
C GLU A 484 -11.18 -11.22 -38.82
N ARG A 485 -11.00 -11.64 -37.56
CA ARG A 485 -9.79 -12.36 -37.13
C ARG A 485 -9.64 -13.73 -37.79
N LEU A 486 -10.73 -14.50 -37.92
CA LEU A 486 -10.67 -15.90 -38.37
C LEU A 486 -10.36 -16.05 -39.86
N ARG A 487 -10.70 -15.06 -40.68
CA ARG A 487 -10.53 -15.07 -42.14
C ARG A 487 -9.10 -15.35 -42.59
N ALA A 488 -8.09 -14.85 -41.88
CA ALA A 488 -6.69 -15.15 -42.16
C ALA A 488 -6.28 -16.62 -41.91
N THR A 489 -6.89 -17.29 -40.94
CA THR A 489 -6.58 -18.70 -40.61
C THR A 489 -7.26 -19.67 -41.58
N ILE A 490 -8.54 -19.51 -41.88
CA ILE A 490 -9.26 -20.38 -42.84
C ILE A 490 -8.68 -20.29 -44.27
N THR A 491 -8.10 -19.14 -44.63
CA THR A 491 -7.40 -18.94 -45.91
C THR A 491 -5.94 -19.45 -45.91
N ALA A 492 -5.53 -20.23 -44.92
CA ALA A 492 -4.17 -20.78 -44.81
C ALA A 492 -4.12 -22.24 -44.29
N ALA A 493 -4.76 -22.53 -43.15
CA ALA A 493 -4.95 -23.89 -42.65
C ALA A 493 -6.08 -24.63 -43.40
N GLU A 494 -6.15 -25.96 -43.31
CA GLU A 494 -7.28 -26.70 -43.90
C GLU A 494 -8.58 -26.54 -43.10
N PRO A 495 -9.74 -26.43 -43.76
CA PRO A 495 -10.97 -26.04 -43.09
C PRO A 495 -11.47 -27.09 -42.10
N VAL A 496 -11.24 -28.38 -42.34
CA VAL A 496 -11.70 -29.43 -41.42
C VAL A 496 -10.99 -29.37 -40.06
N ASP A 497 -9.71 -28.99 -40.05
CA ASP A 497 -8.95 -28.78 -38.82
C ASP A 497 -9.43 -27.52 -38.07
N VAL A 498 -9.71 -26.42 -38.77
CA VAL A 498 -10.26 -25.20 -38.15
C VAL A 498 -11.63 -25.46 -37.52
N GLY A 499 -12.54 -26.12 -38.24
CA GLY A 499 -13.88 -26.45 -37.73
C GLY A 499 -13.85 -27.38 -36.53
N HIS A 500 -13.01 -28.42 -36.57
CA HIS A 500 -12.84 -29.34 -35.46
C HIS A 500 -12.28 -28.64 -34.22
N SER A 501 -11.40 -27.65 -34.40
CA SER A 501 -10.88 -26.88 -33.28
C SER A 501 -11.97 -26.07 -32.59
N LEU A 502 -12.74 -25.25 -33.33
CA LEU A 502 -13.79 -24.38 -32.76
C LEU A 502 -14.92 -25.14 -32.05
N HIS A 503 -15.21 -26.38 -32.44
CA HIS A 503 -16.18 -27.23 -31.75
C HIS A 503 -15.75 -27.61 -30.31
N THR A 504 -14.47 -27.56 -29.95
CA THR A 504 -13.97 -28.08 -28.66
C THR A 504 -13.05 -27.14 -27.86
N THR A 505 -12.32 -26.24 -28.51
CA THR A 505 -11.39 -25.30 -27.84
C THR A 505 -12.01 -23.93 -27.49
N ARG A 506 -13.32 -23.72 -27.67
CA ARG A 506 -14.02 -22.46 -27.37
C ARG A 506 -15.37 -22.71 -26.70
N SER A 507 -15.79 -21.79 -25.85
CA SER A 507 -17.05 -21.86 -25.10
C SER A 507 -18.26 -21.47 -25.95
N SER A 508 -19.45 -21.89 -25.54
CA SER A 508 -20.73 -21.56 -26.18
C SER A 508 -21.46 -20.39 -25.48
N PHE A 509 -21.33 -19.18 -26.00
CA PHE A 509 -22.00 -17.98 -25.49
C PHE A 509 -23.43 -17.78 -26.05
N ARG A 510 -24.09 -16.68 -25.66
CA ARG A 510 -25.47 -16.33 -26.01
C ARG A 510 -25.71 -15.90 -27.47
N HIS A 511 -24.79 -15.18 -28.10
CA HIS A 511 -24.91 -14.80 -29.52
C HIS A 511 -24.12 -15.77 -30.37
N ARG A 512 -24.73 -16.33 -31.42
CA ARG A 512 -24.19 -17.50 -32.14
C ARG A 512 -24.34 -17.35 -33.64
N ALA A 513 -23.44 -17.96 -34.39
CA ALA A 513 -23.53 -18.05 -35.83
C ALA A 513 -22.93 -19.35 -36.34
N VAL A 514 -23.43 -19.83 -37.48
CA VAL A 514 -22.92 -21.02 -38.17
C VAL A 514 -22.63 -20.65 -39.60
N VAL A 515 -21.46 -21.03 -40.10
CA VAL A 515 -21.03 -20.87 -41.48
C VAL A 515 -20.85 -22.24 -42.11
N LEU A 516 -21.50 -22.50 -43.23
CA LEU A 516 -21.48 -23.77 -43.94
C LEU A 516 -20.91 -23.60 -45.36
N GLY A 517 -20.07 -24.53 -45.79
CA GLY A 517 -19.48 -24.51 -47.12
C GLY A 517 -18.66 -25.76 -47.42
N THR A 518 -18.39 -26.00 -48.70
CA THR A 518 -17.66 -27.18 -49.17
C THR A 518 -16.15 -26.97 -49.22
N GLY A 519 -15.68 -25.73 -49.21
CA GLY A 519 -14.27 -25.42 -49.36
C GLY A 519 -13.91 -23.99 -48.96
N ARG A 520 -12.62 -23.70 -48.96
CA ARG A 520 -12.00 -22.47 -48.47
C ARG A 520 -12.62 -21.20 -49.04
N GLU A 521 -12.86 -21.13 -50.34
CA GLU A 521 -13.38 -19.93 -51.00
C GLU A 521 -14.82 -19.61 -50.55
N GLU A 522 -15.66 -20.63 -50.38
CA GLU A 522 -17.03 -20.46 -49.90
C GLU A 522 -17.07 -20.07 -48.42
N LEU A 523 -16.26 -20.71 -47.57
CA LEU A 523 -16.19 -20.40 -46.14
C LEU A 523 -15.70 -18.97 -45.90
N ALA A 524 -14.71 -18.52 -46.68
CA ALA A 524 -14.23 -17.14 -46.61
C ALA A 524 -15.30 -16.12 -47.06
N ALA A 525 -16.08 -16.43 -48.10
CA ALA A 525 -17.18 -15.57 -48.54
C ALA A 525 -18.30 -15.45 -47.50
N GLY A 526 -18.64 -16.54 -46.81
CA GLY A 526 -19.57 -16.50 -45.68
C GLY A 526 -19.04 -15.71 -44.49
N LEU A 527 -17.77 -15.89 -44.10
CA LEU A 527 -17.19 -15.13 -42.99
C LEU A 527 -17.10 -13.63 -43.28
N ASP A 528 -16.80 -13.24 -44.51
CA ASP A 528 -16.87 -11.83 -44.92
C ASP A 528 -18.30 -11.27 -44.84
N ALA A 529 -19.31 -12.09 -45.16
CA ALA A 529 -20.70 -11.67 -45.07
C ALA A 529 -21.13 -11.39 -43.61
N LEU A 530 -20.65 -12.22 -42.67
CA LEU A 530 -20.82 -11.97 -41.24
C LEU A 530 -20.12 -10.68 -40.83
N ALA A 531 -18.88 -10.46 -41.28
CA ALA A 531 -18.06 -9.32 -40.89
C ALA A 531 -18.66 -7.98 -41.33
N GLY A 532 -19.25 -7.90 -42.52
CA GLY A 532 -19.99 -6.71 -42.98
C GLY A 532 -21.44 -6.61 -42.48
N ASP A 533 -21.94 -7.67 -41.85
CA ASP A 533 -23.34 -7.88 -41.47
C ASP A 533 -24.34 -7.78 -42.63
N ARG A 534 -24.20 -8.68 -43.60
CA ARG A 534 -25.08 -8.85 -44.78
C ARG A 534 -25.43 -10.34 -44.94
N THR A 535 -26.69 -10.67 -45.25
CA THR A 535 -27.11 -12.08 -45.32
C THR A 535 -26.60 -12.75 -46.59
N ALA A 536 -26.24 -14.04 -46.50
CA ALA A 536 -25.67 -14.84 -47.58
C ALA A 536 -26.05 -16.32 -47.41
N ASP A 537 -25.96 -17.10 -48.49
CA ASP A 537 -26.18 -18.54 -48.41
C ASP A 537 -25.17 -19.22 -47.49
N GLY A 538 -25.61 -20.20 -46.71
CA GLY A 538 -24.77 -20.92 -45.76
C GLY A 538 -24.42 -20.18 -44.46
N LEU A 539 -24.95 -18.97 -44.23
CA LEU A 539 -24.81 -18.25 -42.95
C LEU A 539 -26.11 -18.29 -42.16
N VAL A 540 -26.04 -18.61 -40.88
CA VAL A 540 -27.14 -18.54 -39.91
C VAL A 540 -26.70 -17.73 -38.69
N ARG A 541 -27.59 -16.96 -38.08
CA ARG A 541 -27.35 -16.06 -36.93
C ARG A 541 -28.47 -16.15 -35.91
N GLY A 542 -28.19 -15.86 -34.64
CA GLY A 542 -29.25 -15.68 -33.66
C GLY A 542 -28.79 -15.52 -32.22
N VAL A 543 -29.77 -15.32 -31.34
CA VAL A 543 -29.59 -15.17 -29.89
C VAL A 543 -30.25 -16.35 -29.22
N ALA A 544 -29.49 -17.13 -28.47
CA ALA A 544 -29.95 -18.35 -27.84
C ALA A 544 -30.76 -18.07 -26.57
N ARG A 545 -31.72 -18.94 -26.25
CA ARG A 545 -32.43 -18.94 -24.95
C ARG A 545 -32.40 -20.32 -24.32
N ALA A 546 -32.13 -20.40 -23.03
CA ALA A 546 -31.59 -21.61 -22.39
C ALA A 546 -32.59 -22.77 -22.21
N GLN A 547 -33.89 -22.50 -22.34
CA GLN A 547 -34.97 -23.46 -22.09
C GLN A 547 -34.99 -24.60 -23.13
N GLY A 548 -35.32 -25.83 -22.71
CA GLY A 548 -35.27 -27.05 -23.53
C GLY A 548 -36.36 -27.14 -24.61
N GLN A 549 -37.63 -27.31 -24.20
CA GLN A 549 -38.83 -27.01 -24.98
C GLN A 549 -38.88 -27.57 -26.42
N THR A 550 -38.32 -28.75 -26.68
CA THR A 550 -38.14 -29.31 -28.04
C THR A 550 -39.02 -30.51 -28.29
N ALA A 551 -39.74 -30.58 -29.41
CA ALA A 551 -40.51 -31.77 -29.77
C ALA A 551 -40.32 -32.16 -31.25
N LEU A 552 -40.67 -33.41 -31.56
CA LEU A 552 -40.33 -34.05 -32.83
C LEU A 552 -41.58 -34.66 -33.49
N LEU A 553 -41.80 -34.37 -34.76
CA LEU A 553 -42.95 -34.80 -35.55
C LEU A 553 -42.56 -35.97 -36.48
N PHE A 554 -43.36 -37.03 -36.48
CA PHE A 554 -43.16 -38.24 -37.28
C PHE A 554 -44.34 -38.51 -38.20
N GLY A 555 -44.09 -38.98 -39.43
CA GLY A 555 -45.15 -39.31 -40.41
C GLY A 555 -45.04 -40.72 -40.99
N GLY A 556 -46.18 -41.32 -41.33
CA GLY A 556 -46.26 -42.57 -42.11
C GLY A 556 -46.05 -42.35 -43.61
N ALA A 557 -46.09 -43.43 -44.39
CA ALA A 557 -45.79 -43.38 -45.83
C ALA A 557 -46.91 -42.75 -46.66
N GLY A 558 -48.15 -43.22 -46.49
CA GLY A 558 -49.21 -43.12 -47.51
C GLY A 558 -49.77 -41.71 -47.76
N ASP A 559 -49.57 -40.77 -46.85
CA ASP A 559 -50.12 -39.41 -46.97
C ASP A 559 -49.59 -38.66 -48.21
N GLY A 560 -48.38 -39.01 -48.68
CA GLY A 560 -47.77 -38.47 -49.89
C GLY A 560 -48.53 -38.77 -51.20
N THR A 561 -49.53 -39.65 -51.17
CA THR A 561 -50.45 -39.90 -52.30
C THR A 561 -51.52 -38.81 -52.46
N SER A 562 -51.74 -37.95 -51.44
CA SER A 562 -52.75 -36.88 -51.48
C SER A 562 -52.47 -35.78 -52.52
N GLY A 563 -51.20 -35.47 -52.77
CA GLY A 563 -50.76 -34.45 -53.75
C GLY A 563 -49.24 -34.31 -53.82
N ASP A 564 -48.72 -33.85 -54.96
CA ASP A 564 -47.28 -33.66 -55.26
C ASP A 564 -46.40 -34.89 -54.92
N ARG A 565 -46.92 -36.09 -55.18
CA ARG A 565 -46.30 -37.39 -54.89
C ARG A 565 -44.80 -37.51 -55.27
N PRO A 566 -44.32 -37.02 -56.43
CA PRO A 566 -42.90 -37.10 -56.79
C PRO A 566 -41.94 -36.42 -55.80
N ALA A 567 -42.36 -35.35 -55.13
CA ALA A 567 -41.55 -34.70 -54.09
C ALA A 567 -41.32 -35.61 -52.87
N ASP A 568 -42.27 -36.48 -52.55
CA ASP A 568 -42.14 -37.49 -51.49
C ASP A 568 -41.43 -38.78 -51.95
N ALA A 569 -40.99 -38.85 -53.21
CA ALA A 569 -39.88 -39.72 -53.64
C ALA A 569 -38.55 -38.95 -53.64
N GLU A 570 -38.52 -37.70 -54.09
CA GLU A 570 -37.28 -36.90 -54.16
C GLU A 570 -36.69 -36.56 -52.79
N GLY A 571 -37.51 -36.36 -51.76
CA GLY A 571 -37.05 -36.24 -50.37
C GLY A 571 -36.25 -37.48 -49.95
N PRO A 572 -36.82 -38.69 -50.02
CA PRO A 572 -36.08 -39.93 -49.79
C PRO A 572 -34.86 -40.13 -50.71
N ARG A 573 -34.93 -39.80 -52.00
CA ARG A 573 -33.74 -39.86 -52.90
C ARG A 573 -32.64 -38.87 -52.49
N THR A 574 -33.00 -37.75 -51.88
CA THR A 574 -32.05 -36.84 -51.22
C THR A 574 -31.52 -37.45 -49.92
N ALA A 575 -32.39 -38.00 -49.08
CA ALA A 575 -32.03 -38.60 -47.80
C ALA A 575 -31.09 -39.80 -47.93
N ARG A 576 -31.19 -40.58 -49.02
CA ARG A 576 -30.22 -41.65 -49.34
C ARG A 576 -28.78 -41.15 -49.36
N GLY A 577 -28.54 -39.92 -49.81
CA GLY A 577 -27.20 -39.33 -49.86
C GLY A 577 -26.53 -39.17 -48.49
N LEU A 578 -27.30 -39.09 -47.40
CA LEU A 578 -26.78 -39.01 -46.04
C LEU A 578 -25.96 -40.26 -45.65
N TYR A 579 -26.17 -41.40 -46.31
CA TYR A 579 -25.45 -42.66 -46.06
C TYR A 579 -23.95 -42.54 -46.35
N GLU A 580 -23.54 -41.63 -47.22
CA GLU A 580 -22.14 -41.31 -47.49
C GLU A 580 -21.60 -40.18 -46.59
N ALA A 581 -22.46 -39.26 -46.16
CA ALA A 581 -22.08 -38.07 -45.41
C ALA A 581 -21.83 -38.34 -43.91
N PHE A 582 -22.67 -39.13 -43.25
CA PHE A 582 -22.66 -39.28 -41.79
C PHE A 582 -22.58 -40.75 -41.33
N PRO A 583 -21.55 -41.17 -40.58
CA PRO A 583 -21.35 -42.57 -40.21
C PRO A 583 -22.45 -43.20 -39.34
N ALA A 584 -23.05 -42.47 -38.39
CA ALA A 584 -24.07 -43.04 -37.52
C ALA A 584 -25.33 -43.49 -38.27
N PHE A 585 -25.70 -42.81 -39.36
CA PHE A 585 -26.90 -43.15 -40.13
C PHE A 585 -26.76 -44.50 -40.84
N ALA A 586 -25.61 -44.76 -41.45
CA ALA A 586 -25.39 -46.02 -42.17
C ALA A 586 -25.49 -47.23 -41.24
N GLU A 587 -24.95 -47.12 -40.04
CA GLU A 587 -25.07 -48.17 -39.03
C GLU A 587 -26.52 -48.38 -38.62
N ALA A 588 -27.23 -47.30 -38.27
CA ALA A 588 -28.61 -47.42 -37.81
C ALA A 588 -29.53 -47.93 -38.92
N LEU A 589 -29.32 -47.52 -40.17
CA LEU A 589 -30.15 -47.93 -41.30
C LEU A 589 -29.96 -49.40 -41.63
N ASP A 590 -28.72 -49.89 -41.66
CA ASP A 590 -28.45 -51.31 -41.81
C ASP A 590 -29.06 -52.12 -40.65
N GLU A 591 -28.86 -51.70 -39.41
CA GLU A 591 -29.36 -52.42 -38.23
C GLU A 591 -30.88 -52.56 -38.18
N VAL A 592 -31.63 -51.70 -38.87
CA VAL A 592 -33.08 -51.82 -39.00
C VAL A 592 -33.44 -52.59 -40.27
N THR A 593 -32.77 -52.34 -41.38
CA THR A 593 -33.12 -52.95 -42.67
C THR A 593 -32.87 -54.44 -42.64
N GLU A 594 -31.72 -54.88 -42.13
CA GLU A 594 -31.38 -56.30 -41.97
C GLU A 594 -32.30 -57.03 -40.99
N HIS A 595 -33.00 -56.30 -40.13
CA HIS A 595 -33.99 -56.83 -39.19
C HIS A 595 -35.37 -57.00 -39.84
N LEU A 596 -35.84 -55.99 -40.59
CA LEU A 596 -37.07 -56.06 -41.39
C LEU A 596 -37.00 -57.12 -42.49
N ALA A 597 -35.81 -57.36 -43.04
CA ALA A 597 -35.58 -58.38 -44.06
C ALA A 597 -35.92 -59.80 -43.57
N GLY A 598 -35.92 -60.02 -42.24
CA GLY A 598 -36.39 -61.27 -41.64
C GLY A 598 -37.90 -61.50 -41.71
N LEU A 599 -38.71 -60.43 -41.63
CA LEU A 599 -40.17 -60.51 -41.72
C LEU A 599 -40.69 -60.47 -43.17
N LEU A 600 -40.03 -59.71 -44.04
CA LEU A 600 -40.54 -59.36 -45.38
C LEU A 600 -39.74 -59.95 -46.55
N GLY A 601 -38.62 -60.65 -46.31
CA GLY A 601 -37.75 -61.18 -47.35
C GLY A 601 -36.76 -60.15 -47.94
N PRO A 602 -36.16 -60.42 -49.11
CA PRO A 602 -35.02 -59.67 -49.62
C PRO A 602 -35.32 -58.26 -50.15
N GLU A 603 -36.53 -57.97 -50.64
CA GLU A 603 -36.83 -56.72 -51.36
C GLU A 603 -36.63 -55.46 -50.52
N VAL A 604 -36.74 -55.51 -49.19
CA VAL A 604 -36.57 -54.31 -48.35
C VAL A 604 -35.19 -53.69 -48.50
N ARG A 605 -34.12 -54.48 -48.71
CA ARG A 605 -32.76 -53.93 -48.97
C ARG A 605 -32.70 -53.19 -50.30
N ALA A 606 -33.27 -53.76 -51.35
CA ALA A 606 -33.36 -53.09 -52.65
C ALA A 606 -34.22 -51.82 -52.58
N ALA A 607 -35.35 -51.86 -51.87
CA ALA A 607 -36.21 -50.70 -51.70
C ALA A 607 -35.52 -49.57 -50.92
N VAL A 608 -34.87 -49.87 -49.79
CA VAL A 608 -34.11 -48.86 -49.02
C VAL A 608 -32.99 -48.25 -49.86
N ARG A 609 -32.32 -49.03 -50.71
CA ARG A 609 -31.30 -48.53 -51.64
C ARG A 609 -31.86 -47.71 -52.80
N GLU A 610 -33.15 -47.82 -53.12
CA GLU A 610 -33.82 -47.11 -54.22
C GLU A 610 -35.22 -46.63 -53.77
N PRO A 611 -35.29 -45.60 -52.91
CA PRO A 611 -36.54 -45.17 -52.28
C PRO A 611 -37.42 -44.38 -53.27
N GLY A 612 -38.11 -45.10 -54.15
CA GLY A 612 -39.03 -44.54 -55.15
C GLY A 612 -40.38 -44.09 -54.56
N PRO A 613 -41.37 -43.81 -55.42
CA PRO A 613 -42.73 -43.42 -55.03
C PRO A 613 -43.44 -44.36 -54.04
N ALA A 614 -42.97 -45.59 -53.85
CA ALA A 614 -43.41 -46.49 -52.78
C ALA A 614 -43.38 -45.82 -51.39
N CYS A 615 -42.39 -44.97 -51.10
CA CYS A 615 -42.29 -44.24 -49.83
C CYS A 615 -43.45 -43.26 -49.59
N ALA A 616 -44.19 -42.90 -50.63
CA ALA A 616 -45.33 -41.98 -50.61
C ALA A 616 -46.69 -42.71 -50.71
N GLU A 617 -46.70 -44.04 -50.80
CA GLU A 617 -47.88 -44.83 -51.19
C GLU A 617 -48.29 -45.85 -50.12
N PRO A 618 -49.60 -46.05 -49.91
CA PRO A 618 -50.13 -46.95 -48.88
C PRO A 618 -49.90 -48.43 -49.23
N THR A 619 -48.74 -48.96 -48.86
CA THR A 619 -48.22 -50.27 -49.29
C THR A 619 -47.31 -50.89 -48.22
N VAL A 620 -47.13 -52.22 -48.20
CA VAL A 620 -46.26 -52.89 -47.19
C VAL A 620 -44.80 -52.49 -47.37
N VAL A 621 -44.31 -52.46 -48.63
CA VAL A 621 -42.98 -51.92 -48.98
C VAL A 621 -42.84 -50.48 -48.50
N GLY A 622 -43.80 -49.62 -48.80
CA GLY A 622 -43.79 -48.22 -48.38
C GLY A 622 -43.72 -48.07 -46.87
N GLN A 623 -44.55 -48.80 -46.13
CA GLN A 623 -44.60 -48.69 -44.68
C GLN A 623 -43.33 -49.25 -44.02
N ALA A 624 -42.74 -50.30 -44.56
CA ALA A 624 -41.47 -50.83 -44.07
C ALA A 624 -40.34 -49.80 -44.26
N VAL A 625 -40.23 -49.21 -45.45
CA VAL A 625 -39.19 -48.22 -45.73
C VAL A 625 -39.38 -46.96 -44.87
N ALA A 626 -40.62 -46.50 -44.69
CA ALA A 626 -40.89 -45.34 -43.83
C ALA A 626 -40.50 -45.58 -42.38
N PHE A 627 -40.80 -46.74 -41.82
CA PHE A 627 -40.32 -47.09 -40.48
C PHE A 627 -38.78 -47.17 -40.41
N ALA A 628 -38.14 -47.72 -41.44
CA ALA A 628 -36.68 -47.82 -41.50
C ALA A 628 -36.01 -46.45 -41.49
N LEU A 629 -36.34 -45.58 -42.45
CA LEU A 629 -35.73 -44.26 -42.58
C LEU A 629 -36.01 -43.37 -41.37
N ASN A 630 -37.22 -43.39 -40.79
CA ASN A 630 -37.51 -42.62 -39.58
C ASN A 630 -36.76 -43.14 -38.37
N THR A 631 -36.63 -44.46 -38.20
CA THR A 631 -35.82 -45.02 -37.11
C THR A 631 -34.36 -44.65 -37.26
N ALA A 632 -33.83 -44.69 -38.48
CA ALA A 632 -32.47 -44.29 -38.76
C ALA A 632 -32.22 -42.79 -38.50
N LEU A 633 -33.08 -41.89 -38.97
CA LEU A 633 -32.96 -40.46 -38.67
C LEU A 633 -33.10 -40.16 -37.18
N HIS A 634 -33.94 -40.86 -36.42
CA HIS A 634 -34.02 -40.63 -34.98
C HIS A 634 -32.69 -40.96 -34.29
N ARG A 635 -32.07 -42.10 -34.65
CA ARG A 635 -30.75 -42.45 -34.14
C ARG A 635 -29.66 -41.49 -34.62
N LEU A 636 -29.86 -40.82 -35.74
CA LEU A 636 -28.97 -39.76 -36.22
C LEU A 636 -29.08 -38.50 -35.34
N LEU A 637 -30.29 -37.96 -35.12
CA LEU A 637 -30.45 -36.75 -34.30
C LEU A 637 -30.02 -36.97 -32.85
N THR A 638 -30.34 -38.13 -32.27
CA THR A 638 -29.88 -38.50 -30.94
C THR A 638 -28.39 -38.84 -30.87
N ALA A 639 -27.69 -39.01 -31.99
CA ALA A 639 -26.22 -38.99 -32.05
C ALA A 639 -25.65 -37.55 -32.10
N PHE A 640 -26.37 -36.59 -32.69
CA PHE A 640 -26.06 -35.14 -32.67
C PHE A 640 -26.50 -34.43 -31.37
N ALA A 641 -26.93 -35.18 -30.35
CA ALA A 641 -27.26 -34.70 -29.00
C ALA A 641 -28.52 -33.83 -28.86
N VAL A 642 -29.38 -33.79 -29.89
CA VAL A 642 -30.78 -33.41 -29.74
C VAL A 642 -31.51 -34.52 -28.96
N ARG A 643 -32.40 -34.18 -28.03
CA ARG A 643 -33.15 -35.15 -27.20
C ARG A 643 -34.61 -34.70 -27.09
N PRO A 644 -35.57 -35.33 -27.78
CA PRO A 644 -36.92 -34.80 -27.86
C PRO A 644 -37.66 -34.91 -26.53
N ASP A 645 -38.28 -33.81 -26.11
CA ASP A 645 -39.09 -33.72 -24.89
C ASP A 645 -40.54 -34.17 -25.10
N ALA A 646 -40.97 -34.35 -26.36
CA ALA A 646 -42.22 -34.99 -26.74
C ALA A 646 -42.14 -35.51 -28.17
N THR A 647 -42.96 -36.48 -28.52
CA THR A 647 -43.09 -36.96 -29.90
C THR A 647 -44.55 -37.07 -30.32
N LEU A 648 -44.86 -36.77 -31.59
CA LEU A 648 -46.21 -36.85 -32.15
C LEU A 648 -46.17 -37.54 -33.51
N GLY A 649 -46.98 -38.57 -33.68
CA GLY A 649 -46.98 -39.42 -34.87
C GLY A 649 -48.27 -39.32 -35.66
N HIS A 650 -48.20 -38.86 -36.91
CA HIS A 650 -49.35 -38.76 -37.80
C HIS A 650 -49.67 -40.11 -38.43
N GLY A 651 -50.85 -40.66 -38.11
CA GLY A 651 -51.37 -41.87 -38.73
C GLY A 651 -50.49 -43.11 -38.51
N ALA A 652 -50.27 -43.89 -39.57
CA ALA A 652 -49.51 -45.14 -39.53
C ALA A 652 -48.06 -45.01 -39.00
N GLY A 653 -47.50 -43.80 -38.98
CA GLY A 653 -46.19 -43.54 -38.37
C GLY A 653 -46.17 -43.61 -36.85
N GLU A 654 -47.30 -43.82 -36.17
CA GLU A 654 -47.34 -43.80 -34.71
C GLU A 654 -46.41 -44.82 -34.04
N VAL A 655 -46.14 -45.96 -34.68
CA VAL A 655 -45.16 -46.93 -34.17
C VAL A 655 -43.77 -46.31 -34.09
N ALA A 656 -43.36 -45.53 -35.09
CA ALA A 656 -42.08 -44.83 -35.07
C ALA A 656 -42.03 -43.77 -33.96
N ALA A 657 -43.10 -43.00 -33.78
CA ALA A 657 -43.19 -42.02 -32.71
C ALA A 657 -43.12 -42.70 -31.33
N ALA A 658 -43.67 -43.90 -31.21
CA ALA A 658 -43.65 -44.70 -29.99
C ALA A 658 -42.29 -45.33 -29.72
N TYR A 659 -41.56 -45.77 -30.75
CA TYR A 659 -40.16 -46.16 -30.62
C TYR A 659 -39.28 -45.00 -30.16
N ALA A 660 -39.45 -43.82 -30.75
CA ALA A 660 -38.75 -42.62 -30.33
C ALA A 660 -39.07 -42.23 -28.87
N ALA A 661 -40.27 -42.52 -28.38
CA ALA A 661 -40.67 -42.35 -26.98
C ALA A 661 -40.12 -43.43 -26.02
N GLY A 662 -39.35 -44.41 -26.52
CA GLY A 662 -38.77 -45.50 -25.72
C GLY A 662 -39.77 -46.58 -25.29
N ALA A 663 -40.97 -46.57 -25.86
CA ALA A 663 -42.09 -47.42 -25.43
C ALA A 663 -42.13 -48.81 -26.09
N LEU A 664 -41.40 -49.02 -27.18
CA LEU A 664 -41.24 -50.27 -27.89
C LEU A 664 -39.75 -50.62 -28.03
N SER A 665 -39.39 -51.91 -28.08
CA SER A 665 -38.10 -52.32 -28.63
C SER A 665 -38.12 -52.22 -30.15
N LEU A 666 -36.96 -52.20 -30.81
CA LEU A 666 -36.89 -52.24 -32.26
C LEU A 666 -37.57 -53.51 -32.83
N ALA A 667 -37.49 -54.63 -32.13
CA ALA A 667 -38.20 -55.85 -32.50
C ALA A 667 -39.73 -55.66 -32.49
N ASP A 668 -40.29 -55.08 -31.43
CA ASP A 668 -41.73 -54.78 -31.39
C ASP A 668 -42.13 -53.80 -32.49
N GLY A 669 -41.37 -52.72 -32.67
CA GLY A 669 -41.66 -51.71 -33.68
C GLY A 669 -41.63 -52.28 -35.10
N ALA A 670 -40.65 -53.13 -35.40
CA ALA A 670 -40.56 -53.79 -36.69
C ALA A 670 -41.74 -54.71 -36.92
N ALA A 671 -42.20 -55.43 -35.90
CA ALA A 671 -43.30 -56.36 -36.03
C ALA A 671 -44.62 -55.66 -36.37
N LEU A 672 -45.04 -54.67 -35.55
CA LEU A 672 -46.36 -54.05 -35.67
C LEU A 672 -46.58 -53.37 -37.02
N VAL A 673 -45.57 -52.69 -37.55
CA VAL A 673 -45.64 -52.00 -38.84
C VAL A 673 -46.03 -52.96 -39.98
N THR A 674 -45.66 -54.24 -39.92
CA THR A 674 -46.08 -55.20 -40.96
C THR A 674 -47.58 -55.51 -40.95
N ALA A 675 -48.22 -55.57 -39.77
CA ALA A 675 -49.66 -55.80 -39.66
C ALA A 675 -50.47 -54.59 -40.14
N LEU A 676 -50.12 -53.39 -39.67
CA LEU A 676 -50.73 -52.13 -40.13
C LEU A 676 -50.50 -51.94 -41.63
N GLY A 677 -49.36 -52.40 -42.14
CA GLY A 677 -49.06 -52.47 -43.58
C GLY A 677 -50.09 -53.31 -44.35
N ARG A 678 -50.32 -54.57 -43.95
CA ARG A 678 -51.29 -55.43 -44.66
C ARG A 678 -52.70 -54.87 -44.63
N ILE A 679 -53.18 -54.41 -43.47
CA ILE A 679 -54.51 -53.80 -43.35
C ILE A 679 -54.63 -52.61 -44.32
N THR A 680 -53.57 -51.81 -44.44
CA THR A 680 -53.55 -50.63 -45.31
C THR A 680 -53.69 -50.99 -46.79
N GLU A 681 -53.13 -52.11 -47.25
CA GLU A 681 -53.32 -52.57 -48.63
C GLU A 681 -54.79 -52.83 -48.93
N ARG A 682 -55.53 -53.44 -47.99
CA ARG A 682 -56.96 -53.72 -48.13
C ARG A 682 -57.76 -52.44 -48.27
N VAL A 683 -57.47 -51.42 -47.46
CA VAL A 683 -58.12 -50.10 -47.56
C VAL A 683 -57.82 -49.42 -48.89
N ALA A 684 -56.55 -49.31 -49.27
CA ALA A 684 -56.13 -48.60 -50.46
C ALA A 684 -56.60 -49.25 -51.78
N THR A 685 -56.70 -50.58 -51.82
CA THR A 685 -57.27 -51.31 -52.97
C THR A 685 -58.81 -51.35 -52.98
N GLY A 686 -59.46 -50.95 -51.88
CA GLY A 686 -60.92 -50.95 -51.74
C GLY A 686 -61.65 -49.97 -52.68
N PRO A 687 -62.99 -50.03 -52.75
CA PRO A 687 -63.77 -49.30 -53.76
C PRO A 687 -63.91 -47.80 -53.51
N GLY A 688 -63.61 -47.30 -52.32
CA GLY A 688 -63.85 -45.91 -51.90
C GLY A 688 -62.88 -44.86 -52.46
N ALA A 689 -63.02 -43.61 -51.98
CA ALA A 689 -62.20 -42.47 -52.39
C ALA A 689 -61.93 -41.48 -51.24
N SER A 690 -61.13 -40.44 -51.49
CA SER A 690 -60.97 -39.27 -50.63
C SER A 690 -60.66 -37.99 -51.42
N VAL A 691 -60.92 -36.84 -50.82
CA VAL A 691 -60.59 -35.50 -51.35
C VAL A 691 -60.15 -34.55 -50.23
N TRP A 692 -59.30 -33.58 -50.53
CA TRP A 692 -59.12 -32.42 -49.67
C TRP A 692 -60.14 -31.34 -50.02
N VAL A 693 -60.62 -30.62 -49.02
CA VAL A 693 -61.62 -29.55 -49.16
C VAL A 693 -61.14 -28.33 -48.37
N ARG A 694 -61.19 -27.12 -48.96
CA ARG A 694 -60.82 -25.88 -48.26
C ARG A 694 -61.97 -25.32 -47.42
N ALA A 695 -62.48 -26.16 -46.52
CA ALA A 695 -63.53 -25.85 -45.58
C ALA A 695 -63.24 -26.51 -44.23
N THR A 696 -63.61 -25.86 -43.14
CA THR A 696 -63.20 -26.28 -41.80
C THR A 696 -64.17 -27.28 -41.17
N GLU A 697 -63.77 -27.97 -40.12
CA GLU A 697 -64.56 -29.07 -39.54
C GLU A 697 -65.97 -28.64 -39.14
N ASP A 698 -66.14 -27.42 -38.62
CA ASP A 698 -67.47 -26.87 -38.28
C ASP A 698 -68.34 -26.57 -39.51
N GLU A 699 -67.76 -26.35 -40.69
CA GLU A 699 -68.50 -26.19 -41.95
C GLU A 699 -68.88 -27.55 -42.54
N VAL A 700 -67.96 -28.50 -42.53
CA VAL A 700 -68.14 -29.79 -43.17
C VAL A 700 -69.00 -30.71 -42.31
N ARG A 701 -68.80 -30.75 -40.98
CA ARG A 701 -69.57 -31.65 -40.09
C ARG A 701 -71.06 -31.35 -40.12
N ALA A 702 -71.44 -30.08 -40.25
CA ALA A 702 -72.83 -29.67 -40.46
C ALA A 702 -73.42 -30.23 -41.76
N ALA A 703 -72.73 -30.12 -42.90
CA ALA A 703 -73.19 -30.66 -44.18
C ALA A 703 -73.25 -32.20 -44.21
N LEU A 704 -72.25 -32.86 -43.63
CA LEU A 704 -72.15 -34.32 -43.53
C LEU A 704 -73.26 -34.92 -42.66
N SER A 705 -73.65 -34.24 -41.58
CA SER A 705 -74.74 -34.63 -40.70
C SER A 705 -76.12 -34.24 -41.25
N GLY A 706 -76.22 -33.06 -41.86
CA GLY A 706 -77.47 -32.42 -42.30
C GLY A 706 -78.00 -32.81 -43.68
N SER A 707 -77.75 -34.04 -44.16
CA SER A 707 -78.33 -34.58 -45.39
C SER A 707 -78.24 -36.11 -45.46
N GLN A 708 -79.38 -36.81 -45.32
CA GLN A 708 -79.45 -38.27 -45.46
C GLN A 708 -79.05 -38.77 -46.87
N GLU A 709 -79.28 -37.95 -47.90
CA GLU A 709 -79.00 -38.29 -49.32
C GLU A 709 -77.53 -38.59 -49.65
N GLN A 710 -76.59 -38.24 -48.77
CA GLN A 710 -75.14 -38.43 -48.96
C GLN A 710 -74.46 -39.24 -47.84
N VAL A 711 -75.21 -39.90 -46.96
CA VAL A 711 -74.64 -40.73 -45.88
C VAL A 711 -73.84 -41.90 -46.45
N GLY A 712 -72.67 -42.15 -45.87
CA GLY A 712 -71.60 -43.00 -46.45
C GLY A 712 -70.22 -42.33 -46.55
N ALA A 713 -70.04 -41.18 -45.89
CA ALA A 713 -68.81 -40.38 -45.85
C ALA A 713 -68.48 -39.88 -44.42
N ALA A 714 -67.24 -39.50 -44.16
CA ALA A 714 -66.76 -38.97 -42.89
C ALA A 714 -65.54 -38.05 -43.06
N VAL A 715 -65.25 -37.22 -42.07
CA VAL A 715 -63.98 -36.48 -41.99
C VAL A 715 -62.86 -37.45 -41.58
N ALA A 716 -61.90 -37.65 -42.46
CA ALA A 716 -60.77 -38.57 -42.28
C ALA A 716 -59.58 -37.93 -41.55
N ALA A 717 -59.30 -36.66 -41.82
CA ALA A 717 -58.19 -35.94 -41.19
C ALA A 717 -58.46 -34.46 -40.99
N VAL A 718 -57.88 -33.92 -39.92
CA VAL A 718 -58.00 -32.54 -39.48
C VAL A 718 -56.59 -31.99 -39.29
N ASP A 719 -55.90 -31.75 -40.39
CA ASP A 719 -54.47 -31.44 -40.41
C ASP A 719 -54.17 -29.99 -40.01
N GLU A 720 -54.92 -29.03 -40.54
CA GLU A 720 -54.69 -27.62 -40.30
C GLU A 720 -56.00 -26.82 -40.46
N PRO A 721 -56.11 -25.59 -39.93
CA PRO A 721 -57.41 -24.97 -39.70
C PRO A 721 -58.25 -24.76 -40.95
N GLY A 722 -57.63 -24.55 -42.10
CA GLY A 722 -58.30 -24.19 -43.35
C GLY A 722 -58.74 -25.40 -44.18
N THR A 723 -58.26 -26.61 -43.86
CA THR A 723 -58.48 -27.79 -44.68
C THR A 723 -58.99 -28.98 -43.90
N THR A 724 -59.86 -29.77 -44.53
CA THR A 724 -60.29 -31.08 -44.06
C THR A 724 -60.22 -32.10 -45.20
N VAL A 725 -60.02 -33.37 -44.88
CA VAL A 725 -60.02 -34.46 -45.87
C VAL A 725 -61.22 -35.34 -45.62
N VAL A 726 -62.05 -35.57 -46.64
CA VAL A 726 -63.28 -36.37 -46.57
C VAL A 726 -63.07 -37.69 -47.28
N SER A 727 -63.51 -38.82 -46.71
CA SER A 727 -63.34 -40.15 -47.29
C SER A 727 -64.51 -41.10 -47.01
N GLY A 728 -64.70 -42.11 -47.85
CA GLY A 728 -65.80 -43.07 -47.79
C GLY A 728 -66.14 -43.63 -49.17
N ASP A 729 -67.41 -43.93 -49.40
CA ASP A 729 -67.97 -44.35 -50.70
C ASP A 729 -67.60 -43.33 -51.81
N ALA A 730 -67.05 -43.80 -52.93
CA ALA A 730 -66.60 -42.94 -54.01
C ALA A 730 -67.71 -42.05 -54.58
N GLY A 731 -68.96 -42.50 -54.56
CA GLY A 731 -70.10 -41.66 -54.94
C GLY A 731 -70.35 -40.51 -53.95
N ALA A 732 -70.35 -40.82 -52.65
CA ALA A 732 -70.54 -39.84 -51.59
C ALA A 732 -69.39 -38.82 -51.56
N VAL A 733 -68.16 -39.28 -51.73
CA VAL A 733 -66.98 -38.43 -51.82
C VAL A 733 -67.06 -37.50 -53.04
N ALA A 734 -67.39 -38.01 -54.21
CA ALA A 734 -67.53 -37.17 -55.40
C ALA A 734 -68.63 -36.09 -55.25
N ARG A 735 -69.83 -36.45 -54.77
CA ARG A 735 -70.93 -35.47 -54.64
C ARG A 735 -70.64 -34.40 -53.58
N VAL A 736 -70.04 -34.76 -52.43
CA VAL A 736 -69.64 -33.78 -51.41
C VAL A 736 -68.52 -32.88 -51.92
N ALA A 737 -67.58 -33.40 -52.71
CA ALA A 737 -66.53 -32.60 -53.32
C ALA A 737 -67.12 -31.57 -54.29
N ALA A 738 -67.97 -32.03 -55.20
CA ALA A 738 -68.61 -31.17 -56.20
C ALA A 738 -69.46 -30.06 -55.55
N HIS A 739 -70.20 -30.37 -54.48
CA HIS A 739 -71.02 -29.41 -53.74
C HIS A 739 -70.23 -28.17 -53.30
N TRP A 740 -69.03 -28.32 -52.76
CA TRP A 740 -68.18 -27.17 -52.40
C TRP A 740 -67.52 -26.49 -53.60
N ARG A 741 -67.16 -27.21 -54.66
CA ARG A 741 -66.64 -26.59 -55.89
C ARG A 741 -67.67 -25.71 -56.59
N ALA A 742 -68.93 -26.14 -56.60
CA ALA A 742 -70.05 -25.34 -57.09
C ALA A 742 -70.34 -24.15 -56.17
N HIS A 743 -70.28 -24.33 -54.85
CA HIS A 743 -70.59 -23.28 -53.88
C HIS A 743 -69.58 -22.13 -53.85
N GLY A 744 -68.28 -22.39 -53.64
CA GLY A 744 -67.31 -21.32 -53.49
C GLY A 744 -65.93 -21.67 -52.89
N ARG A 745 -65.51 -22.94 -52.90
CA ARG A 745 -64.22 -23.40 -52.35
C ARG A 745 -63.48 -24.31 -53.33
N ALA A 746 -62.16 -24.38 -53.22
CA ALA A 746 -61.35 -25.38 -53.90
C ALA A 746 -61.47 -26.78 -53.25
N THR A 747 -61.32 -27.81 -54.07
CA THR A 747 -61.06 -29.20 -53.65
C THR A 747 -60.02 -29.82 -54.57
N GLY A 748 -59.34 -30.85 -54.09
CA GLY A 748 -58.50 -31.66 -54.96
C GLY A 748 -59.30 -32.52 -55.94
N ALA A 749 -58.58 -33.15 -56.86
CA ALA A 749 -59.05 -34.33 -57.61
C ALA A 749 -59.17 -35.56 -56.68
N PRO A 750 -59.95 -36.59 -57.03
CA PRO A 750 -60.09 -37.80 -56.24
C PRO A 750 -58.77 -38.57 -56.07
N ARG A 751 -58.63 -39.21 -54.91
CA ARG A 751 -57.54 -40.11 -54.50
C ARG A 751 -58.09 -41.31 -53.72
N PRO A 752 -57.31 -42.37 -53.43
CA PRO A 752 -57.75 -43.55 -52.66
C PRO A 752 -58.40 -43.25 -51.30
N ALA A 753 -59.23 -44.18 -50.81
CA ALA A 753 -59.82 -44.11 -49.47
C ALA A 753 -58.75 -44.21 -48.36
N ARG A 754 -59.11 -43.77 -47.14
CA ARG A 754 -58.20 -43.73 -45.97
C ARG A 754 -58.73 -44.42 -44.71
N LEU A 755 -59.94 -44.97 -44.73
CA LEU A 755 -60.63 -45.55 -43.57
C LEU A 755 -61.30 -46.90 -43.93
N LEU A 756 -61.66 -47.71 -42.93
CA LEU A 756 -62.43 -48.93 -43.17
C LEU A 756 -63.78 -48.62 -43.85
N LEU A 757 -64.24 -49.49 -44.74
CA LEU A 757 -65.43 -49.25 -45.59
C LEU A 757 -66.62 -50.17 -45.27
N SER A 758 -66.43 -51.20 -44.43
CA SER A 758 -67.51 -52.00 -43.83
C SER A 758 -67.13 -52.52 -42.44
N PRO A 759 -68.08 -52.77 -41.52
CA PRO A 759 -67.81 -53.54 -40.30
C PRO A 759 -67.26 -54.96 -40.57
N ASP A 760 -67.40 -55.48 -41.79
CA ASP A 760 -66.71 -56.71 -42.23
C ASP A 760 -65.18 -56.60 -42.17
N ASP A 761 -64.62 -55.41 -42.45
CA ASP A 761 -63.19 -55.15 -42.34
C ASP A 761 -62.76 -55.15 -40.86
N GLU A 762 -63.56 -54.54 -40.01
CA GLU A 762 -63.22 -54.35 -38.60
C GLU A 762 -63.03 -55.69 -37.88
N GLN A 763 -63.91 -56.67 -38.07
CA GLN A 763 -63.82 -57.90 -37.28
C GLN A 763 -62.55 -58.72 -37.60
N ALA A 764 -62.11 -58.69 -38.86
CA ALA A 764 -60.84 -59.29 -39.28
C ALA A 764 -59.64 -58.50 -38.78
N ALA A 765 -59.62 -57.19 -39.00
CA ALA A 765 -58.52 -56.34 -38.56
C ALA A 765 -58.33 -56.35 -37.04
N LEU A 766 -59.41 -56.40 -36.24
CA LEU A 766 -59.34 -56.56 -34.79
C LEU A 766 -58.64 -57.86 -34.42
N ALA A 767 -59.02 -58.97 -35.03
CA ALA A 767 -58.43 -60.27 -34.73
C ALA A 767 -56.93 -60.28 -35.08
N GLU A 768 -56.59 -59.85 -36.29
CA GLU A 768 -55.20 -59.78 -36.75
C GLU A 768 -54.34 -58.91 -35.82
N LEU A 769 -54.84 -57.75 -35.40
CA LEU A 769 -54.11 -56.89 -34.47
C LEU A 769 -54.03 -57.52 -33.08
N ARG A 770 -55.10 -58.07 -32.50
CA ARG A 770 -55.01 -58.70 -31.17
C ARG A 770 -54.06 -59.89 -31.16
N ALA A 771 -53.99 -60.65 -32.25
CA ALA A 771 -53.03 -61.74 -32.44
C ALA A 771 -51.55 -61.29 -32.49
N ILE A 772 -51.27 -60.00 -32.65
CA ILE A 772 -49.91 -59.44 -32.80
C ILE A 772 -49.56 -58.46 -31.69
N VAL A 773 -50.49 -57.62 -31.26
CA VAL A 773 -50.29 -56.58 -30.23
C VAL A 773 -49.97 -57.18 -28.86
N ALA A 774 -50.53 -58.33 -28.50
CA ALA A 774 -50.12 -59.09 -27.30
C ALA A 774 -48.66 -59.59 -27.37
N GLY A 775 -48.10 -59.69 -28.58
CA GLY A 775 -46.71 -60.03 -28.87
C GLY A 775 -45.74 -58.85 -28.87
N LEU A 776 -46.16 -57.67 -28.44
CA LEU A 776 -45.32 -56.47 -28.33
C LEU A 776 -44.96 -56.20 -26.86
N ALA A 777 -43.67 -56.17 -26.55
CA ALA A 777 -43.16 -56.03 -25.19
C ALA A 777 -43.11 -54.56 -24.73
N PHE A 778 -44.27 -53.89 -24.69
CA PHE A 778 -44.36 -52.46 -24.36
C PHE A 778 -43.77 -52.09 -22.99
N ARG A 779 -43.38 -50.83 -22.84
CA ARG A 779 -42.95 -50.22 -21.57
C ARG A 779 -43.33 -48.75 -21.51
N GLU A 780 -43.42 -48.19 -20.30
CA GLU A 780 -43.91 -46.83 -20.08
C GLU A 780 -42.96 -45.76 -20.66
N PRO A 781 -43.45 -44.77 -21.42
CA PRO A 781 -42.61 -43.91 -22.25
C PRO A 781 -41.77 -42.92 -21.46
N GLU A 782 -40.54 -42.68 -21.92
CA GLU A 782 -39.55 -41.82 -21.23
C GLU A 782 -39.87 -40.32 -21.32
N VAL A 783 -40.61 -39.94 -22.34
CA VAL A 783 -41.11 -38.59 -22.62
C VAL A 783 -42.53 -38.71 -23.19
N PRO A 784 -43.42 -37.73 -23.02
CA PRO A 784 -44.80 -37.85 -23.44
C PRO A 784 -44.96 -38.18 -24.93
N LEU A 785 -45.77 -39.20 -25.20
CA LEU A 785 -46.10 -39.72 -26.52
C LEU A 785 -47.52 -39.26 -26.85
N LEU A 786 -47.68 -38.45 -27.90
CA LEU A 786 -48.99 -37.94 -28.33
C LEU A 786 -49.48 -38.70 -29.57
N SER A 787 -50.78 -39.00 -29.64
CA SER A 787 -51.38 -39.76 -30.74
C SER A 787 -52.41 -38.97 -31.52
N THR A 788 -52.43 -39.11 -32.84
CA THR A 788 -53.47 -38.49 -33.67
C THR A 788 -54.84 -39.18 -33.62
N VAL A 789 -55.00 -40.30 -32.92
CA VAL A 789 -56.35 -40.82 -32.58
C VAL A 789 -56.93 -40.05 -31.40
N THR A 790 -56.16 -39.83 -30.34
CA THR A 790 -56.64 -39.28 -29.07
C THR A 790 -56.60 -37.75 -29.03
N GLY A 791 -55.61 -37.13 -29.66
CA GLY A 791 -55.32 -35.70 -29.44
C GLY A 791 -54.82 -35.38 -28.03
N GLN A 792 -54.39 -36.39 -27.27
CA GLN A 792 -53.98 -36.29 -25.86
C GLN A 792 -52.81 -37.26 -25.57
N PRO A 793 -52.01 -37.07 -24.51
CA PRO A 793 -50.94 -37.99 -24.17
C PRO A 793 -51.46 -39.41 -23.96
N VAL A 794 -50.83 -40.39 -24.60
CA VAL A 794 -51.30 -41.78 -24.58
C VAL A 794 -51.09 -42.39 -23.21
N GLU A 795 -52.13 -43.00 -22.64
CA GLU A 795 -52.03 -43.78 -21.40
C GLU A 795 -51.39 -45.17 -21.65
N PRO A 796 -50.64 -45.75 -20.71
CA PRO A 796 -50.00 -47.05 -20.93
C PRO A 796 -51.02 -48.19 -21.16
N ALA A 797 -52.22 -48.05 -20.62
CA ALA A 797 -53.34 -48.97 -20.86
C ALA A 797 -53.94 -48.81 -22.26
N GLU A 798 -53.92 -47.61 -22.84
CA GLU A 798 -54.36 -47.39 -24.22
C GLU A 798 -53.35 -47.99 -25.19
N LEU A 799 -52.05 -47.79 -24.95
CA LEU A 799 -50.96 -48.30 -25.79
C LEU A 799 -51.01 -49.83 -25.96
N ARG A 800 -51.31 -50.57 -24.89
CA ARG A 800 -51.41 -52.04 -24.90
C ARG A 800 -52.66 -52.59 -25.59
N SER A 801 -53.64 -51.76 -25.95
CA SER A 801 -54.94 -52.24 -26.43
C SER A 801 -55.11 -52.07 -27.94
N ALA A 802 -55.42 -53.15 -28.65
CA ALA A 802 -55.53 -53.13 -30.11
C ALA A 802 -56.64 -52.20 -30.64
N GLU A 803 -57.64 -51.87 -29.83
CA GLU A 803 -58.68 -50.88 -30.19
C GLU A 803 -58.08 -49.50 -30.43
N HIS A 804 -57.06 -49.10 -29.66
CA HIS A 804 -56.32 -47.86 -29.89
C HIS A 804 -55.62 -47.86 -31.25
N TRP A 805 -55.02 -48.99 -31.64
CA TRP A 805 -54.29 -49.09 -32.89
C TRP A 805 -55.21 -49.23 -34.11
N LEU A 806 -56.33 -49.93 -34.00
CA LEU A 806 -57.28 -50.00 -35.11
C LEU A 806 -58.02 -48.67 -35.35
N ASP A 807 -58.17 -47.84 -34.32
CA ASP A 807 -58.83 -46.53 -34.47
C ASP A 807 -58.21 -45.64 -35.55
N HIS A 808 -56.94 -45.81 -35.89
CA HIS A 808 -56.28 -45.11 -36.99
C HIS A 808 -56.96 -45.32 -38.34
N LEU A 809 -57.68 -46.43 -38.51
CA LEU A 809 -58.46 -46.72 -39.71
C LEU A 809 -59.97 -46.41 -39.53
N ARG A 810 -60.42 -46.11 -38.31
CA ARG A 810 -61.85 -45.88 -37.98
C ARG A 810 -62.20 -44.40 -37.77
N GLY A 811 -61.43 -43.70 -36.95
CA GLY A 811 -61.71 -42.34 -36.49
C GLY A 811 -60.98 -41.23 -37.26
N PRO A 812 -61.31 -39.96 -37.01
CA PRO A 812 -60.64 -38.83 -37.62
C PRO A 812 -59.22 -38.68 -37.08
N THR A 813 -58.27 -38.37 -37.96
CA THR A 813 -56.87 -38.08 -37.62
C THR A 813 -56.78 -36.66 -37.04
N ARG A 814 -56.83 -36.52 -35.71
CA ARG A 814 -56.88 -35.23 -34.99
C ARG A 814 -55.49 -34.63 -34.77
N PHE A 815 -54.78 -34.32 -35.85
CA PHE A 815 -53.44 -33.72 -35.76
C PHE A 815 -53.46 -32.32 -35.16
N LEU A 816 -54.40 -31.47 -35.58
CA LEU A 816 -54.49 -30.07 -35.16
C LEU A 816 -54.55 -29.92 -33.64
N ASP A 817 -55.44 -30.65 -32.98
CA ASP A 817 -55.57 -30.60 -31.52
C ASP A 817 -54.33 -31.13 -30.78
N GLY A 818 -53.62 -32.11 -31.36
CA GLY A 818 -52.34 -32.56 -30.83
C GLY A 818 -51.28 -31.45 -30.86
N VAL A 819 -51.14 -30.76 -31.99
CA VAL A 819 -50.20 -29.64 -32.11
C VAL A 819 -50.54 -28.52 -31.14
N ARG A 820 -51.84 -28.24 -30.93
CA ARG A 820 -52.26 -27.28 -29.90
C ARG A 820 -51.78 -27.70 -28.51
N ARG A 821 -51.90 -28.97 -28.13
CA ARG A 821 -51.42 -29.42 -26.82
C ARG A 821 -49.90 -29.42 -26.68
N LEU A 822 -49.12 -29.54 -27.76
CA LEU A 822 -47.68 -29.25 -27.70
C LEU A 822 -47.43 -27.82 -27.20
N ARG A 823 -48.14 -26.82 -27.74
CA ARG A 823 -47.91 -25.42 -27.38
C ARG A 823 -48.57 -24.95 -26.09
N THR A 824 -49.69 -25.52 -25.65
CA THR A 824 -50.15 -25.28 -24.27
C THR A 824 -49.13 -25.81 -23.27
N ASP A 825 -48.53 -26.96 -23.55
CA ASP A 825 -47.63 -27.65 -22.65
C ASP A 825 -46.15 -27.27 -22.87
N GLY A 826 -45.90 -26.11 -23.48
CA GLY A 826 -44.62 -25.41 -23.44
C GLY A 826 -43.60 -25.72 -24.54
N VAL A 827 -43.96 -26.42 -25.62
CA VAL A 827 -43.05 -26.65 -26.76
C VAL A 827 -42.82 -25.38 -27.59
N THR A 828 -41.56 -25.08 -27.89
CA THR A 828 -41.14 -23.83 -28.58
C THR A 828 -40.51 -24.09 -29.93
N ARG A 829 -39.83 -25.22 -30.10
CA ARG A 829 -39.11 -25.60 -31.31
C ARG A 829 -39.47 -27.02 -31.71
N LEU A 830 -39.68 -27.23 -32.99
CA LEU A 830 -40.57 -28.27 -33.48
C LEU A 830 -40.02 -28.84 -34.79
N VAL A 831 -39.45 -30.04 -34.71
CA VAL A 831 -38.57 -30.61 -35.75
C VAL A 831 -39.33 -31.64 -36.58
N GLY A 832 -39.22 -31.56 -37.90
CA GLY A 832 -40.03 -32.36 -38.83
C GLY A 832 -39.24 -33.38 -39.62
N LEU A 833 -39.56 -34.66 -39.45
CA LEU A 833 -38.99 -35.76 -40.22
C LEU A 833 -39.78 -35.95 -41.53
N ASP A 834 -39.71 -34.95 -42.40
CA ASP A 834 -40.58 -34.79 -43.57
C ASP A 834 -40.17 -35.62 -44.81
N LEU A 835 -39.99 -36.93 -44.66
CA LEU A 835 -39.76 -37.84 -45.80
C LEU A 835 -41.01 -38.08 -46.65
N SER A 836 -42.21 -37.99 -46.07
CA SER A 836 -43.49 -38.04 -46.80
C SER A 836 -44.56 -37.20 -46.10
N GLY A 837 -45.53 -36.65 -46.85
CA GLY A 837 -46.65 -35.86 -46.32
C GLY A 837 -46.32 -34.45 -45.83
N ASP A 838 -45.05 -34.02 -45.90
CA ASP A 838 -44.58 -32.67 -45.54
C ASP A 838 -45.03 -32.18 -44.15
N LEU A 839 -45.04 -33.07 -43.16
CA LEU A 839 -45.76 -32.91 -41.91
C LEU A 839 -45.48 -31.60 -41.15
N THR A 840 -44.27 -31.07 -41.21
CA THR A 840 -43.97 -29.82 -40.52
C THR A 840 -44.73 -28.60 -41.05
N GLY A 841 -45.22 -28.63 -42.30
CA GLY A 841 -45.96 -27.51 -42.89
C GLY A 841 -47.30 -27.31 -42.17
N PRO A 842 -48.20 -28.31 -42.17
CA PRO A 842 -49.43 -28.29 -41.39
C PRO A 842 -49.22 -28.05 -39.89
N ALA A 843 -48.09 -28.47 -39.33
CA ALA A 843 -47.76 -28.12 -37.95
C ALA A 843 -47.56 -26.61 -37.78
N GLY A 844 -46.80 -25.94 -38.64
CA GLY A 844 -46.67 -24.48 -38.60
C GLY A 844 -47.99 -23.76 -38.80
N ARG A 845 -48.78 -24.18 -39.81
CA ARG A 845 -50.09 -23.56 -40.10
C ARG A 845 -51.14 -23.78 -39.01
N SER A 846 -51.01 -24.80 -38.17
CA SER A 846 -51.88 -25.01 -37.02
C SER A 846 -51.35 -24.39 -35.72
N ALA A 847 -50.07 -24.08 -35.63
CA ALA A 847 -49.41 -23.54 -34.44
C ALA A 847 -49.36 -22.01 -34.38
N ALA A 848 -49.17 -21.33 -35.50
CA ALA A 848 -48.91 -19.88 -35.53
C ALA A 848 -50.16 -18.98 -35.37
N GLY A 849 -51.31 -19.55 -35.02
CA GLY A 849 -52.59 -18.85 -34.79
C GLY A 849 -53.23 -19.15 -33.43
N PHE A 850 -52.44 -19.44 -32.40
CA PHE A 850 -52.89 -19.90 -31.08
C PHE A 850 -51.91 -19.52 -29.95
N GLY A 851 -52.38 -19.47 -28.71
CA GLY A 851 -51.59 -19.07 -27.55
C GLY A 851 -51.32 -17.56 -27.44
N GLU A 852 -50.33 -17.17 -26.63
CA GLU A 852 -49.98 -15.76 -26.41
C GLU A 852 -49.36 -15.11 -27.65
N PRO A 853 -49.67 -13.83 -27.96
CA PRO A 853 -49.07 -13.13 -29.08
C PRO A 853 -47.55 -12.98 -28.92
N GLY A 854 -46.81 -13.12 -30.00
CA GLY A 854 -45.36 -12.87 -30.03
C GLY A 854 -44.47 -13.97 -29.45
N ARG A 855 -45.03 -15.06 -28.90
CA ARG A 855 -44.25 -16.21 -28.40
C ARG A 855 -43.41 -16.82 -29.54
N PRO A 856 -42.14 -17.21 -29.33
CA PRO A 856 -41.32 -17.87 -30.33
C PRO A 856 -41.91 -19.21 -30.80
N LEU A 857 -41.61 -19.54 -32.05
CA LEU A 857 -42.02 -20.76 -32.74
C LEU A 857 -41.03 -21.05 -33.87
N LEU A 858 -40.18 -22.06 -33.69
CA LEU A 858 -39.21 -22.47 -34.69
C LEU A 858 -39.64 -23.80 -35.28
N LEU A 859 -39.86 -23.84 -36.59
CA LEU A 859 -40.09 -25.07 -37.33
C LEU A 859 -38.91 -25.33 -38.27
N ALA A 860 -38.33 -26.52 -38.17
CA ALA A 860 -37.19 -26.95 -38.99
C ALA A 860 -37.45 -28.32 -39.62
N SER A 861 -37.29 -28.45 -40.93
CA SER A 861 -37.41 -29.72 -41.63
C SER A 861 -36.04 -30.36 -41.80
N VAL A 862 -35.82 -31.56 -41.27
CA VAL A 862 -34.45 -32.07 -41.07
C VAL A 862 -33.76 -32.68 -42.31
N PRO A 863 -34.33 -33.65 -43.03
CA PRO A 863 -33.67 -34.23 -44.20
C PRO A 863 -33.80 -33.39 -45.48
N GLY A 864 -34.73 -32.43 -45.52
CA GLY A 864 -35.05 -31.64 -46.72
C GLY A 864 -34.34 -30.28 -46.78
N GLY A 865 -33.79 -29.91 -47.93
CA GLY A 865 -33.04 -28.66 -48.11
C GLY A 865 -32.36 -28.52 -49.48
N GLY A 866 -31.24 -27.78 -49.52
CA GLY A 866 -30.46 -27.49 -50.73
C GLY A 866 -29.79 -28.71 -51.37
N ARG A 867 -29.21 -28.51 -52.56
CA ARG A 867 -28.77 -29.62 -53.43
C ARG A 867 -27.68 -30.53 -52.84
N PRO A 868 -26.61 -30.04 -52.17
CA PRO A 868 -25.65 -30.90 -51.48
C PRO A 868 -26.33 -31.55 -50.26
N PRO A 869 -26.52 -32.88 -50.19
CA PRO A 869 -27.47 -33.48 -49.24
C PRO A 869 -27.14 -33.21 -47.77
N GLY A 870 -25.87 -33.12 -47.40
CA GLY A 870 -25.46 -32.86 -46.02
C GLY A 870 -25.86 -31.49 -45.49
N GLN A 871 -25.98 -30.48 -46.36
CA GLN A 871 -26.32 -29.12 -45.92
C GLN A 871 -27.74 -28.98 -45.43
N ALA A 872 -28.66 -29.86 -45.84
CA ALA A 872 -30.01 -29.87 -45.28
C ALA A 872 -29.98 -30.14 -43.77
N LEU A 873 -29.37 -31.25 -43.36
CA LEU A 873 -29.30 -31.64 -41.96
C LEU A 873 -28.47 -30.65 -41.14
N LEU A 874 -27.31 -30.21 -41.64
CA LEU A 874 -26.45 -29.25 -40.94
C LEU A 874 -27.10 -27.86 -40.84
N SER A 875 -27.89 -27.43 -41.81
CA SER A 875 -28.63 -26.17 -41.71
C SER A 875 -29.80 -26.25 -40.73
N ALA A 876 -30.59 -27.33 -40.77
CA ALA A 876 -31.66 -27.56 -39.81
C ALA A 876 -31.14 -27.68 -38.36
N LEU A 877 -30.06 -28.42 -38.13
CA LEU A 877 -29.38 -28.44 -36.85
C LEU A 877 -28.78 -27.08 -36.51
N GLY A 878 -28.22 -26.37 -37.47
CA GLY A 878 -27.58 -25.07 -37.23
C GLY A 878 -28.56 -24.03 -36.73
N GLU A 879 -29.80 -24.06 -37.20
CA GLU A 879 -30.87 -23.22 -36.71
C GLU A 879 -31.29 -23.59 -35.29
N LEU A 880 -31.36 -24.89 -34.93
CA LEU A 880 -31.65 -25.29 -33.55
C LEU A 880 -30.51 -24.93 -32.59
N HIS A 881 -29.26 -25.05 -33.04
CA HIS A 881 -28.06 -24.68 -32.29
C HIS A 881 -27.98 -23.18 -32.04
N THR A 882 -28.36 -22.42 -33.04
CA THR A 882 -28.56 -20.99 -32.95
C THR A 882 -29.66 -20.60 -31.97
N ASP A 883 -30.81 -21.27 -32.00
CA ASP A 883 -31.96 -20.92 -31.15
C ASP A 883 -31.80 -21.35 -29.68
N GLY A 884 -31.03 -22.40 -29.40
CA GLY A 884 -30.56 -22.70 -28.05
C GLY A 884 -30.08 -24.12 -27.76
N VAL A 885 -30.42 -25.11 -28.59
CA VAL A 885 -30.11 -26.51 -28.31
C VAL A 885 -28.60 -26.77 -28.33
N ALA A 886 -28.06 -27.49 -27.35
CA ALA A 886 -26.62 -27.74 -27.20
C ALA A 886 -26.10 -28.86 -28.11
N ILE A 887 -26.30 -28.73 -29.42
CA ILE A 887 -25.97 -29.74 -30.43
C ILE A 887 -24.47 -30.10 -30.44
N ASP A 888 -24.17 -31.39 -30.50
CA ASP A 888 -22.82 -31.94 -30.57
C ASP A 888 -22.42 -32.19 -32.02
N TRP A 889 -21.61 -31.30 -32.59
CA TRP A 889 -21.20 -31.38 -33.99
C TRP A 889 -20.25 -32.54 -34.34
N SER A 890 -19.81 -33.36 -33.38
CA SER A 890 -18.76 -34.36 -33.62
C SER A 890 -19.05 -35.33 -34.78
N GLN A 891 -20.31 -35.70 -35.03
CA GLN A 891 -20.66 -36.58 -36.17
C GLN A 891 -20.26 -36.01 -37.53
N ALA A 892 -20.21 -34.69 -37.71
CA ALA A 892 -19.81 -34.07 -38.97
C ALA A 892 -18.30 -34.18 -39.26
N PHE A 893 -17.50 -34.48 -38.23
CA PHE A 893 -16.03 -34.59 -38.29
C PHE A 893 -15.49 -36.01 -38.13
N GLU A 894 -16.34 -37.01 -37.86
CA GLU A 894 -15.90 -38.40 -37.71
C GLU A 894 -15.30 -38.97 -39.01
N GLY A 895 -14.27 -39.80 -38.88
CA GLY A 895 -13.60 -40.51 -39.98
C GLY A 895 -12.68 -39.64 -40.85
N ARG A 896 -13.01 -38.36 -40.99
CA ARG A 896 -12.21 -37.32 -41.67
C ARG A 896 -10.92 -37.05 -40.88
N GLY A 897 -9.88 -36.55 -41.54
CA GLY A 897 -8.53 -36.47 -40.98
C GLY A 897 -8.27 -35.36 -39.96
N ALA A 898 -9.24 -35.00 -39.13
CA ALA A 898 -9.21 -33.75 -38.37
C ALA A 898 -8.08 -33.68 -37.32
N ARG A 899 -7.25 -32.63 -37.39
CA ARG A 899 -6.27 -32.23 -36.36
C ARG A 899 -6.77 -31.01 -35.59
N ARG A 900 -6.17 -30.72 -34.44
CA ARG A 900 -6.28 -29.41 -33.75
C ARG A 900 -5.31 -28.41 -34.37
N VAL A 901 -5.69 -27.14 -34.46
CA VAL A 901 -4.83 -26.01 -34.87
C VAL A 901 -5.09 -24.81 -33.97
N ASP A 902 -4.11 -23.91 -33.85
CA ASP A 902 -4.31 -22.65 -33.12
C ASP A 902 -5.25 -21.69 -33.88
N LEU A 903 -5.91 -20.83 -33.12
CA LEU A 903 -6.93 -19.88 -33.55
C LEU A 903 -6.70 -18.53 -32.88
N PRO A 904 -7.26 -17.42 -33.38
CA PRO A 904 -7.38 -16.20 -32.59
C PRO A 904 -8.15 -16.42 -31.29
N THR A 905 -7.81 -15.63 -30.27
CA THR A 905 -8.55 -15.53 -28.99
C THR A 905 -9.67 -14.49 -29.08
N TYR A 906 -10.52 -14.41 -28.06
CA TYR A 906 -11.72 -13.57 -28.07
C TYR A 906 -11.42 -12.05 -28.23
N PRO A 907 -12.16 -11.30 -29.06
CA PRO A 907 -12.01 -9.85 -29.19
C PRO A 907 -12.81 -9.07 -28.14
N TYR A 908 -12.17 -8.62 -27.06
CA TYR A 908 -12.79 -7.80 -26.01
C TYR A 908 -13.29 -6.46 -26.57
N GLN A 909 -14.39 -5.93 -26.04
CA GLN A 909 -15.01 -4.68 -26.47
C GLN A 909 -14.82 -3.60 -25.40
N LYS A 910 -13.59 -3.10 -25.27
CA LYS A 910 -13.15 -2.30 -24.12
C LYS A 910 -13.70 -0.87 -24.05
N VAL A 911 -13.75 -0.33 -22.84
CA VAL A 911 -14.11 1.04 -22.44
C VAL A 911 -13.19 1.51 -21.29
N ARG A 912 -13.06 2.82 -21.04
CA ARG A 912 -12.24 3.35 -19.94
C ARG A 912 -12.82 3.02 -18.57
N CYS A 913 -11.98 2.59 -17.64
CA CYS A 913 -12.30 2.36 -16.23
C CYS A 913 -11.14 2.83 -15.35
N TRP A 914 -11.24 4.00 -14.74
CA TRP A 914 -10.20 4.58 -13.88
C TRP A 914 -10.84 5.51 -12.85
N LEU A 915 -10.27 5.62 -11.65
CA LEU A 915 -10.81 6.47 -10.59
C LEU A 915 -10.65 7.98 -10.86
N VAL A 916 -9.74 8.38 -11.76
CA VAL A 916 -9.41 9.80 -12.04
C VAL A 916 -9.58 10.16 -13.53
N PRO A 917 -10.19 11.30 -13.88
CA PRO A 917 -10.27 11.79 -15.26
C PRO A 917 -8.91 12.10 -15.91
N PRO A 918 -8.78 11.97 -17.24
CA PRO A 918 -7.50 12.05 -17.94
C PRO A 918 -6.87 13.44 -17.85
N GLU A 919 -5.55 13.49 -17.75
CA GLU A 919 -4.78 14.71 -17.45
C GLU A 919 -4.94 15.83 -18.51
N PRO A 920 -5.09 17.10 -18.10
CA PRO A 920 -5.07 18.23 -19.01
C PRO A 920 -3.68 18.43 -19.62
N GLN A 921 -3.61 18.68 -20.94
CA GLN A 921 -2.36 18.79 -21.70
C GLN A 921 -1.72 20.18 -21.63
N VAL A 922 -1.71 20.78 -20.42
CA VAL A 922 -1.28 22.15 -20.14
C VAL A 922 0.03 22.17 -19.35
N SER A 923 1.04 22.90 -19.85
CA SER A 923 2.32 23.09 -19.15
C SER A 923 2.22 24.12 -18.02
N VAL A 924 2.77 23.80 -16.85
CA VAL A 924 2.78 24.61 -15.62
C VAL A 924 4.08 24.43 -14.83
N VAL A 925 4.46 25.41 -14.01
CA VAL A 925 5.64 25.31 -13.12
C VAL A 925 5.42 24.23 -12.06
N ALA A 926 6.46 23.47 -11.72
CA ALA A 926 6.34 22.30 -10.84
C ALA A 926 6.01 22.64 -9.37
N ALA A 927 6.66 23.67 -8.82
CA ALA A 927 6.46 24.15 -7.45
C ALA A 927 6.77 25.67 -7.33
N PRO A 928 5.93 26.54 -7.92
CA PRO A 928 6.21 27.98 -7.97
C PRO A 928 6.24 28.76 -6.63
N PRO A 929 5.55 28.39 -5.53
CA PRO A 929 5.45 29.29 -4.37
C PRO A 929 6.79 29.58 -3.69
N HIS A 930 7.04 30.85 -3.41
CA HIS A 930 8.15 31.29 -2.58
C HIS A 930 7.87 30.99 -1.10
N PRO A 931 8.84 30.51 -0.29
CA PRO A 931 8.54 29.98 1.03
C PRO A 931 7.96 30.97 2.03
N LEU A 932 8.42 32.22 2.05
CA LEU A 932 7.96 33.24 3.00
C LEU A 932 6.74 34.03 2.49
N LEU A 933 6.69 34.34 1.19
CA LEU A 933 5.62 35.13 0.57
C LEU A 933 4.34 34.30 0.37
N GLY A 934 4.44 33.08 -0.12
CA GLY A 934 3.30 32.16 -0.18
C GLY A 934 2.26 32.46 -1.26
N THR A 935 0.98 32.34 -0.92
CA THR A 935 -0.14 32.39 -1.87
C THR A 935 -0.84 33.75 -1.83
N ALA A 936 -1.10 34.36 -3.00
CA ALA A 936 -1.87 35.61 -3.11
C ALA A 936 -3.36 35.35 -2.95
N LEU A 937 -4.03 36.09 -2.06
CA LEU A 937 -5.48 36.05 -1.88
C LEU A 937 -6.22 36.93 -2.90
N ASP A 938 -7.49 36.65 -3.16
CA ASP A 938 -8.36 37.37 -4.11
C ASP A 938 -9.67 37.87 -3.45
N LEU A 939 -9.54 38.54 -2.31
CA LEU A 939 -10.65 39.21 -1.62
C LEU A 939 -11.20 40.32 -2.52
N VAL A 940 -12.49 40.23 -2.90
CA VAL A 940 -13.06 41.05 -3.99
C VAL A 940 -13.03 42.55 -3.70
N ASP A 941 -13.37 42.95 -2.48
CA ASP A 941 -13.51 44.36 -2.09
C ASP A 941 -12.20 45.03 -1.61
N ALA A 942 -11.07 44.32 -1.64
CA ALA A 942 -9.83 44.78 -1.01
C ALA A 942 -9.23 46.05 -1.66
N THR A 943 -8.70 46.96 -0.84
CA THR A 943 -8.02 48.20 -1.26
C THR A 943 -6.56 47.98 -1.70
N GLY A 944 -5.98 46.83 -1.38
CA GLY A 944 -4.60 46.46 -1.75
C GLY A 944 -4.34 44.96 -1.58
N GLN A 945 -3.39 44.41 -2.35
CA GLN A 945 -3.14 42.97 -2.43
C GLN A 945 -2.61 42.38 -1.10
N SER A 946 -2.92 41.11 -0.82
CA SER A 946 -2.45 40.41 0.38
C SER A 946 -2.02 38.97 0.09
N PHE A 947 -1.10 38.46 0.89
CA PHE A 947 -0.53 37.13 0.77
C PHE A 947 -0.38 36.47 2.14
N THR A 948 -0.54 35.15 2.20
CA THR A 948 -0.55 34.37 3.45
C THR A 948 0.13 33.02 3.25
N GLN A 949 0.75 32.49 4.30
CA GLN A 949 1.41 31.19 4.26
C GLN A 949 1.41 30.48 5.62
N GLN A 950 1.34 29.15 5.59
CA GLN A 950 1.65 28.29 6.73
C GLN A 950 2.99 27.59 6.50
N LEU A 951 3.88 27.61 7.49
CA LEU A 951 5.06 26.77 7.54
C LEU A 951 4.83 25.67 8.57
N THR A 952 4.93 24.42 8.13
CA THR A 952 4.84 23.23 8.97
C THR A 952 6.18 22.92 9.65
N PRO A 953 6.21 22.14 10.75
CA PRO A 953 7.39 22.09 11.63
C PRO A 953 8.70 21.62 10.99
N GLY A 954 8.66 20.74 9.99
CA GLY A 954 9.85 20.36 9.23
C GLY A 954 10.31 21.48 8.29
N GLN A 955 9.38 22.17 7.62
CA GLN A 955 9.71 23.34 6.80
C GLN A 955 10.31 24.48 7.62
N VAL A 956 9.87 24.71 8.87
CA VAL A 956 10.33 25.81 9.72
C VAL A 956 11.84 25.79 9.93
N ALA A 957 12.40 24.65 10.34
CA ALA A 957 13.84 24.50 10.48
C ALA A 957 14.60 24.53 9.14
N GLY A 958 13.91 24.33 8.02
CA GLY A 958 14.48 24.45 6.67
C GLY A 958 14.64 25.90 6.23
N VAL A 959 13.64 26.76 6.48
CA VAL A 959 13.68 28.20 6.14
C VAL A 959 14.46 29.01 7.18
N PHE A 960 14.31 28.72 8.47
CA PHE A 960 15.01 29.41 9.55
C PHE A 960 16.40 28.80 9.80
N GLY A 961 17.36 29.13 8.93
CA GLY A 961 18.70 28.58 8.94
C GLY A 961 19.70 29.17 9.94
N GLN A 962 19.29 30.01 10.88
CA GLN A 962 20.17 30.62 11.88
C GLN A 962 19.67 30.29 13.28
N GLN A 963 20.57 30.09 14.23
CA GLN A 963 20.23 29.81 15.62
C GLN A 963 20.91 30.82 16.52
N LEU A 964 20.15 31.59 17.30
CA LEU A 964 20.72 32.73 18.04
C LEU A 964 21.34 32.26 19.36
N TYR A 965 20.59 31.51 20.15
CA TYR A 965 21.07 30.82 21.34
C TYR A 965 20.31 29.50 21.46
N GLY A 966 20.57 28.59 20.53
CA GLY A 966 19.86 27.33 20.37
C GLY A 966 18.52 27.44 19.65
N THR A 967 17.70 28.46 19.94
CA THR A 967 16.40 28.64 19.29
C THR A 967 16.54 29.08 17.83
N PRO A 968 15.77 28.51 16.86
CA PRO A 968 15.79 28.94 15.47
C PRO A 968 15.21 30.34 15.24
N VAL A 969 15.85 31.12 14.38
CA VAL A 969 15.47 32.49 14.01
C VAL A 969 15.62 32.73 12.51
N LEU A 970 14.81 33.62 11.96
CA LEU A 970 14.87 34.01 10.54
C LEU A 970 16.09 34.91 10.32
N PRO A 971 17.01 34.59 9.39
CA PRO A 971 18.16 35.44 9.13
C PRO A 971 17.76 36.84 8.66
N ALA A 972 18.50 37.87 9.03
CA ALA A 972 18.15 39.24 8.66
C ALA A 972 18.07 39.44 7.15
N GLY A 973 18.97 38.83 6.38
CA GLY A 973 18.94 38.89 4.91
C GLY A 973 17.68 38.29 4.29
N ALA A 974 17.05 37.31 4.94
CA ALA A 974 15.82 36.71 4.45
C ALA A 974 14.62 37.65 4.62
N ARG A 975 14.63 38.58 5.59
CA ARG A 975 13.61 39.63 5.66
C ARG A 975 13.76 40.65 4.53
N LEU A 976 14.99 41.01 4.14
CA LEU A 976 15.20 41.85 2.96
C LEU A 976 14.71 41.14 1.69
N GLU A 977 14.98 39.84 1.55
CA GLU A 977 14.43 39.04 0.45
C GLU A 977 12.90 39.00 0.48
N TRP A 978 12.26 38.79 1.63
CA TRP A 978 10.80 38.71 1.74
C TRP A 978 10.13 40.00 1.28
N LEU A 979 10.68 41.15 1.68
CA LEU A 979 10.22 42.46 1.23
C LEU A 979 10.40 42.62 -0.28
N LEU A 980 11.57 42.30 -0.84
CA LEU A 980 11.83 42.45 -2.28
C LEU A 980 11.05 41.44 -3.15
N ALA A 981 10.80 40.23 -2.66
CA ALA A 981 9.95 39.24 -3.31
C ALA A 981 8.48 39.65 -3.28
N ALA A 982 7.98 40.15 -2.14
CA ALA A 982 6.63 40.68 -2.04
C ALA A 982 6.46 41.88 -2.97
N ALA A 983 7.47 42.74 -3.08
CA ALA A 983 7.41 43.92 -3.92
C ALA A 983 7.20 43.57 -5.40
N ARG A 984 8.01 42.67 -5.95
CA ARG A 984 8.03 42.43 -7.40
C ARG A 984 6.95 41.50 -7.93
N HIS A 985 6.09 40.93 -7.08
CA HIS A 985 5.24 39.80 -7.47
C HIS A 985 4.35 40.06 -8.70
N GLY A 986 3.74 41.24 -8.79
CA GLY A 986 2.86 41.60 -9.91
C GLY A 986 3.56 42.19 -11.14
N SER A 987 4.90 42.24 -11.18
CA SER A 987 5.65 43.03 -12.19
C SER A 987 6.80 42.26 -12.85
N PRO A 988 7.02 42.42 -14.18
CA PRO A 988 8.17 41.84 -14.88
C PRO A 988 9.45 42.68 -14.79
N ASP A 989 9.41 43.91 -14.24
CA ASP A 989 10.53 44.86 -14.32
C ASP A 989 11.76 44.44 -13.49
N SER A 990 12.96 44.81 -13.95
CA SER A 990 14.22 44.13 -13.61
C SER A 990 15.12 44.85 -12.63
N ALA A 991 14.80 46.08 -12.23
CA ALA A 991 15.55 46.85 -11.25
C ALA A 991 14.61 47.54 -10.26
N TRP A 992 14.99 47.54 -8.97
CA TRP A 992 14.13 47.98 -7.88
C TRP A 992 14.90 48.83 -6.86
N THR A 993 14.17 49.63 -6.10
CA THR A 993 14.71 50.36 -4.96
C THR A 993 13.75 50.25 -3.78
N LEU A 994 14.31 50.03 -2.60
CA LEU A 994 13.60 49.97 -1.34
C LEU A 994 14.19 51.03 -0.42
N THR A 995 13.34 51.79 0.25
CA THR A 995 13.74 52.89 1.13
C THR A 995 13.10 52.78 2.50
N GLY A 996 13.81 53.27 3.52
CA GLY A 996 13.31 53.33 4.90
C GLY A 996 13.01 51.96 5.51
N ILE A 997 13.72 50.90 5.11
CA ILE A 997 13.46 49.53 5.59
C ILE A 997 13.64 49.51 7.10
N ARG A 998 12.66 48.96 7.83
CA ARG A 998 12.75 48.69 9.27
C ARG A 998 12.47 47.23 9.53
N LEU A 999 13.16 46.66 10.52
CA LEU A 999 13.11 45.24 10.87
C LEU A 999 12.92 45.07 12.40
N PRO A 1000 11.80 45.52 12.97
CA PRO A 1000 11.52 45.35 14.39
C PRO A 1000 11.42 43.88 14.78
N GLY A 1001 11.79 43.56 16.01
CA GLY A 1001 11.70 42.22 16.61
C GLY A 1001 12.65 41.18 15.99
N THR A 1002 12.68 40.00 16.57
CA THR A 1002 13.28 38.80 15.99
C THR A 1002 12.18 37.76 15.74
N VAL A 1003 12.01 37.30 14.50
CA VAL A 1003 11.10 36.19 14.19
C VAL A 1003 11.75 34.89 14.66
N SER A 1004 11.13 34.19 15.60
CA SER A 1004 11.66 32.94 16.16
C SER A 1004 10.57 31.90 16.35
N ALA A 1005 10.95 30.62 16.37
CA ALA A 1005 10.04 29.51 16.54
C ALA A 1005 10.68 28.40 17.36
N ALA A 1006 10.15 28.14 18.55
CA ALA A 1006 10.64 27.09 19.43
C ALA A 1006 10.62 25.75 18.72
N SER A 1007 11.69 24.95 18.85
CA SER A 1007 11.95 23.79 17.99
C SER A 1007 10.75 22.82 17.93
N GLY A 1008 10.19 22.62 16.74
CA GLY A 1008 8.95 21.84 16.55
C GLY A 1008 7.65 22.61 16.80
N THR A 1009 7.48 23.80 16.23
CA THR A 1009 6.26 24.63 16.34
C THR A 1009 5.87 25.23 14.97
N PRO A 1010 4.59 25.27 14.56
CA PRO A 1010 4.17 25.90 13.32
C PRO A 1010 4.39 27.42 13.32
N VAL A 1011 4.52 28.02 12.13
CA VAL A 1011 4.62 29.47 11.96
C VAL A 1011 3.67 29.90 10.84
N ALA A 1012 2.81 30.88 11.08
CA ALA A 1012 1.94 31.46 10.07
C ALA A 1012 2.42 32.87 9.71
N LEU A 1013 2.49 33.20 8.43
CA LEU A 1013 3.06 34.44 7.93
C LEU A 1013 2.04 35.17 7.06
N GLN A 1014 2.04 36.50 7.08
CA GLN A 1014 1.17 37.32 6.26
C GLN A 1014 1.90 38.58 5.77
N THR A 1015 1.61 39.03 4.56
CA THR A 1015 2.17 40.27 4.01
C THR A 1015 1.17 40.99 3.12
N SER A 1016 1.26 42.31 3.02
CA SER A 1016 0.31 43.12 2.26
C SER A 1016 0.98 44.31 1.57
N ARG A 1017 0.36 44.77 0.48
CA ARG A 1017 0.81 45.88 -0.37
C ARG A 1017 -0.27 46.94 -0.46
N GLU A 1018 0.12 48.21 -0.43
CA GLU A 1018 -0.77 49.34 -0.71
C GLU A 1018 -0.07 50.37 -1.60
N ASP A 1019 -0.80 50.97 -2.54
CA ASP A 1019 -0.39 52.20 -3.21
C ASP A 1019 -0.39 53.37 -2.20
N SER A 1020 0.70 54.12 -2.09
CA SER A 1020 0.82 55.28 -1.20
C SER A 1020 0.03 56.51 -1.68
N GLY A 1021 -0.41 56.53 -2.94
CA GLY A 1021 -0.96 57.70 -3.63
C GLY A 1021 0.09 58.57 -4.33
N ASP A 1022 1.38 58.40 -4.04
CA ASP A 1022 2.48 59.10 -4.71
C ASP A 1022 2.95 58.36 -5.98
N GLY A 1023 2.11 58.36 -7.02
CA GLY A 1023 2.43 57.74 -8.31
C GLY A 1023 2.71 56.23 -8.21
N HIS A 1024 3.94 55.82 -8.55
CA HIS A 1024 4.37 54.42 -8.52
C HIS A 1024 4.77 53.89 -7.12
N ARG A 1025 4.83 54.76 -6.10
CA ARG A 1025 5.33 54.43 -4.76
C ARG A 1025 4.39 53.50 -3.98
N VAL A 1026 4.86 52.31 -3.60
CA VAL A 1026 4.10 51.25 -2.92
C VAL A 1026 4.63 51.03 -1.50
N ARG A 1027 3.78 50.75 -0.53
CA ARG A 1027 4.11 50.43 0.86
C ARG A 1027 3.91 48.93 1.09
N ALA A 1028 4.91 48.24 1.65
CA ALA A 1028 4.86 46.80 1.92
C ALA A 1028 5.12 46.52 3.40
N PHE A 1029 4.31 45.68 4.02
CA PHE A 1029 4.47 45.21 5.41
C PHE A 1029 4.56 43.68 5.46
N VAL A 1030 5.28 43.15 6.44
CA VAL A 1030 5.35 41.72 6.74
C VAL A 1030 5.03 41.48 8.22
N LYS A 1031 4.17 40.50 8.50
CA LYS A 1031 3.58 40.26 9.82
C LYS A 1031 3.75 38.80 10.26
N GLY A 1032 4.24 38.60 11.47
CA GLY A 1032 4.51 37.30 12.10
C GLY A 1032 3.35 36.87 13.00
N PRO A 1033 3.23 35.58 13.30
CA PRO A 1033 2.08 35.02 13.99
C PRO A 1033 2.08 35.41 15.46
N GLY A 1034 0.98 35.14 16.16
CA GLY A 1034 0.87 35.42 17.59
C GLY A 1034 1.88 34.63 18.44
N THR A 1035 2.40 35.25 19.49
CA THR A 1035 3.03 34.51 20.59
C THR A 1035 1.93 33.77 21.36
N GLY A 1036 1.98 32.44 21.37
CA GLY A 1036 0.85 31.63 21.86
C GLY A 1036 -0.46 31.95 21.11
N GLY A 1037 -1.55 32.16 21.85
CA GLY A 1037 -2.86 32.55 21.31
C GLY A 1037 -3.00 34.02 20.91
N GLY A 1038 -1.91 34.80 20.85
CA GLY A 1038 -1.94 36.24 20.59
C GLY A 1038 -2.38 36.65 19.18
N ARG A 1039 -2.54 37.97 18.98
CA ARG A 1039 -2.78 38.60 17.67
C ARG A 1039 -1.51 38.63 16.81
N TRP A 1040 -1.64 38.94 15.52
CA TRP A 1040 -0.53 39.23 14.61
C TRP A 1040 0.36 40.39 15.10
N ALA A 1041 1.62 40.45 14.65
CA ALA A 1041 2.54 41.54 14.97
C ALA A 1041 3.43 41.94 13.77
N GLU A 1042 3.75 43.22 13.66
CA GLU A 1042 4.64 43.75 12.62
C GLU A 1042 6.10 43.30 12.83
N ARG A 1043 6.76 42.84 11.77
CA ARG A 1043 8.15 42.33 11.79
C ARG A 1043 9.01 42.80 10.62
N GLY A 1044 8.48 43.65 9.77
CA GLY A 1044 9.24 44.33 8.74
C GLY A 1044 8.35 45.27 7.93
N GLY A 1045 8.94 46.34 7.42
CA GLY A 1045 8.23 47.32 6.62
C GLY A 1045 9.16 48.10 5.73
N ALA A 1046 8.71 48.44 4.53
CA ALA A 1046 9.49 49.18 3.55
C ALA A 1046 8.60 50.02 2.64
N THR A 1047 9.16 51.08 2.08
CA THR A 1047 8.60 51.77 0.92
C THR A 1047 9.34 51.34 -0.33
N VAL A 1048 8.60 51.09 -1.40
CA VAL A 1048 9.10 50.55 -2.68
C VAL A 1048 8.96 51.60 -3.77
N VAL A 1049 9.97 51.73 -4.62
CA VAL A 1049 9.82 52.35 -5.94
C VAL A 1049 10.18 51.30 -7.02
N PRO A 1050 9.28 50.98 -7.97
CA PRO A 1050 9.48 49.92 -8.95
C PRO A 1050 10.38 50.32 -10.14
N ALA A 1051 11.09 51.45 -10.05
CA ALA A 1051 11.87 52.05 -11.13
C ALA A 1051 13.10 52.81 -10.60
N VAL A 1052 14.14 52.94 -11.42
CA VAL A 1052 15.39 53.68 -11.12
C VAL A 1052 15.84 54.55 -12.30
N THR A 1053 16.35 55.74 -12.01
CA THR A 1053 16.70 56.78 -13.01
C THR A 1053 18.20 56.81 -13.35
N ARG A 1054 19.07 56.84 -12.33
CA ARG A 1054 20.54 56.85 -12.45
C ARG A 1054 21.09 55.60 -13.18
N PRO A 1055 22.14 55.73 -14.01
CA PRO A 1055 22.76 54.60 -14.70
C PRO A 1055 23.58 53.72 -13.75
N ALA A 1056 23.92 52.49 -14.18
CA ALA A 1056 24.93 51.67 -13.50
C ALA A 1056 26.34 52.31 -13.65
N PRO A 1057 27.09 52.56 -12.57
CA PRO A 1057 28.42 53.16 -12.63
C PRO A 1057 29.48 52.31 -13.36
N ASP A 1058 30.66 52.88 -13.58
CA ASP A 1058 31.81 52.19 -14.17
C ASP A 1058 32.34 51.04 -13.29
N ARG A 1059 33.05 50.09 -13.90
CA ARG A 1059 33.55 48.86 -13.28
C ARG A 1059 34.74 49.09 -12.34
N VAL A 1060 34.99 48.13 -11.46
CA VAL A 1060 36.21 48.01 -10.63
C VAL A 1060 36.71 46.55 -10.68
N ASP A 1061 38.02 46.33 -10.81
CA ASP A 1061 38.61 44.98 -10.85
C ASP A 1061 38.45 44.27 -9.49
N PRO A 1062 37.63 43.20 -9.37
CA PRO A 1062 37.39 42.58 -8.08
C PRO A 1062 38.66 42.02 -7.46
N GLU A 1063 39.58 41.52 -8.29
CA GLU A 1063 40.83 40.92 -7.83
C GLU A 1063 41.74 41.95 -7.15
N SER A 1064 41.52 43.26 -7.38
CA SER A 1064 42.33 44.35 -6.84
C SER A 1064 41.79 44.89 -5.52
N LEU A 1065 40.57 44.52 -5.12
CA LEU A 1065 39.91 45.03 -3.91
C LEU A 1065 40.66 44.75 -2.59
N PRO A 1066 41.23 43.56 -2.32
CA PRO A 1066 41.71 43.22 -0.98
C PRO A 1066 43.08 43.80 -0.61
N GLU A 1067 43.74 44.54 -1.51
CA GLU A 1067 45.17 44.88 -1.38
C GLU A 1067 45.54 45.70 -0.13
N GLY A 1068 44.61 46.50 0.41
CA GLY A 1068 44.83 47.31 1.61
C GLY A 1068 44.53 46.61 2.94
N LEU A 1069 44.21 45.31 2.95
CA LEU A 1069 43.58 44.59 4.07
C LEU A 1069 44.31 43.27 4.39
N ALA A 1070 44.07 42.69 5.58
CA ALA A 1070 44.65 41.42 6.00
C ALA A 1070 43.62 40.26 5.92
N GLU A 1071 44.04 39.09 5.46
CA GLU A 1071 43.14 37.93 5.31
C GLU A 1071 42.75 37.27 6.66
N LEU A 1072 41.57 36.65 6.72
CA LEU A 1072 41.13 35.72 7.76
C LEU A 1072 40.74 34.37 7.15
N ASP A 1073 40.99 33.28 7.88
CA ASP A 1073 40.48 31.94 7.52
C ASP A 1073 38.95 31.85 7.79
N VAL A 1074 38.22 31.07 7.00
CA VAL A 1074 36.76 30.97 7.11
C VAL A 1074 36.32 30.41 8.47
N ALA A 1075 37.05 29.43 9.02
CA ALA A 1075 36.73 28.83 10.30
C ALA A 1075 36.88 29.84 11.46
N GLU A 1076 37.87 30.73 11.39
CA GLU A 1076 38.01 31.82 12.35
C GLU A 1076 36.81 32.77 12.30
N VAL A 1077 36.29 33.10 11.12
CA VAL A 1077 35.14 33.99 11.00
C VAL A 1077 33.89 33.37 11.61
N TYR A 1078 33.60 32.10 11.33
CA TYR A 1078 32.45 31.44 11.95
C TYR A 1078 32.65 31.14 13.44
N ARG A 1079 33.87 30.94 13.94
CA ARG A 1079 34.13 30.94 15.40
C ARG A 1079 33.88 32.30 16.03
N ARG A 1080 34.31 33.41 15.41
CA ARG A 1080 34.02 34.75 15.94
C ARG A 1080 32.52 34.98 16.03
N LEU A 1081 31.78 34.64 14.99
CA LEU A 1081 30.32 34.75 15.02
C LEU A 1081 29.71 33.91 16.15
N TRP A 1082 30.21 32.70 16.39
CA TRP A 1082 29.73 31.80 17.43
C TRP A 1082 29.85 32.35 18.86
N ARG A 1083 30.77 33.30 19.10
CA ARG A 1083 30.90 33.97 20.40
C ARG A 1083 29.78 34.98 20.65
N GLN A 1084 29.17 35.52 19.59
CA GLN A 1084 27.97 36.35 19.65
C GLN A 1084 26.69 35.52 19.52
N GLY A 1085 26.64 34.34 20.13
CA GLY A 1085 25.58 33.37 19.85
C GLY A 1085 25.64 32.94 18.38
N SER A 1086 24.54 33.03 17.66
CA SER A 1086 24.51 33.17 16.20
C SER A 1086 25.32 32.13 15.41
N ASP A 1087 25.02 30.85 15.60
CA ASP A 1087 25.45 29.81 14.66
C ASP A 1087 24.65 29.87 13.35
N TYR A 1088 25.27 29.51 12.24
CA TYR A 1088 24.67 29.43 10.92
C TYR A 1088 24.68 28.00 10.41
N ALA A 1089 23.52 27.48 10.00
CA ALA A 1089 23.45 26.21 9.29
C ALA A 1089 24.15 26.31 7.92
N GLU A 1090 24.62 25.17 7.39
CA GLU A 1090 25.59 25.12 6.29
C GLU A 1090 25.22 25.90 5.01
N PRO A 1091 23.96 25.94 4.55
CA PRO A 1091 23.58 26.74 3.38
C PRO A 1091 23.82 28.25 3.50
N LEU A 1092 23.94 28.81 4.71
CA LEU A 1092 24.26 30.24 4.93
C LEU A 1092 25.75 30.47 5.17
N ARG A 1093 26.59 29.43 5.24
CA ARG A 1093 28.05 29.54 5.39
C ARG A 1093 28.70 29.85 4.04
N VAL A 1094 28.29 30.97 3.43
CA VAL A 1094 28.61 31.32 2.04
C VAL A 1094 29.89 32.12 1.87
N LEU A 1095 30.54 32.56 2.94
CA LEU A 1095 31.84 33.20 2.86
C LEU A 1095 32.91 32.18 2.42
N ARG A 1096 33.71 32.51 1.39
CA ARG A 1096 34.78 31.63 0.87
C ARG A 1096 36.19 32.11 1.18
N ARG A 1097 36.41 33.42 1.14
CA ARG A 1097 37.61 34.13 1.62
C ARG A 1097 37.17 35.49 2.14
N VAL A 1098 37.85 36.00 3.16
CA VAL A 1098 37.53 37.29 3.78
C VAL A 1098 38.83 38.04 4.06
N TRP A 1099 38.84 39.34 3.82
CA TRP A 1099 39.89 40.25 4.25
C TRP A 1099 39.29 41.42 5.04
N LEU A 1100 39.96 41.87 6.09
CA LEU A 1100 39.48 42.91 6.98
C LEU A 1100 40.60 43.88 7.39
N GLY A 1101 40.29 45.16 7.58
CA GLY A 1101 41.26 46.16 8.04
C GLY A 1101 40.68 47.57 8.16
N GLY A 1102 41.27 48.40 9.03
CA GLY A 1102 40.85 49.79 9.25
C GLY A 1102 39.40 49.88 9.74
N ASP A 1103 38.48 50.26 8.85
CA ASP A 1103 37.03 50.28 9.06
C ASP A 1103 36.26 49.61 7.90
N GLU A 1104 36.87 48.68 7.17
CA GLU A 1104 36.23 47.98 6.05
C GLU A 1104 36.64 46.51 5.90
N ALA A 1105 35.82 45.74 5.19
CA ALA A 1105 36.05 44.34 4.89
C ALA A 1105 35.58 44.01 3.46
N VAL A 1106 36.18 42.98 2.87
CA VAL A 1106 35.79 42.45 1.56
C VAL A 1106 35.77 40.94 1.60
N ALA A 1107 34.96 40.33 0.76
CA ALA A 1107 34.83 38.88 0.71
C ALA A 1107 34.43 38.38 -0.68
N LEU A 1108 34.72 37.10 -0.91
CA LEU A 1108 34.19 36.34 -2.03
C LEU A 1108 33.05 35.46 -1.50
N VAL A 1109 31.88 35.58 -2.12
CA VAL A 1109 30.66 34.86 -1.71
C VAL A 1109 30.35 33.75 -2.71
N GLY A 1110 30.11 32.54 -2.19
CA GLY A 1110 29.84 31.34 -2.98
C GLY A 1110 28.46 31.32 -3.63
N THR A 1111 28.09 30.22 -4.28
CA THR A 1111 26.76 30.08 -4.90
C THR A 1111 25.69 29.94 -3.80
N ALA A 1112 25.08 31.07 -3.43
CA ALA A 1112 24.28 31.24 -2.22
C ALA A 1112 22.84 30.69 -2.38
N ASP A 1113 22.75 29.41 -2.75
CA ASP A 1113 21.62 28.79 -3.43
C ASP A 1113 20.44 28.40 -2.52
N VAL A 1114 19.84 29.41 -1.88
CA VAL A 1114 18.49 29.36 -1.30
C VAL A 1114 17.48 28.93 -2.39
N PRO A 1115 16.42 28.13 -2.08
CA PRO A 1115 15.48 27.62 -3.08
C PRO A 1115 14.90 28.69 -4.01
N THR A 1116 14.77 28.39 -5.30
CA THR A 1116 14.50 29.36 -6.40
C THR A 1116 15.59 30.45 -6.54
N GLY A 1117 16.84 30.08 -6.24
CA GLY A 1117 18.05 30.91 -6.36
C GLY A 1117 18.98 30.56 -7.53
N PRO A 1118 19.23 29.28 -7.88
CA PRO A 1118 19.98 28.92 -9.08
C PRO A 1118 19.32 29.42 -10.38
N SER A 1119 17.98 29.51 -10.39
CA SER A 1119 17.19 30.32 -11.32
C SER A 1119 16.10 31.04 -10.53
N GLY A 1120 15.89 32.33 -10.81
CA GLY A 1120 15.12 33.25 -9.98
C GLY A 1120 15.99 34.10 -9.04
N TRP A 1121 15.36 35.03 -8.31
CA TRP A 1121 16.06 36.04 -7.51
C TRP A 1121 16.49 35.55 -6.13
N SER A 1122 15.98 34.43 -5.63
CA SER A 1122 16.01 34.11 -4.20
C SER A 1122 17.38 33.88 -3.60
N ARG A 1123 18.41 33.70 -4.42
CA ARG A 1123 19.83 33.72 -4.01
C ARG A 1123 20.20 35.01 -3.26
N TRP A 1124 19.51 36.12 -3.50
CA TRP A 1124 19.75 37.37 -2.77
C TRP A 1124 19.60 37.23 -1.26
N ALA A 1125 18.80 36.29 -0.74
CA ALA A 1125 18.64 36.10 0.70
C ALA A 1125 19.96 35.81 1.41
N ALA A 1126 20.72 34.86 0.88
CA ALA A 1126 22.00 34.47 1.46
C ALA A 1126 23.16 35.41 1.09
N VAL A 1127 23.13 36.07 -0.08
CA VAL A 1127 24.12 37.14 -0.36
C VAL A 1127 23.92 38.37 0.52
N LEU A 1128 22.69 38.81 0.76
CA LEU A 1128 22.44 39.88 1.74
C LEU A 1128 22.74 39.43 3.16
N GLU A 1129 22.51 38.17 3.52
CA GLU A 1129 22.95 37.65 4.83
C GLU A 1129 24.48 37.65 4.95
N ALA A 1130 25.22 37.44 3.86
CA ALA A 1130 26.67 37.63 3.88
C ALA A 1130 27.04 39.09 4.19
N ALA A 1131 26.30 40.06 3.67
CA ALA A 1131 26.57 41.45 3.99
C ALA A 1131 26.34 41.73 5.48
N VAL A 1132 25.30 41.16 6.08
CA VAL A 1132 25.07 41.25 7.53
C VAL A 1132 26.19 40.55 8.32
N GLN A 1133 26.60 39.34 7.93
CA GLN A 1133 27.70 38.64 8.60
C GLN A 1133 28.97 39.48 8.62
N LEU A 1134 29.37 40.05 7.48
CA LEU A 1134 30.58 40.87 7.42
C LEU A 1134 30.43 42.18 8.18
N ALA A 1135 29.25 42.81 8.15
CA ALA A 1135 29.00 43.99 8.96
C ALA A 1135 29.10 43.69 10.45
N ALA A 1136 28.60 42.53 10.88
CA ALA A 1136 28.66 42.09 12.26
C ALA A 1136 30.10 41.76 12.71
N LEU A 1137 30.90 41.14 11.84
CA LEU A 1137 32.29 40.76 12.12
C LEU A 1137 33.17 41.93 12.59
N SER A 1138 32.89 43.15 12.14
CA SER A 1138 33.61 44.37 12.53
C SER A 1138 33.37 44.85 13.96
N GLY A 1139 32.32 44.37 14.64
CA GLY A 1139 31.85 44.90 15.93
C GLY A 1139 32.44 44.21 17.17
N SER A 1140 31.80 44.44 18.32
CA SER A 1140 31.98 43.63 19.55
C SER A 1140 30.66 43.43 20.30
N GLY A 1141 30.50 42.29 20.98
CA GLY A 1141 29.23 41.87 21.58
C GLY A 1141 28.12 41.53 20.57
N PRO A 1142 27.02 40.88 21.00
CA PRO A 1142 25.91 40.51 20.13
C PRO A 1142 25.17 41.73 19.58
N ARG A 1143 24.73 41.64 18.32
CA ARG A 1143 24.01 42.67 17.57
C ARG A 1143 23.16 42.08 16.46
N THR A 1144 22.11 42.78 16.01
CA THR A 1144 21.24 42.35 14.89
C THR A 1144 20.66 43.56 14.15
N PRO A 1145 20.37 43.52 12.84
CA PRO A 1145 19.93 44.70 12.09
C PRO A 1145 18.58 45.28 12.52
N VAL A 1146 18.46 46.60 12.44
CA VAL A 1146 17.23 47.35 12.81
C VAL A 1146 16.72 48.19 11.65
N SER A 1147 17.62 48.83 10.91
CA SER A 1147 17.29 49.65 9.74
C SER A 1147 18.27 49.44 8.60
N VAL A 1148 17.75 49.58 7.38
CA VAL A 1148 18.50 49.82 6.15
C VAL A 1148 17.81 50.98 5.44
N ASP A 1149 18.44 52.14 5.34
CA ASP A 1149 17.78 53.31 4.75
C ASP A 1149 17.66 53.28 3.24
N ARG A 1150 18.60 52.66 2.52
CA ARG A 1150 18.45 52.35 1.08
C ARG A 1150 18.97 50.97 0.74
N LEU A 1151 18.24 50.28 -0.14
CA LEU A 1151 18.66 49.06 -0.80
C LEU A 1151 18.26 49.16 -2.27
N GLU A 1152 19.19 48.93 -3.18
CA GLU A 1152 18.96 49.03 -4.62
C GLU A 1152 19.52 47.80 -5.31
N VAL A 1153 18.74 47.18 -6.19
CA VAL A 1153 19.01 45.84 -6.70
C VAL A 1153 18.70 45.74 -8.19
N SER A 1154 19.53 45.03 -8.97
CA SER A 1154 19.32 44.81 -10.39
C SER A 1154 19.72 43.42 -10.83
N GLY A 1155 18.76 42.59 -11.22
CA GLY A 1155 18.96 41.19 -11.58
C GLY A 1155 19.43 40.28 -10.44
N PRO A 1156 19.55 38.96 -10.67
CA PRO A 1156 20.10 38.02 -9.68
C PRO A 1156 21.61 38.17 -9.46
N PRO A 1157 22.16 37.63 -8.35
CA PRO A 1157 23.61 37.47 -8.16
C PRO A 1157 24.22 36.38 -9.07
N SER A 1158 25.37 36.67 -9.66
CA SER A 1158 26.20 35.71 -10.38
C SER A 1158 26.86 34.67 -9.46
N GLU A 1159 27.32 33.53 -10.00
CA GLU A 1159 27.96 32.46 -9.23
C GLU A 1159 29.27 32.87 -8.54
N VAL A 1160 29.90 33.95 -8.98
CA VAL A 1160 30.86 34.74 -8.19
C VAL A 1160 30.28 36.12 -7.95
N VAL A 1161 30.18 36.55 -6.70
CA VAL A 1161 30.02 37.97 -6.35
C VAL A 1161 30.99 38.38 -5.27
N TRP A 1162 31.53 39.58 -5.41
CA TRP A 1162 32.47 40.19 -4.48
C TRP A 1162 31.73 41.25 -3.68
N LEU A 1163 31.85 41.20 -2.36
CA LEU A 1163 31.25 42.16 -1.45
C LEU A 1163 32.31 43.10 -0.93
N ARG A 1164 32.02 44.39 -0.89
CA ARG A 1164 32.75 45.39 -0.10
C ARG A 1164 31.82 46.02 0.91
N VAL A 1165 32.24 46.12 2.16
CA VAL A 1165 31.47 46.69 3.27
C VAL A 1165 32.33 47.72 4.00
N ARG A 1166 31.79 48.91 4.26
CA ARG A 1166 32.53 50.01 4.92
C ARG A 1166 31.74 50.59 6.10
N HIS A 1167 32.42 50.88 7.20
CA HIS A 1167 31.83 51.39 8.45
C HIS A 1167 32.14 52.87 8.67
N GLY A 1168 31.94 53.71 7.65
CA GLY A 1168 32.36 55.12 7.67
C GLY A 1168 31.60 55.98 8.70
N ALA A 1169 30.27 55.99 8.63
CA ALA A 1169 29.41 56.72 9.56
C ALA A 1169 29.33 56.08 10.95
N ASP A 1170 29.07 56.88 11.99
CA ASP A 1170 28.95 56.41 13.37
C ASP A 1170 27.74 55.48 13.55
N GLY A 1171 27.95 54.26 14.05
CA GLY A 1171 26.91 53.26 14.28
C GLY A 1171 26.24 52.69 13.01
N ALA A 1172 26.79 52.93 11.82
CA ALA A 1172 26.18 52.60 10.53
C ALA A 1172 27.19 52.05 9.52
N ALA A 1173 26.70 51.40 8.47
CA ALA A 1173 27.51 50.74 7.45
C ALA A 1173 26.88 50.83 6.05
N ASP A 1174 27.73 50.81 5.03
CA ASP A 1174 27.37 50.79 3.62
C ASP A 1174 28.01 49.58 2.93
N ALA A 1175 27.38 49.03 1.88
CA ALA A 1175 27.85 47.85 1.19
C ALA A 1175 27.55 47.85 -0.32
N VAL A 1176 28.39 47.20 -1.11
CA VAL A 1176 28.25 47.11 -2.57
C VAL A 1176 28.54 45.69 -3.04
N VAL A 1177 27.78 45.20 -4.02
CA VAL A 1177 27.93 43.86 -4.60
C VAL A 1177 28.32 43.96 -6.08
N LEU A 1178 29.44 43.33 -6.45
CA LEU A 1178 30.02 43.36 -7.79
C LEU A 1178 30.12 41.95 -8.38
N SER A 1179 29.89 41.80 -9.68
CA SER A 1179 30.09 40.54 -10.41
C SER A 1179 31.57 40.24 -10.66
N GLY A 1180 31.91 39.01 -11.10
CA GLY A 1180 33.30 38.65 -11.44
C GLY A 1180 33.89 39.50 -12.57
N GLU A 1181 33.06 39.96 -13.50
CA GLU A 1181 33.41 40.90 -14.57
C GLU A 1181 33.51 42.37 -14.08
N GLY A 1182 33.35 42.63 -12.78
CA GLY A 1182 33.38 43.96 -12.20
C GLY A 1182 32.10 44.77 -12.38
N VAL A 1183 30.98 44.16 -12.78
CA VAL A 1183 29.71 44.87 -13.03
C VAL A 1183 28.90 45.05 -11.73
N ARG A 1184 28.26 46.21 -11.55
CA ARG A 1184 27.35 46.49 -10.41
C ARG A 1184 26.13 45.57 -10.43
N LEU A 1185 25.80 44.94 -9.29
CA LEU A 1185 24.59 44.12 -9.11
C LEU A 1185 23.62 44.67 -8.06
N ALA A 1186 24.12 45.08 -6.88
CA ALA A 1186 23.31 45.67 -5.81
C ALA A 1186 24.14 46.61 -4.92
N ALA A 1187 23.48 47.49 -4.19
CA ALA A 1187 24.10 48.38 -3.23
C ALA A 1187 23.17 48.68 -2.05
N VAL A 1188 23.76 48.93 -0.89
CA VAL A 1188 23.07 49.13 0.38
C VAL A 1188 23.69 50.31 1.12
N GLN A 1189 22.90 51.19 1.70
CA GLN A 1189 23.39 52.32 2.49
C GLN A 1189 22.60 52.47 3.78
N GLY A 1190 23.28 52.89 4.84
CA GLY A 1190 22.66 53.15 6.14
C GLY A 1190 22.10 51.90 6.80
N LEU A 1191 22.82 50.77 6.70
CA LEU A 1191 22.58 49.59 7.53
C LEU A 1191 22.97 49.93 8.97
N ARG A 1192 22.11 49.67 9.95
CA ARG A 1192 22.42 49.86 11.37
C ARG A 1192 22.04 48.64 12.19
N LEU A 1193 22.88 48.34 13.18
CA LEU A 1193 22.66 47.30 14.18
C LEU A 1193 22.60 47.87 15.62
N ARG A 1194 23.15 49.06 15.85
CA ARG A 1194 23.35 49.67 17.20
C ARG A 1194 22.10 49.76 18.10
N PRO A 1195 20.87 50.04 17.61
CA PRO A 1195 19.68 50.07 18.47
C PRO A 1195 19.22 48.68 18.95
N MET A 1196 19.72 47.60 18.34
CA MET A 1196 19.59 46.22 18.81
C MET A 1196 20.97 45.57 19.06
N ALA A 1197 21.97 46.37 19.45
CA ALA A 1197 23.10 45.84 20.18
C ALA A 1197 22.65 45.31 21.54
N GLY A 1198 23.21 44.19 21.99
CA GLY A 1198 23.04 43.69 23.37
C GLY A 1198 21.64 43.20 23.74
N ARG A 1199 20.84 42.71 22.78
CA ARG A 1199 19.46 42.23 23.06
C ARG A 1199 19.43 40.92 23.86
N GLU A 1200 18.34 40.73 24.62
CA GLU A 1200 18.29 39.83 25.78
C GLU A 1200 18.41 38.34 25.45
N PRO A 1201 19.49 37.64 25.85
CA PRO A 1201 19.63 36.22 25.59
C PRO A 1201 18.69 35.37 26.46
N ALA A 1202 18.34 35.81 27.66
CA ALA A 1202 17.51 35.05 28.59
C ALA A 1202 16.11 34.69 28.03
N GLY A 1203 15.57 35.49 27.11
CA GLY A 1203 14.30 35.19 26.44
C GLY A 1203 14.44 34.34 25.19
N LEU A 1204 15.63 34.26 24.61
CA LEU A 1204 15.94 33.52 23.39
C LEU A 1204 16.42 32.09 23.66
N ALA A 1205 16.87 31.78 24.86
CA ALA A 1205 17.38 30.46 25.22
C ALA A 1205 16.29 29.38 25.13
N GLU A 1206 16.67 28.17 24.69
CA GLU A 1206 15.77 27.03 24.57
C GLU A 1206 15.76 26.14 25.85
N ALA A 1207 16.80 26.21 26.68
CA ALA A 1207 17.01 25.33 27.82
C ALA A 1207 16.05 25.61 29.01
N PRO A 1208 15.35 24.60 29.55
CA PRO A 1208 14.49 24.74 30.71
C PRO A 1208 15.28 24.79 32.03
N LEU A 1209 14.64 25.20 33.12
CA LEU A 1209 15.21 25.13 34.47
C LEU A 1209 15.30 23.67 34.92
N GLU A 1210 16.46 23.25 35.43
CA GLU A 1210 16.72 21.87 35.80
C GLU A 1210 17.59 21.77 37.06
N ARG A 1211 17.54 20.61 37.72
CA ARG A 1211 18.39 20.29 38.86
C ARG A 1211 19.65 19.61 38.32
N HIS A 1212 20.81 20.10 38.72
CA HIS A 1212 22.13 19.62 38.29
C HIS A 1212 22.85 18.96 39.46
N GLU A 1213 23.37 17.75 39.27
CA GLU A 1213 24.01 16.96 40.32
C GLU A 1213 25.29 16.31 39.83
N VAL A 1214 26.34 16.36 40.65
CA VAL A 1214 27.55 15.57 40.41
C VAL A 1214 27.32 14.19 40.98
N VAL A 1215 27.15 13.22 40.10
CA VAL A 1215 26.84 11.82 40.44
C VAL A 1215 28.08 10.98 40.28
N TRP A 1216 28.42 10.21 41.31
CA TRP A 1216 29.47 9.19 41.21
C TRP A 1216 28.94 7.91 40.58
N HIS A 1217 29.62 7.43 39.55
CA HIS A 1217 29.41 6.12 38.93
C HIS A 1217 30.59 5.22 39.28
N ALA A 1218 30.35 3.98 39.72
CA ALA A 1218 31.43 3.02 39.92
C ALA A 1218 32.03 2.54 38.59
N LEU A 1219 33.36 2.34 38.52
CA LEU A 1219 34.08 1.87 37.34
C LEU A 1219 34.14 0.33 37.22
N ALA A 1220 33.03 -0.38 37.45
CA ALA A 1220 33.01 -1.84 37.39
C ALA A 1220 33.42 -2.43 36.01
N GLU A 1221 33.10 -1.74 34.91
CA GLU A 1221 33.51 -2.12 33.55
C GLU A 1221 34.96 -1.71 33.17
N ASP A 1222 35.69 -1.00 34.03
CA ASP A 1222 37.00 -0.37 33.69
C ASP A 1222 38.04 -0.54 34.81
N GLY A 1223 37.86 -1.53 35.68
CA GLY A 1223 38.65 -1.76 36.89
C GLY A 1223 40.00 -2.44 36.64
N ARG A 1224 40.70 -2.05 35.58
CA ARG A 1224 41.94 -2.68 35.08
C ARG A 1224 43.03 -1.64 34.87
N PRO A 1225 43.91 -1.39 35.86
CA PRO A 1225 44.84 -0.26 35.83
C PRO A 1225 45.74 -0.19 34.61
N GLY A 1226 46.13 -1.33 34.02
CA GLY A 1226 46.98 -1.37 32.83
C GLY A 1226 48.39 -0.78 33.03
N ALA A 1227 49.13 -0.61 31.94
CA ALA A 1227 50.54 -0.26 31.98
C ALA A 1227 50.79 1.22 32.34
N ILE A 1228 51.77 1.48 33.20
CA ILE A 1228 52.37 2.81 33.33
C ILE A 1228 53.17 3.18 32.06
N GLY A 1229 53.77 2.19 31.41
CA GLY A 1229 54.56 2.36 30.20
C GLY A 1229 56.01 2.72 30.48
N GLY A 1230 56.81 2.76 29.42
CA GLY A 1230 58.24 3.12 29.46
C GLY A 1230 58.49 4.63 29.50
N GLY A 1231 59.52 5.07 28.79
CA GLY A 1231 59.97 6.46 28.75
C GLY A 1231 60.89 6.82 29.92
N THR A 1232 61.78 7.78 29.69
CA THR A 1232 62.80 8.20 30.66
C THR A 1232 62.29 9.20 31.71
N GLY A 1233 61.12 9.80 31.51
CA GLY A 1233 60.57 10.81 32.41
C GLY A 1233 60.24 10.25 33.81
N SER A 1234 60.82 10.86 34.85
CA SER A 1234 60.60 10.49 36.24
C SER A 1234 59.29 11.02 36.83
N TRP A 1235 58.87 10.44 37.96
CA TRP A 1235 57.75 10.91 38.77
C TRP A 1235 58.26 11.59 40.04
N LEU A 1236 57.90 12.85 40.25
CA LEU A 1236 58.11 13.52 41.52
C LEU A 1236 56.99 13.13 42.48
N VAL A 1237 57.32 12.79 43.72
CA VAL A 1237 56.32 12.55 44.77
C VAL A 1237 56.54 13.53 45.91
N PHE A 1238 55.49 14.25 46.29
CA PHE A 1238 55.46 15.11 47.46
C PHE A 1238 54.33 14.69 48.39
N SER A 1239 54.56 14.74 49.70
CA SER A 1239 53.53 14.49 50.71
C SER A 1239 53.77 15.34 51.96
N ASP A 1240 52.72 15.55 52.73
CA ASP A 1240 52.82 16.03 54.11
C ASP A 1240 53.60 15.06 55.03
N ASP A 1241 53.68 13.77 54.67
CA ASP A 1241 54.40 12.72 55.41
C ASP A 1241 55.57 12.17 54.57
N PRO A 1242 56.84 12.42 54.95
CA PRO A 1242 57.99 11.89 54.24
C PRO A 1242 58.01 10.36 54.16
N GLU A 1243 57.43 9.69 55.16
CA GLU A 1243 57.26 8.23 55.17
C GLU A 1243 56.26 7.75 54.10
N ARG A 1244 55.19 8.48 53.83
CA ARG A 1244 54.26 8.14 52.75
C ARG A 1244 54.90 8.39 51.39
N ALA A 1245 55.71 9.45 51.28
CA ALA A 1245 56.50 9.68 50.07
C ALA A 1245 57.51 8.53 49.84
N ALA A 1246 58.20 8.08 50.89
CA ALA A 1246 59.15 6.97 50.82
C ALA A 1246 58.46 5.67 50.36
N ALA A 1247 57.30 5.34 50.92
CA ALA A 1247 56.54 4.16 50.54
C ALA A 1247 56.23 4.14 49.03
N TRP A 1248 55.73 5.24 48.47
CA TRP A 1248 55.45 5.31 47.04
C TRP A 1248 56.72 5.29 46.19
N CYS A 1249 57.82 5.90 46.65
CA CYS A 1249 59.08 5.87 45.90
C CYS A 1249 59.66 4.46 45.82
N ASP A 1250 59.57 3.67 46.89
CA ASP A 1250 59.95 2.26 46.85
C ASP A 1250 59.06 1.47 45.87
N GLU A 1251 57.74 1.60 45.93
CA GLU A 1251 56.87 0.89 45.00
C GLU A 1251 57.19 1.20 43.54
N LEU A 1252 57.38 2.48 43.17
CA LEU A 1252 57.73 2.81 41.80
C LEU A 1252 59.09 2.22 41.40
N ALA A 1253 60.05 2.19 42.31
CA ALA A 1253 61.36 1.58 42.04
C ALA A 1253 61.24 0.07 41.78
N LEU A 1254 60.39 -0.65 42.53
CA LEU A 1254 60.17 -2.09 42.32
C LEU A 1254 59.57 -2.37 40.94
N PHE A 1255 58.68 -1.53 40.44
CA PHE A 1255 58.16 -1.61 39.08
C PHE A 1255 59.07 -0.99 38.01
N GLY A 1256 60.24 -0.48 38.38
CA GLY A 1256 61.24 0.06 37.45
C GLY A 1256 60.92 1.45 36.88
N VAL A 1257 60.03 2.22 37.51
CA VAL A 1257 59.69 3.60 37.10
C VAL A 1257 60.48 4.57 37.99
N PRO A 1258 61.32 5.45 37.44
CA PRO A 1258 62.20 6.31 38.23
C PRO A 1258 61.42 7.41 38.96
N ALA A 1259 61.76 7.68 40.21
CA ALA A 1259 61.03 8.63 41.05
C ALA A 1259 61.92 9.33 42.08
N VAL A 1260 61.46 10.48 42.58
CA VAL A 1260 62.17 11.37 43.51
C VAL A 1260 61.25 11.79 44.64
N ALA A 1261 61.75 11.87 45.87
CA ALA A 1261 60.98 12.26 47.04
C ALA A 1261 61.22 13.70 47.46
N LEU A 1262 60.14 14.46 47.67
CA LEU A 1262 60.14 15.86 48.12
C LEU A 1262 59.27 16.04 49.37
N ALA A 1263 59.66 16.95 50.26
CA ALA A 1263 58.93 17.24 51.50
C ALA A 1263 58.93 18.75 51.86
N GLY A 1264 57.93 19.20 52.63
CA GLY A 1264 57.87 20.57 53.15
C GLY A 1264 58.87 20.77 54.29
N GLU A 1265 59.50 21.94 54.36
CA GLU A 1265 60.64 22.19 55.27
C GLU A 1265 60.26 22.39 56.75
N ASP A 1266 59.01 22.21 57.12
CA ASP A 1266 58.60 21.97 58.52
C ASP A 1266 58.76 20.50 58.96
N ALA A 1267 58.99 19.56 58.03
CA ALA A 1267 59.43 18.20 58.34
C ALA A 1267 60.92 18.15 58.77
N GLU A 1268 61.34 17.05 59.39
CA GLU A 1268 62.73 16.83 59.81
C GLU A 1268 63.71 16.75 58.63
N GLY A 1269 65.00 16.95 58.89
CA GLY A 1269 66.10 16.84 57.94
C GLY A 1269 66.46 15.38 57.57
N ARG A 1270 65.47 14.58 57.18
CA ARG A 1270 65.59 13.17 56.77
C ARG A 1270 66.51 13.02 55.56
N ASP A 1271 67.44 12.06 55.59
CA ASP A 1271 68.41 11.81 54.51
C ASP A 1271 67.80 11.19 53.25
N GLY A 1272 66.55 10.70 53.34
CA GLY A 1272 65.82 10.04 52.26
C GLY A 1272 64.98 10.92 51.33
N THR A 1273 64.91 12.25 51.54
CA THR A 1273 64.17 13.16 50.64
C THR A 1273 64.89 14.47 50.38
N GLU A 1274 64.58 15.11 49.25
CA GLU A 1274 64.81 16.55 49.05
C GLU A 1274 63.70 17.34 49.75
N THR A 1275 63.82 18.68 49.83
CA THR A 1275 62.82 19.53 50.49
C THR A 1275 62.53 20.83 49.75
N VAL A 1276 61.39 21.44 50.05
CA VAL A 1276 60.89 22.67 49.39
C VAL A 1276 60.48 23.69 50.47
N PRO A 1277 60.78 24.99 50.33
CA PRO A 1277 60.48 26.03 51.33
C PRO A 1277 59.00 26.43 51.44
N VAL A 1278 58.08 25.50 51.18
CA VAL A 1278 56.62 25.63 51.41
C VAL A 1278 56.36 26.06 52.86
N GLY A 1279 55.31 26.84 53.08
CA GLY A 1279 55.09 27.61 54.32
C GLY A 1279 55.54 29.06 54.15
N THR A 1280 56.55 29.30 53.31
CA THR A 1280 56.69 30.58 52.58
C THR A 1280 55.61 30.61 51.51
N GLY A 1281 54.90 31.72 51.32
CA GLY A 1281 53.81 31.81 50.36
C GLY A 1281 54.22 31.99 48.89
N ASP A 1282 55.52 32.02 48.58
CA ASP A 1282 56.06 32.68 47.38
C ASP A 1282 56.56 31.70 46.31
N PRO A 1283 55.98 31.70 45.09
CA PRO A 1283 56.46 30.92 43.96
C PRO A 1283 57.90 31.21 43.52
N ASP A 1284 58.51 32.34 43.89
CA ASP A 1284 59.91 32.63 43.51
C ASP A 1284 60.90 31.67 44.20
N VAL A 1285 60.86 31.54 45.53
CA VAL A 1285 61.75 30.61 46.25
C VAL A 1285 61.43 29.16 45.92
N VAL A 1286 60.16 28.83 45.65
CA VAL A 1286 59.79 27.50 45.18
C VAL A 1286 60.36 27.25 43.78
N GLY A 1287 60.23 28.19 42.85
CA GLY A 1287 60.77 28.09 41.50
C GLY A 1287 62.28 27.93 41.50
N LYS A 1288 62.99 28.76 42.26
CA LYS A 1288 64.44 28.65 42.45
C LYS A 1288 64.85 27.32 43.10
N THR A 1289 63.97 26.67 43.87
CA THR A 1289 64.19 25.31 44.38
C THR A 1289 63.94 24.24 43.32
N PHE A 1290 62.79 24.24 42.64
CA PHE A 1290 62.48 23.25 41.61
C PHE A 1290 63.38 23.35 40.37
N ALA A 1291 63.91 24.53 40.05
CA ALA A 1291 64.92 24.70 39.01
C ALA A 1291 66.19 23.89 39.29
N GLU A 1292 66.53 23.63 40.56
CA GLU A 1292 67.71 22.83 40.90
C GLU A 1292 67.63 21.44 40.30
N LEU A 1293 66.46 20.80 40.27
CA LEU A 1293 66.30 19.49 39.63
C LEU A 1293 66.57 19.54 38.12
N ARG A 1294 66.22 20.63 37.44
CA ARG A 1294 66.52 20.83 36.01
C ARG A 1294 68.02 21.07 35.77
N GLU A 1295 68.68 21.82 36.65
CA GLU A 1295 70.15 21.99 36.61
C GLU A 1295 70.89 20.68 36.93
N ARG A 1296 70.34 19.87 37.84
CA ARG A 1296 70.79 18.51 38.21
C ARG A 1296 70.54 17.46 37.10
N GLY A 1297 69.89 17.85 36.00
CA GLY A 1297 69.64 17.03 34.82
C GLY A 1297 68.36 16.17 34.82
N VAL A 1298 67.49 16.32 35.83
CA VAL A 1298 66.27 15.50 35.97
C VAL A 1298 65.24 15.83 34.88
N THR A 1299 64.65 14.80 34.27
CA THR A 1299 63.52 14.92 33.33
C THR A 1299 62.24 14.43 33.99
N VAL A 1300 61.14 15.18 33.89
CA VAL A 1300 59.91 14.88 34.63
C VAL A 1300 58.73 14.53 33.71
N ALA A 1301 58.10 13.38 33.95
CA ALA A 1301 56.83 12.99 33.36
C ALA A 1301 55.63 13.49 34.17
N GLY A 1302 55.71 13.54 35.49
CA GLY A 1302 54.59 13.98 36.33
C GLY A 1302 54.89 14.15 37.82
N LEU A 1303 53.91 14.69 38.53
CA LEU A 1303 53.96 15.05 39.93
C LEU A 1303 52.76 14.46 40.68
N LEU A 1304 53.00 13.80 41.81
CA LEU A 1304 51.98 13.39 42.77
C LEU A 1304 52.07 14.30 43.99
N VAL A 1305 50.95 14.92 44.36
CA VAL A 1305 50.83 15.70 45.60
C VAL A 1305 49.89 14.94 46.53
N HIS A 1306 50.34 14.61 47.73
CA HIS A 1306 49.59 13.80 48.69
C HIS A 1306 49.37 14.56 50.02
N ASP A 1307 48.23 14.30 50.67
CA ASP A 1307 47.69 15.13 51.75
C ASP A 1307 47.43 14.35 53.04
N ALA A 1308 47.72 14.94 54.20
CA ALA A 1308 47.56 14.33 55.53
C ALA A 1308 46.10 14.13 56.00
N GLY A 1309 45.11 14.71 55.34
CA GLY A 1309 43.72 14.72 55.81
C GLY A 1309 43.54 15.56 57.09
N ASP A 1310 42.63 15.13 57.97
CA ASP A 1310 42.33 15.83 59.23
C ASP A 1310 43.43 15.71 60.30
N ALA A 1311 44.42 14.83 60.13
CA ALA A 1311 45.46 14.53 61.12
C ALA A 1311 46.29 15.76 61.58
N ARG A 1312 46.28 16.85 60.79
CA ARG A 1312 46.88 18.15 61.17
C ARG A 1312 46.27 18.73 62.46
N GLU A 1313 45.02 18.42 62.78
CA GLU A 1313 44.38 18.86 64.03
C GLU A 1313 45.02 18.21 65.27
N PRO A 1314 44.98 16.87 65.49
CA PRO A 1314 45.64 16.24 66.64
C PRO A 1314 47.16 16.39 66.65
N ALA A 1315 47.81 16.58 65.49
CA ALA A 1315 49.23 16.89 65.40
C ALA A 1315 49.62 18.30 65.93
N SER A 1316 48.66 19.21 66.11
CA SER A 1316 48.90 20.61 66.51
C SER A 1316 48.07 21.12 67.70
N GLY A 1317 46.95 20.46 68.03
CA GLY A 1317 45.95 20.96 68.98
C GLY A 1317 44.98 22.00 68.40
N ALA A 1318 45.08 22.31 67.09
CA ALA A 1318 44.20 23.26 66.42
C ALA A 1318 42.77 22.71 66.18
N ASP A 1319 41.79 23.61 66.14
CA ASP A 1319 40.36 23.29 65.94
C ASP A 1319 39.66 24.49 65.25
N ASP A 1320 40.04 24.76 64.00
CA ASP A 1320 39.82 26.04 63.30
C ASP A 1320 39.51 25.86 61.79
N PRO A 1321 38.38 25.26 61.39
CA PRO A 1321 38.16 24.77 60.02
C PRO A 1321 38.47 25.75 58.88
N LEU A 1322 38.11 27.02 59.02
CA LEU A 1322 38.40 28.02 58.00
C LEU A 1322 39.91 28.32 57.88
N ASP A 1323 40.61 28.40 59.00
CA ASP A 1323 42.07 28.56 58.99
C ASP A 1323 42.77 27.29 58.52
N ALA A 1324 42.20 26.10 58.80
CA ALA A 1324 42.71 24.85 58.26
C ALA A 1324 42.67 24.83 56.72
N ALA A 1325 41.60 25.34 56.10
CA ALA A 1325 41.56 25.57 54.65
C ALA A 1325 42.58 26.64 54.21
N CYS A 1326 42.72 27.75 54.94
CA CYS A 1326 43.71 28.78 54.59
C CYS A 1326 45.16 28.28 54.57
N ARG A 1327 45.56 27.45 55.56
CA ARG A 1327 46.89 26.83 55.59
C ARG A 1327 47.11 25.89 54.41
N ARG A 1328 46.13 25.01 54.15
CA ARG A 1328 46.22 23.95 53.12
C ARG A 1328 46.26 24.49 51.69
N GLY A 1329 45.47 25.51 51.38
CA GLY A 1329 45.40 26.06 50.04
C GLY A 1329 46.71 26.72 49.61
N GLY A 1330 47.20 27.68 50.40
CA GLY A 1330 48.43 28.42 50.08
C GLY A 1330 49.65 27.54 49.90
N ARG A 1331 49.84 26.54 50.77
CA ARG A 1331 50.95 25.58 50.69
C ARG A 1331 50.91 24.77 49.38
N THR A 1332 49.73 24.32 48.98
CA THR A 1332 49.56 23.58 47.73
C THR A 1332 49.75 24.49 46.51
N LEU A 1333 49.17 25.70 46.52
CA LEU A 1333 49.31 26.69 45.44
C LEU A 1333 50.78 27.05 45.19
N ALA A 1334 51.54 27.30 46.25
CA ALA A 1334 52.95 27.66 46.11
C ALA A 1334 53.73 26.54 45.41
N LEU A 1335 53.49 25.28 45.80
CA LEU A 1335 54.15 24.12 45.21
C LEU A 1335 53.74 23.90 43.76
N VAL A 1336 52.44 23.85 43.49
CA VAL A 1336 51.91 23.56 42.15
C VAL A 1336 52.26 24.67 41.16
N ARG A 1337 52.12 25.95 41.52
CA ARG A 1337 52.54 27.03 40.63
C ARG A 1337 54.04 26.99 40.37
N GLY A 1338 54.85 26.71 41.39
CA GLY A 1338 56.29 26.59 41.23
C GLY A 1338 56.67 25.52 40.21
N PHE A 1339 56.11 24.32 40.36
CA PHE A 1339 56.35 23.24 39.41
C PHE A 1339 55.90 23.59 37.99
N LEU A 1340 54.73 24.21 37.83
CA LEU A 1340 54.22 24.58 36.51
C LEU A 1340 55.16 25.56 35.81
N GLN A 1341 55.53 26.67 36.47
CA GLN A 1341 56.43 27.67 35.89
C GLN A 1341 57.75 27.07 35.41
N GLU A 1342 58.32 26.14 36.17
CA GLU A 1342 59.62 25.54 35.86
C GLU A 1342 59.58 24.44 34.78
N TYR A 1343 58.42 23.81 34.49
CA TYR A 1343 58.39 22.57 33.70
C TYR A 1343 57.29 22.46 32.64
N ALA A 1344 56.35 23.40 32.53
CA ALA A 1344 55.19 23.24 31.62
C ALA A 1344 55.56 22.91 30.17
N GLU A 1345 56.72 23.33 29.67
CA GLU A 1345 57.22 23.02 28.33
C GLU A 1345 57.50 21.53 28.09
N GLN A 1346 57.76 20.74 29.15
CA GLN A 1346 57.94 19.29 29.08
C GLN A 1346 56.60 18.53 28.98
N THR A 1347 55.46 19.22 29.08
CA THR A 1347 54.09 18.66 29.15
C THR A 1347 53.93 17.63 30.29
N PRO A 1348 54.20 17.99 31.56
CA PRO A 1348 54.01 17.09 32.69
C PRO A 1348 52.54 16.74 32.93
N ARG A 1349 52.30 15.67 33.70
CA ARG A 1349 51.00 15.28 34.25
C ARG A 1349 50.93 15.54 35.75
N ILE A 1350 49.90 16.21 36.23
CA ILE A 1350 49.73 16.61 37.63
C ILE A 1350 48.65 15.75 38.27
N VAL A 1351 48.94 15.05 39.37
CA VAL A 1351 47.96 14.29 40.14
C VAL A 1351 47.88 14.85 41.55
N LEU A 1352 46.70 15.31 41.95
CA LEU A 1352 46.43 15.76 43.30
C LEU A 1352 45.63 14.67 44.04
N CYS A 1353 46.17 14.20 45.16
CA CYS A 1353 45.59 13.14 45.95
C CYS A 1353 45.06 13.71 47.27
N SER A 1354 43.76 13.99 47.33
CA SER A 1354 43.05 14.39 48.55
C SER A 1354 42.62 13.17 49.37
N ALA A 1355 42.11 13.42 50.57
CA ALA A 1355 41.42 12.37 51.33
C ALA A 1355 40.13 12.91 51.97
N GLY A 1356 39.02 12.20 51.78
CA GLY A 1356 37.71 12.59 52.32
C GLY A 1356 37.16 13.90 51.75
N ALA A 1357 37.57 14.30 50.55
CA ALA A 1357 37.07 15.49 49.86
C ALA A 1357 35.77 15.24 49.05
N ALA A 1358 35.54 14.00 48.59
CA ALA A 1358 34.42 13.67 47.72
C ALA A 1358 33.13 13.43 48.51
N ALA A 1359 32.07 14.16 48.16
CA ALA A 1359 30.73 13.98 48.71
C ALA A 1359 30.02 12.74 48.14
N GLY A 1360 29.05 12.18 48.87
CA GLY A 1360 28.09 11.17 48.37
C GLY A 1360 28.56 9.71 48.37
N LEU A 1361 29.87 9.45 48.47
CA LEU A 1361 30.42 8.11 48.66
C LEU A 1361 30.20 7.62 50.11
N ALA A 1362 30.22 6.30 50.32
CA ALA A 1362 29.86 5.67 51.60
C ALA A 1362 30.85 5.90 52.76
N GLY A 1363 32.06 6.40 52.49
CA GLY A 1363 33.18 6.53 53.44
C GLY A 1363 33.08 7.63 54.50
N GLY A 1364 31.88 7.88 55.06
CA GLY A 1364 31.63 8.89 56.09
C GLY A 1364 31.56 10.34 55.59
N PRO A 1365 31.20 11.30 56.46
CA PRO A 1365 31.08 12.71 56.09
C PRO A 1365 32.44 13.35 55.78
N PRO A 1366 32.54 14.19 54.74
CA PRO A 1366 33.77 14.91 54.41
C PRO A 1366 34.16 15.92 55.50
N HIS A 1367 35.40 16.40 55.45
CA HIS A 1367 35.89 17.53 56.26
C HIS A 1367 36.05 18.77 55.37
N PRO A 1368 35.52 19.95 55.73
CA PRO A 1368 35.58 21.13 54.86
C PRO A 1368 36.99 21.61 54.51
N ALA A 1369 37.98 21.31 55.34
CA ALA A 1369 39.35 21.80 55.14
C ALA A 1369 39.97 21.36 53.81
N GLN A 1370 39.49 20.28 53.18
CA GLN A 1370 39.97 19.80 51.87
C GLN A 1370 39.53 20.67 50.68
N ALA A 1371 38.60 21.61 50.86
CA ALA A 1371 38.00 22.39 49.78
C ALA A 1371 38.99 23.10 48.82
N PRO A 1372 40.16 23.59 49.26
CA PRO A 1372 41.13 24.19 48.33
C PRO A 1372 41.68 23.24 47.27
N LEU A 1373 41.71 21.91 47.49
CA LEU A 1373 42.23 20.97 46.50
C LEU A 1373 41.31 20.83 45.29
N THR A 1374 39.99 20.72 45.49
CA THR A 1374 39.05 20.67 44.36
C THR A 1374 39.08 21.98 43.60
N ALA A 1375 39.20 23.11 44.30
CA ALA A 1375 39.29 24.42 43.67
C ALA A 1375 40.54 24.55 42.79
N LEU A 1376 41.70 24.15 43.28
CA LEU A 1376 42.93 24.18 42.51
C LEU A 1376 42.82 23.30 41.26
N PHE A 1377 42.33 22.06 41.41
CA PHE A 1377 42.15 21.17 40.28
C PHE A 1377 41.23 21.77 39.22
N THR A 1378 40.05 22.21 39.62
CA THR A 1378 39.09 22.74 38.65
C THR A 1378 39.58 24.05 38.01
N SER A 1379 40.45 24.81 38.68
CA SER A 1379 41.13 25.95 38.09
C SER A 1379 42.18 25.54 37.05
N LEU A 1380 42.97 24.50 37.31
CA LEU A 1380 43.93 23.97 36.34
C LEU A 1380 43.25 23.44 35.07
N VAL A 1381 42.11 22.77 35.19
CA VAL A 1381 41.38 22.19 34.06
C VAL A 1381 41.03 23.24 33.01
N TRP A 1382 40.69 24.47 33.39
CA TRP A 1382 40.32 25.53 32.45
C TRP A 1382 41.43 26.53 32.15
N GLU A 1383 42.27 26.87 33.11
CA GLU A 1383 43.29 27.91 32.93
C GLU A 1383 44.57 27.43 32.22
N HIS A 1384 44.89 26.13 32.21
CA HIS A 1384 46.05 25.56 31.50
C HIS A 1384 45.66 24.35 30.64
N PRO A 1385 44.91 24.54 29.54
CA PRO A 1385 44.34 23.45 28.76
C PRO A 1385 45.33 22.39 28.28
N GLU A 1386 46.58 22.76 28.05
CA GLU A 1386 47.59 21.88 27.47
C GLU A 1386 48.11 20.79 28.43
N LEU A 1387 47.82 20.85 29.74
CA LEU A 1387 48.39 19.92 30.73
C LEU A 1387 47.34 18.91 31.23
N PRO A 1388 47.58 17.59 31.10
CA PRO A 1388 46.69 16.58 31.65
C PRO A 1388 46.84 16.50 33.18
N CYS A 1389 45.75 16.21 33.89
CA CYS A 1389 45.77 16.10 35.33
C CYS A 1389 44.63 15.27 35.91
N ALA A 1390 44.73 14.83 37.15
CA ALA A 1390 43.66 14.11 37.82
C ALA A 1390 43.57 14.45 39.31
N GLN A 1391 42.34 14.48 39.84
CA GLN A 1391 42.12 14.47 41.27
C GLN A 1391 41.73 13.05 41.68
N VAL A 1392 42.43 12.49 42.64
CA VAL A 1392 42.06 11.22 43.29
C VAL A 1392 41.64 11.53 44.71
N ASP A 1393 40.46 11.09 45.15
CA ASP A 1393 40.07 11.22 46.55
C ASP A 1393 40.04 9.88 47.29
N LEU A 1394 40.84 9.76 48.34
CA LEU A 1394 41.02 8.53 49.11
C LEU A 1394 40.18 8.46 50.38
N ASP A 1395 39.93 7.24 50.86
CA ASP A 1395 39.28 6.99 52.14
C ASP A 1395 40.19 7.49 53.28
N PRO A 1396 39.67 8.25 54.25
CA PRO A 1396 40.50 8.88 55.28
C PRO A 1396 41.02 7.92 56.35
N ALA A 1397 40.49 6.71 56.47
CA ALA A 1397 40.78 5.78 57.57
C ALA A 1397 41.39 4.43 57.13
N GLU A 1398 41.12 3.96 55.91
CA GLU A 1398 41.76 2.78 55.31
C GLU A 1398 43.22 3.05 54.86
N ASP A 1399 44.01 1.99 54.64
CA ASP A 1399 45.33 2.08 54.02
C ASP A 1399 45.23 2.42 52.52
N PRO A 1400 46.14 3.24 51.96
CA PRO A 1400 46.05 3.69 50.57
C PRO A 1400 46.34 2.56 49.57
N PRO A 1401 45.79 2.61 48.35
CA PRO A 1401 46.11 1.67 47.30
C PRO A 1401 47.59 1.79 46.89
N THR A 1402 48.16 0.70 46.37
CA THR A 1402 49.52 0.72 45.82
C THR A 1402 49.62 1.77 44.73
N VAL A 1403 50.72 2.52 44.68
CA VAL A 1403 50.85 3.64 43.75
C VAL A 1403 50.71 3.23 42.29
N VAL A 1404 51.01 1.97 41.95
CA VAL A 1404 50.81 1.44 40.59
C VAL A 1404 49.34 1.18 40.25
N SER A 1405 48.47 0.97 41.25
CA SER A 1405 47.02 1.04 41.04
C SER A 1405 46.58 2.46 40.70
N LEU A 1406 47.07 3.48 41.41
CA LEU A 1406 46.73 4.88 41.11
C LEU A 1406 47.17 5.28 39.72
N LEU A 1407 48.47 5.16 39.41
CA LEU A 1407 49.01 5.69 38.16
C LEU A 1407 48.48 4.96 36.94
N GLY A 1408 48.20 3.66 37.06
CA GLY A 1408 47.54 2.93 36.00
C GLY A 1408 46.15 3.50 35.74
N GLN A 1409 45.32 3.65 36.78
CA GLN A 1409 43.97 4.12 36.60
C GLN A 1409 43.91 5.59 36.15
N VAL A 1410 44.84 6.44 36.59
CA VAL A 1410 44.96 7.82 36.09
C VAL A 1410 45.34 7.84 34.63
N MET A 1411 46.29 7.02 34.17
CA MET A 1411 46.67 6.96 32.75
C MET A 1411 45.66 6.25 31.84
N ARG A 1412 44.48 5.87 32.36
CA ARG A 1412 43.28 5.68 31.52
C ARG A 1412 42.85 6.99 30.86
N LEU A 1413 43.06 8.12 31.54
CA LEU A 1413 42.46 9.41 31.19
C LEU A 1413 43.39 10.25 30.28
N PRO A 1414 43.05 10.46 29.00
CA PRO A 1414 43.53 11.63 28.30
C PRO A 1414 42.86 12.88 28.89
N GLY A 1415 43.52 14.03 28.81
CA GLY A 1415 42.97 15.26 29.39
C GLY A 1415 42.88 15.19 30.92
N ALA A 1416 41.67 15.33 31.48
CA ALA A 1416 41.50 15.39 32.93
C ALA A 1416 40.19 14.80 33.43
N GLY A 1417 40.17 14.42 34.71
CA GLY A 1417 38.98 13.92 35.38
C GLY A 1417 39.12 13.82 36.89
N ARG A 1418 38.02 13.49 37.57
CA ARG A 1418 37.96 13.24 39.01
C ARG A 1418 37.69 11.76 39.26
N LEU A 1419 38.51 11.11 40.07
CA LEU A 1419 38.39 9.71 40.45
C LEU A 1419 38.35 9.58 41.98
N ALA A 1420 37.75 8.51 42.52
CA ALA A 1420 37.76 8.24 43.95
C ALA A 1420 37.85 6.74 44.25
N VAL A 1421 38.39 6.37 45.42
CA VAL A 1421 38.55 4.97 45.87
C VAL A 1421 37.93 4.78 47.25
N ARG A 1422 37.10 3.76 47.43
CA ARG A 1422 36.61 3.32 48.75
C ARG A 1422 36.67 1.80 48.85
N GLY A 1423 37.28 1.24 49.89
CA GLY A 1423 37.65 -0.18 49.91
C GLY A 1423 38.54 -0.51 48.71
N GLY A 1424 38.06 -1.38 47.83
CA GLY A 1424 38.65 -1.66 46.52
C GLY A 1424 37.88 -1.07 45.33
N ARG A 1425 36.75 -0.39 45.54
CA ARG A 1425 35.91 0.16 44.48
C ARG A 1425 36.51 1.46 43.93
N TRP A 1426 36.71 1.56 42.61
CA TRP A 1426 36.95 2.83 41.93
C TRP A 1426 35.64 3.51 41.52
N PHE A 1427 35.64 4.83 41.50
CA PHE A 1427 34.53 5.66 41.04
C PHE A 1427 35.00 6.84 40.18
N GLU A 1428 34.15 7.31 39.28
CA GLU A 1428 34.36 8.50 38.45
C GLU A 1428 33.12 9.42 38.46
N ALA A 1429 33.33 10.74 38.52
CA ALA A 1429 32.25 11.73 38.56
C ALA A 1429 31.65 12.02 37.18
N ARG A 1430 30.34 12.29 37.13
CA ARG A 1430 29.63 12.87 35.97
C ARG A 1430 28.71 13.99 36.44
N LEU A 1431 28.56 15.06 35.66
CA LEU A 1431 27.58 16.11 35.93
C LEU A 1431 26.33 15.83 35.10
N GLU A 1432 25.19 15.62 35.76
CA GLU A 1432 23.97 15.16 35.11
C GLU A 1432 22.72 15.85 35.65
N ARG A 1433 21.67 15.85 34.82
CA ARG A 1433 20.58 16.84 34.84
C ARG A 1433 19.20 16.20 34.80
N ARG A 1434 18.25 16.73 35.59
CA ARG A 1434 16.88 16.20 35.71
C ARG A 1434 15.82 17.29 36.02
N PRO A 1435 14.53 17.09 35.72
CA PRO A 1435 13.49 18.11 35.87
C PRO A 1435 13.26 18.56 37.32
N ALA A 1436 12.75 19.79 37.50
CA ALA A 1436 12.62 20.43 38.81
C ALA A 1436 11.25 21.14 38.98
N PRO A 1437 10.19 20.42 39.39
CA PRO A 1437 8.83 20.96 39.50
C PRO A 1437 8.67 22.11 40.51
N ALA A 1438 8.31 23.30 40.03
CA ALA A 1438 8.06 24.49 40.85
C ALA A 1438 6.66 24.49 41.51
N ASP A 1439 5.69 23.75 40.95
CA ASP A 1439 4.35 23.60 41.53
C ASP A 1439 4.36 22.94 42.93
N ARG A 1440 5.46 22.27 43.31
CA ARG A 1440 5.68 21.80 44.69
C ARG A 1440 5.66 22.96 45.70
N GLY A 1441 6.29 24.08 45.36
CA GLY A 1441 6.26 25.31 46.16
C GLY A 1441 4.87 25.96 46.24
N GLU A 1442 4.03 25.76 45.22
CA GLU A 1442 2.63 26.23 45.25
C GLU A 1442 1.76 25.39 46.18
N ARG A 1443 1.94 24.05 46.19
CA ARG A 1443 1.18 23.13 47.07
C ARG A 1443 1.63 23.19 48.52
N LEU A 1444 2.90 22.93 48.80
CA LEU A 1444 3.46 22.91 50.15
C LEU A 1444 4.02 24.30 50.53
N ALA A 1445 3.15 25.31 50.52
CA ALA A 1445 3.49 26.69 50.85
C ALA A 1445 3.89 26.85 52.32
N LEU A 1446 4.92 27.67 52.58
CA LEU A 1446 5.49 27.87 53.91
C LEU A 1446 4.47 28.41 54.92
N ARG A 1447 4.53 27.93 56.17
CA ARG A 1447 3.46 28.15 57.17
C ARG A 1447 3.34 29.62 57.64
N PRO A 1448 2.13 30.13 57.90
CA PRO A 1448 1.90 31.53 58.28
C PRO A 1448 2.24 31.86 59.74
N ASP A 1449 2.31 30.87 60.62
CA ASP A 1449 2.49 31.04 62.08
C ASP A 1449 3.96 31.28 62.52
N ALA A 1450 4.82 31.80 61.64
CA ALA A 1450 6.28 31.70 61.75
C ALA A 1450 7.05 32.98 61.41
N THR A 1451 8.31 33.03 61.87
CA THR A 1451 9.33 34.01 61.46
C THR A 1451 10.29 33.41 60.43
N TYR A 1452 10.69 34.19 59.43
CA TYR A 1452 11.74 33.86 58.46
C TYR A 1452 12.84 34.95 58.39
N LEU A 1453 14.12 34.58 58.38
CA LEU A 1453 15.24 35.53 58.30
C LEU A 1453 15.89 35.49 56.91
N VAL A 1454 16.17 36.67 56.35
CA VAL A 1454 16.88 36.85 55.09
C VAL A 1454 18.11 37.70 55.35
N ALA A 1455 19.28 37.27 54.86
CA ALA A 1455 20.55 37.88 55.25
C ALA A 1455 21.60 37.93 54.13
N GLY A 1456 22.59 38.80 54.30
CA GLY A 1456 23.86 38.82 53.57
C GLY A 1456 23.84 39.35 52.14
N GLY A 1457 22.72 39.25 51.43
CA GLY A 1457 22.63 39.58 50.01
C GLY A 1457 22.81 41.07 49.70
N ASP A 1458 23.17 41.39 48.45
CA ASP A 1458 23.09 42.77 47.97
C ASP A 1458 21.62 43.25 47.85
N THR A 1459 21.45 44.55 47.71
CA THR A 1459 20.12 45.18 47.77
C THR A 1459 19.17 44.67 46.70
N ARG A 1460 19.65 44.38 45.48
CA ARG A 1460 18.81 43.82 44.40
C ARG A 1460 18.39 42.39 44.69
N HIS A 1461 19.27 41.55 45.24
CA HIS A 1461 18.87 40.20 45.65
C HIS A 1461 17.88 40.22 46.82
N ALA A 1462 18.12 41.03 47.85
CA ALA A 1462 17.20 41.16 48.98
C ALA A 1462 15.81 41.61 48.52
N ALA A 1463 15.75 42.65 47.68
CA ALA A 1463 14.50 43.14 47.10
C ALA A 1463 13.75 42.07 46.31
N ALA A 1464 14.46 41.24 45.54
CA ALA A 1464 13.86 40.11 44.85
C ALA A 1464 13.36 39.01 45.80
N ALA A 1465 14.08 38.73 46.88
CA ALA A 1465 13.76 37.61 47.76
C ALA A 1465 12.48 37.85 48.56
N LEU A 1466 12.30 39.06 49.08
CA LEU A 1466 11.18 39.43 49.94
C LEU A 1466 9.82 39.19 49.27
N GLU A 1467 9.73 39.45 47.97
CA GLU A 1467 8.52 39.24 47.19
C GLU A 1467 8.05 37.78 47.18
N TRP A 1468 8.99 36.83 47.13
CA TRP A 1468 8.63 35.41 47.15
C TRP A 1468 8.08 34.98 48.50
N LEU A 1469 8.69 35.45 49.60
CA LEU A 1469 8.18 35.17 50.94
C LEU A 1469 6.74 35.70 51.10
N ALA A 1470 6.49 36.93 50.67
CA ALA A 1470 5.14 37.50 50.69
C ALA A 1470 4.16 36.66 49.87
N ALA A 1471 4.52 36.26 48.65
CA ALA A 1471 3.65 35.47 47.78
C ALA A 1471 3.31 34.10 48.39
N ARG A 1472 4.23 33.50 49.16
CA ARG A 1472 4.02 32.23 49.88
C ARG A 1472 3.39 32.40 51.27
N GLY A 1473 2.89 33.59 51.60
CA GLY A 1473 2.10 33.84 52.80
C GLY A 1473 2.91 34.05 54.09
N ALA A 1474 4.19 34.41 53.98
CA ALA A 1474 5.01 34.71 55.14
C ALA A 1474 4.42 35.86 55.97
N ARG A 1475 4.57 35.79 57.30
CA ARG A 1475 3.92 36.70 58.25
C ARG A 1475 4.91 37.58 59.00
N SER A 1476 5.95 37.00 59.59
CA SER A 1476 7.04 37.70 60.26
C SER A 1476 8.32 37.50 59.47
N VAL A 1477 8.98 38.58 59.07
CA VAL A 1477 10.19 38.53 58.23
C VAL A 1477 11.22 39.53 58.78
N VAL A 1478 12.50 39.20 58.69
CA VAL A 1478 13.59 40.10 59.11
C VAL A 1478 14.66 40.18 58.02
N LEU A 1479 15.13 41.38 57.71
CA LEU A 1479 16.23 41.61 56.78
C LEU A 1479 17.47 42.05 57.57
N ALA A 1480 18.52 41.23 57.54
CA ALA A 1480 19.68 41.45 58.39
C ALA A 1480 20.72 42.42 57.82
N GLY A 1481 20.74 42.62 56.49
CA GLY A 1481 21.82 43.29 55.76
C GLY A 1481 22.13 44.72 56.22
N ALA A 1482 23.36 45.17 56.00
CA ALA A 1482 23.92 46.39 56.57
C ALA A 1482 23.13 47.67 56.22
N GLU A 1483 22.49 47.72 55.05
CA GLU A 1483 21.72 48.87 54.59
C GLU A 1483 20.36 49.02 55.30
N SER A 1484 19.83 47.95 55.92
CA SER A 1484 18.43 47.84 56.36
C SER A 1484 17.96 48.93 57.34
N GLU A 1485 18.81 49.39 58.27
CA GLU A 1485 18.46 50.46 59.22
C GLU A 1485 18.72 51.89 58.69
N ARG A 1486 19.28 52.06 57.49
CA ARG A 1486 19.84 53.35 57.02
C ARG A 1486 19.48 53.76 55.57
N GLY A 1487 19.13 52.82 54.71
CA GLY A 1487 18.87 53.08 53.28
C GLY A 1487 17.46 53.61 52.98
N ASP A 1488 17.16 53.74 51.69
CA ASP A 1488 15.85 54.19 51.20
C ASP A 1488 14.78 53.09 51.32
N LEU A 1489 15.08 51.89 50.80
CA LEU A 1489 14.26 50.66 50.90
C LEU A 1489 12.80 50.77 50.37
N ALA A 1490 12.51 51.74 49.49
CA ALA A 1490 11.17 51.94 48.95
C ALA A 1490 10.63 50.72 48.18
N GLY A 1491 11.48 50.05 47.38
CA GLY A 1491 11.13 48.82 46.67
C GLY A 1491 10.81 47.65 47.61
N ALA A 1492 11.61 47.48 48.66
CA ALA A 1492 11.39 46.47 49.70
C ALA A 1492 10.06 46.69 50.42
N ARG A 1493 9.74 47.92 50.84
CA ARG A 1493 8.39 48.25 51.37
C ARG A 1493 7.29 47.99 50.34
N THR A 1494 7.48 48.43 49.09
CA THR A 1494 6.48 48.31 48.00
C THR A 1494 6.04 46.86 47.76
N THR A 1495 6.97 45.89 47.79
CA THR A 1495 6.59 44.46 47.76
C THR A 1495 6.16 43.91 49.12
N GLY A 1496 6.77 44.38 50.22
CA GLY A 1496 6.57 43.87 51.58
C GLY A 1496 5.26 44.25 52.26
N HIS A 1497 4.46 45.16 51.71
CA HIS A 1497 3.17 45.55 52.31
C HIS A 1497 2.16 44.38 52.38
N ALA A 1498 2.08 43.53 51.35
CA ALA A 1498 1.11 42.44 51.26
C ALA A 1498 1.51 41.22 52.11
N GLY A 1499 0.54 40.64 52.82
CA GLY A 1499 0.68 39.39 53.59
C GLY A 1499 1.48 39.51 54.89
N ILE A 1500 2.70 40.04 54.83
CA ILE A 1500 3.61 40.19 55.97
C ILE A 1500 3.02 41.18 56.99
N GLU A 1501 2.85 40.75 58.24
CA GLU A 1501 2.29 41.58 59.32
C GLU A 1501 3.32 42.58 59.86
N ARG A 1502 4.60 42.19 59.89
CA ARG A 1502 5.72 43.10 60.09
C ARG A 1502 7.01 42.60 59.42
N LEU A 1503 7.75 43.57 58.90
CA LEU A 1503 9.12 43.41 58.39
C LEU A 1503 10.06 44.22 59.29
N GLU A 1504 11.17 43.62 59.70
CA GLU A 1504 12.09 44.22 60.68
C GLU A 1504 13.55 44.17 60.20
N HIS A 1505 14.42 44.96 60.82
CA HIS A 1505 15.76 45.27 60.32
C HIS A 1505 16.84 45.02 61.40
N VAL A 1506 18.11 44.93 60.99
CA VAL A 1506 19.24 44.68 61.93
C VAL A 1506 20.50 45.49 61.62
N ALA A 1507 20.80 45.77 60.36
CA ALA A 1507 22.06 46.37 59.92
C ALA A 1507 23.33 45.68 60.48
N VAL A 1508 23.42 44.36 60.27
CA VAL A 1508 24.48 43.49 60.80
C VAL A 1508 25.83 43.68 60.09
N ASP A 1509 26.92 43.44 60.81
CA ASP A 1509 28.25 43.17 60.24
C ASP A 1509 28.55 41.67 60.36
N LEU A 1510 28.39 40.90 59.28
CA LEU A 1510 28.63 39.45 59.31
C LEU A 1510 30.10 39.07 59.57
N SER A 1511 31.06 39.99 59.41
CA SER A 1511 32.46 39.74 59.77
C SER A 1511 32.71 39.80 61.29
N SER A 1512 31.73 40.26 62.07
CA SER A 1512 31.80 40.42 63.53
C SER A 1512 30.92 39.40 64.25
N ALA A 1513 31.55 38.59 65.11
CA ALA A 1513 30.83 37.61 65.92
C ALA A 1513 29.82 38.28 66.88
N ALA A 1514 30.17 39.46 67.41
CA ALA A 1514 29.25 40.25 68.23
C ALA A 1514 28.03 40.72 67.44
N ASP A 1515 28.18 41.16 66.20
CA ASP A 1515 27.05 41.61 65.40
C ASP A 1515 26.16 40.44 64.95
N VAL A 1516 26.75 39.31 64.56
CA VAL A 1516 25.99 38.07 64.33
C VAL A 1516 25.25 37.65 65.60
N ALA A 1517 25.89 37.76 66.77
CA ALA A 1517 25.25 37.48 68.02
C ALA A 1517 24.09 38.45 68.31
N ARG A 1518 24.21 39.73 67.96
CA ARG A 1518 23.08 40.68 68.03
C ARG A 1518 21.91 40.22 67.15
N LEU A 1519 22.16 39.72 65.94
CA LEU A 1519 21.12 39.17 65.05
C LEU A 1519 20.37 38.02 65.75
N ALA A 1520 21.11 37.05 66.29
CA ALA A 1520 20.53 35.92 67.01
C ALA A 1520 19.76 36.38 68.27
N GLU A 1521 20.33 37.29 69.05
CA GLU A 1521 19.71 37.82 70.26
C GLU A 1521 18.48 38.67 69.97
N LEU A 1522 18.41 39.37 68.83
CA LEU A 1522 17.19 40.02 68.34
C LEU A 1522 16.13 39.00 67.91
N CYS A 1523 16.51 37.84 67.36
CA CYS A 1523 15.57 36.76 67.05
C CYS A 1523 15.05 36.06 68.32
N ALA A 1524 15.86 35.95 69.35
CA ALA A 1524 15.51 35.38 70.65
C ALA A 1524 14.73 36.36 71.57
N ASP A 1525 13.71 37.04 71.03
CA ASP A 1525 12.92 38.08 71.73
C ASP A 1525 11.45 37.68 72.04
N GLY A 1526 11.11 36.38 71.93
CA GLY A 1526 9.78 35.85 72.26
C GLY A 1526 8.74 35.86 71.13
N ARG A 1527 9.12 36.28 69.91
CA ARG A 1527 8.28 36.18 68.69
C ARG A 1527 7.95 34.73 68.28
N PRO A 1528 6.95 34.50 67.40
CA PRO A 1528 6.67 33.17 66.85
C PRO A 1528 7.91 32.55 66.18
N PRO A 1529 8.14 31.24 66.33
CA PRO A 1529 9.46 30.64 66.15
C PRO A 1529 10.04 30.76 64.74
N LEU A 1530 11.38 30.69 64.68
CA LEU A 1530 12.15 30.79 63.44
C LEU A 1530 12.04 29.50 62.63
N ARG A 1531 11.19 29.47 61.61
CA ARG A 1531 11.01 28.27 60.77
C ARG A 1531 11.88 28.21 59.52
N GLY A 1532 12.57 29.28 59.13
CA GLY A 1532 13.59 29.16 58.09
C GLY A 1532 14.50 30.36 57.92
N VAL A 1533 15.70 30.11 57.40
CA VAL A 1533 16.76 31.10 57.20
C VAL A 1533 17.33 30.98 55.79
N LEU A 1534 17.59 32.11 55.14
CA LEU A 1534 17.97 32.18 53.73
C LEU A 1534 19.07 33.22 53.51
N LEU A 1535 20.33 32.79 53.52
CA LEU A 1535 21.48 33.65 53.25
C LEU A 1535 21.67 33.77 51.74
N LEU A 1536 21.42 34.96 51.21
CA LEU A 1536 21.41 35.26 49.78
C LEU A 1536 22.82 35.40 49.18
N PRO A 1537 22.97 35.38 47.84
CA PRO A 1537 24.25 35.44 47.18
C PRO A 1537 25.08 36.69 47.47
N GLN A 1538 26.40 36.51 47.51
CA GLN A 1538 27.41 37.55 47.68
C GLN A 1538 28.49 37.44 46.59
N PRO A 1539 29.07 38.55 46.11
CA PRO A 1539 30.19 38.50 45.19
C PRO A 1539 31.47 38.07 45.89
N VAL A 1540 32.32 37.32 45.18
CA VAL A 1540 33.71 37.04 45.54
C VAL A 1540 34.60 37.56 44.42
N ALA A 1541 35.60 38.38 44.75
CA ALA A 1541 36.44 39.03 43.75
C ALA A 1541 37.22 38.04 42.88
N GLY A 1542 37.54 38.44 41.65
CA GLY A 1542 38.19 37.57 40.66
C GLY A 1542 39.65 37.23 40.96
N GLY A 1543 40.11 36.10 40.47
CA GLY A 1543 41.51 35.70 40.54
C GLY A 1543 41.75 34.32 39.95
N GLY A 1544 42.55 34.25 38.89
CA GLY A 1544 43.11 33.00 38.37
C GLY A 1544 44.42 32.64 39.07
N LEU A 1545 45.00 31.50 38.70
CA LEU A 1545 46.23 30.99 39.29
C LEU A 1545 47.39 31.97 39.15
N ASP A 1546 47.57 32.58 37.97
CA ASP A 1546 48.68 33.51 37.70
C ASP A 1546 48.50 34.93 38.27
N GLU A 1547 47.52 35.16 39.14
CA GLU A 1547 47.39 36.37 39.94
C GLU A 1547 47.44 36.09 41.46
N LEU A 1548 47.91 34.90 41.86
CA LEU A 1548 47.65 34.32 43.16
C LEU A 1548 48.89 33.70 43.81
N ASP A 1549 48.99 33.84 45.13
CA ASP A 1549 50.08 33.32 45.96
C ASP A 1549 49.57 32.97 47.38
N GLY A 1550 50.39 32.32 48.18
CA GLY A 1550 50.00 31.85 49.51
C GLY A 1550 49.70 32.95 50.54
N ALA A 1551 50.11 34.19 50.30
CA ALA A 1551 49.71 35.33 51.12
C ALA A 1551 48.33 35.85 50.71
N ARG A 1552 48.05 35.92 49.41
CA ARG A 1552 46.76 36.37 48.87
C ARG A 1552 45.63 35.38 49.13
N PHE A 1553 45.85 34.08 48.88
CA PHE A 1553 44.75 33.10 48.85
C PHE A 1553 44.00 33.01 50.19
N GLY A 1554 44.73 32.80 51.29
CA GLY A 1554 44.12 32.66 52.62
C GLY A 1554 43.37 33.93 53.03
N ALA A 1555 43.91 35.10 52.73
CA ALA A 1555 43.27 36.37 53.04
C ALA A 1555 41.90 36.51 52.35
N GLU A 1556 41.81 36.17 51.06
CA GLU A 1556 40.56 36.29 50.32
C GLU A 1556 39.59 35.14 50.59
N LEU A 1557 40.06 33.92 50.85
CA LEU A 1557 39.21 32.81 51.28
C LEU A 1557 38.58 33.10 52.64
N ALA A 1558 39.36 33.64 53.59
CA ALA A 1558 38.84 34.08 54.87
C ALA A 1558 37.83 35.22 54.71
N GLY A 1559 38.16 36.21 53.89
CA GLY A 1559 37.28 37.34 53.61
C GLY A 1559 35.93 36.92 53.00
N ALA A 1560 35.92 35.89 52.16
CA ALA A 1560 34.71 35.36 51.56
C ALA A 1560 33.87 34.54 52.54
N LEU A 1561 34.47 33.57 53.25
CA LEU A 1561 33.71 32.55 53.98
C LEU A 1561 33.27 32.95 55.39
N ARG A 1562 33.93 33.92 56.04
CA ARG A 1562 33.72 34.21 57.49
C ARG A 1562 32.25 34.32 57.88
N GLY A 1563 31.45 35.01 57.08
CA GLY A 1563 30.05 35.28 57.35
C GLY A 1563 29.22 34.02 57.55
N PRO A 1564 28.91 33.26 56.49
CA PRO A 1564 28.07 32.07 56.59
C PRO A 1564 28.66 31.00 57.51
N VAL A 1565 29.98 30.90 57.63
CA VAL A 1565 30.63 29.94 58.54
C VAL A 1565 30.31 30.24 59.99
N GLU A 1566 30.57 31.46 60.46
CA GLU A 1566 30.25 31.84 61.84
C GLU A 1566 28.75 31.90 62.12
N LEU A 1567 27.92 32.32 61.16
CA LEU A 1567 26.47 32.38 61.38
C LEU A 1567 25.85 30.99 61.51
N THR A 1568 26.23 30.03 60.64
CA THR A 1568 25.72 28.65 60.71
C THR A 1568 26.08 28.00 62.04
N ARG A 1569 27.28 28.28 62.55
CA ARG A 1569 27.68 27.91 63.91
C ARG A 1569 26.78 28.58 64.95
N ARG A 1570 26.74 29.91 65.03
CA ARG A 1570 26.07 30.62 66.12
C ARG A 1570 24.58 30.29 66.23
N PHE A 1571 23.85 30.24 65.12
CA PHE A 1571 22.41 29.91 65.14
C PHE A 1571 22.14 28.47 65.56
N THR A 1572 23.12 27.58 65.41
CA THR A 1572 23.07 26.23 65.96
C THR A 1572 23.43 26.20 67.44
N ASP A 1573 24.44 26.97 67.87
CA ASP A 1573 24.85 27.05 69.27
C ASP A 1573 23.73 27.58 70.18
N VAL A 1574 22.94 28.55 69.73
CA VAL A 1574 21.80 29.09 70.49
C VAL A 1574 20.54 28.21 70.45
N GLY A 1575 20.52 27.16 69.64
CA GLY A 1575 19.33 26.31 69.47
C GLY A 1575 18.20 26.92 68.64
N LEU A 1576 18.50 27.73 67.62
CA LEU A 1576 17.53 28.12 66.58
C LEU A 1576 17.54 27.13 65.41
N THR A 1577 18.71 26.69 64.95
CA THR A 1577 18.84 25.56 64.00
C THR A 1577 18.20 24.30 64.59
N GLY A 1578 17.67 23.41 63.75
CA GLY A 1578 17.00 22.16 64.17
C GLY A 1578 15.54 22.37 64.62
N GLY A 1579 15.26 23.48 65.32
CA GLY A 1579 13.91 24.04 65.46
C GLY A 1579 13.39 24.73 64.19
N THR A 1580 14.25 24.88 63.18
CA THR A 1580 13.96 25.53 61.89
C THR A 1580 13.80 24.49 60.78
N ASP A 1581 12.83 24.67 59.89
CA ASP A 1581 12.45 23.67 58.88
C ASP A 1581 13.35 23.67 57.63
N PHE A 1582 14.06 24.78 57.35
CA PHE A 1582 15.13 24.85 56.34
C PHE A 1582 16.18 25.91 56.68
N PHE A 1583 17.42 25.73 56.25
CA PHE A 1583 18.50 26.67 56.45
C PHE A 1583 19.38 26.67 55.20
N VAL A 1584 19.20 27.67 54.33
CA VAL A 1584 19.76 27.65 52.97
C VAL A 1584 20.98 28.57 52.85
N LEU A 1585 22.04 28.04 52.26
CA LEU A 1585 23.33 28.70 52.04
C LEU A 1585 23.65 28.87 50.54
N SER A 1586 24.30 29.96 50.16
CA SER A 1586 24.52 30.34 48.76
C SER A 1586 25.81 29.77 48.15
N THR A 1587 25.72 29.21 46.94
CA THR A 1587 26.83 28.84 46.06
C THR A 1587 26.39 28.96 44.58
N SER A 1588 27.31 28.93 43.62
CA SER A 1588 26.99 29.02 42.18
C SER A 1588 27.00 27.67 41.47
N VAL A 1589 26.10 27.44 40.50
CA VAL A 1589 26.17 26.26 39.62
C VAL A 1589 27.50 26.15 38.88
N VAL A 1590 28.11 27.30 38.57
CA VAL A 1590 29.40 27.37 37.87
C VAL A 1590 30.51 26.68 38.64
N SER A 1591 30.41 26.64 39.97
CA SER A 1591 31.39 25.97 40.83
C SER A 1591 31.27 24.45 40.87
N LEU A 1592 30.34 23.83 40.14
CA LEU A 1592 30.37 22.39 39.91
C LEU A 1592 31.45 22.02 38.86
N PRO A 1593 31.41 22.49 37.59
CA PRO A 1593 32.43 22.14 36.61
C PRO A 1593 33.68 23.03 36.60
N GLY A 1594 33.64 24.20 37.22
CA GLY A 1594 34.74 25.17 37.24
C GLY A 1594 34.71 26.18 36.09
N ARG A 1595 35.39 27.31 36.26
CA ARG A 1595 35.52 28.38 35.26
C ARG A 1595 36.89 29.05 35.39
N ALA A 1596 37.43 29.60 34.30
CA ALA A 1596 38.74 30.24 34.34
C ALA A 1596 38.70 31.57 35.11
N GLY A 1597 39.67 31.81 36.00
CA GLY A 1597 39.84 33.09 36.68
C GLY A 1597 39.10 33.24 38.01
N THR A 1598 38.66 32.14 38.64
CA THR A 1598 37.77 32.17 39.81
C THR A 1598 38.21 31.21 40.92
N VAL A 1599 39.52 31.11 41.22
CA VAL A 1599 40.08 30.16 42.20
C VAL A 1599 39.43 30.33 43.57
N VAL A 1600 39.35 31.56 44.08
CA VAL A 1600 38.79 31.85 45.41
C VAL A 1600 37.29 31.57 45.49
N GLY A 1601 36.53 31.88 44.44
CA GLY A 1601 35.09 31.64 44.40
C GLY A 1601 34.75 30.15 44.36
N SER A 1602 35.53 29.36 43.61
CA SER A 1602 35.41 27.91 43.63
C SER A 1602 35.70 27.33 45.01
N ALA A 1603 36.76 27.77 45.68
CA ALA A 1603 37.10 27.32 47.04
C ALA A 1603 35.99 27.64 48.05
N ALA A 1604 35.39 28.82 48.00
CA ALA A 1604 34.29 29.17 48.88
C ALA A 1604 33.07 28.25 48.68
N ASP A 1605 32.67 28.01 47.43
CA ASP A 1605 31.51 27.18 47.15
C ASP A 1605 31.72 25.70 47.51
N ALA A 1606 32.94 25.19 47.35
CA ALA A 1606 33.30 23.87 47.81
C ALA A 1606 33.18 23.76 49.34
N PHE A 1607 33.76 24.68 50.10
CA PHE A 1607 33.72 24.64 51.57
C PHE A 1607 32.29 24.63 52.09
N LEU A 1608 31.42 25.50 51.58
CA LEU A 1608 30.02 25.53 52.04
C LEU A 1608 29.26 24.25 51.68
N THR A 1609 29.61 23.59 50.59
CA THR A 1609 29.00 22.30 50.24
C THR A 1609 29.33 21.25 51.29
N ALA A 1610 30.59 21.21 51.74
CA ALA A 1610 31.02 20.30 52.80
C ALA A 1610 30.35 20.64 54.13
N LEU A 1611 30.30 21.91 54.49
CA LEU A 1611 29.66 22.39 55.72
C LEU A 1611 28.17 22.02 55.77
N ALA A 1612 27.47 22.16 54.66
CA ALA A 1612 26.05 21.82 54.59
C ALA A 1612 25.79 20.32 54.78
N ARG A 1613 26.55 19.47 54.07
CA ARG A 1613 26.46 18.01 54.22
C ARG A 1613 26.73 17.56 55.65
N HIS A 1614 27.74 18.12 56.31
CA HIS A 1614 28.13 17.73 57.65
C HIS A 1614 26.97 17.81 58.66
N HIS A 1615 26.15 18.86 58.60
CA HIS A 1615 24.97 18.98 59.45
C HIS A 1615 23.77 18.20 58.92
N ARG A 1616 23.59 18.09 57.60
CA ARG A 1616 22.46 17.36 56.99
C ARG A 1616 22.51 15.86 57.25
N GLN A 1617 23.70 15.27 57.34
CA GLN A 1617 23.89 13.88 57.76
C GLN A 1617 23.56 13.64 59.25
N ALA A 1618 23.56 14.67 60.09
CA ALA A 1618 23.00 14.62 61.45
C ALA A 1618 21.46 14.81 61.50
N GLY A 1619 20.83 15.14 60.37
CA GLY A 1619 19.37 15.32 60.24
C GLY A 1619 18.87 16.77 60.30
N LEU A 1620 19.74 17.75 60.58
CA LEU A 1620 19.38 19.17 60.52
C LEU A 1620 19.14 19.61 59.05
N PRO A 1621 18.05 20.31 58.70
CA PRO A 1621 17.72 20.64 57.30
C PRO A 1621 18.52 21.83 56.74
N VAL A 1622 19.85 21.77 56.84
CA VAL A 1622 20.78 22.67 56.15
C VAL A 1622 20.93 22.24 54.69
N VAL A 1623 20.94 23.17 53.74
CA VAL A 1623 21.22 22.89 52.32
C VAL A 1623 22.07 24.01 51.70
N ALA A 1624 23.12 23.67 50.96
CA ALA A 1624 23.82 24.62 50.10
C ALA A 1624 23.28 24.50 48.67
N ALA A 1625 22.72 25.59 48.14
CA ALA A 1625 22.14 25.61 46.80
C ALA A 1625 23.14 26.19 45.82
N ALA A 1626 23.44 25.50 44.72
CA ALA A 1626 24.27 26.01 43.65
C ALA A 1626 23.40 26.64 42.56
N TRP A 1627 23.11 27.94 42.71
CA TRP A 1627 22.17 28.68 41.86
C TRP A 1627 22.82 29.23 40.58
N GLY A 1628 22.01 29.43 39.55
CA GLY A 1628 22.38 30.26 38.39
C GLY A 1628 22.20 31.76 38.71
N PRO A 1629 22.70 32.67 37.87
CA PRO A 1629 22.62 34.10 38.15
C PRO A 1629 21.17 34.57 38.23
N TRP A 1630 20.79 35.31 39.27
CA TRP A 1630 19.41 35.76 39.43
C TRP A 1630 19.04 36.81 38.38
N LEU A 1631 17.91 36.66 37.69
CA LEU A 1631 17.46 37.60 36.66
C LEU A 1631 17.27 39.03 37.18
N GLU A 1632 16.71 39.17 38.38
CA GLU A 1632 16.51 40.48 39.03
C GLU A 1632 17.81 41.23 39.35
N SER A 1633 18.96 40.57 39.20
CA SER A 1633 20.29 41.09 39.53
C SER A 1633 21.16 41.32 38.30
N VAL A 1634 20.66 41.06 37.09
CA VAL A 1634 21.28 41.47 35.83
C VAL A 1634 21.25 43.01 35.72
N ASP A 1635 22.41 43.67 35.81
CA ASP A 1635 22.46 45.13 35.80
C ASP A 1635 22.27 45.71 34.39
N GLU A 1636 21.14 46.37 34.19
CA GLU A 1636 20.73 47.02 32.93
C GLU A 1636 21.63 48.22 32.57
N SER A 1637 22.44 48.68 33.52
CA SER A 1637 23.41 49.78 33.37
C SER A 1637 24.79 49.27 32.91
N ASP A 1638 25.09 47.99 33.16
CA ASP A 1638 26.43 47.41 33.07
C ASP A 1638 26.32 45.89 32.81
N GLU A 1639 25.86 45.55 31.61
CA GLU A 1639 25.33 44.22 31.28
C GLU A 1639 26.42 43.18 30.95
N ALA A 1640 27.68 43.60 30.84
CA ALA A 1640 28.80 42.75 30.41
C ALA A 1640 28.95 41.40 31.17
N PRO A 1641 28.76 41.31 32.51
CA PRO A 1641 28.81 40.02 33.20
C PRO A 1641 27.75 39.03 32.71
N ALA A 1642 26.53 39.52 32.46
CA ALA A 1642 25.47 38.69 31.90
C ALA A 1642 25.77 38.30 30.45
N VAL A 1643 26.38 39.19 29.66
CA VAL A 1643 26.84 38.85 28.30
C VAL A 1643 27.93 37.78 28.33
N ALA A 1644 28.86 37.84 29.27
CA ALA A 1644 29.91 36.83 29.43
C ALA A 1644 29.33 35.47 29.82
N PHE A 1645 28.35 35.41 30.71
CA PHE A 1645 27.66 34.15 31.02
C PHE A 1645 26.86 33.64 29.81
N ALA A 1646 26.19 34.50 29.06
CA ALA A 1646 25.46 34.09 27.87
C ALA A 1646 26.37 33.53 26.78
N GLU A 1647 27.58 34.05 26.60
CA GLU A 1647 28.57 33.46 25.69
C GLU A 1647 28.90 32.02 26.10
N ALA A 1648 29.02 31.76 27.40
CA ALA A 1648 29.27 30.44 27.97
C ALA A 1648 28.04 29.53 28.08
N GLY A 1649 26.84 29.99 27.75
CA GLY A 1649 25.62 29.20 27.85
C GLY A 1649 25.04 29.04 29.25
N VAL A 1650 25.49 29.81 30.24
CA VAL A 1650 24.78 30.00 31.51
C VAL A 1650 23.80 31.15 31.33
N TYR A 1651 22.49 30.91 31.44
CA TYR A 1651 21.48 31.94 31.24
C TYR A 1651 20.74 32.23 32.57
N PRO A 1652 20.43 33.49 32.90
CA PRO A 1652 19.71 33.82 34.12
C PRO A 1652 18.35 33.15 34.26
N ALA A 1653 17.79 33.18 35.47
CA ALA A 1653 16.45 32.65 35.77
C ALA A 1653 15.69 33.53 36.78
N PRO A 1654 14.35 33.52 36.80
CA PRO A 1654 13.55 34.27 37.77
C PRO A 1654 13.73 33.76 39.20
N GLY A 1655 13.93 34.67 40.17
CA GLY A 1655 14.26 34.31 41.56
C GLY A 1655 13.25 33.37 42.21
N GLY A 1656 11.97 33.74 42.14
CA GLY A 1656 10.90 32.98 42.79
C GLY A 1656 10.68 31.58 42.20
N GLU A 1657 11.01 31.37 40.93
CA GLU A 1657 10.81 30.05 40.31
C GLU A 1657 11.80 29.03 40.87
N MET A 1658 13.02 29.47 41.17
CA MET A 1658 14.02 28.64 41.80
C MET A 1658 13.64 28.28 43.23
N LEU A 1659 13.23 29.27 44.03
CA LEU A 1659 12.79 28.99 45.40
C LEU A 1659 11.55 28.09 45.43
N ASP A 1660 10.60 28.24 44.50
CA ASP A 1660 9.47 27.34 44.39
C ASP A 1660 9.88 25.90 44.07
N ALA A 1661 10.89 25.70 43.22
CA ALA A 1661 11.38 24.37 42.88
C ALA A 1661 12.22 23.75 44.01
N LEU A 1662 12.89 24.55 44.84
CA LEU A 1662 13.76 24.09 45.92
C LEU A 1662 13.10 23.98 47.31
N LEU A 1663 12.39 24.99 47.81
CA LEU A 1663 12.17 25.12 49.26
C LEU A 1663 11.24 24.10 49.96
N PRO A 1664 10.35 23.31 49.33
CA PRO A 1664 9.75 22.16 50.02
C PRO A 1664 10.71 20.97 50.15
N LEU A 1665 11.75 20.87 49.31
CA LEU A 1665 12.61 19.69 49.17
C LEU A 1665 13.34 19.26 50.48
N PRO A 1666 13.75 20.17 51.39
CA PRO A 1666 14.35 19.76 52.66
C PRO A 1666 13.41 18.92 53.55
N ALA A 1667 12.09 19.08 53.41
CA ALA A 1667 11.09 18.21 54.03
C ALA A 1667 10.86 16.88 53.27
N ALA A 1668 11.18 16.84 51.97
CA ALA A 1668 11.06 15.66 51.12
C ALA A 1668 12.23 14.68 51.27
N GLY A 1669 13.48 15.15 51.28
CA GLY A 1669 14.66 14.29 51.46
C GLY A 1669 15.93 14.82 50.78
N GLU A 1670 16.52 13.99 49.92
CA GLU A 1670 17.78 14.23 49.18
C GLU A 1670 19.02 14.52 50.07
N ALA A 1671 18.97 14.06 51.34
CA ALA A 1671 19.93 14.38 52.40
C ALA A 1671 21.36 13.83 52.22
N ASP A 1672 21.56 12.86 51.32
CA ASP A 1672 22.88 12.25 51.05
C ASP A 1672 23.14 12.08 49.55
N GLY A 1673 22.19 11.47 48.81
CA GLY A 1673 22.29 11.18 47.37
C GLY A 1673 22.35 12.41 46.44
N SER A 1674 22.30 13.63 46.97
CA SER A 1674 22.56 14.87 46.21
C SER A 1674 23.99 14.92 45.64
N GLY A 1675 24.98 14.28 46.30
CA GLY A 1675 26.40 14.46 45.97
C GLY A 1675 26.81 15.93 46.17
N GLU A 1676 27.18 16.61 45.08
CA GLU A 1676 27.20 18.08 44.99
C GLU A 1676 26.05 18.52 44.06
N ALA A 1677 25.14 19.40 44.51
CA ALA A 1677 23.89 19.69 43.78
C ALA A 1677 23.54 21.18 43.64
N GLY A 1678 22.72 21.50 42.64
CA GLY A 1678 22.33 22.86 42.25
C GLY A 1678 21.06 22.92 41.42
N LEU A 1679 20.59 24.13 41.14
CA LEU A 1679 19.33 24.41 40.47
C LEU A 1679 19.50 25.66 39.61
N ALA A 1680 19.53 25.49 38.29
CA ALA A 1680 19.97 26.51 37.35
C ALA A 1680 19.61 26.11 35.92
N ARG A 1681 19.85 27.01 34.98
CA ARG A 1681 19.54 26.78 33.57
C ARG A 1681 20.78 27.01 32.72
N VAL A 1682 21.42 25.93 32.29
CA VAL A 1682 22.71 25.94 31.59
C VAL A 1682 22.72 25.01 30.38
N ASP A 1683 23.41 25.37 29.30
CA ASP A 1683 23.75 24.47 28.20
C ASP A 1683 25.24 24.10 28.21
N TRP A 1684 25.54 22.86 28.59
CA TRP A 1684 26.91 22.38 28.75
C TRP A 1684 27.68 22.23 27.44
N ASP A 1685 27.00 22.12 26.30
CA ASP A 1685 27.68 22.11 25.01
C ASP A 1685 28.32 23.47 24.73
N ARG A 1686 27.60 24.57 24.96
CA ARG A 1686 28.22 25.89 24.93
C ARG A 1686 29.29 26.01 26.00
N TYR A 1687 29.08 25.49 27.20
CA TYR A 1687 30.03 25.69 28.28
C TYR A 1687 31.41 25.15 27.96
N LEU A 1688 31.48 23.89 27.53
CA LEU A 1688 32.74 23.23 27.19
C LEU A 1688 33.39 23.86 25.95
N THR A 1689 32.63 24.08 24.88
CA THR A 1689 33.18 24.68 23.65
C THR A 1689 33.61 26.13 23.88
N ALA A 1690 32.95 26.89 24.77
CA ALA A 1690 33.36 28.25 25.11
C ALA A 1690 34.66 28.32 25.94
N GLY A 1691 35.08 27.22 26.56
CA GLY A 1691 36.39 27.12 27.20
C GLY A 1691 37.57 26.90 26.23
N HIS A 1692 37.29 26.52 24.98
CA HIS A 1692 38.24 26.30 23.88
C HIS A 1692 39.44 25.38 24.15
N ARG A 1693 39.36 24.50 25.16
CA ARG A 1693 40.42 23.54 25.50
C ARG A 1693 40.62 22.41 24.48
N PRO A 1694 41.86 22.05 24.10
CA PRO A 1694 42.20 20.73 23.57
C PRO A 1694 42.07 19.64 24.64
N LEU A 1695 42.00 18.37 24.24
CA LEU A 1695 41.83 17.18 25.09
C LEU A 1695 40.49 17.11 25.88
N PRO A 1696 39.95 15.92 26.15
CA PRO A 1696 38.64 15.77 26.81
C PRO A 1696 38.62 16.07 28.31
N TYR A 1697 37.43 16.28 28.86
CA TYR A 1697 37.18 16.52 30.29
C TYR A 1697 35.99 15.70 30.77
N THR A 1698 36.26 14.64 31.51
CA THR A 1698 35.31 13.55 31.73
C THR A 1698 34.18 13.85 32.72
N VAL A 1699 34.21 14.98 33.41
CA VAL A 1699 33.11 15.39 34.29
C VAL A 1699 31.91 15.85 33.46
N LEU A 1700 32.14 16.55 32.35
CA LEU A 1700 31.09 16.96 31.41
C LEU A 1700 30.85 15.90 30.32
N GLU A 1701 31.90 15.44 29.64
CA GLU A 1701 31.79 14.47 28.55
C GLU A 1701 31.64 13.02 29.03
N THR A 1702 30.86 12.21 28.30
CA THR A 1702 30.88 10.75 28.46
C THR A 1702 32.19 10.17 27.89
N ARG A 1703 32.92 9.37 28.69
CA ARG A 1703 34.22 8.80 28.30
C ARG A 1703 34.17 7.66 27.27
N ALA A 1704 33.01 6.98 27.16
CA ALA A 1704 32.69 6.01 26.10
C ALA A 1704 33.74 4.88 25.94
N SER A 1705 33.92 4.07 26.99
CA SER A 1705 34.93 3.00 27.08
C SER A 1705 34.66 1.75 26.22
N TYR A 1706 33.57 1.71 25.45
CA TYR A 1706 33.15 0.58 24.62
C TYR A 1706 32.55 1.02 23.27
N ASP A 1707 32.60 0.12 22.27
CA ASP A 1707 32.25 0.40 20.87
C ASP A 1707 31.92 -0.91 20.10
N GLU A 1708 31.36 -0.84 18.89
CA GLU A 1708 31.12 -1.99 17.99
C GLU A 1708 31.20 -1.62 16.51
N GLU A 1709 31.47 -2.61 15.65
CA GLU A 1709 31.46 -2.50 14.19
C GLU A 1709 30.02 -2.51 13.61
N LYS A 1710 29.85 -2.04 12.36
CA LYS A 1710 28.56 -2.00 11.64
C LYS A 1710 28.72 -2.45 10.18
N ALA A 1711 27.75 -3.23 9.69
CA ALA A 1711 27.69 -3.76 8.32
C ALA A 1711 27.33 -2.70 7.26
N PRO A 1712 27.38 -3.03 5.95
CA PRO A 1712 26.92 -2.15 4.86
C PRO A 1712 25.42 -1.77 4.88
N GLY A 1713 24.53 -2.69 5.27
CA GLY A 1713 23.07 -2.49 5.29
C GLY A 1713 22.31 -3.27 4.21
N PHE A 1714 21.08 -3.69 4.51
CA PHE A 1714 20.25 -4.55 3.67
C PHE A 1714 19.95 -3.96 2.29
N GLY A 1715 20.36 -4.65 1.23
CA GLY A 1715 20.23 -4.20 -0.17
C GLY A 1715 21.14 -3.03 -0.56
N GLN A 1716 21.46 -2.16 0.40
CA GLN A 1716 22.20 -0.92 0.21
C GLN A 1716 23.65 -1.11 -0.22
N ASN A 1717 24.19 -2.34 -0.14
CA ASN A 1717 25.48 -2.69 -0.72
C ASN A 1717 25.48 -2.64 -2.25
N ARG A 1718 24.32 -2.89 -2.89
CA ARG A 1718 24.15 -3.03 -4.36
C ARG A 1718 23.61 -1.77 -5.03
N MET A 1719 22.44 -1.32 -4.59
CA MET A 1719 21.62 -0.32 -5.29
C MET A 1719 22.33 1.03 -5.44
N GLN B 33 4.79 -38.05 4.56
CA GLN B 33 4.49 -38.43 5.95
C GLN B 33 5.63 -38.39 6.98
N GLU B 34 6.76 -37.72 6.72
CA GLU B 34 7.70 -37.35 7.78
C GLU B 34 7.03 -36.37 8.75
N PRO B 35 7.00 -36.62 10.07
CA PRO B 35 6.48 -35.69 11.04
C PRO B 35 7.39 -34.48 11.22
N ILE B 36 6.82 -33.27 11.31
CA ILE B 36 7.58 -32.02 11.39
C ILE B 36 7.45 -31.42 12.78
N ALA B 37 8.56 -31.09 13.42
CA ALA B 37 8.65 -30.75 14.82
C ALA B 37 8.72 -29.25 15.07
N VAL B 38 7.86 -28.70 15.92
CA VAL B 38 7.97 -27.32 16.41
C VAL B 38 9.05 -27.28 17.48
N LEU B 39 10.18 -26.63 17.21
CA LEU B 39 11.29 -26.54 18.16
C LEU B 39 11.17 -25.37 19.14
N GLY B 40 10.38 -24.34 18.82
CA GLY B 40 10.20 -23.16 19.66
C GLY B 40 9.18 -22.19 19.09
N ILE B 41 8.41 -21.51 19.95
CA ILE B 41 7.48 -20.45 19.54
C ILE B 41 7.81 -19.14 20.24
N GLY B 42 7.97 -18.06 19.48
CA GLY B 42 8.00 -16.69 19.97
C GLY B 42 6.74 -15.96 19.53
N CYS B 43 6.19 -15.06 20.35
CA CYS B 43 4.98 -14.33 19.99
C CYS B 43 4.86 -12.95 20.68
N ARG B 44 4.04 -12.08 20.09
CA ARG B 44 3.52 -10.85 20.70
C ARG B 44 2.02 -10.82 20.44
N PHE B 45 1.21 -10.69 21.47
CA PHE B 45 -0.24 -10.74 21.39
C PHE B 45 -0.88 -9.65 22.26
N PRO B 46 -2.17 -9.34 22.07
CA PRO B 46 -2.87 -8.36 22.88
C PRO B 46 -2.78 -8.62 24.38
N GLY B 47 -2.87 -7.57 25.20
CA GLY B 47 -2.83 -7.70 26.65
C GLY B 47 -1.44 -8.01 27.22
N GLY B 48 -0.37 -7.53 26.59
CA GLY B 48 0.99 -7.63 27.11
C GLY B 48 1.61 -9.05 27.09
N VAL B 49 1.01 -9.99 26.36
CA VAL B 49 1.52 -11.34 26.19
C VAL B 49 2.81 -11.30 25.36
N ARG B 50 3.92 -11.80 25.92
CA ARG B 50 5.26 -11.84 25.31
C ARG B 50 5.80 -13.26 25.11
N SER B 51 5.11 -14.27 25.60
CA SER B 51 5.51 -15.67 25.54
C SER B 51 4.28 -16.59 25.53
N PRO B 52 4.44 -17.86 25.12
CA PRO B 52 3.45 -18.91 25.33
C PRO B 52 2.97 -19.04 26.78
N GLU B 53 3.84 -18.91 27.76
CA GLU B 53 3.46 -18.93 29.17
C GLU B 53 2.60 -17.73 29.60
N ASP B 54 2.79 -16.54 29.02
CA ASP B 54 1.86 -15.43 29.27
C ASP B 54 0.47 -15.69 28.67
N LEU B 55 0.41 -16.24 27.45
CA LEU B 55 -0.87 -16.57 26.84
C LEU B 55 -1.61 -17.61 27.68
N TRP B 56 -0.89 -18.61 28.20
CA TRP B 56 -1.48 -19.64 29.02
C TRP B 56 -2.14 -19.08 30.27
N ASP B 57 -1.49 -18.18 31.00
CA ASP B 57 -2.11 -17.51 32.14
C ASP B 57 -3.38 -16.75 31.77
N LEU B 58 -3.38 -16.02 30.65
CA LEU B 58 -4.55 -15.24 30.24
C LEU B 58 -5.74 -16.15 29.87
N VAL B 59 -5.52 -17.26 29.16
CA VAL B 59 -6.61 -18.19 28.81
C VAL B 59 -7.05 -19.06 29.99
N ASP B 60 -6.13 -19.55 30.81
CA ASP B 60 -6.45 -20.39 31.97
C ASP B 60 -7.16 -19.61 33.09
N SER B 61 -6.92 -18.30 33.20
CA SER B 61 -7.67 -17.38 34.07
C SER B 61 -9.00 -16.89 33.48
N GLY B 62 -9.31 -17.23 32.22
CA GLY B 62 -10.55 -16.82 31.57
C GLY B 62 -10.69 -15.31 31.31
N GLY B 63 -9.59 -14.60 31.13
CA GLY B 63 -9.61 -13.16 30.85
C GLY B 63 -10.02 -12.82 29.41
N ASP B 64 -10.16 -11.53 29.10
CA ASP B 64 -10.12 -11.05 27.73
C ASP B 64 -9.32 -9.75 27.59
N ALA B 65 -8.70 -9.55 26.42
CA ALA B 65 -7.68 -8.53 26.19
C ALA B 65 -8.17 -7.27 25.46
N VAL B 66 -9.38 -7.28 24.92
CA VAL B 66 -9.93 -6.18 24.11
C VAL B 66 -10.04 -4.88 24.90
N GLY B 67 -9.70 -3.74 24.29
CA GLY B 67 -9.68 -2.44 24.96
C GLY B 67 -9.75 -1.23 24.02
N GLY B 68 -9.37 -0.06 24.55
CA GLY B 68 -9.50 1.23 23.89
C GLY B 68 -8.40 1.56 22.88
N LEU B 69 -8.65 2.56 22.02
CA LEU B 69 -7.76 2.95 20.92
C LEU B 69 -6.37 3.37 21.41
N PRO B 70 -5.30 3.07 20.65
CA PRO B 70 -3.94 3.25 21.13
C PRO B 70 -3.57 4.72 21.27
N ALA B 71 -3.21 5.13 22.48
CA ALA B 71 -2.59 6.42 22.72
C ALA B 71 -1.18 6.47 22.10
N GLY B 72 -0.74 7.64 21.63
CA GLY B 72 0.65 7.89 21.24
C GLY B 72 1.05 7.44 19.83
N ARG B 73 0.22 6.72 19.10
CA ARG B 73 0.32 6.64 17.63
C ARG B 73 -0.18 7.97 17.05
N GLY B 74 0.27 8.36 15.86
CA GLY B 74 -0.03 9.68 15.27
C GLY B 74 -1.45 9.86 14.70
N TRP B 75 -2.44 9.11 15.18
CA TRP B 75 -3.77 9.05 14.58
C TRP B 75 -4.54 10.36 14.77
N GLN B 76 -5.03 10.93 13.66
CA GLN B 76 -5.91 12.09 13.63
C GLN B 76 -7.37 11.68 13.37
N ALA B 77 -7.75 10.46 13.77
CA ALA B 77 -9.10 9.94 13.61
C ALA B 77 -10.11 10.76 14.43
N GLY B 78 -11.18 11.21 13.78
CA GLY B 78 -12.24 12.01 14.39
C GLY B 78 -13.29 11.16 15.11
N SER B 79 -14.53 11.62 15.13
CA SER B 79 -15.65 10.95 15.78
C SER B 79 -16.00 9.58 15.18
N ALA B 80 -15.46 9.24 14.00
CA ALA B 80 -15.75 8.01 13.28
C ALA B 80 -15.40 6.71 14.04
N LEU B 81 -14.47 6.75 15.01
CA LEU B 81 -14.13 5.60 15.85
C LEU B 81 -14.65 5.67 17.29
N ASP B 82 -15.49 6.64 17.63
CA ASP B 82 -16.09 6.70 18.97
C ASP B 82 -16.87 5.43 19.31
N GLY B 83 -16.50 4.76 20.40
CA GLY B 83 -17.09 3.49 20.84
C GLY B 83 -16.46 2.22 20.24
N VAL B 84 -15.55 2.31 19.28
CA VAL B 84 -14.83 1.14 18.72
C VAL B 84 -13.85 0.58 19.74
N ASN B 85 -13.89 -0.73 19.97
CA ASN B 85 -12.96 -1.46 20.86
C ASN B 85 -12.30 -2.61 20.12
N ALA B 86 -11.00 -2.85 20.35
CA ALA B 86 -10.19 -3.81 19.61
C ALA B 86 -8.97 -4.29 20.42
N GLY B 87 -8.32 -5.36 19.96
CA GLY B 87 -7.15 -5.93 20.64
C GLY B 87 -5.83 -5.34 20.17
N PHE B 88 -5.40 -4.22 20.74
CA PHE B 88 -4.15 -3.58 20.35
C PHE B 88 -2.92 -4.08 21.11
N ILE B 89 -1.75 -4.05 20.48
CA ILE B 89 -0.46 -4.16 21.15
C ILE B 89 -0.06 -2.77 21.61
N HIS B 90 -0.08 -2.54 22.93
CA HIS B 90 0.45 -1.32 23.51
C HIS B 90 1.97 -1.31 23.42
N GLY B 91 2.57 -0.20 23.00
CA GLY B 91 4.02 -0.08 22.89
C GLY B 91 4.63 -0.57 21.58
N VAL B 92 3.82 -0.81 20.54
CA VAL B 92 4.34 -1.23 19.22
C VAL B 92 5.20 -0.15 18.56
N GLU B 93 5.06 1.10 19.00
CA GLU B 93 5.84 2.25 18.54
C GLU B 93 7.28 2.32 19.07
N GLU B 94 7.72 1.33 19.84
CA GLU B 94 9.03 1.29 20.51
C GLU B 94 9.86 0.07 20.11
N PHE B 95 11.18 0.25 20.04
CA PHE B 95 12.14 -0.70 19.47
C PHE B 95 13.54 -0.46 20.03
N ASP B 96 14.50 -1.35 19.79
CA ASP B 96 15.88 -1.23 20.27
C ASP B 96 16.88 -1.37 19.10
N PRO B 97 17.17 -0.28 18.35
CA PRO B 97 17.85 -0.36 17.07
C PRO B 97 19.24 -0.96 17.11
N TYR B 98 19.98 -0.65 18.18
CA TYR B 98 21.39 -1.02 18.32
C TYR B 98 21.62 -2.52 18.48
N PHE B 99 20.64 -3.25 19.02
CA PHE B 99 20.74 -4.69 19.18
C PHE B 99 20.81 -5.42 17.84
N PHE B 100 20.07 -4.93 16.83
CA PHE B 100 20.03 -5.48 15.47
C PHE B 100 20.93 -4.74 14.47
N GLY B 101 21.84 -3.89 14.94
CA GLY B 101 22.80 -3.20 14.08
C GLY B 101 22.24 -2.11 13.17
N LEU B 102 21.00 -1.64 13.39
CA LEU B 102 20.38 -0.57 12.62
C LEU B 102 20.70 0.82 13.18
N ASP B 103 20.82 1.80 12.28
CA ASP B 103 20.78 3.22 12.64
C ASP B 103 19.35 3.65 13.03
N PRO B 104 19.14 4.55 14.00
CA PRO B 104 17.79 4.94 14.41
C PRO B 104 16.92 5.52 13.30
N VAL B 105 17.48 6.15 12.26
CA VAL B 105 16.72 6.62 11.10
C VAL B 105 16.18 5.45 10.28
N GLU B 106 16.98 4.41 10.08
CA GLU B 106 16.52 3.21 9.38
C GLU B 106 15.45 2.47 10.21
N ALA B 107 15.64 2.41 11.53
CA ALA B 107 14.66 1.82 12.43
C ALA B 107 13.34 2.59 12.44
N ALA B 108 13.36 3.91 12.36
CA ALA B 108 12.17 4.73 12.18
C ALA B 108 11.47 4.53 10.83
N ALA B 109 12.21 4.27 9.74
CA ALA B 109 11.63 4.08 8.42
C ALA B 109 10.91 2.74 8.21
N MET B 110 11.20 1.71 9.01
CA MET B 110 10.63 0.36 8.85
C MET B 110 9.16 0.25 9.23
N ASP B 111 8.41 -0.54 8.49
CA ASP B 111 7.06 -0.98 8.83
C ASP B 111 7.07 -1.71 10.19
N PRO B 112 6.17 -1.39 11.13
CA PRO B 112 6.12 -2.04 12.43
C PRO B 112 6.06 -3.57 12.39
N GLN B 113 5.49 -4.12 11.33
CA GLN B 113 5.37 -5.55 11.13
C GLN B 113 6.73 -6.21 10.96
N GLN B 114 7.67 -5.59 10.24
CA GLN B 114 9.00 -6.13 10.07
C GLN B 114 9.77 -6.11 11.40
N ARG B 115 9.58 -5.08 12.22
CA ARG B 115 10.20 -4.99 13.54
C ARG B 115 9.67 -6.06 14.50
N LEU B 116 8.37 -6.34 14.52
CA LEU B 116 7.85 -7.46 15.31
C LEU B 116 8.33 -8.82 14.81
N LEU B 117 8.44 -9.09 13.51
CA LEU B 117 9.02 -10.34 13.02
C LEU B 117 10.46 -10.51 13.49
N LEU B 118 11.26 -9.45 13.41
CA LEU B 118 12.69 -9.47 13.73
C LEU B 118 12.92 -9.69 15.23
N GLU B 119 12.16 -9.03 16.09
CA GLU B 119 12.17 -9.27 17.54
C GLU B 119 11.65 -10.66 17.92
N THR B 120 10.56 -11.10 17.32
CA THR B 120 9.98 -12.42 17.57
C THR B 120 10.84 -13.58 17.08
N THR B 121 11.57 -13.41 15.98
CA THR B 121 12.47 -14.46 15.45
C THR B 121 13.61 -14.74 16.40
N TRP B 122 14.26 -13.72 16.97
CA TRP B 122 15.35 -13.96 17.91
C TRP B 122 14.86 -14.71 19.15
N GLU B 123 13.70 -14.34 19.67
CA GLU B 123 13.07 -15.06 20.78
C GLU B 123 12.72 -16.51 20.42
N ALA B 124 12.32 -16.81 19.19
CA ALA B 124 12.07 -18.17 18.73
C ALA B 124 13.34 -19.05 18.76
N PHE B 125 14.45 -18.55 18.24
CA PHE B 125 15.75 -19.21 18.37
C PHE B 125 16.19 -19.39 19.83
N GLU B 126 16.08 -18.38 20.69
CA GLU B 126 16.50 -18.48 22.08
C GLU B 126 15.75 -19.56 22.86
N ARG B 127 14.47 -19.80 22.57
CA ARG B 127 13.71 -20.92 23.18
C ARG B 127 14.05 -22.24 22.52
N ALA B 128 14.30 -22.28 21.22
CA ALA B 128 14.73 -23.48 20.52
C ALA B 128 16.12 -23.96 20.98
N GLY B 129 16.91 -23.11 21.61
CA GLY B 129 18.24 -23.45 22.13
C GLY B 129 19.36 -23.33 21.11
N ILE B 130 19.06 -22.87 19.90
CA ILE B 130 20.06 -22.57 18.86
C ILE B 130 20.71 -21.23 19.18
N ASP B 131 22.05 -21.14 19.13
CA ASP B 131 22.76 -19.87 19.13
C ASP B 131 22.53 -19.19 17.77
N PRO B 132 21.96 -17.97 17.71
CA PRO B 132 21.72 -17.32 16.43
C PRO B 132 22.97 -17.12 15.57
N VAL B 133 24.17 -17.13 16.14
CA VAL B 133 25.43 -17.09 15.38
C VAL B 133 25.72 -18.44 14.74
N ALA B 134 25.43 -19.56 15.42
CA ALA B 134 25.59 -20.90 14.86
C ALA B 134 24.58 -21.19 13.74
N ALA B 135 23.45 -20.49 13.70
CA ALA B 135 22.48 -20.53 12.59
C ALA B 135 22.96 -19.84 11.30
N ARG B 136 24.01 -19.01 11.34
CA ARG B 136 24.53 -18.31 10.15
C ARG B 136 25.12 -19.29 9.16
N GLY B 137 24.94 -19.02 7.87
CA GLY B 137 25.35 -19.91 6.79
C GLY B 137 24.51 -21.17 6.67
N SER B 138 23.41 -21.30 7.41
CA SER B 138 22.53 -22.49 7.36
C SER B 138 21.57 -22.43 6.18
N ARG B 139 21.14 -23.61 5.72
CA ARG B 139 20.01 -23.79 4.81
C ARG B 139 18.67 -23.72 5.55
N THR B 140 18.46 -22.67 6.36
CA THR B 140 17.13 -22.35 6.91
C THR B 140 16.30 -21.61 5.86
N ALA B 141 15.07 -22.04 5.60
CA ALA B 141 14.11 -21.31 4.79
C ALA B 141 13.26 -20.33 5.61
N VAL B 142 12.77 -19.24 5.01
CA VAL B 142 11.85 -18.28 5.64
C VAL B 142 10.55 -18.15 4.86
N TYR B 143 9.41 -18.38 5.50
CA TYR B 143 8.07 -18.19 4.93
C TYR B 143 7.21 -17.31 5.83
N ALA B 144 6.98 -16.06 5.46
CA ALA B 144 6.36 -15.05 6.30
C ALA B 144 5.00 -14.61 5.77
N GLY B 145 3.97 -14.61 6.61
CA GLY B 145 2.68 -13.98 6.31
C GLY B 145 2.67 -12.52 6.73
N VAL B 146 2.63 -11.60 5.77
CA VAL B 146 2.63 -10.15 5.99
C VAL B 146 1.68 -9.49 4.98
N GLN B 147 0.96 -8.43 5.38
CA GLN B 147 0.12 -7.63 4.47
C GLN B 147 0.53 -6.16 4.57
N PHE B 148 0.38 -5.39 3.48
CA PHE B 148 0.84 -3.99 3.44
C PHE B 148 0.21 -3.13 4.54
N GLY B 149 1.01 -2.58 5.44
CA GLY B 149 0.52 -1.94 6.67
C GLY B 149 0.18 -0.47 6.54
N GLY B 150 0.48 0.18 5.42
CA GLY B 150 0.15 1.59 5.16
C GLY B 150 1.03 2.62 5.87
N TYR B 151 2.05 2.20 6.62
CA TYR B 151 2.84 3.05 7.51
C TYR B 151 3.35 4.39 6.93
N PRO B 152 3.88 4.50 5.69
CA PRO B 152 4.31 5.79 5.17
C PRO B 152 3.19 6.82 5.00
N LEU B 153 1.92 6.42 4.99
CA LEU B 153 0.79 7.35 4.86
C LEU B 153 0.48 8.12 6.15
N LEU B 154 1.14 7.83 7.28
CA LEU B 154 1.01 8.65 8.47
C LEU B 154 1.59 10.05 8.27
N MET B 155 2.56 10.23 7.38
CA MET B 155 3.27 11.48 7.19
C MET B 155 2.37 12.61 6.68
N ARG B 156 2.40 13.76 7.37
CA ARG B 156 1.72 14.99 6.94
C ARG B 156 2.59 15.80 5.99
N GLU B 157 3.78 16.18 6.43
CA GLU B 157 4.83 16.75 5.60
C GLU B 157 5.49 15.69 4.71
N ALA B 158 6.21 16.10 3.66
CA ALA B 158 7.18 15.23 3.01
C ALA B 158 8.37 14.97 3.96
N PRO B 159 8.89 13.73 4.07
CA PRO B 159 9.93 13.39 5.03
C PRO B 159 11.31 13.96 4.65
N PRO B 160 12.24 14.06 5.62
CA PRO B 160 13.64 14.39 5.35
C PRO B 160 14.33 13.38 4.42
N PRO B 161 15.35 13.78 3.64
CA PRO B 161 15.97 12.92 2.63
C PRO B 161 16.60 11.63 3.19
N GLN B 162 17.11 11.65 4.41
CA GLN B 162 17.64 10.46 5.09
C GLN B 162 16.56 9.41 5.39
N VAL B 163 15.31 9.80 5.65
CA VAL B 163 14.18 8.87 5.73
C VAL B 163 13.76 8.43 4.33
N LEU B 164 13.73 9.35 3.37
CA LEU B 164 13.28 9.09 1.99
C LEU B 164 14.10 8.00 1.28
N ASP B 165 15.41 7.90 1.54
CA ASP B 165 16.20 6.76 1.04
C ASP B 165 15.77 5.41 1.65
N HIS B 166 15.51 5.36 2.96
CA HIS B 166 15.21 4.10 3.65
C HIS B 166 13.75 3.63 3.53
N LEU B 167 12.81 4.48 3.13
CA LEU B 167 11.38 4.14 3.13
C LEU B 167 11.03 3.04 2.12
N GLY B 168 11.74 2.93 0.99
CA GLY B 168 11.43 1.98 -0.07
C GLY B 168 11.43 0.53 0.40
N LEU B 169 12.59 0.01 0.77
CA LEU B 169 12.72 -1.37 1.24
C LEU B 169 12.01 -1.60 2.58
N GLY B 170 12.03 -0.63 3.49
CA GLY B 170 11.47 -0.83 4.83
C GLY B 170 9.96 -0.98 4.91
N ASN B 171 9.20 -0.70 3.86
CA ASN B 171 7.74 -0.83 3.81
C ASN B 171 7.23 -1.79 2.73
N SER B 172 8.11 -2.40 1.94
CA SER B 172 7.75 -3.39 0.93
C SER B 172 7.38 -4.73 1.57
N VAL B 173 6.36 -5.42 1.05
CA VAL B 173 5.91 -6.72 1.56
C VAL B 173 6.94 -7.83 1.30
N GLY B 174 7.60 -7.83 0.15
CA GLY B 174 8.64 -8.80 -0.20
C GLY B 174 9.90 -8.67 0.65
N ALA B 175 10.30 -7.44 0.99
CA ALA B 175 11.46 -7.20 1.85
C ALA B 175 11.33 -7.81 3.26
N ALA B 176 10.12 -8.05 3.77
CA ALA B 176 9.89 -8.62 5.09
C ALA B 176 10.50 -10.01 5.27
N SER B 177 10.48 -10.87 4.25
CA SER B 177 11.15 -12.17 4.28
C SER B 177 12.65 -12.07 4.01
N GLY B 178 13.11 -11.03 3.31
CA GLY B 178 14.53 -10.77 3.06
C GLY B 178 15.32 -10.23 4.24
N ARG B 179 14.81 -9.28 5.03
CA ARG B 179 15.54 -8.76 6.20
C ARG B 179 15.85 -9.82 7.23
N LEU B 180 14.94 -10.76 7.49
CA LEU B 180 15.22 -11.88 8.40
C LEU B 180 16.41 -12.69 7.91
N ALA B 181 16.45 -13.00 6.62
CA ALA B 181 17.54 -13.79 6.08
C ALA B 181 18.88 -13.04 6.08
N TYR B 182 18.86 -11.72 5.91
CA TYR B 182 20.05 -10.88 6.01
C TYR B 182 20.57 -10.78 7.44
N GLN B 183 19.72 -10.49 8.42
CA GLN B 183 20.13 -10.34 9.82
C GLN B 183 20.72 -11.61 10.43
N PHE B 184 20.17 -12.78 10.11
CA PHE B 184 20.60 -14.07 10.64
C PHE B 184 21.49 -14.88 9.67
N GLY B 185 21.84 -14.33 8.50
CA GLY B 185 22.73 -14.97 7.53
C GLY B 185 22.22 -16.30 6.97
N LEU B 186 20.91 -16.41 6.73
CA LEU B 186 20.29 -17.63 6.22
C LEU B 186 20.40 -17.73 4.70
N LEU B 187 20.61 -18.94 4.16
CA LEU B 187 20.83 -19.19 2.73
C LEU B 187 19.68 -19.87 2.00
N GLY B 188 18.67 -20.36 2.70
CA GLY B 188 17.50 -21.00 2.09
C GLY B 188 16.57 -19.99 1.43
N GLY B 189 15.53 -20.47 0.73
CA GLY B 189 14.56 -19.60 0.08
C GLY B 189 13.84 -18.67 1.06
N ALA B 190 13.55 -17.45 0.64
CA ALA B 190 12.81 -16.47 1.43
C ALA B 190 11.59 -16.00 0.65
N VAL B 191 10.38 -16.17 1.18
CA VAL B 191 9.12 -15.83 0.53
C VAL B 191 8.17 -15.08 1.47
N THR B 192 7.49 -14.05 0.99
CA THR B 192 6.37 -13.44 1.70
C THR B 192 5.07 -13.87 1.05
N VAL B 193 4.10 -14.36 1.84
CA VAL B 193 2.80 -14.84 1.37
C VAL B 193 1.67 -13.95 1.88
N ASP B 194 0.67 -13.70 1.04
CA ASP B 194 -0.58 -13.08 1.46
C ASP B 194 -1.77 -13.90 0.95
N THR B 195 -2.62 -14.32 1.88
CA THR B 195 -3.97 -14.87 1.67
C THR B 195 -4.90 -14.37 2.79
N GLN B 196 -4.95 -13.07 3.06
CA GLN B 196 -5.80 -12.51 4.13
C GLN B 196 -5.55 -13.25 5.46
N CYS B 197 -6.58 -13.64 6.21
CA CYS B 197 -6.43 -14.25 7.53
C CYS B 197 -5.72 -15.61 7.53
N THR B 198 -5.77 -16.40 6.46
CA THR B 198 -5.08 -17.69 6.38
C THR B 198 -3.60 -17.58 6.09
N SER B 199 -3.01 -16.38 6.07
CA SER B 199 -1.60 -16.21 5.70
C SER B 199 -0.62 -17.01 6.55
N SER B 200 -0.84 -17.13 7.87
CA SER B 200 -0.02 -17.99 8.72
C SER B 200 -0.18 -19.49 8.45
N ILE B 201 -1.39 -20.05 8.32
CA ILE B 201 -1.54 -21.47 7.98
C ILE B 201 -1.04 -21.80 6.56
N VAL B 202 -1.18 -20.90 5.58
CA VAL B 202 -0.57 -21.06 4.26
C VAL B 202 0.96 -21.02 4.34
N ALA B 203 1.54 -20.09 5.09
CA ALA B 203 2.98 -20.03 5.31
C ALA B 203 3.51 -21.30 5.96
N LEU B 204 2.80 -21.82 6.94
CA LEU B 204 3.15 -23.05 7.65
C LEU B 204 3.05 -24.28 6.76
N HIS B 205 2.01 -24.39 5.92
CA HIS B 205 1.88 -25.45 4.92
C HIS B 205 3.03 -25.50 3.93
N LEU B 206 3.42 -24.37 3.34
CA LEU B 206 4.54 -24.34 2.41
C LEU B 206 5.86 -24.69 3.10
N ALA B 207 6.05 -24.31 4.37
CA ALA B 207 7.23 -24.71 5.14
C ALA B 207 7.26 -26.22 5.43
N VAL B 208 6.13 -26.83 5.82
CA VAL B 208 6.01 -28.28 5.97
C VAL B 208 6.34 -28.99 4.67
N LYS B 209 5.82 -28.55 3.53
CA LYS B 209 6.13 -29.16 2.23
C LYS B 209 7.59 -28.94 1.82
N ALA B 210 8.19 -27.78 2.05
CA ALA B 210 9.61 -27.54 1.76
C ALA B 210 10.53 -28.48 2.54
N LEU B 211 10.25 -28.71 3.82
CA LEU B 211 10.98 -29.66 4.65
C LEU B 211 10.81 -31.10 4.20
N ARG B 212 9.60 -31.53 3.82
CA ARG B 212 9.33 -32.89 3.31
C ARG B 212 9.94 -33.16 1.93
N ASN B 213 9.98 -32.18 1.03
CA ASN B 213 10.71 -32.27 -0.24
C ASN B 213 12.23 -32.29 -0.07
N GLY B 214 12.77 -32.04 1.13
CA GLY B 214 14.21 -31.94 1.35
C GLY B 214 14.86 -30.68 0.77
N GLU B 215 14.12 -29.59 0.61
CA GLU B 215 14.65 -28.33 0.09
C GLU B 215 15.55 -27.59 1.10
N CYS B 216 15.29 -27.75 2.39
CA CYS B 216 15.91 -27.01 3.49
C CYS B 216 16.10 -27.88 4.75
N ALA B 217 16.98 -27.43 5.65
CA ALA B 217 17.34 -28.12 6.89
C ALA B 217 16.42 -27.78 8.07
N LEU B 218 16.13 -26.48 8.23
CA LEU B 218 15.12 -25.93 9.14
C LEU B 218 14.24 -24.98 8.32
N ALA B 219 13.04 -24.68 8.80
CA ALA B 219 12.19 -23.67 8.20
C ALA B 219 11.55 -22.81 9.27
N LEU B 220 11.53 -21.50 9.05
CA LEU B 220 11.01 -20.51 9.96
C LEU B 220 9.71 -19.95 9.36
N ALA B 221 8.60 -20.09 10.06
CA ALA B 221 7.27 -19.81 9.53
C ALA B 221 6.41 -19.03 10.53
N GLY B 222 5.63 -18.07 10.07
CA GLY B 222 4.83 -17.24 10.96
C GLY B 222 4.22 -16.03 10.27
N GLY B 223 3.97 -14.98 11.02
CA GLY B 223 3.49 -13.73 10.43
C GLY B 223 3.41 -12.57 11.40
N ALA B 224 2.96 -11.43 10.90
CA ALA B 224 2.70 -10.24 11.67
C ALA B 224 1.48 -9.47 11.13
N CYS B 225 0.82 -8.72 12.00
CA CYS B 225 -0.28 -7.83 11.66
C CYS B 225 -0.34 -6.68 12.66
N VAL B 226 -0.04 -5.45 12.23
CA VAL B 226 -0.07 -4.26 13.08
C VAL B 226 -0.75 -3.12 12.34
N MET B 227 -1.70 -2.46 12.98
CA MET B 227 -2.53 -1.43 12.37
C MET B 227 -1.89 -0.06 12.57
N SER B 228 -0.98 0.33 11.67
CA SER B 228 -0.41 1.66 11.71
C SER B 228 -1.42 2.76 11.35
N LEU B 229 -2.44 2.44 10.54
CA LEU B 229 -3.53 3.33 10.11
C LEU B 229 -4.89 2.84 10.64
N PRO B 230 -5.84 3.75 10.91
CA PRO B 230 -7.17 3.40 11.39
C PRO B 230 -8.12 2.82 10.33
N THR B 231 -7.74 2.75 9.06
CA THR B 231 -8.68 2.54 7.95
C THR B 231 -9.42 1.20 8.01
N VAL B 232 -8.80 0.10 8.45
CA VAL B 232 -9.51 -1.18 8.56
C VAL B 232 -10.59 -1.15 9.64
N LEU B 233 -10.38 -0.48 10.77
CA LEU B 233 -11.42 -0.31 11.79
C LEU B 233 -12.59 0.50 11.25
N MET B 234 -12.33 1.64 10.59
CA MET B 234 -13.37 2.44 9.98
C MET B 234 -14.16 1.68 8.91
N ASP B 235 -13.50 0.93 8.02
CA ASP B 235 -14.18 0.19 6.95
C ASP B 235 -15.07 -0.94 7.45
N PHE B 236 -14.81 -1.50 8.63
CA PHE B 236 -15.70 -2.48 9.25
C PHE B 236 -16.79 -1.80 10.10
N HIS B 237 -16.48 -0.68 10.74
CA HIS B 237 -17.42 0.07 11.56
C HIS B 237 -18.49 0.77 10.74
N ARG B 238 -18.14 1.30 9.57
CA ARG B 238 -19.08 1.96 8.64
C ARG B 238 -20.22 1.03 8.21
N ARG B 239 -19.95 -0.28 8.18
CA ARG B 239 -20.90 -1.35 7.85
C ARG B 239 -21.51 -2.06 9.07
N SER B 240 -21.23 -1.60 10.28
CA SER B 240 -21.68 -2.21 11.54
C SER B 240 -21.31 -3.70 11.70
N LEU B 241 -20.20 -4.14 11.10
CA LEU B 241 -19.72 -5.52 11.17
C LEU B 241 -19.07 -5.86 12.53
N LEU B 242 -18.51 -4.86 13.23
CA LEU B 242 -17.89 -5.06 14.54
C LEU B 242 -18.95 -5.30 15.61
N ALA B 243 -18.70 -6.21 16.55
CA ALA B 243 -19.56 -6.39 17.71
C ALA B 243 -19.58 -5.11 18.58
N PRO B 244 -20.71 -4.72 19.19
CA PRO B 244 -20.83 -3.45 19.90
C PRO B 244 -19.92 -3.33 21.14
N ASP B 245 -19.63 -4.44 21.82
CA ASP B 245 -18.69 -4.54 22.94
C ASP B 245 -17.28 -5.01 22.52
N GLY B 246 -17.07 -5.24 21.21
CA GLY B 246 -15.82 -5.72 20.65
C GLY B 246 -15.43 -7.16 20.97
N ARG B 247 -16.32 -8.04 21.43
CA ARG B 247 -15.97 -9.44 21.78
C ARG B 247 -16.36 -10.42 20.69
N SER B 248 -15.46 -11.33 20.33
CA SER B 248 -15.78 -12.50 19.53
C SER B 248 -16.36 -13.58 20.44
N LYS B 249 -17.69 -13.68 20.49
CA LYS B 249 -18.42 -14.65 21.32
C LYS B 249 -18.49 -15.98 20.59
N SER B 250 -17.37 -16.69 20.52
CA SER B 250 -17.18 -17.86 19.65
C SER B 250 -18.27 -18.91 19.83
N PHE B 251 -18.96 -19.27 18.75
CA PHE B 251 -20.04 -20.26 18.70
C PHE B 251 -21.28 -19.97 19.58
N ALA B 252 -21.31 -18.87 20.32
CA ALA B 252 -22.37 -18.57 21.26
C ALA B 252 -23.63 -18.03 20.57
N ALA B 253 -24.80 -18.19 21.18
CA ALA B 253 -26.08 -17.73 20.63
C ALA B 253 -26.19 -16.19 20.46
N ALA B 254 -25.35 -15.40 21.14
CA ALA B 254 -25.35 -13.95 21.01
C ALA B 254 -24.84 -13.45 19.64
N ALA B 255 -23.66 -13.90 19.20
CA ALA B 255 -23.11 -13.77 17.85
C ALA B 255 -23.32 -12.38 17.19
N ASP B 256 -22.89 -11.32 17.87
CA ASP B 256 -23.15 -9.94 17.45
C ASP B 256 -22.35 -9.48 16.22
N GLY B 257 -21.13 -9.96 16.03
CA GLY B 257 -20.23 -9.50 14.95
C GLY B 257 -18.79 -9.98 15.11
N VAL B 258 -17.86 -9.41 14.35
CA VAL B 258 -16.40 -9.73 14.43
C VAL B 258 -15.65 -8.80 15.40
N SER B 259 -14.38 -9.12 15.70
CA SER B 259 -13.51 -8.33 16.60
C SER B 259 -12.06 -8.34 16.13
N LEU B 260 -11.56 -7.20 15.67
CA LEU B 260 -10.21 -7.08 15.11
C LEU B 260 -9.15 -6.90 16.20
N ALA B 261 -7.94 -7.39 15.93
CA ALA B 261 -6.80 -7.33 16.85
C ALA B 261 -5.46 -7.49 16.11
N GLU B 262 -4.39 -7.08 16.75
CA GLU B 262 -3.00 -7.15 16.28
C GLU B 262 -2.30 -8.44 16.75
N GLY B 263 -1.10 -8.71 16.24
CA GLY B 263 -0.33 -9.87 16.67
C GLY B 263 0.86 -10.21 15.78
N ALA B 264 1.83 -10.92 16.32
CA ALA B 264 2.95 -11.48 15.59
C ALA B 264 3.41 -12.79 16.21
N GLY B 265 3.98 -13.68 15.42
CA GLY B 265 4.40 -14.99 15.89
C GLY B 265 5.31 -15.70 14.90
N MET B 266 6.27 -16.45 15.40
CA MET B 266 7.16 -17.31 14.61
C MET B 266 7.30 -18.68 15.25
N LEU B 267 7.20 -19.71 14.42
CA LEU B 267 7.48 -21.10 14.73
C LEU B 267 8.74 -21.52 13.95
N LEU B 268 9.63 -22.25 14.59
CA LEU B 268 10.79 -22.85 13.94
C LEU B 268 10.56 -24.36 13.79
N LEU B 269 10.64 -24.86 12.57
CA LEU B 269 10.32 -26.23 12.19
C LEU B 269 11.55 -27.02 11.72
N GLU B 270 11.65 -28.30 12.10
CA GLU B 270 12.65 -29.26 11.60
C GLU B 270 12.05 -30.66 11.49
N ARG B 271 12.60 -31.54 10.65
CA ARG B 271 12.13 -32.93 10.56
C ARG B 271 12.36 -33.65 11.88
N LEU B 272 11.38 -34.39 12.39
CA LEU B 272 11.47 -35.02 13.70
C LEU B 272 12.71 -35.93 13.83
N SER B 273 13.06 -36.64 12.77
CA SER B 273 14.25 -37.50 12.73
C SER B 273 15.55 -36.71 12.89
N ASP B 274 15.70 -35.58 12.23
CA ASP B 274 16.86 -34.69 12.42
C ASP B 274 16.85 -33.99 13.78
N ALA B 275 15.68 -33.65 14.31
CA ALA B 275 15.57 -33.08 15.66
C ALA B 275 16.08 -34.05 16.73
N ARG B 276 15.74 -35.34 16.61
CA ARG B 276 16.23 -36.40 17.50
C ARG B 276 17.71 -36.71 17.32
N ARG B 277 18.25 -36.68 16.11
CA ARG B 277 19.71 -36.79 15.87
C ARG B 277 20.50 -35.67 16.57
N ASN B 278 20.07 -34.41 16.44
CA ASN B 278 20.76 -33.27 17.07
C ASN B 278 20.46 -33.10 18.56
N GLY B 279 19.30 -33.57 19.05
CA GLY B 279 18.90 -33.43 20.45
C GLY B 279 18.17 -32.13 20.79
N HIS B 280 17.68 -31.38 19.79
CA HIS B 280 16.85 -30.20 20.00
C HIS B 280 15.50 -30.58 20.64
N PRO B 281 14.90 -29.73 21.50
CA PRO B 281 13.63 -30.04 22.13
C PRO B 281 12.46 -29.95 21.14
N VAL B 282 11.49 -30.84 21.24
CA VAL B 282 10.26 -30.83 20.42
C VAL B 282 9.07 -30.46 21.28
N MET B 283 8.36 -29.37 20.96
CA MET B 283 7.22 -28.87 21.73
C MET B 283 5.90 -29.54 21.36
N ALA B 284 5.68 -29.78 20.06
CA ALA B 284 4.57 -30.51 19.47
C ALA B 284 4.96 -30.94 18.06
N VAL B 285 4.25 -31.89 17.47
CA VAL B 285 4.54 -32.43 16.14
C VAL B 285 3.39 -32.15 15.18
N ILE B 286 3.68 -31.48 14.06
CA ILE B 286 2.74 -31.26 12.95
C ILE B 286 2.76 -32.47 12.05
N ARG B 287 1.59 -33.07 11.82
CA ARG B 287 1.46 -34.38 11.19
C ARG B 287 0.91 -34.32 9.77
N GLY B 288 0.09 -33.35 9.42
CA GLY B 288 -0.43 -33.16 8.07
C GLY B 288 -1.20 -31.87 7.90
N THR B 289 -1.32 -31.38 6.66
CA THR B 289 -1.79 -30.03 6.31
C THR B 289 -2.59 -30.00 5.00
N ALA B 290 -3.49 -29.05 4.80
CA ALA B 290 -4.19 -28.82 3.53
C ALA B 290 -4.72 -27.38 3.39
N ILE B 291 -4.87 -26.88 2.16
CA ILE B 291 -5.48 -25.58 1.81
C ILE B 291 -6.46 -25.80 0.64
N ASN B 292 -7.65 -25.19 0.64
CA ASN B 292 -8.56 -25.21 -0.51
C ASN B 292 -9.37 -23.92 -0.64
N GLN B 293 -10.05 -23.75 -1.76
CA GLN B 293 -10.93 -22.62 -2.08
C GLN B 293 -12.38 -23.04 -2.02
N ASP B 294 -13.24 -22.17 -1.49
CA ASP B 294 -14.69 -22.41 -1.49
C ASP B 294 -15.35 -22.20 -2.86
N GLY B 295 -14.63 -21.71 -3.86
CA GLY B 295 -15.09 -21.62 -5.24
C GLY B 295 -16.23 -20.63 -5.42
N ALA B 296 -17.11 -20.89 -6.37
CA ALA B 296 -18.23 -20.02 -6.70
C ALA B 296 -19.39 -20.77 -7.35
N THR B 297 -20.56 -20.70 -6.71
CA THR B 297 -21.85 -21.21 -7.21
C THR B 297 -22.98 -20.63 -6.33
N ASN B 298 -24.23 -21.10 -6.48
CA ASN B 298 -25.36 -20.67 -5.65
C ASN B 298 -25.15 -21.06 -4.18
N GLY B 299 -25.27 -20.08 -3.27
CA GLY B 299 -25.12 -20.28 -1.82
C GLY B 299 -26.06 -21.31 -1.19
N ILE B 300 -27.16 -21.67 -1.88
CA ILE B 300 -28.10 -22.71 -1.43
C ILE B 300 -27.44 -24.07 -1.13
N ILE B 301 -26.37 -24.43 -1.84
CA ILE B 301 -25.66 -25.71 -1.64
C ILE B 301 -24.69 -25.70 -0.44
N SER B 302 -24.52 -24.56 0.23
CA SER B 302 -23.45 -24.26 1.21
C SER B 302 -22.03 -24.50 0.66
N PRO B 303 -21.54 -23.71 -0.32
CA PRO B 303 -20.20 -23.88 -0.91
C PRO B 303 -19.09 -23.85 0.13
N SER B 304 -19.17 -22.90 1.07
CA SER B 304 -18.26 -22.78 2.21
C SER B 304 -18.31 -23.99 3.16
N GLY B 305 -19.47 -24.63 3.31
CA GLY B 305 -19.62 -25.87 4.08
C GLY B 305 -18.94 -27.05 3.40
N ARG B 306 -19.21 -27.26 2.11
CA ARG B 306 -18.61 -28.34 1.31
C ARG B 306 -17.09 -28.24 1.26
N ALA B 307 -16.55 -27.03 1.16
CA ALA B 307 -15.12 -26.80 1.12
C ALA B 307 -14.42 -27.21 2.42
N GLN B 308 -15.00 -26.87 3.58
CA GLN B 308 -14.46 -27.28 4.87
C GLN B 308 -14.51 -28.81 5.05
N GLU B 309 -15.58 -29.46 4.60
CA GLU B 309 -15.69 -30.91 4.69
C GLU B 309 -14.62 -31.63 3.85
N ARG B 310 -14.21 -31.07 2.72
CA ARG B 310 -13.09 -31.59 1.90
C ARG B 310 -11.71 -31.26 2.47
N VAL B 311 -11.50 -30.06 3.02
CA VAL B 311 -10.20 -29.69 3.58
C VAL B 311 -9.83 -30.52 4.81
N ILE B 312 -10.81 -30.90 5.65
CA ILE B 312 -10.55 -31.77 6.81
C ILE B 312 -10.14 -33.17 6.35
N ARG B 313 -10.88 -33.76 5.41
CA ARG B 313 -10.57 -35.09 4.84
C ARG B 313 -9.19 -35.13 4.20
N ALA B 314 -8.81 -34.08 3.46
CA ALA B 314 -7.47 -33.97 2.87
C ALA B 314 -6.36 -33.90 3.92
N ALA B 315 -6.53 -33.10 4.97
CA ALA B 315 -5.52 -32.96 6.02
C ALA B 315 -5.31 -34.26 6.82
N LEU B 316 -6.38 -35.01 7.10
CA LEU B 316 -6.28 -36.32 7.75
C LEU B 316 -5.56 -37.33 6.86
N ALA B 317 -5.92 -37.41 5.58
CA ALA B 317 -5.29 -38.29 4.61
C ALA B 317 -3.80 -37.98 4.37
N ASP B 318 -3.39 -36.71 4.34
CA ASP B 318 -1.98 -36.33 4.17
C ASP B 318 -1.09 -36.89 5.29
N GLY B 319 -1.55 -36.78 6.55
CA GLY B 319 -0.81 -37.27 7.71
C GLY B 319 -0.95 -38.76 7.99
N ARG B 320 -1.79 -39.48 7.23
CA ARG B 320 -2.18 -40.88 7.44
C ARG B 320 -2.81 -41.15 8.81
N VAL B 321 -3.41 -40.15 9.42
CA VAL B 321 -4.20 -40.26 10.66
C VAL B 321 -5.66 -40.62 10.36
N THR B 322 -6.41 -41.03 11.39
CA THR B 322 -7.82 -41.48 11.28
C THR B 322 -8.73 -40.65 12.18
N ALA B 323 -9.96 -40.38 11.73
CA ALA B 323 -10.87 -39.39 12.33
C ALA B 323 -11.37 -39.73 13.74
N ASP B 324 -11.25 -40.98 14.17
CA ASP B 324 -11.51 -41.40 15.55
C ASP B 324 -10.43 -40.90 16.53
N SER B 325 -9.21 -40.66 16.07
CA SER B 325 -8.05 -40.39 16.94
C SER B 325 -7.89 -38.94 17.40
N VAL B 326 -8.56 -37.98 16.75
CA VAL B 326 -8.55 -36.56 17.17
C VAL B 326 -9.44 -36.34 18.39
N ASP B 327 -8.95 -35.63 19.41
CA ASP B 327 -9.70 -35.34 20.63
C ASP B 327 -10.41 -33.98 20.60
N ALA B 328 -9.75 -32.97 20.08
CA ALA B 328 -10.20 -31.58 20.12
C ALA B 328 -9.91 -30.84 18.83
N VAL B 329 -10.67 -29.78 18.54
CA VAL B 329 -10.38 -28.87 17.44
C VAL B 329 -10.47 -27.41 17.89
N GLU B 330 -9.44 -26.65 17.58
CA GLU B 330 -9.32 -25.21 17.81
C GLU B 330 -9.91 -24.51 16.59
N GLY B 331 -11.20 -24.19 16.68
CA GLY B 331 -12.00 -23.79 15.54
C GLY B 331 -11.85 -22.32 15.17
N HIS B 332 -12.32 -21.91 13.99
CA HIS B 332 -12.21 -20.53 13.55
C HIS B 332 -13.08 -19.59 14.39
N GLY B 333 -14.36 -19.93 14.64
CA GLY B 333 -15.12 -19.36 15.76
C GLY B 333 -15.13 -17.84 15.89
N VAL B 334 -15.19 -17.09 14.80
CA VAL B 334 -15.04 -15.62 14.83
C VAL B 334 -16.23 -14.90 15.43
N GLY B 335 -17.43 -15.50 15.40
CA GLY B 335 -18.66 -14.94 15.97
C GLY B 335 -19.62 -14.29 14.96
N ALA B 336 -19.35 -14.38 13.66
CA ALA B 336 -20.28 -13.96 12.62
C ALA B 336 -21.53 -14.85 12.64
N THR B 337 -22.72 -14.26 12.57
CA THR B 337 -23.97 -14.92 13.01
C THR B 337 -24.31 -16.18 12.22
N LEU B 338 -24.16 -16.16 10.89
CA LEU B 338 -24.29 -17.34 10.03
C LEU B 338 -22.96 -18.09 9.81
N GLY B 339 -21.80 -17.43 10.00
CA GLY B 339 -20.48 -17.99 9.70
C GLY B 339 -20.04 -19.11 10.63
N ASP B 340 -20.26 -19.00 11.94
CA ASP B 340 -19.90 -20.05 12.91
C ASP B 340 -20.75 -21.33 12.71
N GLY B 341 -22.00 -21.21 12.28
CA GLY B 341 -22.91 -22.33 12.09
C GLY B 341 -22.49 -23.30 10.99
N VAL B 342 -21.93 -22.78 9.90
CA VAL B 342 -21.37 -23.59 8.80
C VAL B 342 -20.17 -24.42 9.26
N GLU B 343 -19.26 -23.84 10.05
CA GLU B 343 -18.14 -24.57 10.62
C GLU B 343 -18.62 -25.72 11.49
N VAL B 344 -19.49 -25.45 12.48
CA VAL B 344 -20.00 -26.49 13.38
C VAL B 344 -20.66 -27.61 12.60
N THR B 345 -21.45 -27.27 11.58
CA THR B 345 -22.08 -28.25 10.70
C THR B 345 -21.02 -29.09 9.98
N SER B 346 -19.97 -28.49 9.42
CA SER B 346 -18.90 -29.23 8.74
C SER B 346 -18.15 -30.20 9.66
N LEU B 347 -17.98 -29.86 10.94
CA LEU B 347 -17.39 -30.74 11.94
C LEU B 347 -18.32 -31.92 12.26
N LEU B 348 -19.62 -31.70 12.44
CA LEU B 348 -20.62 -32.76 12.55
C LEU B 348 -20.69 -33.65 11.30
N SER B 349 -20.51 -33.09 10.09
CA SER B 349 -20.38 -33.83 8.83
C SER B 349 -19.08 -34.62 8.67
N THR B 350 -18.13 -34.55 9.60
CA THR B 350 -16.77 -35.09 9.42
C THR B 350 -16.27 -35.86 10.63
N TYR B 351 -15.76 -35.19 11.67
CA TYR B 351 -15.39 -35.84 12.94
C TYR B 351 -16.60 -36.42 13.68
N GLY B 352 -17.75 -35.77 13.58
CA GLY B 352 -18.92 -36.09 14.38
C GLY B 352 -19.65 -37.39 14.03
N GLN B 353 -19.24 -38.09 12.98
CA GLN B 353 -19.80 -39.38 12.58
C GLN B 353 -18.99 -40.60 13.05
N GLU B 354 -17.76 -40.42 13.55
CA GLU B 354 -16.80 -41.52 13.79
C GLU B 354 -16.17 -41.53 15.19
N ARG B 355 -16.83 -40.88 16.17
CA ARG B 355 -16.34 -40.81 17.57
C ARG B 355 -16.35 -42.20 18.24
N PRO B 356 -15.32 -42.56 19.02
CA PRO B 356 -15.43 -43.65 19.99
C PRO B 356 -16.51 -43.36 21.04
N ALA B 357 -17.10 -44.39 21.63
CA ALA B 357 -18.15 -44.23 22.63
C ALA B 357 -17.66 -43.44 23.86
N GLY B 358 -18.33 -42.33 24.15
CA GLY B 358 -17.99 -41.44 25.27
C GLY B 358 -16.78 -40.53 25.06
N ARG B 359 -16.29 -40.36 23.83
CA ARG B 359 -15.17 -39.46 23.47
C ARG B 359 -15.61 -38.36 22.47
N PRO B 360 -16.64 -37.55 22.77
CA PRO B 360 -17.09 -36.49 21.88
C PRO B 360 -15.99 -35.47 21.59
N LEU B 361 -16.06 -34.83 20.42
CA LEU B 361 -15.09 -33.81 20.01
C LEU B 361 -15.24 -32.57 20.88
N LEU B 362 -14.17 -32.17 21.55
CA LEU B 362 -14.12 -30.91 22.26
C LEU B 362 -13.84 -29.74 21.29
N LEU B 363 -14.61 -28.68 21.38
CA LEU B 363 -14.55 -27.53 20.48
C LEU B 363 -14.41 -26.22 21.27
N GLY B 364 -13.57 -25.31 20.79
CA GLY B 364 -13.37 -23.99 21.38
C GLY B 364 -12.58 -23.07 20.45
N SER B 365 -12.29 -21.85 20.90
CA SER B 365 -11.45 -20.93 20.14
C SER B 365 -10.76 -19.90 21.01
N VAL B 366 -9.44 -19.75 20.87
CA VAL B 366 -8.64 -18.73 21.57
C VAL B 366 -9.03 -17.31 21.18
N LYS B 367 -9.70 -17.17 20.02
CA LYS B 367 -10.15 -15.90 19.47
C LYS B 367 -11.23 -15.23 20.34
N SER B 368 -11.81 -15.96 21.27
CA SER B 368 -12.66 -15.42 22.33
C SER B 368 -11.88 -14.60 23.37
N ASN B 369 -10.69 -15.03 23.78
CA ASN B 369 -9.87 -14.32 24.76
C ASN B 369 -9.10 -13.12 24.18
N ILE B 370 -8.46 -13.29 23.03
CA ILE B 370 -7.55 -12.27 22.45
C ILE B 370 -8.06 -11.55 21.20
N GLY B 371 -9.29 -11.81 20.77
CA GLY B 371 -9.81 -11.34 19.49
C GLY B 371 -9.29 -12.12 18.29
N HIS B 372 -9.59 -11.69 17.08
CA HIS B 372 -9.32 -12.44 15.85
C HIS B 372 -7.84 -12.64 15.50
N THR B 373 -6.99 -11.63 15.67
CA THR B 373 -5.55 -11.58 15.34
C THR B 373 -5.18 -11.73 13.85
N GLN B 374 -6.16 -11.68 12.95
CA GLN B 374 -5.99 -11.50 11.50
C GLN B 374 -4.97 -12.48 10.87
N THR B 375 -3.85 -12.03 10.28
CA THR B 375 -2.91 -12.93 9.58
C THR B 375 -2.25 -13.98 10.46
N VAL B 376 -2.18 -13.80 11.79
CA VAL B 376 -1.59 -14.77 12.71
C VAL B 376 -2.61 -15.63 13.44
N GLY B 377 -3.85 -15.70 12.94
CA GLY B 377 -4.93 -16.49 13.53
C GLY B 377 -4.62 -17.97 13.73
N ALA B 378 -3.74 -18.57 12.94
CA ALA B 378 -3.27 -19.94 13.13
C ALA B 378 -2.17 -20.08 14.20
N VAL B 379 -1.24 -19.13 14.34
CA VAL B 379 -0.21 -19.18 15.40
C VAL B 379 -0.84 -19.13 16.78
N ALA B 380 -1.82 -18.26 16.98
CA ALA B 380 -2.54 -18.14 18.25
C ALA B 380 -3.13 -19.49 18.69
N GLY B 381 -3.73 -20.22 17.77
CA GLY B 381 -4.26 -21.55 18.05
C GLY B 381 -3.18 -22.58 18.38
N ILE B 382 -2.04 -22.57 17.67
CA ILE B 382 -0.94 -23.51 17.94
C ILE B 382 -0.35 -23.24 19.32
N VAL B 383 -0.13 -21.98 19.71
CA VAL B 383 0.35 -21.65 21.05
C VAL B 383 -0.61 -22.19 22.11
N LYS B 384 -1.92 -21.99 21.97
CA LYS B 384 -2.90 -22.61 22.88
C LYS B 384 -2.74 -24.12 22.96
N LEU B 385 -2.72 -24.86 21.84
CA LEU B 385 -2.63 -26.32 21.89
C LEU B 385 -1.29 -26.84 22.41
N VAL B 386 -0.17 -26.18 22.10
CA VAL B 386 1.15 -26.53 22.65
C VAL B 386 1.12 -26.42 24.17
N MET B 387 0.59 -25.33 24.70
CA MET B 387 0.47 -25.13 26.14
C MET B 387 -0.54 -26.07 26.79
N ALA B 388 -1.64 -26.40 26.12
CA ALA B 388 -2.60 -27.37 26.61
C ALA B 388 -1.99 -28.77 26.74
N LEU B 389 -1.20 -29.21 25.76
CA LEU B 389 -0.52 -30.49 25.82
C LEU B 389 0.49 -30.55 26.96
N ARG B 390 1.28 -29.48 27.17
CA ARG B 390 2.25 -29.37 28.28
C ARG B 390 1.60 -29.45 29.66
N ASN B 391 0.50 -28.74 29.87
CA ASN B 391 -0.20 -28.66 31.17
C ASN B 391 -1.30 -29.72 31.36
N GLU B 392 -1.56 -30.57 30.38
CA GLU B 392 -2.55 -31.65 30.42
C GLU B 392 -3.98 -31.18 30.71
N ARG B 393 -4.36 -29.99 30.23
CA ARG B 393 -5.67 -29.36 30.44
C ARG B 393 -6.10 -28.59 29.21
N LEU B 394 -7.39 -28.53 28.89
CA LEU B 394 -7.93 -27.70 27.80
C LEU B 394 -8.69 -26.49 28.38
N PRO B 395 -8.42 -25.24 27.98
CA PRO B 395 -9.06 -24.04 28.55
C PRO B 395 -10.52 -23.84 28.16
N ARG B 396 -11.32 -23.27 29.06
CA ARG B 396 -12.71 -22.87 28.77
C ARG B 396 -12.81 -21.74 27.75
N THR B 397 -13.83 -21.79 26.90
CA THR B 397 -14.11 -20.70 25.94
C THR B 397 -14.88 -19.59 26.64
N VAL B 398 -14.36 -18.36 26.64
CA VAL B 398 -15.03 -17.24 27.33
C VAL B 398 -16.24 -16.74 26.56
N HIS B 399 -17.20 -16.17 27.29
CA HIS B 399 -18.47 -15.62 26.81
C HIS B 399 -19.45 -16.64 26.17
N VAL B 400 -19.28 -17.94 26.38
CA VAL B 400 -20.24 -18.94 25.88
C VAL B 400 -21.43 -19.04 26.84
N ASP B 401 -22.42 -18.17 26.64
CA ASP B 401 -23.67 -18.17 27.41
C ASP B 401 -24.63 -19.30 27.02
N GLY B 402 -24.53 -19.81 25.80
CA GLY B 402 -25.34 -20.92 25.27
C GLY B 402 -24.96 -21.25 23.83
N PRO B 403 -24.96 -22.53 23.40
CA PRO B 403 -24.57 -22.91 22.04
C PRO B 403 -25.47 -22.31 20.97
N THR B 404 -24.93 -21.97 19.80
CA THR B 404 -25.69 -21.34 18.72
C THR B 404 -26.85 -22.22 18.21
N PRO B 405 -28.05 -21.66 17.95
CA PRO B 405 -29.19 -22.37 17.40
C PRO B 405 -29.09 -22.67 15.88
N HIS B 406 -28.08 -22.14 15.18
CA HIS B 406 -27.85 -22.38 13.75
C HIS B 406 -27.14 -23.70 13.41
N ALA B 407 -27.05 -24.65 14.35
CA ALA B 407 -26.58 -26.02 14.13
C ALA B 407 -27.30 -27.02 15.05
N ASP B 408 -27.37 -28.30 14.68
CA ASP B 408 -28.05 -29.34 15.45
C ASP B 408 -27.10 -30.16 16.34
N TRP B 409 -26.91 -29.72 17.58
CA TRP B 409 -26.07 -30.39 18.58
C TRP B 409 -26.64 -31.71 19.12
N SER B 410 -27.82 -32.15 18.68
CA SER B 410 -28.58 -33.24 19.34
C SER B 410 -27.92 -34.63 19.28
N SER B 411 -26.91 -34.84 18.44
CA SER B 411 -26.12 -36.08 18.44
C SER B 411 -25.26 -36.23 19.70
N GLY B 412 -24.87 -35.13 20.33
CA GLY B 412 -23.91 -35.10 21.43
C GLY B 412 -22.46 -35.39 21.02
N THR B 413 -22.16 -35.64 19.73
CA THR B 413 -20.84 -36.03 19.25
C THR B 413 -19.82 -34.87 19.16
N VAL B 414 -20.27 -33.63 19.28
CA VAL B 414 -19.44 -32.43 19.38
C VAL B 414 -19.98 -31.54 20.49
N ARG B 415 -19.14 -30.96 21.35
CA ARG B 415 -19.56 -30.02 22.40
C ARG B 415 -18.54 -28.92 22.71
N LEU B 416 -19.06 -27.72 22.97
CA LEU B 416 -18.26 -26.57 23.36
C LEU B 416 -17.68 -26.75 24.76
N LEU B 417 -16.43 -26.37 24.93
CA LEU B 417 -15.71 -26.49 26.19
C LEU B 417 -16.01 -25.28 27.09
N THR B 418 -17.11 -25.35 27.84
CA THR B 418 -17.60 -24.26 28.72
C THR B 418 -16.97 -24.22 30.12
N GLU B 419 -16.30 -25.29 30.54
CA GLU B 419 -15.47 -25.43 31.75
C GLU B 419 -14.21 -26.22 31.37
N PRO B 420 -13.06 -26.04 32.04
CA PRO B 420 -11.84 -26.75 31.66
C PRO B 420 -11.97 -28.25 31.90
N GLU B 421 -11.29 -29.06 31.07
CA GLU B 421 -11.25 -30.52 31.23
C GLU B 421 -9.83 -31.09 31.14
N PRO B 422 -9.49 -32.12 31.94
CA PRO B 422 -8.18 -32.77 31.94
C PRO B 422 -7.93 -33.61 30.68
N TRP B 423 -6.68 -33.70 30.26
CA TRP B 423 -6.25 -34.31 29.01
C TRP B 423 -4.89 -35.00 29.19
N ARG B 424 -4.89 -36.09 29.96
CA ARG B 424 -3.69 -36.78 30.43
C ARG B 424 -3.00 -37.63 29.37
N ARG B 425 -1.67 -37.69 29.40
CA ARG B 425 -0.87 -38.67 28.63
C ARG B 425 -1.26 -40.09 29.05
N GLY B 426 -1.35 -41.01 28.10
CA GLY B 426 -1.84 -42.37 28.32
C GLY B 426 -1.83 -43.24 27.07
N GLU B 427 -2.67 -44.28 27.04
CA GLU B 427 -2.70 -45.30 25.98
C GLU B 427 -3.18 -44.78 24.61
N ARG B 428 -3.95 -43.70 24.59
CA ARG B 428 -4.45 -43.04 23.38
C ARG B 428 -3.60 -41.80 23.12
N VAL B 429 -2.99 -41.70 21.93
CA VAL B 429 -2.11 -40.58 21.55
C VAL B 429 -2.95 -39.32 21.49
N ARG B 430 -2.60 -38.27 22.24
CA ARG B 430 -3.35 -37.00 22.20
C ARG B 430 -3.13 -36.31 20.86
N ARG B 431 -4.20 -36.05 20.12
CA ARG B 431 -4.16 -35.30 18.85
C ARG B 431 -5.20 -34.20 18.82
N ALA B 432 -4.90 -33.10 18.17
CA ALA B 432 -5.84 -32.01 17.98
C ALA B 432 -5.70 -31.36 16.61
N GLY B 433 -6.77 -30.74 16.12
CA GLY B 433 -6.78 -30.02 14.86
C GLY B 433 -6.94 -28.51 15.01
N LEU B 434 -6.64 -27.76 13.95
CA LEU B 434 -6.89 -26.32 13.87
C LEU B 434 -7.57 -25.98 12.55
N THR B 435 -8.58 -25.11 12.55
CA THR B 435 -9.22 -24.60 11.32
C THR B 435 -9.05 -23.10 11.24
N CYS B 436 -8.66 -22.59 10.07
CA CYS B 436 -8.61 -21.16 9.79
C CYS B 436 -9.31 -20.87 8.46
N LEU B 437 -10.14 -19.84 8.40
CA LEU B 437 -10.98 -19.48 7.25
C LEU B 437 -10.81 -18.00 6.89
N THR B 438 -11.18 -17.59 5.69
CA THR B 438 -11.24 -16.16 5.33
C THR B 438 -12.18 -15.88 4.16
N LEU B 439 -12.62 -14.64 4.02
CA LEU B 439 -13.58 -14.25 2.98
C LEU B 439 -13.04 -14.21 1.53
N SER B 440 -11.72 -14.26 1.27
CA SER B 440 -11.25 -14.50 -0.10
C SER B 440 -11.47 -15.94 -0.56
N GLY B 441 -11.85 -16.84 0.36
CA GLY B 441 -12.24 -18.21 0.08
C GLY B 441 -11.25 -19.27 0.53
N THR B 442 -10.04 -18.92 0.97
CA THR B 442 -9.09 -19.91 1.48
C THR B 442 -9.54 -20.47 2.83
N ASN B 443 -9.50 -21.80 2.93
CA ASN B 443 -9.72 -22.58 4.13
C ASN B 443 -8.51 -23.46 4.34
N GLY B 444 -8.16 -23.80 5.57
CA GLY B 444 -7.11 -24.77 5.85
C GLY B 444 -7.27 -25.51 7.15
N HIS B 445 -6.54 -26.61 7.29
CA HIS B 445 -6.51 -27.44 8.50
C HIS B 445 -5.11 -27.97 8.79
N LEU B 446 -4.76 -28.14 10.06
CA LEU B 446 -3.56 -28.84 10.56
C LEU B 446 -3.97 -29.92 11.54
N ILE B 447 -3.17 -30.97 11.67
CA ILE B 447 -3.24 -31.93 12.76
C ILE B 447 -1.93 -31.89 13.56
N LEU B 448 -2.04 -31.77 14.88
CA LEU B 448 -0.96 -31.72 15.87
C LEU B 448 -1.01 -32.94 16.78
N GLU B 449 0.16 -33.37 17.23
CA GLU B 449 0.38 -34.51 18.13
C GLU B 449 1.34 -34.16 19.26
N GLU B 450 1.35 -34.99 20.30
CA GLU B 450 2.34 -34.98 21.36
C GLU B 450 3.78 -35.16 20.86
N PRO B 451 4.79 -34.63 21.58
CA PRO B 451 6.17 -35.08 21.42
C PRO B 451 6.33 -36.55 21.79
N PRO B 452 7.32 -37.26 21.24
CA PRO B 452 7.55 -38.69 21.55
C PRO B 452 7.97 -38.96 23.00
N ALA B 453 8.67 -38.01 23.64
CA ALA B 453 8.88 -37.94 25.10
C ALA B 453 9.44 -39.21 25.77
N ASP B 454 10.54 -39.77 25.24
CA ASP B 454 11.26 -40.86 25.90
C ASP B 454 11.82 -40.41 27.27
N GLU B 455 11.93 -41.34 28.24
CA GLU B 455 12.33 -41.04 29.61
C GLU B 455 13.83 -40.69 29.73
N PRO B 456 14.23 -39.58 30.39
CA PRO B 456 15.63 -39.23 30.62
C PRO B 456 16.40 -40.25 31.47
N ALA B 457 17.73 -40.29 31.31
CA ALA B 457 18.63 -41.08 32.16
C ALA B 457 18.71 -40.52 33.60
N ALA B 458 19.12 -41.37 34.55
CA ALA B 458 19.32 -40.98 35.96
C ALA B 458 20.48 -39.98 36.15
N ARG B 459 20.42 -39.21 37.24
CA ARG B 459 21.38 -38.14 37.60
C ARG B 459 22.21 -38.57 38.83
N PRO B 460 23.55 -38.57 38.79
CA PRO B 460 24.36 -39.10 39.88
C PRO B 460 24.36 -38.18 41.11
N ALA B 461 24.30 -38.78 42.30
CA ALA B 461 24.44 -38.07 43.56
C ALA B 461 25.87 -37.53 43.73
N ASN B 462 26.01 -36.28 44.15
CA ASN B 462 27.30 -35.57 44.16
C ASN B 462 27.37 -34.52 45.30
N PRO B 463 28.58 -34.25 45.83
CA PRO B 463 28.81 -33.12 46.74
C PRO B 463 28.65 -31.76 46.01
N GLU B 464 28.55 -30.68 46.78
CA GLU B 464 28.24 -29.31 46.36
C GLU B 464 29.41 -28.60 45.63
N ARG B 465 29.92 -29.19 44.55
CA ARG B 465 31.00 -28.64 43.70
C ARG B 465 30.57 -27.32 43.05
N THR B 466 31.52 -26.42 42.79
CA THR B 466 31.22 -25.09 42.20
C THR B 466 30.62 -25.20 40.79
N VAL B 467 29.64 -24.33 40.49
CA VAL B 467 29.04 -24.16 39.16
C VAL B 467 29.36 -22.75 38.64
N PRO B 468 29.88 -22.58 37.42
CA PRO B 468 30.05 -21.27 36.82
C PRO B 468 28.83 -20.86 35.99
N LEU B 469 28.05 -19.88 36.45
CA LEU B 469 27.03 -19.24 35.61
C LEU B 469 27.68 -18.14 34.77
N VAL B 470 27.37 -18.10 33.48
CA VAL B 470 27.95 -17.15 32.53
C VAL B 470 26.84 -16.29 31.93
N LEU B 471 27.00 -14.97 31.96
CA LEU B 471 26.03 -14.03 31.41
C LEU B 471 26.69 -13.09 30.38
N SER B 472 25.95 -12.74 29.35
CA SER B 472 26.37 -11.87 28.25
C SER B 472 25.31 -10.83 27.93
N ALA B 473 25.72 -9.62 27.55
CA ALA B 473 24.81 -8.53 27.22
C ALA B 473 25.43 -7.58 26.20
N LYS B 474 24.59 -6.85 25.45
CA LYS B 474 25.02 -5.83 24.48
C LYS B 474 24.87 -4.40 25.02
N SER B 475 24.57 -4.24 26.30
CA SER B 475 24.63 -2.99 27.07
C SER B 475 24.88 -3.31 28.55
N PRO B 476 25.43 -2.39 29.37
CA PRO B 476 25.54 -2.59 30.81
C PRO B 476 24.20 -2.76 31.51
N THR B 477 23.15 -2.08 31.05
CA THR B 477 21.80 -2.20 31.64
C THR B 477 21.16 -3.56 31.41
N ALA B 478 21.33 -4.15 30.22
CA ALA B 478 20.83 -5.48 29.93
C ALA B 478 21.46 -6.56 30.82
N LEU B 479 22.67 -6.34 31.33
CA LEU B 479 23.28 -7.29 32.26
C LEU B 479 22.52 -7.32 33.59
N ARG B 480 22.13 -6.15 34.11
CA ARG B 480 21.35 -6.06 35.35
C ARG B 480 19.94 -6.62 35.19
N GLU B 481 19.27 -6.35 34.07
CA GLU B 481 17.95 -6.92 33.83
C GLU B 481 17.98 -8.45 33.71
N GLN B 482 19.02 -9.05 33.10
CA GLN B 482 19.16 -10.50 33.08
C GLN B 482 19.38 -11.07 34.47
N ALA B 483 20.24 -10.46 35.27
CA ALA B 483 20.45 -10.89 36.64
C ALA B 483 19.14 -10.86 37.46
N GLU B 484 18.31 -9.84 37.30
CA GLU B 484 17.00 -9.77 37.96
C GLU B 484 16.01 -10.83 37.47
N ARG B 485 15.96 -11.13 36.17
CA ARG B 485 15.11 -12.24 35.65
C ARG B 485 15.56 -13.60 36.15
N LEU B 486 16.86 -13.91 36.03
CA LEU B 486 17.42 -15.24 36.26
C LEU B 486 17.30 -15.69 37.73
N ARG B 487 17.19 -14.74 38.66
CA ARG B 487 16.91 -14.97 40.08
C ARG B 487 15.62 -15.74 40.31
N ALA B 488 14.58 -15.53 39.51
CA ALA B 488 13.36 -16.32 39.54
C ALA B 488 13.51 -17.77 39.03
N THR B 489 14.55 -18.09 38.25
CA THR B 489 14.83 -19.45 37.77
C THR B 489 15.78 -20.22 38.68
N ILE B 490 16.87 -19.61 39.14
CA ILE B 490 17.83 -20.29 40.03
C ILE B 490 17.22 -20.65 41.39
N THR B 491 16.23 -19.89 41.85
CA THR B 491 15.43 -20.19 43.04
C THR B 491 14.35 -21.27 42.83
N ALA B 492 14.40 -22.03 41.72
CA ALA B 492 13.48 -23.14 41.43
C ALA B 492 14.19 -24.35 40.80
N ALA B 493 14.90 -24.17 39.68
CA ALA B 493 15.68 -25.21 39.01
C ALA B 493 17.03 -25.45 39.71
N GLU B 494 17.70 -26.58 39.46
CA GLU B 494 19.02 -26.88 40.01
C GLU B 494 20.14 -26.16 39.27
N PRO B 495 21.19 -25.69 39.96
CA PRO B 495 22.19 -24.81 39.38
C PRO B 495 23.01 -25.46 38.27
N VAL B 496 23.29 -26.76 38.34
CA VAL B 496 24.03 -27.47 37.29
C VAL B 496 23.26 -27.50 35.97
N ASP B 497 21.93 -27.60 36.01
CA ASP B 497 21.11 -27.58 34.80
C ASP B 497 21.00 -26.16 34.23
N VAL B 498 20.85 -25.13 35.07
CA VAL B 498 20.84 -23.72 34.62
C VAL B 498 22.19 -23.36 34.01
N GLY B 499 23.27 -23.76 34.65
CA GLY B 499 24.62 -23.51 34.18
C GLY B 499 24.92 -24.18 32.85
N HIS B 500 24.55 -25.47 32.71
CA HIS B 500 24.71 -26.18 31.43
C HIS B 500 23.84 -25.58 30.32
N SER B 501 22.65 -25.10 30.66
CA SER B 501 21.78 -24.42 29.70
C SER B 501 22.34 -23.09 29.22
N LEU B 502 22.96 -22.27 30.06
CA LEU B 502 23.37 -20.92 29.68
C LEU B 502 24.41 -20.90 28.57
N HIS B 503 25.61 -21.45 28.80
CA HIS B 503 26.70 -21.27 27.84
C HIS B 503 26.45 -21.96 26.49
N THR B 504 25.66 -23.03 26.45
CA THR B 504 25.31 -23.69 25.18
C THR B 504 24.18 -23.01 24.41
N THR B 505 23.24 -22.31 25.08
CA THR B 505 22.05 -21.72 24.42
C THR B 505 22.05 -20.19 24.30
N ARG B 506 23.12 -19.48 24.69
CA ARG B 506 23.19 -18.02 24.65
C ARG B 506 24.49 -17.54 24.02
N SER B 507 24.42 -16.51 23.20
CA SER B 507 25.55 -16.00 22.43
C SER B 507 26.49 -15.14 23.26
N SER B 508 27.79 -15.20 23.00
CA SER B 508 28.76 -14.26 23.55
C SER B 508 28.51 -12.85 22.99
N PHE B 509 28.61 -11.84 23.85
CA PHE B 509 28.45 -10.42 23.50
C PHE B 509 29.51 -9.59 24.25
N ARG B 510 29.65 -8.31 23.89
CA ARG B 510 30.72 -7.43 24.33
C ARG B 510 30.81 -7.23 25.85
N HIS B 511 29.71 -7.23 26.59
CA HIS B 511 29.70 -7.08 28.06
C HIS B 511 29.40 -8.42 28.72
N ARG B 512 30.16 -8.80 29.74
CA ARG B 512 30.15 -10.17 30.27
C ARG B 512 30.25 -10.20 31.78
N ALA B 513 29.74 -11.25 32.39
CA ALA B 513 29.92 -11.53 33.79
C ALA B 513 29.99 -13.04 34.05
N VAL B 514 30.71 -13.45 35.08
CA VAL B 514 30.71 -14.82 35.58
C VAL B 514 30.38 -14.80 37.06
N VAL B 515 29.42 -15.61 37.49
CA VAL B 515 29.06 -15.78 38.90
C VAL B 515 29.46 -17.17 39.35
N LEU B 516 30.29 -17.28 40.39
CA LEU B 516 30.78 -18.53 40.95
C LEU B 516 30.18 -18.79 42.32
N GLY B 517 29.63 -19.98 42.53
CA GLY B 517 29.10 -20.40 43.83
C GLY B 517 29.01 -21.92 43.95
N THR B 518 29.00 -22.41 45.19
CA THR B 518 28.86 -23.84 45.52
C THR B 518 27.40 -24.31 45.56
N GLY B 519 26.44 -23.38 45.68
CA GLY B 519 25.04 -23.73 45.85
C GLY B 519 24.10 -22.54 45.69
N ARG B 520 22.79 -22.80 45.78
CA ARG B 520 21.72 -21.87 45.44
C ARG B 520 21.82 -20.53 46.18
N GLU B 521 22.13 -20.54 47.48
CA GLU B 521 22.24 -19.30 48.27
C GLU B 521 23.42 -18.42 47.81
N GLU B 522 24.58 -19.01 47.54
CA GLU B 522 25.76 -18.27 47.08
C GLU B 522 25.55 -17.71 45.67
N LEU B 523 24.95 -18.50 44.77
CA LEU B 523 24.64 -18.03 43.43
C LEU B 523 23.57 -16.92 43.45
N ALA B 524 22.53 -17.04 44.28
CA ALA B 524 21.53 -15.99 44.39
C ALA B 524 22.12 -14.69 44.96
N ALA B 525 22.98 -14.78 45.97
CA ALA B 525 23.70 -13.61 46.50
C ALA B 525 24.63 -12.97 45.46
N GLY B 526 25.25 -13.77 44.58
CA GLY B 526 26.02 -13.26 43.45
C GLY B 526 25.16 -12.50 42.44
N LEU B 527 24.05 -13.07 41.99
CA LEU B 527 23.20 -12.39 41.01
C LEU B 527 22.57 -11.12 41.59
N ASP B 528 22.23 -11.08 42.88
CA ASP B 528 21.79 -9.85 43.55
C ASP B 528 22.89 -8.78 43.59
N ALA B 529 24.13 -9.17 43.82
CA ALA B 529 25.26 -8.27 43.78
C ALA B 529 25.44 -7.64 42.39
N LEU B 530 25.24 -8.43 41.33
CA LEU B 530 25.24 -7.94 39.94
C LEU B 530 24.07 -6.97 39.72
N ALA B 531 22.86 -7.35 40.09
CA ALA B 531 21.67 -6.55 39.88
C ALA B 531 21.75 -5.17 40.55
N GLY B 532 22.39 -5.06 41.72
CA GLY B 532 22.66 -3.79 42.40
C GLY B 532 23.94 -3.07 41.98
N ASP B 533 24.74 -3.63 41.07
CA ASP B 533 26.06 -3.15 40.66
C ASP B 533 27.09 -2.97 41.80
N ARG B 534 27.02 -3.82 42.83
CA ARG B 534 27.87 -3.79 44.04
C ARG B 534 28.80 -4.99 44.08
N THR B 535 30.10 -4.78 44.22
CA THR B 535 31.12 -5.84 44.08
C THR B 535 31.05 -6.84 45.23
N ALA B 536 31.22 -8.12 44.90
CA ALA B 536 31.22 -9.25 45.83
C ALA B 536 32.15 -10.35 45.31
N ASP B 537 32.69 -11.19 46.19
CA ASP B 537 33.71 -12.20 45.82
C ASP B 537 33.22 -13.27 44.83
N GLY B 538 31.90 -13.39 44.63
CA GLY B 538 31.32 -14.31 43.67
C GLY B 538 31.38 -13.84 42.21
N LEU B 539 31.73 -12.59 41.94
CA LEU B 539 31.62 -11.97 40.61
C LEU B 539 32.95 -11.68 39.94
N VAL B 540 32.98 -11.85 38.62
CA VAL B 540 33.93 -11.20 37.71
C VAL B 540 33.10 -10.49 36.63
N ARG B 541 33.47 -9.27 36.26
CA ARG B 541 32.74 -8.37 35.33
C ARG B 541 33.72 -7.70 34.37
N GLY B 542 33.34 -7.50 33.11
CA GLY B 542 34.16 -6.71 32.19
C GLY B 542 33.67 -6.67 30.75
N VAL B 543 34.54 -6.14 29.89
CA VAL B 543 34.27 -5.79 28.50
C VAL B 543 35.28 -6.50 27.60
N ALA B 544 34.84 -7.14 26.52
CA ALA B 544 35.73 -7.93 25.67
C ALA B 544 36.59 -7.07 24.74
N ARG B 545 37.89 -7.38 24.68
CA ARG B 545 38.89 -6.84 23.73
C ARG B 545 39.29 -7.91 22.72
N ALA B 546 39.19 -7.58 21.43
CA ALA B 546 39.26 -8.56 20.34
C ALA B 546 40.67 -9.01 19.89
N GLN B 547 41.74 -8.33 20.33
CA GLN B 547 43.11 -8.47 19.80
C GLN B 547 43.76 -9.86 20.02
N GLY B 548 43.23 -10.69 20.90
CA GLY B 548 43.51 -12.14 20.97
C GLY B 548 44.79 -12.58 21.70
N GLN B 549 45.92 -11.91 21.48
CA GLN B 549 47.26 -12.47 21.70
C GLN B 549 47.52 -12.88 23.16
N THR B 550 47.66 -14.19 23.42
CA THR B 550 47.75 -14.80 24.76
C THR B 550 49.02 -15.61 24.95
N ALA B 551 49.73 -15.43 26.06
CA ALA B 551 50.97 -16.14 26.36
C ALA B 551 50.95 -16.84 27.71
N LEU B 552 51.69 -17.94 27.80
CA LEU B 552 51.63 -18.89 28.91
C LEU B 552 53.03 -19.09 29.50
N LEU B 553 53.16 -18.87 30.81
CA LEU B 553 54.43 -18.89 31.54
C LEU B 553 54.58 -20.15 32.40
N PHE B 554 55.74 -20.78 32.30
CA PHE B 554 56.05 -22.09 32.87
C PHE B 554 57.24 -21.99 33.80
N GLY B 555 57.28 -22.82 34.83
CA GLY B 555 58.37 -22.80 35.82
C GLY B 555 58.70 -24.18 36.35
N GLY B 556 59.97 -24.44 36.58
CA GLY B 556 60.44 -25.69 37.19
C GLY B 556 60.35 -25.65 38.72
N ALA B 557 60.92 -26.65 39.37
CA ALA B 557 61.07 -26.68 40.83
C ALA B 557 62.16 -25.73 41.34
N GLY B 558 63.13 -25.38 40.49
CA GLY B 558 64.43 -24.82 40.89
C GLY B 558 64.41 -23.50 41.65
N ASP B 559 63.47 -22.60 41.36
CA ASP B 559 63.39 -21.30 42.06
C ASP B 559 62.95 -21.43 43.53
N GLY B 560 62.39 -22.58 43.92
CA GLY B 560 62.18 -22.97 45.32
C GLY B 560 63.47 -23.04 46.15
N THR B 561 64.65 -22.98 45.52
CA THR B 561 65.96 -22.77 46.19
C THR B 561 65.99 -21.48 47.02
N SER B 562 65.15 -20.48 46.72
CA SER B 562 64.97 -19.26 47.52
C SER B 562 64.36 -19.50 48.91
N GLY B 563 63.72 -20.66 49.13
CA GLY B 563 63.04 -21.04 50.37
C GLY B 563 61.51 -20.88 50.30
N ASP B 564 60.88 -20.61 51.44
CA ASP B 564 59.42 -20.46 51.61
C ASP B 564 58.59 -21.70 51.16
N ARG B 565 59.18 -22.90 51.26
CA ARG B 565 58.54 -24.16 50.87
C ARG B 565 57.14 -24.44 51.48
N PRO B 566 56.80 -24.12 52.75
CA PRO B 566 55.43 -24.31 53.24
C PRO B 566 54.40 -23.37 52.59
N ALA B 567 54.82 -22.21 52.09
CA ALA B 567 53.95 -21.29 51.33
C ALA B 567 53.86 -21.71 49.86
N ASP B 568 54.98 -22.01 49.20
CA ASP B 568 54.97 -22.50 47.80
C ASP B 568 54.24 -23.83 47.63
N ALA B 569 54.25 -24.70 48.65
CA ALA B 569 53.44 -25.92 48.70
C ALA B 569 51.93 -25.67 48.56
N GLU B 570 51.42 -24.44 48.63
CA GLU B 570 50.00 -24.14 48.32
C GLU B 570 49.61 -24.50 46.89
N GLY B 571 50.55 -24.43 45.93
CA GLY B 571 50.35 -24.93 44.57
C GLY B 571 50.02 -26.43 44.57
N PRO B 572 50.90 -27.29 45.10
CA PRO B 572 50.62 -28.69 45.35
C PRO B 572 49.35 -28.96 46.15
N ARG B 573 49.08 -28.24 47.24
CA ARG B 573 47.83 -28.40 48.03
C ARG B 573 46.58 -28.06 47.21
N THR B 574 46.68 -27.12 46.27
CA THR B 574 45.63 -26.87 45.26
C THR B 574 45.53 -28.01 44.27
N ALA B 575 46.65 -28.51 43.74
CA ALA B 575 46.69 -29.58 42.76
C ALA B 575 46.03 -30.88 43.25
N ARG B 576 46.16 -31.19 44.56
CA ARG B 576 45.48 -32.32 45.21
C ARG B 576 43.96 -32.30 45.01
N GLY B 577 43.35 -31.12 45.09
CA GLY B 577 41.91 -30.95 44.90
C GLY B 577 41.48 -30.93 43.44
N LEU B 578 42.27 -30.32 42.56
CA LEU B 578 41.94 -30.23 41.13
C LEU B 578 41.82 -31.62 40.47
N TYR B 579 42.57 -32.60 40.96
CA TYR B 579 42.46 -34.00 40.52
C TYR B 579 41.07 -34.61 40.77
N GLU B 580 40.39 -34.24 41.85
CA GLU B 580 39.00 -34.64 42.07
C GLU B 580 38.04 -33.76 41.26
N ALA B 581 38.31 -32.45 41.16
CA ALA B 581 37.37 -31.46 40.63
C ALA B 581 37.04 -31.61 39.14
N PHE B 582 38.02 -31.92 38.29
CA PHE B 582 37.89 -31.88 36.83
C PHE B 582 38.36 -33.17 36.14
N PRO B 583 37.65 -33.73 35.15
CA PRO B 583 38.02 -35.02 34.57
C PRO B 583 39.35 -35.04 33.81
N ALA B 584 39.61 -34.06 32.94
CA ALA B 584 40.77 -34.13 32.03
C ALA B 584 42.12 -34.15 32.75
N PHE B 585 42.25 -33.44 33.87
CA PHE B 585 43.51 -33.38 34.61
C PHE B 585 43.88 -34.73 35.22
N ALA B 586 42.91 -35.51 35.71
CA ALA B 586 43.17 -36.81 36.29
C ALA B 586 43.72 -37.80 35.24
N GLU B 587 43.14 -37.80 34.04
CA GLU B 587 43.64 -38.61 32.94
C GLU B 587 45.07 -38.22 32.56
N ALA B 588 45.34 -36.93 32.46
CA ALA B 588 46.65 -36.43 32.08
C ALA B 588 47.72 -36.75 33.13
N LEU B 589 47.43 -36.52 34.41
CA LEU B 589 48.43 -36.69 35.47
C LEU B 589 48.85 -38.14 35.60
N ASP B 590 47.90 -39.06 35.53
CA ASP B 590 48.18 -40.50 35.52
C ASP B 590 49.10 -40.90 34.35
N GLU B 591 48.84 -40.43 33.13
CA GLU B 591 49.68 -40.78 31.97
C GLU B 591 51.12 -40.31 32.12
N VAL B 592 51.34 -39.07 32.58
CA VAL B 592 52.69 -38.54 32.82
C VAL B 592 53.36 -39.27 33.98
N THR B 593 52.64 -39.54 35.06
CA THR B 593 53.13 -40.33 36.20
C THR B 593 53.64 -41.68 35.74
N GLU B 594 52.89 -42.35 34.87
CA GLU B 594 53.24 -43.70 34.44
C GLU B 594 54.46 -43.73 33.51
N HIS B 595 54.79 -42.63 32.83
CA HIS B 595 56.09 -42.50 32.13
C HIS B 595 57.24 -42.27 33.11
N LEU B 596 57.09 -41.33 34.05
CA LEU B 596 58.14 -41.01 35.04
C LEU B 596 58.47 -42.20 35.95
N ALA B 597 57.47 -43.00 36.30
CA ALA B 597 57.63 -44.22 37.09
C ALA B 597 58.56 -45.27 36.44
N GLY B 598 58.79 -45.19 35.13
CA GLY B 598 59.80 -46.01 34.45
C GLY B 598 61.21 -45.50 34.73
N LEU B 599 61.45 -44.21 34.55
CA LEU B 599 62.79 -43.63 34.61
C LEU B 599 63.32 -43.47 36.04
N LEU B 600 62.45 -43.11 36.98
CA LEU B 600 62.80 -42.92 38.39
C LEU B 600 62.40 -44.10 39.29
N GLY B 601 61.78 -45.13 38.72
CA GLY B 601 61.18 -46.24 39.47
C GLY B 601 59.81 -45.89 40.08
N PRO B 602 59.01 -46.88 40.49
CA PRO B 602 57.66 -46.66 41.03
C PRO B 602 57.63 -45.85 42.34
N GLU B 603 58.75 -45.70 43.04
CA GLU B 603 58.86 -44.92 44.28
C GLU B 603 58.51 -43.43 44.14
N VAL B 604 58.56 -42.87 42.92
CA VAL B 604 58.10 -41.49 42.65
C VAL B 604 56.57 -41.35 42.70
N ARG B 605 55.80 -42.42 42.42
CA ARG B 605 54.36 -42.30 42.17
C ARG B 605 53.60 -41.75 43.38
N ALA B 606 54.01 -42.11 44.59
CA ALA B 606 53.45 -41.57 45.81
C ALA B 606 53.61 -40.05 45.92
N ALA B 607 54.71 -39.47 45.41
CA ALA B 607 54.91 -38.03 45.40
C ALA B 607 53.97 -37.33 44.41
N VAL B 608 53.89 -37.81 43.16
CA VAL B 608 52.96 -37.23 42.17
C VAL B 608 51.50 -37.40 42.60
N ARG B 609 51.17 -38.51 43.29
CA ARG B 609 49.84 -38.76 43.89
C ARG B 609 49.51 -37.80 45.03
N GLU B 610 50.49 -37.36 45.80
CA GLU B 610 50.32 -36.58 47.04
C GLU B 610 51.37 -35.45 47.14
N PRO B 611 51.41 -34.50 46.18
CA PRO B 611 52.49 -33.54 46.05
C PRO B 611 52.47 -32.53 47.19
N GLY B 612 53.63 -31.97 47.55
CA GLY B 612 53.79 -31.19 48.77
C GLY B 612 55.23 -30.74 49.01
N PRO B 613 55.72 -30.71 50.27
CA PRO B 613 57.04 -30.17 50.60
C PRO B 613 58.20 -30.79 49.81
N ALA B 614 58.12 -32.08 49.48
CA ALA B 614 59.13 -32.78 48.67
C ALA B 614 59.31 -32.19 47.25
N CYS B 615 58.32 -31.47 46.74
CA CYS B 615 58.34 -30.85 45.40
C CYS B 615 59.16 -29.56 45.33
N ALA B 616 59.45 -28.91 46.47
CA ALA B 616 60.06 -27.57 46.51
C ALA B 616 61.59 -27.58 46.45
N GLU B 617 62.25 -28.67 46.85
CA GLU B 617 63.71 -28.82 46.72
C GLU B 617 64.09 -29.16 45.27
N PRO B 618 65.25 -28.72 44.75
CA PRO B 618 65.63 -28.85 43.34
C PRO B 618 66.11 -30.26 42.94
N THR B 619 65.63 -31.30 43.62
CA THR B 619 66.04 -32.70 43.45
C THR B 619 65.50 -33.33 42.16
N VAL B 620 66.02 -34.50 41.80
CA VAL B 620 65.48 -35.31 40.69
C VAL B 620 64.00 -35.62 40.89
N VAL B 621 63.57 -35.87 42.13
CA VAL B 621 62.14 -36.04 42.47
C VAL B 621 61.38 -34.75 42.25
N GLY B 622 61.81 -33.64 42.87
CA GLY B 622 61.11 -32.38 42.80
C GLY B 622 60.94 -31.88 41.36
N GLN B 623 62.00 -31.97 40.55
CA GLN B 623 61.96 -31.54 39.15
C GLN B 623 61.00 -32.40 38.31
N ALA B 624 60.92 -33.69 38.57
CA ALA B 624 60.01 -34.58 37.86
C ALA B 624 58.56 -34.33 38.26
N VAL B 625 58.27 -34.16 39.55
CA VAL B 625 56.90 -33.83 40.00
C VAL B 625 56.46 -32.48 39.43
N ALA B 626 57.35 -31.49 39.38
CA ALA B 626 57.04 -30.21 38.77
C ALA B 626 56.72 -30.35 37.27
N PHE B 627 57.44 -31.16 36.52
CA PHE B 627 57.11 -31.43 35.11
C PHE B 627 55.78 -32.18 34.93
N ALA B 628 55.44 -33.08 35.85
CA ALA B 628 54.17 -33.78 35.82
C ALA B 628 53.00 -32.79 35.96
N LEU B 629 53.01 -31.97 37.00
CA LEU B 629 51.95 -31.02 37.25
C LEU B 629 51.86 -29.93 36.17
N ASN B 630 52.98 -29.42 35.64
CA ASN B 630 52.97 -28.45 34.53
C ASN B 630 52.31 -29.05 33.29
N THR B 631 52.67 -30.27 32.93
CA THR B 631 52.10 -30.96 31.77
C THR B 631 50.61 -31.21 31.98
N ALA B 632 50.18 -31.51 33.20
CA ALA B 632 48.78 -31.70 33.51
C ALA B 632 47.96 -30.41 33.40
N LEU B 633 48.39 -29.29 33.99
CA LEU B 633 47.68 -28.01 33.88
C LEU B 633 47.62 -27.51 32.43
N HIS B 634 48.67 -27.68 31.63
CA HIS B 634 48.61 -27.31 30.22
C HIS B 634 47.52 -28.08 29.46
N ARG B 635 47.41 -29.39 29.73
CA ARG B 635 46.37 -30.23 29.13
C ARG B 635 44.98 -29.81 29.59
N LEU B 636 44.81 -29.34 30.82
CA LEU B 636 43.55 -28.78 31.28
C LEU B 636 43.19 -27.48 30.58
N LEU B 637 44.08 -26.48 30.52
CA LEU B 637 43.72 -25.19 29.92
C LEU B 637 43.39 -25.34 28.42
N THR B 638 44.09 -26.23 27.73
CA THR B 638 43.76 -26.54 26.34
C THR B 638 42.47 -27.34 26.19
N ALA B 639 42.07 -28.15 27.18
CA ALA B 639 40.73 -28.73 27.21
C ALA B 639 39.63 -27.66 27.42
N PHE B 640 39.91 -26.61 28.20
CA PHE B 640 39.04 -25.42 28.33
C PHE B 640 39.16 -24.46 27.14
N ALA B 641 39.84 -24.86 26.06
CA ALA B 641 40.03 -24.11 24.83
C ALA B 641 40.83 -22.79 24.96
N VAL B 642 41.61 -22.60 26.01
CA VAL B 642 42.68 -21.59 26.05
C VAL B 642 43.90 -22.12 25.28
N ARG B 643 44.22 -21.54 24.12
CA ARG B 643 45.34 -21.95 23.26
C ARG B 643 46.45 -20.89 23.27
N PRO B 644 47.69 -21.18 23.64
CA PRO B 644 48.74 -20.17 23.74
C PRO B 644 49.28 -19.78 22.36
N ASP B 645 49.56 -18.49 22.16
CA ASP B 645 50.25 -17.96 20.98
C ASP B 645 51.77 -17.84 21.18
N ALA B 646 52.26 -17.92 22.41
CA ALA B 646 53.68 -17.93 22.77
C ALA B 646 53.89 -18.62 24.13
N THR B 647 55.08 -19.18 24.37
CA THR B 647 55.45 -19.81 25.65
C THR B 647 56.83 -19.32 26.12
N LEU B 648 56.99 -19.18 27.44
CA LEU B 648 58.27 -18.82 28.07
C LEU B 648 58.45 -19.67 29.34
N GLY B 649 59.62 -20.27 29.49
CA GLY B 649 59.95 -21.14 30.62
C GLY B 649 61.11 -20.60 31.44
N HIS B 650 60.89 -20.40 32.74
CA HIS B 650 61.92 -20.04 33.71
C HIS B 650 62.71 -21.28 34.13
N GLY B 651 64.03 -21.26 33.97
CA GLY B 651 64.92 -22.36 34.36
C GLY B 651 64.53 -23.69 33.70
N ALA B 652 64.57 -24.79 34.45
CA ALA B 652 64.18 -26.12 33.98
C ALA B 652 62.72 -26.20 33.47
N GLY B 653 61.89 -25.20 33.78
CA GLY B 653 60.56 -25.03 33.19
C GLY B 653 60.58 -24.86 31.67
N GLU B 654 61.74 -24.63 31.05
CA GLU B 654 61.83 -24.61 29.59
C GLU B 654 61.36 -25.92 28.97
N VAL B 655 61.60 -27.08 29.59
CA VAL B 655 61.16 -28.36 28.99
C VAL B 655 59.64 -28.40 28.86
N ALA B 656 58.92 -27.88 29.86
CA ALA B 656 57.47 -27.76 29.80
C ALA B 656 57.03 -26.74 28.75
N ALA B 657 57.70 -25.59 28.66
CA ALA B 657 57.40 -24.59 27.63
C ALA B 657 57.64 -25.13 26.21
N ALA B 658 58.62 -26.01 26.03
CA ALA B 658 58.93 -26.68 24.78
C ALA B 658 57.91 -27.77 24.43
N TYR B 659 57.47 -28.56 25.41
CA TYR B 659 56.36 -29.49 25.22
C TYR B 659 55.09 -28.75 24.80
N ALA B 660 54.78 -27.61 25.43
CA ALA B 660 53.59 -26.82 25.10
C ALA B 660 53.63 -26.23 23.69
N ALA B 661 54.83 -26.07 23.12
CA ALA B 661 55.04 -25.61 21.73
C ALA B 661 54.98 -26.75 20.69
N GLY B 662 54.88 -28.01 21.12
CA GLY B 662 54.89 -29.19 20.24
C GLY B 662 56.28 -29.64 19.79
N ALA B 663 57.35 -29.12 20.41
CA ALA B 663 58.73 -29.36 19.98
C ALA B 663 59.31 -30.72 20.43
N LEU B 664 58.77 -31.32 21.50
CA LEU B 664 59.22 -32.59 22.09
C LEU B 664 58.02 -33.50 22.35
N SER B 665 58.18 -34.82 22.26
CA SER B 665 57.18 -35.76 22.78
C SER B 665 57.22 -35.81 24.31
N LEU B 666 56.20 -36.41 24.92
CA LEU B 666 56.23 -36.71 26.35
C LEU B 666 57.42 -37.60 26.74
N ALA B 667 57.78 -38.57 25.90
CA ALA B 667 58.95 -39.41 26.13
C ALA B 667 60.26 -38.60 26.10
N ASP B 668 60.44 -37.72 25.11
CA ASP B 668 61.61 -36.82 25.07
C ASP B 668 61.65 -35.91 26.31
N GLY B 669 60.52 -35.36 26.72
CA GLY B 669 60.44 -34.48 27.89
C GLY B 669 60.80 -35.19 29.18
N ALA B 670 60.30 -36.42 29.38
CA ALA B 670 60.66 -37.26 30.52
C ALA B 670 62.16 -37.58 30.54
N ALA B 671 62.75 -37.94 29.40
CA ALA B 671 64.18 -38.14 29.31
C ALA B 671 64.97 -36.86 29.69
N LEU B 672 64.62 -35.72 29.09
CA LEU B 672 65.37 -34.49 29.31
C LEU B 672 65.24 -33.95 30.74
N VAL B 673 64.04 -33.92 31.31
CA VAL B 673 63.84 -33.47 32.69
C VAL B 673 64.60 -34.35 33.68
N THR B 674 64.53 -35.67 33.53
CA THR B 674 65.21 -36.56 34.47
C THR B 674 66.73 -36.44 34.37
N ALA B 675 67.28 -36.10 33.21
CA ALA B 675 68.71 -35.80 33.09
C ALA B 675 69.09 -34.52 33.86
N LEU B 676 68.38 -33.42 33.58
CA LEU B 676 68.65 -32.09 34.15
C LEU B 676 68.53 -32.08 35.70
N GLY B 677 67.67 -32.94 36.24
CA GLY B 677 67.62 -33.18 37.69
C GLY B 677 68.98 -33.55 38.28
N ARG B 678 69.65 -34.59 37.76
CA ARG B 678 70.91 -35.10 38.34
C ARG B 678 72.01 -34.05 38.35
N ILE B 679 72.15 -33.30 37.26
CA ILE B 679 73.11 -32.20 37.16
C ILE B 679 72.83 -31.16 38.25
N THR B 680 71.56 -30.84 38.48
CA THR B 680 71.16 -29.86 39.50
C THR B 680 71.43 -30.36 40.92
N GLU B 681 71.39 -31.66 41.19
CA GLU B 681 71.77 -32.20 42.52
C GLU B 681 73.22 -31.84 42.87
N ARG B 682 74.15 -31.97 41.93
CA ARG B 682 75.58 -31.71 42.18
C ARG B 682 75.83 -30.24 42.48
N VAL B 683 75.05 -29.34 41.88
CA VAL B 683 75.03 -27.92 42.25
C VAL B 683 74.43 -27.74 43.65
N ALA B 684 73.24 -28.27 43.89
CA ALA B 684 72.52 -28.12 45.15
C ALA B 684 73.23 -28.74 46.37
N THR B 685 74.13 -29.71 46.14
CA THR B 685 74.96 -30.36 47.19
C THR B 685 76.40 -29.80 47.26
N GLY B 686 76.73 -28.76 46.50
CA GLY B 686 78.06 -28.14 46.49
C GLY B 686 78.39 -27.25 47.70
N PRO B 687 79.59 -26.64 47.73
CA PRO B 687 80.04 -25.74 48.80
C PRO B 687 79.60 -24.28 48.63
N GLY B 688 79.13 -23.87 47.46
CA GLY B 688 78.77 -22.48 47.14
C GLY B 688 77.46 -21.98 47.77
N ALA B 689 77.09 -20.73 47.47
CA ALA B 689 75.92 -20.07 48.06
C ALA B 689 75.20 -19.15 47.06
N SER B 690 74.05 -18.59 47.44
CA SER B 690 73.39 -17.49 46.75
C SER B 690 72.61 -16.55 47.68
N VAL B 691 72.41 -15.30 47.25
CA VAL B 691 71.62 -14.26 47.94
C VAL B 691 70.86 -13.38 46.93
N TRP B 692 69.79 -12.72 47.38
CA TRP B 692 69.10 -11.65 46.64
C TRP B 692 69.46 -10.26 47.18
N VAL B 693 69.64 -9.30 46.27
CA VAL B 693 70.00 -7.91 46.59
C VAL B 693 68.98 -6.97 45.95
N ARG B 694 68.49 -5.96 46.68
CA ARG B 694 67.59 -4.92 46.13
C ARG B 694 68.34 -3.87 45.31
N ALA B 695 68.98 -4.31 44.25
CA ALA B 695 69.74 -3.50 43.32
C ALA B 695 69.65 -4.09 41.92
N THR B 696 69.74 -3.22 40.91
CA THR B 696 69.58 -3.60 39.51
C THR B 696 70.87 -4.14 38.90
N GLU B 697 70.81 -4.75 37.72
CA GLU B 697 71.96 -5.42 37.11
C GLU B 697 73.17 -4.50 36.96
N ASP B 698 72.96 -3.28 36.46
CA ASP B 698 74.01 -2.29 36.28
C ASP B 698 74.65 -1.81 37.59
N GLU B 699 73.94 -1.91 38.72
CA GLU B 699 74.50 -1.60 40.05
C GLU B 699 75.33 -2.76 40.58
N VAL B 700 74.78 -3.97 40.53
CA VAL B 700 75.42 -5.17 41.09
C VAL B 700 76.63 -5.61 40.28
N ARG B 701 76.56 -5.55 38.95
CA ARG B 701 77.67 -5.90 38.06
C ARG B 701 78.87 -4.97 38.22
N ALA B 702 78.61 -3.67 38.36
CA ALA B 702 79.65 -2.69 38.67
C ALA B 702 80.32 -2.97 40.03
N ALA B 703 79.55 -3.25 41.09
CA ALA B 703 80.11 -3.54 42.41
C ALA B 703 80.95 -4.84 42.45
N LEU B 704 80.46 -5.92 41.84
CA LEU B 704 81.22 -7.18 41.71
C LEU B 704 82.53 -6.97 40.93
N SER B 705 82.51 -6.20 39.84
CA SER B 705 83.69 -5.87 39.05
C SER B 705 84.67 -4.98 39.81
N GLY B 706 84.21 -3.88 40.40
CA GLY B 706 85.05 -2.89 41.09
C GLY B 706 85.69 -3.40 42.37
N SER B 707 84.99 -4.26 43.12
CA SER B 707 85.56 -5.02 44.25
C SER B 707 86.47 -6.18 43.83
N GLN B 708 86.42 -6.56 42.54
CA GLN B 708 87.01 -7.76 41.93
C GLN B 708 86.48 -9.11 42.47
N GLU B 709 85.49 -9.12 43.37
CA GLU B 709 84.87 -10.36 43.84
C GLU B 709 84.01 -11.05 42.75
N GLN B 710 83.89 -10.45 41.56
CA GLN B 710 83.46 -11.14 40.33
C GLN B 710 84.30 -12.40 40.02
N VAL B 711 85.51 -12.54 40.58
CA VAL B 711 86.30 -13.78 40.54
C VAL B 711 85.58 -14.93 41.27
N GLY B 712 84.87 -14.63 42.36
CA GLY B 712 84.12 -15.60 43.16
C GLY B 712 82.65 -15.78 42.80
N ALA B 713 81.97 -14.74 42.31
CA ALA B 713 80.50 -14.76 42.12
C ALA B 713 80.00 -14.02 40.87
N ALA B 714 78.79 -14.34 40.42
CA ALA B 714 78.15 -13.78 39.22
C ALA B 714 76.65 -13.58 39.40
N VAL B 715 76.05 -12.78 38.52
CA VAL B 715 74.61 -12.48 38.50
C VAL B 715 73.85 -13.66 37.90
N ALA B 716 73.33 -14.52 38.78
CA ALA B 716 72.68 -15.77 38.42
C ALA B 716 71.28 -15.58 37.83
N ALA B 717 70.54 -14.56 38.25
CA ALA B 717 69.21 -14.28 37.74
C ALA B 717 68.85 -12.79 37.75
N VAL B 718 68.10 -12.39 36.73
CA VAL B 718 67.57 -11.03 36.53
C VAL B 718 66.11 -11.17 36.10
N ASP B 719 65.18 -11.06 37.07
CA ASP B 719 63.77 -11.36 36.86
C ASP B 719 62.87 -10.14 37.01
N GLU B 720 63.12 -9.28 38.00
CA GLU B 720 62.42 -8.02 38.20
C GLU B 720 63.42 -6.85 38.23
N PRO B 721 63.07 -5.64 37.76
CA PRO B 721 64.03 -4.54 37.67
C PRO B 721 64.70 -4.18 38.99
N GLY B 722 64.00 -4.36 40.12
CA GLY B 722 64.43 -3.93 41.45
C GLY B 722 65.23 -4.94 42.28
N THR B 723 65.34 -6.20 41.87
CA THR B 723 66.17 -7.19 42.59
C THR B 723 66.93 -8.12 41.65
N THR B 724 68.05 -8.66 42.11
CA THR B 724 68.88 -9.59 41.36
C THR B 724 69.46 -10.66 42.29
N VAL B 725 69.81 -11.82 41.74
CA VAL B 725 70.37 -12.94 42.51
C VAL B 725 71.84 -13.13 42.16
N VAL B 726 72.69 -13.17 43.19
CA VAL B 726 74.14 -13.37 43.07
C VAL B 726 74.51 -14.73 43.64
N SER B 727 75.35 -15.51 42.94
CA SER B 727 75.75 -16.86 43.36
C SER B 727 77.19 -17.20 42.97
N GLY B 728 77.82 -18.11 43.72
CA GLY B 728 79.19 -18.56 43.52
C GLY B 728 79.85 -18.99 44.83
N ASP B 729 81.12 -18.62 45.00
CA ASP B 729 81.92 -18.82 46.21
C ASP B 729 81.21 -18.29 47.47
N ALA B 730 81.13 -19.11 48.51
CA ALA B 730 80.55 -18.71 49.79
C ALA B 730 81.27 -17.51 50.43
N GLY B 731 82.59 -17.37 50.23
CA GLY B 731 83.34 -16.19 50.70
C GLY B 731 82.86 -14.91 50.03
N ALA B 732 82.91 -14.83 48.70
CA ALA B 732 82.40 -13.69 47.94
C ALA B 732 80.91 -13.39 48.25
N VAL B 733 80.05 -14.42 48.32
CA VAL B 733 78.63 -14.24 48.64
C VAL B 733 78.42 -13.69 50.05
N ALA B 734 79.25 -14.08 51.03
CA ALA B 734 79.22 -13.49 52.38
C ALA B 734 79.61 -12.00 52.38
N ARG B 735 80.65 -11.62 51.62
CA ARG B 735 81.11 -10.22 51.46
C ARG B 735 80.03 -9.36 50.80
N VAL B 736 79.46 -9.83 49.68
CA VAL B 736 78.44 -9.09 48.92
C VAL B 736 77.21 -8.79 49.76
N ALA B 737 76.78 -9.74 50.59
CA ALA B 737 75.63 -9.56 51.47
C ALA B 737 75.82 -8.37 52.45
N ALA B 738 77.00 -8.21 53.06
CA ALA B 738 77.29 -7.06 53.90
C ALA B 738 77.41 -5.75 53.09
N HIS B 739 78.11 -5.80 51.95
CA HIS B 739 78.43 -4.61 51.13
C HIS B 739 77.21 -3.76 50.81
N TRP B 740 76.10 -4.37 50.39
CA TRP B 740 74.88 -3.63 50.02
C TRP B 740 74.08 -3.10 51.21
N ARG B 741 74.19 -3.71 52.40
CA ARG B 741 73.62 -3.13 53.64
C ARG B 741 74.35 -1.88 54.09
N ALA B 742 75.66 -1.75 53.83
CA ALA B 742 76.42 -0.53 54.11
C ALA B 742 75.96 0.69 53.28
N HIS B 743 75.39 0.45 52.10
CA HIS B 743 74.75 1.47 51.25
C HIS B 743 73.21 1.47 51.34
N GLY B 744 72.63 0.72 52.29
CA GLY B 744 71.22 0.83 52.69
C GLY B 744 70.19 0.02 51.87
N ARG B 745 70.61 -0.83 50.93
CA ARG B 745 69.68 -1.74 50.22
C ARG B 745 69.33 -2.96 51.07
N ALA B 746 68.14 -3.53 50.86
CA ALA B 746 67.77 -4.80 51.48
C ALA B 746 68.52 -5.99 50.86
N THR B 747 68.80 -7.02 51.66
CA THR B 747 69.52 -8.23 51.25
C THR B 747 68.92 -9.47 51.89
N GLY B 748 68.84 -10.57 51.16
CA GLY B 748 68.39 -11.87 51.69
C GLY B 748 69.41 -12.59 52.56
N ALA B 749 68.91 -13.51 53.39
CA ALA B 749 69.71 -14.52 54.06
C ALA B 749 70.34 -15.51 53.04
N PRO B 750 71.44 -16.21 53.39
CA PRO B 750 72.06 -17.19 52.50
C PRO B 750 71.16 -18.38 52.15
N ARG B 751 71.34 -18.89 50.93
CA ARG B 751 70.62 -20.02 50.29
C ARG B 751 71.60 -20.85 49.43
N PRO B 752 71.22 -22.02 48.91
CA PRO B 752 72.12 -22.88 48.11
C PRO B 752 72.60 -22.24 46.80
N ALA B 753 73.63 -22.81 46.20
CA ALA B 753 74.15 -22.36 44.90
C ALA B 753 73.14 -22.57 43.75
N ARG B 754 73.28 -21.79 42.68
CA ARG B 754 72.44 -21.88 41.45
C ARG B 754 73.26 -21.96 40.14
N LEU B 755 74.59 -21.90 40.24
CA LEU B 755 75.52 -21.93 39.11
C LEU B 755 76.52 -23.08 39.25
N LEU B 756 77.07 -23.58 38.13
CA LEU B 756 78.31 -24.37 38.16
C LEU B 756 79.44 -23.53 38.78
N LEU B 757 80.24 -24.12 39.67
CA LEU B 757 81.20 -23.40 40.53
C LEU B 757 82.65 -23.46 40.01
N SER B 758 82.94 -24.35 39.07
CA SER B 758 84.24 -24.46 38.36
C SER B 758 84.04 -24.97 36.93
N PRO B 759 84.93 -24.65 35.97
CA PRO B 759 84.99 -25.35 34.68
C PRO B 759 85.25 -26.86 34.83
N ASP B 760 85.78 -27.33 35.96
CA ASP B 760 85.83 -28.76 36.31
C ASP B 760 84.44 -29.42 36.30
N ASP B 761 83.40 -28.67 36.70
CA ASP B 761 82.01 -29.13 36.73
C ASP B 761 81.43 -29.18 35.31
N GLU B 762 81.75 -28.18 34.49
CA GLU B 762 81.18 -28.03 33.14
C GLU B 762 81.47 -29.24 32.26
N GLN B 763 82.68 -29.81 32.31
CA GLN B 763 83.05 -30.85 31.35
C GLN B 763 82.21 -32.12 31.54
N ALA B 764 81.98 -32.52 32.79
CA ALA B 764 81.12 -33.65 33.11
C ALA B 764 79.66 -33.39 32.73
N ALA B 765 79.15 -32.18 32.99
CA ALA B 765 77.78 -31.80 32.61
C ALA B 765 77.59 -31.77 31.09
N LEU B 766 78.59 -31.28 30.34
CA LEU B 766 78.60 -31.33 28.88
C LEU B 766 78.54 -32.75 28.36
N ALA B 767 79.31 -33.67 28.94
CA ALA B 767 79.25 -35.08 28.58
C ALA B 767 77.87 -35.70 28.88
N GLU B 768 77.34 -35.47 30.08
CA GLU B 768 76.06 -36.04 30.51
C GLU B 768 74.90 -35.57 29.63
N LEU B 769 74.82 -34.28 29.31
CA LEU B 769 73.82 -33.80 28.35
C LEU B 769 74.07 -34.35 26.95
N ARG B 770 75.31 -34.33 26.44
CA ARG B 770 75.59 -34.84 25.09
C ARG B 770 75.25 -36.31 24.91
N ALA B 771 75.30 -37.10 25.99
CA ALA B 771 74.85 -38.49 25.96
C ALA B 771 73.34 -38.62 25.68
N ILE B 772 72.51 -37.68 26.15
CA ILE B 772 71.04 -37.79 26.12
C ILE B 772 70.40 -36.89 25.08
N VAL B 773 70.84 -35.63 24.97
CA VAL B 773 70.34 -34.64 24.01
C VAL B 773 70.50 -35.11 22.57
N ALA B 774 71.55 -35.88 22.28
CA ALA B 774 71.79 -36.45 20.95
C ALA B 774 70.71 -37.45 20.49
N GLY B 775 69.95 -38.05 21.41
CA GLY B 775 68.88 -39.01 21.09
C GLY B 775 67.48 -38.40 20.92
N LEU B 776 67.23 -37.20 21.46
CA LEU B 776 65.90 -36.60 21.53
C LEU B 776 65.37 -36.21 20.13
N ALA B 777 64.09 -36.50 19.86
CA ALA B 777 63.47 -36.34 18.55
C ALA B 777 62.94 -34.91 18.29
N PHE B 778 63.75 -33.87 18.58
CA PHE B 778 63.32 -32.47 18.49
C PHE B 778 62.70 -32.11 17.14
N ARG B 779 61.57 -31.40 17.13
CA ARG B 779 60.91 -30.91 15.92
C ARG B 779 60.54 -29.42 16.01
N GLU B 780 60.43 -28.77 14.86
CA GLU B 780 60.17 -27.34 14.75
C GLU B 780 58.77 -27.00 15.32
N PRO B 781 58.60 -25.88 16.07
CA PRO B 781 57.43 -25.66 16.92
C PRO B 781 56.21 -25.15 16.16
N GLU B 782 55.03 -25.37 16.73
CA GLU B 782 53.77 -24.81 16.23
C GLU B 782 53.63 -23.31 16.56
N VAL B 783 54.08 -22.92 17.77
CA VAL B 783 54.08 -21.54 18.32
C VAL B 783 55.38 -21.26 19.07
N PRO B 784 55.93 -20.03 19.04
CA PRO B 784 57.30 -19.77 19.47
C PRO B 784 57.60 -20.06 20.94
N LEU B 785 58.77 -20.69 21.17
CA LEU B 785 59.42 -20.75 22.46
C LEU B 785 60.31 -19.51 22.65
N LEU B 786 60.19 -18.85 23.79
CA LEU B 786 61.29 -18.08 24.35
C LEU B 786 62.03 -18.95 25.39
N SER B 787 63.28 -18.63 25.69
CA SER B 787 64.05 -19.25 26.77
C SER B 787 64.68 -18.20 27.65
N THR B 788 64.75 -18.41 28.97
CA THR B 788 65.51 -17.53 29.86
C THR B 788 67.02 -17.56 29.64
N VAL B 789 67.54 -18.40 28.73
CA VAL B 789 68.93 -18.28 28.25
C VAL B 789 69.03 -17.21 27.17
N THR B 790 68.17 -17.30 26.16
CA THR B 790 68.27 -16.52 24.92
C THR B 790 67.58 -15.16 25.00
N GLY B 791 66.45 -15.06 25.69
CA GLY B 791 65.55 -13.90 25.68
C GLY B 791 64.80 -13.75 24.35
N GLN B 792 65.52 -13.73 23.24
CA GLN B 792 65.00 -13.88 21.88
C GLN B 792 64.41 -15.28 21.66
N PRO B 793 63.60 -15.50 20.61
CA PRO B 793 63.07 -16.83 20.30
C PRO B 793 64.17 -17.87 20.08
N VAL B 794 63.97 -19.09 20.56
CA VAL B 794 64.95 -20.17 20.40
C VAL B 794 64.96 -20.68 18.96
N GLU B 795 66.13 -20.79 18.34
CA GLU B 795 66.31 -21.38 17.01
C GLU B 795 66.43 -22.92 17.07
N PRO B 796 65.97 -23.71 16.09
CA PRO B 796 66.08 -25.17 16.12
C PRO B 796 67.52 -25.69 16.28
N ALA B 797 68.51 -24.97 15.73
CA ALA B 797 69.92 -25.30 15.93
C ALA B 797 70.37 -25.15 17.40
N GLU B 798 69.82 -24.18 18.13
CA GLU B 798 70.07 -23.99 19.57
C GLU B 798 69.32 -25.05 20.40
N LEU B 799 68.05 -25.30 20.07
CA LEU B 799 67.21 -26.32 20.72
C LEU B 799 67.87 -27.71 20.70
N ARG B 800 68.52 -28.05 19.59
CA ARG B 800 69.21 -29.32 19.36
C ARG B 800 70.63 -29.40 19.96
N SER B 801 71.12 -28.35 20.62
CA SER B 801 72.48 -28.29 21.19
C SER B 801 72.50 -28.36 22.72
N ALA B 802 73.38 -29.21 23.27
CA ALA B 802 73.56 -29.32 24.72
C ALA B 802 74.04 -28.01 25.37
N GLU B 803 74.67 -27.10 24.63
CA GLU B 803 75.16 -25.82 25.15
C GLU B 803 74.02 -24.91 25.59
N HIS B 804 72.92 -24.89 24.84
CA HIS B 804 71.70 -24.16 25.20
C HIS B 804 71.11 -24.68 26.51
N TRP B 805 70.94 -25.99 26.62
CA TRP B 805 70.40 -26.62 27.83
C TRP B 805 71.32 -26.47 29.04
N LEU B 806 72.64 -26.53 28.87
CA LEU B 806 73.58 -26.33 29.98
C LEU B 806 73.62 -24.87 30.47
N ASP B 807 73.24 -23.90 29.65
CA ASP B 807 73.16 -22.50 30.09
C ASP B 807 72.02 -22.22 31.09
N HIS B 808 71.21 -23.21 31.45
CA HIS B 808 70.37 -23.14 32.66
C HIS B 808 71.16 -23.38 33.95
N LEU B 809 72.36 -23.95 33.87
CA LEU B 809 73.30 -24.09 34.98
C LEU B 809 74.54 -23.17 34.84
N ARG B 810 74.86 -22.68 33.63
CA ARG B 810 75.96 -21.72 33.38
C ARG B 810 75.44 -20.30 33.12
N GLY B 811 76.01 -19.30 33.80
CA GLY B 811 75.73 -17.89 33.53
C GLY B 811 74.29 -17.42 33.85
N PRO B 812 73.91 -16.20 33.42
CA PRO B 812 72.69 -15.54 33.90
C PRO B 812 71.39 -16.17 33.41
N THR B 813 70.36 -16.15 34.25
CA THR B 813 68.96 -16.43 33.92
C THR B 813 68.26 -15.12 33.60
N ARG B 814 67.89 -14.86 32.34
CA ARG B 814 67.29 -13.60 31.92
C ARG B 814 65.79 -13.75 31.72
N PHE B 815 65.01 -13.60 32.79
CA PHE B 815 63.54 -13.58 32.70
C PHE B 815 62.99 -12.18 32.40
N LEU B 816 63.59 -11.14 32.96
CA LEU B 816 63.13 -9.75 32.81
C LEU B 816 62.97 -9.36 31.34
N ASP B 817 64.01 -9.55 30.54
CA ASP B 817 64.01 -9.28 29.10
C ASP B 817 63.06 -10.18 28.30
N GLY B 818 62.80 -11.40 28.78
CA GLY B 818 61.93 -12.35 28.10
C GLY B 818 60.48 -11.86 28.10
N VAL B 819 59.99 -11.43 29.26
CA VAL B 819 58.64 -10.88 29.39
C VAL B 819 58.48 -9.64 28.51
N ARG B 820 59.50 -8.80 28.41
CA ARG B 820 59.43 -7.59 27.58
C ARG B 820 59.38 -7.89 26.08
N ARG B 821 60.05 -8.92 25.56
CA ARG B 821 59.88 -9.28 24.14
C ARG B 821 58.49 -9.83 23.82
N LEU B 822 57.79 -10.48 24.75
CA LEU B 822 56.38 -10.81 24.54
C LEU B 822 55.57 -9.54 24.21
N ARG B 823 55.80 -8.46 24.97
CA ARG B 823 55.03 -7.22 24.85
C ARG B 823 55.44 -6.33 23.69
N THR B 824 56.67 -6.41 23.17
CA THR B 824 57.02 -5.73 21.92
C THR B 824 56.31 -6.36 20.72
N ASP B 825 55.97 -7.65 20.78
CA ASP B 825 55.57 -8.41 19.60
C ASP B 825 54.05 -8.64 19.48
N GLY B 826 53.28 -8.44 20.56
CA GLY B 826 51.81 -8.38 20.50
C GLY B 826 51.06 -8.93 21.72
N VAL B 827 51.71 -9.71 22.59
CA VAL B 827 51.07 -10.37 23.74
C VAL B 827 50.44 -9.38 24.69
N THR B 828 49.18 -9.61 25.02
CA THR B 828 48.33 -8.64 25.74
C THR B 828 47.77 -9.21 27.06
N ARG B 829 47.60 -10.53 27.14
CA ARG B 829 47.11 -11.25 28.33
C ARG B 829 47.99 -12.45 28.64
N LEU B 830 48.31 -12.64 29.91
CA LEU B 830 49.48 -13.38 30.36
C LEU B 830 49.13 -14.30 31.53
N VAL B 831 49.28 -15.61 31.31
CA VAL B 831 48.81 -16.66 32.23
C VAL B 831 49.98 -17.41 32.85
N GLY B 832 50.01 -17.55 34.16
CA GLY B 832 51.06 -18.28 34.89
C GLY B 832 50.58 -19.63 35.40
N LEU B 833 51.33 -20.70 35.13
CA LEU B 833 51.01 -22.02 35.67
C LEU B 833 51.42 -22.20 37.14
N ASP B 834 52.42 -21.45 37.61
CA ASP B 834 52.59 -21.04 39.02
C ASP B 834 52.37 -22.08 40.12
N LEU B 835 52.79 -23.32 39.87
CA LEU B 835 52.80 -24.40 40.88
C LEU B 835 53.84 -24.15 41.98
N SER B 836 54.86 -23.34 41.72
CA SER B 836 55.84 -22.80 42.68
C SER B 836 56.48 -21.52 42.15
N GLY B 837 57.10 -20.72 43.01
CA GLY B 837 57.83 -19.50 42.63
C GLY B 837 56.97 -18.27 42.31
N ASP B 838 55.63 -18.37 42.33
CA ASP B 838 54.71 -17.24 42.16
C ASP B 838 54.93 -16.40 40.90
N LEU B 839 55.31 -17.05 39.79
CA LEU B 839 55.90 -16.43 38.60
C LEU B 839 55.06 -15.30 37.95
N THR B 840 53.73 -15.28 38.11
CA THR B 840 52.88 -14.17 37.65
C THR B 840 53.25 -12.84 38.32
N GLY B 841 53.78 -12.86 39.54
CA GLY B 841 54.28 -11.66 40.22
C GLY B 841 55.45 -11.00 39.48
N PRO B 842 56.58 -11.69 39.33
CA PRO B 842 57.69 -11.25 38.49
C PRO B 842 57.30 -10.88 37.06
N ALA B 843 56.33 -11.58 36.46
CA ALA B 843 55.83 -11.23 35.14
C ALA B 843 55.25 -9.81 35.11
N GLY B 844 54.30 -9.50 35.99
CA GLY B 844 53.70 -8.17 36.08
C GLY B 844 54.72 -7.08 36.40
N ARG B 845 55.65 -7.36 37.31
CA ARG B 845 56.71 -6.44 37.73
C ARG B 845 57.64 -6.02 36.59
N SER B 846 57.94 -6.92 35.65
CA SER B 846 58.68 -6.58 34.44
C SER B 846 57.81 -5.85 33.42
N ALA B 847 56.57 -6.31 33.23
CA ALA B 847 55.68 -5.87 32.15
C ALA B 847 55.12 -4.45 32.29
N ALA B 848 54.73 -3.99 33.48
CA ALA B 848 53.98 -2.74 33.63
C ALA B 848 54.80 -1.46 33.40
N GLY B 849 56.11 -1.51 33.64
CA GLY B 849 57.02 -0.38 33.48
C GLY B 849 57.62 -0.21 32.08
N PHE B 850 56.97 -0.74 31.04
CA PHE B 850 57.50 -0.83 29.69
C PHE B 850 56.39 -0.78 28.62
N GLY B 851 56.75 -0.43 27.38
CA GLY B 851 55.80 -0.26 26.27
C GLY B 851 55.03 1.06 26.33
N GLU B 852 54.04 1.22 25.45
CA GLU B 852 53.19 2.41 25.40
C GLU B 852 52.28 2.50 26.65
N PRO B 853 52.12 3.69 27.28
CA PRO B 853 51.23 3.87 28.41
C PRO B 853 49.76 3.49 28.15
N GLY B 854 49.05 3.08 29.20
CA GLY B 854 47.60 2.83 29.18
C GLY B 854 47.15 1.51 28.55
N ARG B 855 48.07 0.70 28.01
CA ARG B 855 47.80 -0.62 27.39
C ARG B 855 47.24 -1.63 28.40
N PRO B 856 46.54 -2.70 27.95
CA PRO B 856 46.10 -3.78 28.81
C PRO B 856 47.26 -4.68 29.29
N LEU B 857 47.05 -5.31 30.44
CA LEU B 857 47.93 -6.32 31.03
C LEU B 857 47.12 -7.17 32.00
N LEU B 858 46.44 -8.20 31.48
CA LEU B 858 45.77 -9.20 32.32
C LEU B 858 46.81 -10.18 32.83
N LEU B 859 46.88 -10.35 34.16
CA LEU B 859 47.74 -11.30 34.84
C LEU B 859 46.86 -12.26 35.63
N ALA B 860 46.95 -13.55 35.37
CA ALA B 860 46.22 -14.57 36.10
C ALA B 860 47.10 -15.80 36.37
N SER B 861 47.06 -16.34 37.58
CA SER B 861 47.78 -17.55 37.96
C SER B 861 46.81 -18.70 38.22
N VAL B 862 46.89 -19.82 37.50
CA VAL B 862 45.75 -20.75 37.41
C VAL B 862 45.49 -21.65 38.64
N PRO B 863 46.49 -22.21 39.34
CA PRO B 863 46.27 -22.83 40.65
C PRO B 863 46.33 -21.76 41.75
N GLY B 864 45.50 -20.72 41.65
CA GLY B 864 45.51 -19.56 42.56
C GLY B 864 45.07 -19.84 44.00
N GLY B 865 45.21 -18.84 44.88
CA GLY B 865 44.96 -18.93 46.33
C GLY B 865 43.48 -18.92 46.78
N GLY B 866 42.60 -19.62 46.06
CA GLY B 866 41.18 -19.76 46.43
C GLY B 866 40.93 -20.64 47.67
N ARG B 867 39.70 -20.61 48.21
CA ARG B 867 39.34 -21.38 49.42
C ARG B 867 38.97 -22.85 49.13
N PRO B 868 37.92 -23.19 48.36
CA PRO B 868 37.82 -24.51 47.72
C PRO B 868 38.83 -24.62 46.57
N PRO B 869 39.12 -25.82 46.04
CA PRO B 869 40.17 -25.99 45.03
C PRO B 869 39.80 -25.39 43.67
N GLY B 870 38.59 -25.69 43.18
CA GLY B 870 38.17 -25.34 41.82
C GLY B 870 37.85 -23.86 41.61
N GLN B 871 37.46 -23.13 42.67
CA GLN B 871 37.13 -21.70 42.54
C GLN B 871 38.33 -20.86 42.10
N ALA B 872 39.56 -21.28 42.42
CA ALA B 872 40.74 -20.62 41.89
C ALA B 872 40.82 -20.72 40.35
N LEU B 873 40.64 -21.92 39.80
CA LEU B 873 40.80 -22.17 38.38
C LEU B 873 39.65 -21.53 37.59
N LEU B 874 38.41 -21.72 38.03
CA LEU B 874 37.25 -21.09 37.41
C LEU B 874 37.27 -19.56 37.53
N SER B 875 37.85 -18.99 38.59
CA SER B 875 38.07 -17.55 38.68
C SER B 875 39.12 -17.07 37.67
N ALA B 876 40.26 -17.73 37.55
CA ALA B 876 41.29 -17.38 36.57
C ALA B 876 40.78 -17.50 35.13
N LEU B 877 40.01 -18.54 34.81
CA LEU B 877 39.36 -18.66 33.51
C LEU B 877 38.25 -17.63 33.32
N GLY B 878 37.47 -17.30 34.35
CA GLY B 878 36.46 -16.26 34.29
C GLY B 878 37.05 -14.89 33.98
N GLU B 879 38.23 -14.58 34.51
CA GLU B 879 38.98 -13.37 34.19
C GLU B 879 39.36 -13.31 32.70
N LEU B 880 39.82 -14.42 32.11
CA LEU B 880 40.14 -14.52 30.69
C LEU B 880 38.89 -14.48 29.80
N HIS B 881 37.79 -15.13 30.18
CA HIS B 881 36.54 -15.12 29.42
C HIS B 881 35.92 -13.74 29.38
N THR B 882 36.02 -13.03 30.49
CA THR B 882 35.65 -11.62 30.61
C THR B 882 36.47 -10.73 29.69
N ASP B 883 37.79 -10.93 29.61
CA ASP B 883 38.67 -10.11 28.77
C ASP B 883 38.53 -10.36 27.27
N GLY B 884 38.16 -11.58 26.87
CA GLY B 884 37.78 -11.87 25.47
C GLY B 884 38.05 -13.29 24.97
N VAL B 885 38.76 -14.14 25.72
CA VAL B 885 39.12 -15.50 25.29
C VAL B 885 37.88 -16.40 25.22
N ALA B 886 37.72 -17.16 24.14
CA ALA B 886 36.55 -17.99 23.86
C ALA B 886 36.57 -19.35 24.59
N ILE B 887 36.59 -19.33 25.92
CA ILE B 887 36.69 -20.53 26.76
C ILE B 887 35.51 -21.49 26.56
N ASP B 888 35.79 -22.79 26.58
CA ASP B 888 34.81 -23.88 26.58
C ASP B 888 34.62 -24.41 28.02
N TRP B 889 33.46 -24.14 28.61
CA TRP B 889 33.15 -24.47 29.99
C TRP B 889 32.76 -25.92 30.24
N SER B 890 32.65 -26.78 29.24
CA SER B 890 32.10 -28.14 29.40
C SER B 890 32.84 -29.01 30.41
N GLN B 891 34.13 -28.82 30.64
CA GLN B 891 34.87 -29.51 31.70
C GLN B 891 34.37 -29.22 33.11
N ALA B 892 33.72 -28.09 33.38
CA ALA B 892 33.13 -27.82 34.69
C ALA B 892 31.84 -28.61 34.94
N PHE B 893 31.22 -29.15 33.90
CA PHE B 893 29.94 -29.86 33.94
C PHE B 893 30.03 -31.36 33.62
N GLU B 894 31.11 -31.83 32.99
CA GLU B 894 31.27 -33.26 32.65
C GLU B 894 31.22 -34.16 33.90
N GLY B 895 30.51 -35.29 33.81
CA GLY B 895 30.32 -36.26 34.89
C GLY B 895 29.22 -35.91 35.89
N ARG B 896 28.64 -34.71 35.82
CA ARG B 896 27.52 -34.27 36.67
C ARG B 896 26.19 -34.47 35.93
N GLY B 897 25.08 -34.38 36.65
CA GLY B 897 23.74 -34.74 36.16
C GLY B 897 23.06 -33.75 35.21
N ALA B 898 23.81 -33.07 34.35
CA ALA B 898 23.31 -31.93 33.59
C ALA B 898 22.15 -32.26 32.64
N ARG B 899 21.14 -31.41 32.63
CA ARG B 899 20.00 -31.38 31.69
C ARG B 899 19.74 -29.94 31.23
N ARG B 900 18.95 -29.76 30.18
CA ARG B 900 18.46 -28.46 29.70
C ARG B 900 17.25 -27.99 30.52
N VAL B 901 17.13 -26.68 30.76
CA VAL B 901 15.96 -26.03 31.40
C VAL B 901 15.57 -24.75 30.64
N ASP B 902 14.31 -24.33 30.77
CA ASP B 902 13.78 -23.15 30.07
C ASP B 902 14.22 -21.84 30.74
N LEU B 903 15.36 -21.32 30.30
CA LEU B 903 15.90 -20.03 30.73
C LEU B 903 15.02 -18.85 30.26
N PRO B 904 15.15 -17.66 30.88
CA PRO B 904 14.57 -16.44 30.34
C PRO B 904 15.17 -16.05 28.98
N THR B 905 14.44 -15.24 28.22
CA THR B 905 14.87 -14.62 26.96
C THR B 905 15.32 -13.17 27.17
N TYR B 906 15.99 -12.57 26.19
CA TYR B 906 16.73 -11.33 26.36
C TYR B 906 15.86 -10.09 26.73
N PRO B 907 16.30 -9.21 27.65
CA PRO B 907 15.66 -7.93 27.96
C PRO B 907 16.19 -6.75 27.12
N TYR B 908 15.33 -6.15 26.30
CA TYR B 908 15.66 -4.99 25.45
C TYR B 908 15.62 -3.68 26.23
N GLN B 909 16.36 -2.67 25.79
CA GLN B 909 16.25 -1.29 26.30
C GLN B 909 15.65 -0.41 25.20
N LYS B 910 14.32 -0.41 25.10
CA LYS B 910 13.57 0.17 23.99
C LYS B 910 13.44 1.70 24.03
N VAL B 911 13.28 2.31 22.86
CA VAL B 911 13.12 3.75 22.58
C VAL B 911 12.07 3.96 21.47
N ARG B 912 11.45 5.14 21.39
CA ARG B 912 10.42 5.44 20.38
C ARG B 912 11.00 5.50 18.97
N CYS B 913 10.37 4.82 18.01
CA CYS B 913 10.77 4.80 16.60
C CYS B 913 9.54 4.90 15.68
N TRP B 914 9.10 6.12 15.36
CA TRP B 914 7.87 6.37 14.62
C TRP B 914 8.01 7.59 13.70
N LEU B 915 7.33 7.61 12.55
CA LEU B 915 7.39 8.72 11.59
C LEU B 915 6.72 10.02 12.08
N VAL B 916 5.76 9.93 13.01
CA VAL B 916 4.92 11.07 13.45
C VAL B 916 4.96 11.24 14.97
N PRO B 917 5.19 12.47 15.50
CA PRO B 917 5.18 12.73 16.94
C PRO B 917 3.76 12.73 17.52
N PRO B 918 3.58 12.35 18.81
CA PRO B 918 2.28 12.05 19.38
C PRO B 918 1.33 13.25 19.42
N GLU B 919 0.06 13.01 19.10
CA GLU B 919 -1.00 14.02 19.17
C GLU B 919 -1.39 14.34 20.64
N PRO B 920 -1.81 15.58 20.96
CA PRO B 920 -2.21 15.96 22.33
C PRO B 920 -3.34 15.11 22.91
N GLN B 921 -3.26 14.80 24.21
CA GLN B 921 -4.19 13.90 24.90
C GLN B 921 -5.63 14.43 25.05
N VAL B 922 -5.82 15.75 24.91
CA VAL B 922 -7.13 16.42 24.85
C VAL B 922 -7.13 17.38 23.66
N SER B 923 -8.26 17.48 22.96
CA SER B 923 -8.48 18.43 21.85
C SER B 923 -9.97 18.72 21.63
N VAL B 924 -10.28 19.83 20.95
CA VAL B 924 -11.66 20.26 20.63
C VAL B 924 -12.39 19.29 19.68
N VAL B 925 -13.72 19.35 19.66
CA VAL B 925 -14.58 18.48 18.82
C VAL B 925 -14.40 18.67 17.31
N ALA B 926 -13.85 19.82 16.88
CA ALA B 926 -13.46 20.11 15.50
C ALA B 926 -14.59 19.93 14.45
N ALA B 927 -15.78 20.43 14.77
CA ALA B 927 -16.96 20.37 13.90
C ALA B 927 -16.72 21.06 12.53
N PRO B 928 -17.24 20.51 11.42
CA PRO B 928 -16.92 20.98 10.08
C PRO B 928 -17.52 22.36 9.77
N PRO B 929 -16.85 23.18 8.93
CA PRO B 929 -17.40 24.45 8.46
C PRO B 929 -18.60 24.23 7.53
N HIS B 930 -19.56 25.15 7.54
CA HIS B 930 -20.74 25.06 6.70
C HIS B 930 -20.35 25.10 5.20
N PRO B 931 -20.77 24.14 4.37
CA PRO B 931 -20.11 23.84 3.10
C PRO B 931 -20.18 24.93 2.04
N LEU B 932 -21.13 25.87 2.12
CA LEU B 932 -21.20 27.02 1.20
C LEU B 932 -20.33 28.23 1.61
N LEU B 933 -19.83 28.31 2.85
CA LEU B 933 -19.04 29.47 3.32
C LEU B 933 -17.64 29.12 3.81
N GLY B 934 -17.39 27.91 4.28
CA GLY B 934 -16.01 27.41 4.41
C GLY B 934 -15.14 28.10 5.46
N THR B 935 -13.85 28.21 5.17
CA THR B 935 -12.85 28.77 6.08
C THR B 935 -12.99 30.28 6.21
N ALA B 936 -13.03 30.79 7.44
CA ALA B 936 -12.91 32.22 7.71
C ALA B 936 -11.46 32.67 7.56
N LEU B 937 -11.20 33.66 6.71
CA LEU B 937 -9.87 34.25 6.57
C LEU B 937 -9.54 35.12 7.78
N ASP B 938 -8.25 35.44 7.95
CA ASP B 938 -7.71 36.21 9.07
C ASP B 938 -6.77 37.31 8.57
N LEU B 939 -7.27 38.23 7.76
CA LEU B 939 -6.50 39.40 7.32
C LEU B 939 -6.21 40.32 8.52
N VAL B 940 -5.00 40.89 8.64
CA VAL B 940 -4.61 41.54 9.90
C VAL B 940 -5.38 42.83 10.16
N ASP B 941 -5.36 43.78 9.24
CA ASP B 941 -5.92 45.12 9.47
C ASP B 941 -7.42 45.24 9.18
N ALA B 942 -8.02 44.23 8.53
CA ALA B 942 -9.34 44.31 7.91
C ALA B 942 -10.47 44.51 8.92
N THR B 943 -11.43 45.36 8.57
CA THR B 943 -12.63 45.67 9.36
C THR B 943 -13.73 44.62 9.17
N GLY B 944 -14.15 44.37 7.92
CA GLY B 944 -15.11 43.32 7.60
C GLY B 944 -14.50 41.93 7.55
N GLN B 945 -15.12 40.96 8.21
CA GLN B 945 -14.73 39.54 8.11
C GLN B 945 -15.00 39.02 6.70
N SER B 946 -14.18 38.08 6.22
CA SER B 946 -14.40 37.40 4.95
C SER B 946 -14.12 35.90 5.03
N PHE B 947 -14.74 35.14 4.13
CA PHE B 947 -14.70 33.68 4.10
C PHE B 947 -14.55 33.18 2.67
N THR B 948 -13.93 32.01 2.48
CA THR B 948 -13.69 31.41 1.16
C THR B 948 -13.93 29.90 1.16
N GLN B 949 -14.44 29.37 0.05
CA GLN B 949 -14.52 27.94 -0.19
C GLN B 949 -14.28 27.61 -1.66
N GLN B 950 -13.56 26.53 -1.92
CA GLN B 950 -13.47 25.89 -3.23
C GLN B 950 -14.32 24.61 -3.21
N LEU B 951 -15.13 24.37 -4.23
CA LEU B 951 -15.79 23.10 -4.44
C LEU B 951 -15.13 22.42 -5.64
N THR B 952 -14.61 21.22 -5.45
CA THR B 952 -14.05 20.38 -6.51
C THR B 952 -15.18 19.73 -7.34
N PRO B 953 -14.88 19.18 -8.52
CA PRO B 953 -15.89 18.51 -9.35
C PRO B 953 -16.67 17.39 -8.65
N GLY B 954 -16.11 16.77 -7.61
CA GLY B 954 -16.80 15.75 -6.80
C GLY B 954 -17.73 16.32 -5.73
N GLN B 955 -17.53 17.57 -5.29
CA GLN B 955 -18.34 18.23 -4.26
C GLN B 955 -19.50 19.04 -4.84
N VAL B 956 -19.30 19.67 -6.01
CA VAL B 956 -20.25 20.60 -6.63
C VAL B 956 -21.63 19.99 -6.77
N ALA B 957 -21.72 18.82 -7.39
CA ALA B 957 -22.99 18.13 -7.60
C ALA B 957 -23.67 17.64 -6.31
N GLY B 958 -22.97 17.65 -5.17
CA GLY B 958 -23.52 17.27 -3.87
C GLY B 958 -24.31 18.40 -3.22
N VAL B 959 -23.79 19.62 -3.28
CA VAL B 959 -24.45 20.82 -2.73
C VAL B 959 -25.49 21.37 -3.70
N PHE B 960 -25.20 21.38 -5.01
CA PHE B 960 -26.09 21.88 -6.07
C PHE B 960 -27.18 20.85 -6.43
N GLY B 961 -28.09 20.58 -5.49
CA GLY B 961 -29.05 19.47 -5.55
C GLY B 961 -30.26 19.63 -6.49
N GLN B 962 -30.37 20.74 -7.21
CA GLN B 962 -31.43 21.01 -8.19
C GLN B 962 -30.84 21.08 -9.59
N GLN B 963 -31.56 20.57 -10.58
CA GLN B 963 -31.20 20.75 -11.98
C GLN B 963 -32.26 21.57 -12.71
N LEU B 964 -31.85 22.57 -13.48
CA LEU B 964 -32.70 23.28 -14.43
C LEU B 964 -32.28 22.93 -15.85
N TYR B 965 -33.20 22.37 -16.63
CA TYR B 965 -32.94 21.92 -18.00
C TYR B 965 -31.66 21.08 -18.11
N GLY B 966 -31.44 20.21 -17.12
CA GLY B 966 -30.31 19.29 -17.03
C GLY B 966 -29.05 19.85 -16.35
N THR B 967 -28.80 21.17 -16.36
CA THR B 967 -27.59 21.72 -15.72
C THR B 967 -27.75 21.87 -14.20
N PRO B 968 -26.74 21.58 -13.38
CA PRO B 968 -26.83 21.77 -11.93
C PRO B 968 -26.88 23.25 -11.51
N VAL B 969 -27.76 23.59 -10.58
CA VAL B 969 -27.93 24.94 -10.04
C VAL B 969 -28.01 24.92 -8.52
N LEU B 970 -27.57 26.00 -7.87
CA LEU B 970 -27.68 26.13 -6.41
C LEU B 970 -29.13 26.47 -6.05
N PRO B 971 -29.82 25.70 -5.20
CA PRO B 971 -31.21 25.99 -4.87
C PRO B 971 -31.38 27.35 -4.21
N ALA B 972 -32.48 28.06 -4.50
CA ALA B 972 -32.77 29.35 -3.89
C ALA B 972 -32.87 29.28 -2.36
N GLY B 973 -33.40 28.19 -1.79
CA GLY B 973 -33.40 28.00 -0.34
C GLY B 973 -32.01 27.85 0.25
N ALA B 974 -31.06 27.26 -0.49
CA ALA B 974 -29.67 27.18 -0.08
C ALA B 974 -28.97 28.53 -0.12
N ARG B 975 -29.25 29.40 -1.11
CA ARG B 975 -28.74 30.78 -1.08
C ARG B 975 -29.27 31.57 0.12
N LEU B 976 -30.54 31.40 0.45
CA LEU B 976 -31.15 32.09 1.57
C LEU B 976 -30.57 31.61 2.90
N GLU B 977 -30.37 30.30 3.08
CA GLU B 977 -29.67 29.73 4.24
C GLU B 977 -28.17 30.06 4.28
N TRP B 978 -27.49 30.16 3.15
CA TRP B 978 -26.09 30.60 3.07
C TRP B 978 -25.91 31.98 3.70
N LEU B 979 -26.77 32.94 3.34
CA LEU B 979 -26.74 34.27 3.96
C LEU B 979 -27.03 34.21 5.47
N LEU B 980 -28.01 33.43 5.93
CA LEU B 980 -28.27 33.27 7.36
C LEU B 980 -27.11 32.60 8.13
N ALA B 981 -26.47 31.59 7.54
CA ALA B 981 -25.28 30.95 8.09
C ALA B 981 -24.09 31.91 8.14
N ALA B 982 -23.91 32.77 7.13
CA ALA B 982 -22.88 33.79 7.13
C ALA B 982 -23.18 34.89 8.14
N ALA B 983 -24.45 35.24 8.34
CA ALA B 983 -24.88 36.25 9.30
C ALA B 983 -24.58 35.84 10.74
N ARG B 984 -25.00 34.64 11.17
CA ARG B 984 -24.95 34.23 12.58
C ARG B 984 -23.58 33.77 13.09
N HIS B 985 -22.56 33.78 12.25
CA HIS B 985 -21.31 33.01 12.41
C HIS B 985 -20.69 33.02 13.81
N GLY B 986 -20.45 34.21 14.39
CA GLY B 986 -19.76 34.34 15.68
C GLY B 986 -20.65 34.49 16.92
N SER B 987 -21.98 34.42 16.79
CA SER B 987 -22.95 34.88 17.80
C SER B 987 -23.73 33.73 18.47
N PRO B 988 -24.02 33.81 19.78
CA PRO B 988 -24.89 32.86 20.47
C PRO B 988 -26.39 33.06 20.21
N ASP B 989 -26.81 34.19 19.62
CA ASP B 989 -28.25 34.53 19.46
C ASP B 989 -29.00 33.48 18.62
N SER B 990 -30.15 33.03 19.13
CA SER B 990 -31.04 32.06 18.49
C SER B 990 -32.15 32.68 17.64
N ALA B 991 -32.31 34.01 17.63
CA ALA B 991 -33.35 34.67 16.82
C ALA B 991 -32.77 35.73 15.86
N TRP B 992 -33.15 35.65 14.58
CA TRP B 992 -32.52 36.40 13.48
C TRP B 992 -33.54 37.05 12.56
N THR B 993 -33.26 38.29 12.15
CA THR B 993 -34.03 39.01 11.13
C THR B 993 -33.11 39.39 9.98
N LEU B 994 -33.45 38.93 8.78
CA LEU B 994 -32.81 39.33 7.53
C LEU B 994 -33.78 40.14 6.71
N THR B 995 -33.34 41.27 6.16
CA THR B 995 -34.19 42.16 5.36
C THR B 995 -33.50 42.62 4.09
N GLY B 996 -34.29 43.09 3.13
CA GLY B 996 -33.77 43.64 1.86
C GLY B 996 -33.00 42.62 1.03
N ILE B 997 -33.38 41.34 1.10
CA ILE B 997 -32.65 40.24 0.50
C ILE B 997 -32.83 40.25 -1.01
N ARG B 998 -31.75 40.26 -1.79
CA ARG B 998 -31.77 40.23 -3.27
C ARG B 998 -30.87 39.13 -3.77
N LEU B 999 -31.32 38.39 -4.79
CA LEU B 999 -30.71 37.15 -5.26
C LEU B 999 -30.64 37.13 -6.80
N PRO B 1000 -29.81 38.00 -7.41
CA PRO B 1000 -29.72 38.09 -8.85
C PRO B 1000 -29.12 36.83 -9.48
N GLY B 1001 -29.48 36.56 -10.74
CA GLY B 1001 -28.92 35.50 -11.58
C GLY B 1001 -29.16 34.08 -11.09
N THR B 1002 -28.69 33.10 -11.87
CA THR B 1002 -28.65 31.68 -11.50
C THR B 1002 -27.21 31.25 -11.25
N VAL B 1003 -26.91 30.72 -10.06
CA VAL B 1003 -25.61 30.08 -9.80
C VAL B 1003 -25.61 28.70 -10.45
N SER B 1004 -24.67 28.42 -11.34
CA SER B 1004 -24.56 27.13 -12.03
C SER B 1004 -23.11 26.74 -12.28
N ALA B 1005 -22.87 25.46 -12.52
CA ALA B 1005 -21.56 24.94 -12.87
C ALA B 1005 -21.70 23.79 -13.87
N ALA B 1006 -21.12 23.94 -15.04
CA ALA B 1006 -21.16 22.90 -16.07
C ALA B 1006 -20.55 21.61 -15.52
N SER B 1007 -21.16 20.47 -15.80
CA SER B 1007 -20.80 19.20 -15.17
C SER B 1007 -19.29 18.93 -15.26
N GLY B 1008 -18.65 18.66 -14.13
CA GLY B 1008 -17.20 18.39 -14.08
C GLY B 1008 -16.30 19.63 -14.00
N THR B 1009 -16.75 20.74 -13.41
CA THR B 1009 -16.02 22.03 -13.37
C THR B 1009 -15.90 22.58 -11.94
N PRO B 1010 -14.76 23.15 -11.52
CA PRO B 1010 -14.62 23.78 -10.20
C PRO B 1010 -15.54 24.98 -9.97
N VAL B 1011 -15.85 25.27 -8.70
CA VAL B 1011 -16.55 26.50 -8.28
C VAL B 1011 -15.80 27.13 -7.12
N ALA B 1012 -15.58 28.44 -7.16
CA ALA B 1012 -15.08 29.22 -6.05
C ALA B 1012 -16.20 30.10 -5.47
N LEU B 1013 -16.38 30.07 -4.16
CA LEU B 1013 -17.38 30.85 -3.44
C LEU B 1013 -16.69 31.74 -2.41
N GLN B 1014 -17.19 32.95 -2.23
CA GLN B 1014 -16.64 33.92 -1.28
C GLN B 1014 -17.78 34.72 -0.64
N THR B 1015 -17.62 35.13 0.61
CA THR B 1015 -18.61 35.95 1.30
C THR B 1015 -17.96 36.90 2.29
N SER B 1016 -18.60 38.03 2.58
CA SER B 1016 -18.10 39.05 3.47
C SER B 1016 -19.20 39.68 4.32
N ARG B 1017 -18.83 40.10 5.53
CA ARG B 1017 -19.67 40.83 6.48
C ARG B 1017 -19.08 42.20 6.66
N GLU B 1018 -19.84 43.26 6.40
CA GLU B 1018 -19.46 44.61 6.79
C GLU B 1018 -20.41 45.16 7.84
N ASP B 1019 -19.90 45.48 9.02
CA ASP B 1019 -20.63 46.27 10.01
C ASP B 1019 -20.84 47.69 9.46
N SER B 1020 -22.10 48.13 9.37
CA SER B 1020 -22.43 49.46 8.84
C SER B 1020 -22.15 50.61 9.82
N GLY B 1021 -21.98 50.31 11.11
CA GLY B 1021 -21.96 51.28 12.20
C GLY B 1021 -23.35 51.76 12.67
N ASP B 1022 -24.42 51.40 11.96
CA ASP B 1022 -25.81 51.73 12.33
C ASP B 1022 -26.35 50.75 13.41
N GLY B 1023 -25.85 50.89 14.64
CA GLY B 1023 -26.14 49.96 15.74
C GLY B 1023 -25.63 48.55 15.42
N HIS B 1024 -26.51 47.55 15.51
CA HIS B 1024 -26.19 46.15 15.22
C HIS B 1024 -26.15 45.80 13.72
N ARG B 1025 -26.52 46.72 12.81
CA ARG B 1025 -26.77 46.43 11.39
C ARG B 1025 -25.49 46.00 10.65
N VAL B 1026 -25.44 44.73 10.23
CA VAL B 1026 -24.38 44.14 9.39
C VAL B 1026 -24.92 43.88 7.99
N ARG B 1027 -24.13 44.18 6.94
CA ARG B 1027 -24.45 43.84 5.55
C ARG B 1027 -23.67 42.58 5.16
N ALA B 1028 -24.36 41.55 4.66
CA ALA B 1028 -23.75 40.31 4.19
C ALA B 1028 -23.87 40.23 2.66
N PHE B 1029 -22.79 39.87 1.99
CA PHE B 1029 -22.74 39.65 0.55
C PHE B 1029 -22.24 38.25 0.20
N VAL B 1030 -22.69 37.70 -0.93
CA VAL B 1030 -22.22 36.42 -1.45
C VAL B 1030 -21.84 36.51 -2.91
N LYS B 1031 -20.70 35.91 -3.28
CA LYS B 1031 -20.03 36.08 -4.57
C LYS B 1031 -19.61 34.75 -5.18
N GLY B 1032 -19.77 34.61 -6.49
CA GLY B 1032 -19.53 33.41 -7.30
C GLY B 1032 -18.45 33.63 -8.36
N PRO B 1033 -17.95 32.56 -8.99
CA PRO B 1033 -16.60 32.51 -9.57
C PRO B 1033 -16.46 33.16 -10.94
N GLY B 1034 -15.22 33.29 -11.39
CA GLY B 1034 -14.86 33.70 -12.76
C GLY B 1034 -13.42 33.29 -13.12
N THR B 1035 -13.13 33.19 -14.42
CA THR B 1035 -11.81 32.82 -14.98
C THR B 1035 -11.63 33.37 -16.40
N GLY B 1036 -10.40 33.55 -16.87
CA GLY B 1036 -10.08 34.01 -18.22
C GLY B 1036 -10.39 35.50 -18.41
N GLY B 1037 -11.39 35.82 -19.23
CA GLY B 1037 -11.98 37.16 -19.32
C GLY B 1037 -12.96 37.50 -18.19
N GLY B 1038 -13.47 36.49 -17.47
CA GLY B 1038 -14.39 36.63 -16.35
C GLY B 1038 -13.68 36.95 -15.01
N ARG B 1039 -14.42 37.57 -14.09
CA ARG B 1039 -14.01 37.95 -12.73
C ARG B 1039 -15.15 37.68 -11.75
N TRP B 1040 -14.88 37.72 -10.45
CA TRP B 1040 -15.88 37.50 -9.39
C TRP B 1040 -17.16 38.32 -9.64
N ALA B 1041 -18.32 37.71 -9.44
CA ALA B 1041 -19.62 38.32 -9.68
C ALA B 1041 -20.57 38.15 -8.47
N GLU B 1042 -21.39 39.16 -8.19
CA GLU B 1042 -22.32 39.11 -7.07
C GLU B 1042 -23.49 38.16 -7.36
N ARG B 1043 -23.86 37.34 -6.37
CA ARG B 1043 -25.00 36.40 -6.47
C ARG B 1043 -25.91 36.42 -5.25
N GLY B 1044 -25.79 37.44 -4.40
CA GLY B 1044 -26.76 37.73 -3.36
C GLY B 1044 -26.28 38.73 -2.32
N GLY B 1045 -27.22 39.32 -1.59
CA GLY B 1045 -26.94 40.16 -0.45
C GLY B 1045 -28.14 40.37 0.45
N ALA B 1046 -27.89 40.64 1.73
CA ALA B 1046 -28.90 40.83 2.76
C ALA B 1046 -28.40 41.76 3.87
N THR B 1047 -29.33 42.36 4.61
CA THR B 1047 -29.04 43.13 5.81
C THR B 1047 -29.51 42.36 7.05
N VAL B 1048 -28.66 42.29 8.07
CA VAL B 1048 -28.84 41.45 9.27
C VAL B 1048 -29.12 42.32 10.49
N VAL B 1049 -30.08 41.94 11.33
CA VAL B 1049 -30.18 42.43 12.71
C VAL B 1049 -30.43 41.26 13.70
N PRO B 1050 -29.71 41.16 14.83
CA PRO B 1050 -30.00 40.24 15.93
C PRO B 1050 -31.21 40.70 16.77
N ALA B 1051 -31.46 40.05 17.92
CA ALA B 1051 -32.28 40.58 19.02
C ALA B 1051 -33.70 41.05 18.61
N VAL B 1052 -34.47 40.17 17.97
CA VAL B 1052 -35.76 40.50 17.32
C VAL B 1052 -36.81 41.07 18.29
N THR B 1053 -36.78 40.69 19.57
CA THR B 1053 -37.45 41.35 20.71
C THR B 1053 -38.94 41.73 20.49
N ARG B 1054 -39.73 40.76 19.99
CA ARG B 1054 -41.20 40.82 19.90
C ARG B 1054 -41.82 39.43 20.13
N PRO B 1055 -43.03 39.32 20.73
CA PRO B 1055 -43.71 38.05 20.96
C PRO B 1055 -44.22 37.41 19.65
N ALA B 1056 -44.68 36.16 19.75
CA ALA B 1056 -45.25 35.38 18.64
C ALA B 1056 -46.53 34.63 19.10
N PRO B 1057 -47.40 34.17 18.18
CA PRO B 1057 -48.70 33.59 18.52
C PRO B 1057 -48.63 32.33 19.39
N ASP B 1058 -49.71 32.08 20.13
CA ASP B 1058 -49.93 30.81 20.84
C ASP B 1058 -50.25 29.65 19.86
N ARG B 1059 -50.37 28.42 20.38
CA ARG B 1059 -50.43 27.19 19.58
C ARG B 1059 -51.57 27.21 18.55
N VAL B 1060 -51.26 26.98 17.28
CA VAL B 1060 -52.24 26.82 16.20
C VAL B 1060 -52.31 25.35 15.78
N ASP B 1061 -53.51 24.78 15.77
CA ASP B 1061 -53.76 23.38 15.44
C ASP B 1061 -53.42 23.08 13.96
N PRO B 1062 -52.45 22.23 13.64
CA PRO B 1062 -52.16 21.88 12.26
C PRO B 1062 -53.36 21.23 11.55
N GLU B 1063 -54.18 20.46 12.27
CA GLU B 1063 -55.36 19.81 11.69
C GLU B 1063 -56.46 20.80 11.31
N SER B 1064 -56.36 22.07 11.72
CA SER B 1064 -57.26 23.13 11.25
C SER B 1064 -56.85 23.69 9.88
N LEU B 1065 -55.60 23.49 9.46
CA LEU B 1065 -55.05 24.09 8.24
C LEU B 1065 -55.64 23.52 6.93
N PRO B 1066 -55.73 22.20 6.71
CA PRO B 1066 -56.07 21.67 5.38
C PRO B 1066 -57.57 21.70 5.05
N GLU B 1067 -58.44 22.06 5.99
CA GLU B 1067 -59.88 21.79 5.91
C GLU B 1067 -60.59 22.46 4.72
N GLY B 1068 -60.15 23.63 4.28
CA GLY B 1068 -60.72 24.33 3.12
C GLY B 1068 -60.15 23.94 1.75
N LEU B 1069 -59.18 23.01 1.67
CA LEU B 1069 -58.35 22.81 0.46
C LEU B 1069 -58.28 21.35 -0.03
N ALA B 1070 -58.21 21.17 -1.35
CA ALA B 1070 -58.03 19.87 -2.00
C ALA B 1070 -56.63 19.29 -1.79
N GLU B 1071 -56.54 17.98 -1.54
CA GLU B 1071 -55.26 17.25 -1.46
C GLU B 1071 -54.72 16.84 -2.85
N LEU B 1072 -53.39 16.81 -3.02
CA LEU B 1072 -52.69 16.41 -4.24
C LEU B 1072 -51.73 15.23 -4.00
N ASP B 1073 -51.53 14.38 -5.01
CA ASP B 1073 -50.51 13.33 -4.96
C ASP B 1073 -49.10 13.95 -5.05
N VAL B 1074 -48.20 13.61 -4.13
CA VAL B 1074 -46.80 14.07 -4.13
C VAL B 1074 -46.07 13.68 -5.42
N ALA B 1075 -46.45 12.58 -6.06
CA ALA B 1075 -45.93 12.22 -7.38
C ALA B 1075 -46.32 13.25 -8.45
N GLU B 1076 -47.57 13.76 -8.45
CA GLU B 1076 -47.96 14.78 -9.40
C GLU B 1076 -47.39 16.16 -9.05
N VAL B 1077 -47.20 16.49 -7.77
CA VAL B 1077 -46.52 17.73 -7.37
C VAL B 1077 -45.11 17.82 -7.97
N TYR B 1078 -44.30 16.77 -7.85
CA TYR B 1078 -42.98 16.77 -8.47
C TYR B 1078 -43.02 16.62 -10.01
N ARG B 1079 -44.05 16.03 -10.62
CA ARG B 1079 -44.23 16.11 -12.08
C ARG B 1079 -44.58 17.51 -12.58
N ARG B 1080 -45.41 18.28 -11.87
CA ARG B 1080 -45.69 19.69 -12.22
C ARG B 1080 -44.41 20.53 -12.26
N LEU B 1081 -43.48 20.28 -11.35
CA LEU B 1081 -42.19 20.95 -11.32
C LEU B 1081 -41.26 20.52 -12.47
N TRP B 1082 -41.31 19.27 -12.91
CA TRP B 1082 -40.52 18.79 -14.05
C TRP B 1082 -40.92 19.49 -15.36
N ARG B 1083 -42.21 19.75 -15.55
CA ARG B 1083 -42.76 20.54 -16.68
C ARG B 1083 -42.48 22.05 -16.57
N GLN B 1084 -41.61 22.44 -15.64
CA GLN B 1084 -41.13 23.80 -15.39
C GLN B 1084 -39.59 23.82 -15.38
N GLY B 1085 -38.96 22.88 -16.08
CA GLY B 1085 -37.51 22.71 -16.15
C GLY B 1085 -36.83 22.12 -14.91
N SER B 1086 -37.52 21.94 -13.77
CA SER B 1086 -36.88 21.65 -12.48
C SER B 1086 -36.97 20.20 -12.04
N ASP B 1087 -35.85 19.59 -11.65
CA ASP B 1087 -35.78 18.29 -10.99
C ASP B 1087 -34.91 18.38 -9.73
N TYR B 1088 -35.17 17.53 -8.75
CA TYR B 1088 -34.55 17.55 -7.43
C TYR B 1088 -34.01 16.17 -7.05
N ALA B 1089 -32.78 16.14 -6.52
CA ALA B 1089 -32.21 14.97 -5.86
C ALA B 1089 -32.91 14.67 -4.52
N GLU B 1090 -32.78 13.44 -4.01
CA GLU B 1090 -33.53 12.95 -2.85
C GLU B 1090 -33.44 13.82 -1.58
N PRO B 1091 -32.31 14.45 -1.21
CA PRO B 1091 -32.25 15.34 -0.05
C PRO B 1091 -33.16 16.57 -0.10
N LEU B 1092 -33.64 17.00 -1.28
CA LEU B 1092 -34.58 18.12 -1.44
C LEU B 1092 -36.01 17.67 -1.80
N ARG B 1093 -36.29 16.38 -1.93
CA ARG B 1093 -37.65 15.84 -2.14
C ARG B 1093 -38.42 15.76 -0.82
N VAL B 1094 -38.58 16.89 -0.14
CA VAL B 1094 -38.98 16.95 1.27
C VAL B 1094 -40.48 17.04 1.55
N LEU B 1095 -41.33 17.28 0.56
CA LEU B 1095 -42.78 17.29 0.74
C LEU B 1095 -43.32 15.88 0.99
N ARG B 1096 -44.34 15.74 1.84
CA ARG B 1096 -44.96 14.44 2.23
C ARG B 1096 -46.48 14.38 2.05
N ARG B 1097 -47.16 15.53 2.14
CA ARG B 1097 -48.55 15.77 1.72
C ARG B 1097 -48.65 17.24 1.29
N VAL B 1098 -49.54 17.55 0.35
CA VAL B 1098 -49.77 18.92 -0.14
C VAL B 1098 -51.26 19.16 -0.34
N TRP B 1099 -51.72 20.37 0.00
CA TRP B 1099 -53.06 20.85 -0.28
C TRP B 1099 -53.01 22.25 -0.91
N LEU B 1100 -53.75 22.49 -1.99
CA LEU B 1100 -53.67 23.73 -2.76
C LEU B 1100 -55.02 24.12 -3.37
N GLY B 1101 -55.35 25.41 -3.40
CA GLY B 1101 -56.54 25.91 -4.09
C GLY B 1101 -56.76 27.42 -3.96
N GLY B 1102 -57.24 28.06 -5.03
CA GLY B 1102 -57.51 29.50 -5.08
C GLY B 1102 -56.23 30.35 -5.05
N ASP B 1103 -55.91 30.91 -3.88
CA ASP B 1103 -54.76 31.79 -3.66
C ASP B 1103 -53.94 31.45 -2.40
N GLU B 1104 -54.12 30.27 -1.78
CA GLU B 1104 -53.19 29.76 -0.78
C GLU B 1104 -53.09 28.23 -0.74
N ALA B 1105 -52.03 27.74 -0.10
CA ALA B 1105 -51.64 26.33 -0.08
C ALA B 1105 -50.94 25.98 1.25
N VAL B 1106 -50.98 24.71 1.62
CA VAL B 1106 -50.35 24.19 2.84
C VAL B 1106 -49.73 22.83 2.57
N ALA B 1107 -48.74 22.43 3.37
CA ALA B 1107 -48.02 21.19 3.14
C ALA B 1107 -47.32 20.65 4.38
N LEU B 1108 -46.99 19.36 4.33
CA LEU B 1108 -46.26 18.65 5.35
C LEU B 1108 -44.82 18.43 4.88
N VAL B 1109 -43.84 18.88 5.66
CA VAL B 1109 -42.41 18.73 5.37
C VAL B 1109 -41.73 17.82 6.38
N GLY B 1110 -40.99 16.82 5.88
CA GLY B 1110 -40.27 15.84 6.69
C GLY B 1110 -38.93 16.34 7.23
N THR B 1111 -38.10 15.44 7.75
CA THR B 1111 -36.76 15.79 8.26
C THR B 1111 -35.89 16.29 7.10
N ALA B 1112 -35.67 17.61 7.02
CA ALA B 1112 -35.20 18.29 5.82
C ALA B 1112 -33.65 18.23 5.68
N ASP B 1113 -33.13 17.02 5.73
CA ASP B 1113 -31.74 16.70 6.09
C ASP B 1113 -30.77 16.80 4.90
N VAL B 1114 -30.50 18.03 4.46
CA VAL B 1114 -29.38 18.39 3.55
C VAL B 1114 -28.01 17.96 4.11
N PRO B 1115 -26.90 18.02 3.35
CA PRO B 1115 -25.55 17.82 3.90
C PRO B 1115 -25.27 18.74 5.10
N THR B 1116 -24.69 18.18 6.17
CA THR B 1116 -24.57 18.79 7.54
C THR B 1116 -25.90 19.09 8.27
N GLY B 1117 -27.05 18.70 7.70
CA GLY B 1117 -28.41 18.99 8.18
C GLY B 1117 -29.24 17.89 8.87
N PRO B 1118 -28.78 16.63 9.11
CA PRO B 1118 -29.50 15.69 9.99
C PRO B 1118 -29.69 16.20 11.43
N SER B 1119 -28.93 17.21 11.84
CA SER B 1119 -29.11 18.01 13.05
C SER B 1119 -28.62 19.46 12.81
N GLY B 1120 -29.05 20.41 13.64
CA GLY B 1120 -28.60 21.79 13.60
C GLY B 1120 -29.26 22.65 12.51
N TRP B 1121 -28.73 23.86 12.34
CA TRP B 1121 -29.35 24.92 11.53
C TRP B 1121 -29.38 24.63 10.02
N SER B 1122 -28.47 23.81 9.48
CA SER B 1122 -28.40 23.54 8.03
C SER B 1122 -29.69 22.99 7.43
N ARG B 1123 -30.54 22.30 8.23
CA ARG B 1123 -31.88 21.84 7.85
C ARG B 1123 -32.78 22.94 7.29
N TRP B 1124 -32.56 24.21 7.63
CA TRP B 1124 -33.31 25.32 7.05
C TRP B 1124 -33.15 25.44 5.54
N ALA B 1125 -32.05 24.96 4.94
CA ALA B 1125 -31.89 25.04 3.48
C ALA B 1125 -33.03 24.33 2.75
N ALA B 1126 -33.39 23.13 3.20
CA ALA B 1126 -34.49 22.39 2.61
C ALA B 1126 -35.87 22.88 3.05
N VAL B 1127 -36.06 23.36 4.29
CA VAL B 1127 -37.36 23.92 4.69
C VAL B 1127 -37.66 25.21 3.93
N LEU B 1128 -36.69 26.07 3.69
CA LEU B 1128 -36.85 27.24 2.82
C LEU B 1128 -37.03 26.82 1.34
N GLU B 1129 -36.35 25.78 0.86
CA GLU B 1129 -36.56 25.30 -0.51
C GLU B 1129 -37.95 24.72 -0.70
N ALA B 1130 -38.54 24.10 0.33
CA ALA B 1130 -39.94 23.68 0.27
C ALA B 1130 -40.88 24.87 0.08
N ALA B 1131 -40.61 26.03 0.70
CA ALA B 1131 -41.41 27.21 0.47
C ALA B 1131 -41.31 27.70 -0.99
N VAL B 1132 -40.15 27.58 -1.62
CA VAL B 1132 -39.97 27.90 -3.04
C VAL B 1132 -40.67 26.89 -3.96
N GLN B 1133 -40.59 25.59 -3.69
CA GLN B 1133 -41.32 24.58 -4.46
C GLN B 1133 -42.82 24.86 -4.43
N LEU B 1134 -43.38 25.15 -3.25
CA LEU B 1134 -44.80 25.48 -3.11
C LEU B 1134 -45.17 26.81 -3.77
N ALA B 1135 -44.40 27.87 -3.55
CA ALA B 1135 -44.69 29.17 -4.17
C ALA B 1135 -44.65 29.10 -5.71
N ALA B 1136 -43.79 28.26 -6.27
CA ALA B 1136 -43.71 28.03 -7.72
C ALA B 1136 -44.88 27.19 -8.28
N LEU B 1137 -45.62 26.46 -7.43
CA LEU B 1137 -46.60 25.47 -7.87
C LEU B 1137 -47.90 26.09 -8.44
N SER B 1138 -48.27 27.29 -7.99
CA SER B 1138 -49.55 27.94 -8.34
C SER B 1138 -49.59 28.59 -9.72
N GLY B 1139 -48.44 29.00 -10.25
CA GLY B 1139 -48.33 29.68 -11.54
C GLY B 1139 -48.18 28.73 -12.73
N SER B 1140 -47.68 29.26 -13.86
CA SER B 1140 -47.22 28.48 -15.02
C SER B 1140 -46.09 29.19 -15.76
N GLY B 1141 -45.30 28.42 -16.51
CA GLY B 1141 -44.06 28.89 -17.15
C GLY B 1141 -42.90 28.97 -16.16
N PRO B 1142 -41.64 28.84 -16.63
CA PRO B 1142 -40.47 28.78 -15.75
C PRO B 1142 -40.32 30.07 -14.94
N ARG B 1143 -40.06 29.94 -13.64
CA ARG B 1143 -39.92 31.05 -12.70
C ARG B 1143 -39.02 30.68 -11.52
N THR B 1144 -38.33 31.65 -10.94
CA THR B 1144 -37.31 31.43 -9.88
C THR B 1144 -37.24 32.62 -8.91
N PRO B 1145 -36.90 32.45 -7.62
CA PRO B 1145 -36.87 33.56 -6.66
C PRO B 1145 -35.86 34.65 -6.99
N VAL B 1146 -36.26 35.90 -6.77
CA VAL B 1146 -35.46 37.11 -7.05
C VAL B 1146 -35.20 37.93 -5.79
N SER B 1147 -36.21 38.04 -4.92
CA SER B 1147 -36.16 38.84 -3.71
C SER B 1147 -37.02 38.26 -2.59
N VAL B 1148 -36.65 38.63 -1.37
CA VAL B 1148 -37.42 38.47 -0.13
C VAL B 1148 -37.27 39.78 0.64
N ASP B 1149 -38.34 40.33 1.19
CA ASP B 1149 -38.28 41.60 1.92
C ASP B 1149 -38.12 41.44 3.44
N ARG B 1150 -38.65 40.37 4.04
CA ARG B 1150 -38.26 39.90 5.37
C ARG B 1150 -38.13 38.38 5.43
N LEU B 1151 -37.13 37.89 6.14
CA LEU B 1151 -37.08 36.54 6.68
C LEU B 1151 -36.78 36.66 8.17
N GLU B 1152 -37.54 35.96 8.99
CA GLU B 1152 -37.32 35.89 10.43
C GLU B 1152 -37.28 34.44 10.86
N VAL B 1153 -36.31 34.08 11.70
CA VAL B 1153 -36.10 32.70 12.15
C VAL B 1153 -35.82 32.67 13.63
N SER B 1154 -36.42 31.72 14.35
CA SER B 1154 -36.06 31.38 15.73
C SER B 1154 -35.69 29.91 15.85
N GLY B 1155 -34.45 29.62 16.27
CA GLY B 1155 -33.96 28.27 16.54
C GLY B 1155 -33.82 27.35 15.31
N PRO B 1156 -33.22 26.16 15.50
CA PRO B 1156 -33.20 25.12 14.48
C PRO B 1156 -34.61 24.53 14.28
N PRO B 1157 -34.96 24.04 13.07
CA PRO B 1157 -36.32 23.59 12.79
C PRO B 1157 -36.56 22.14 13.24
N SER B 1158 -37.79 21.87 13.71
CA SER B 1158 -38.20 20.55 14.22
C SER B 1158 -38.25 19.46 13.13
N GLU B 1159 -38.27 18.20 13.56
CA GLU B 1159 -38.24 17.02 12.68
C GLU B 1159 -39.43 16.95 11.70
N VAL B 1160 -40.59 17.48 12.10
CA VAL B 1160 -41.72 17.76 11.22
C VAL B 1160 -42.06 19.24 11.33
N VAL B 1161 -42.45 19.85 10.20
CA VAL B 1161 -42.97 21.21 10.15
C VAL B 1161 -44.10 21.32 9.15
N TRP B 1162 -44.98 22.28 9.40
CA TRP B 1162 -46.12 22.61 8.56
C TRP B 1162 -45.86 23.96 7.91
N LEU B 1163 -46.04 24.04 6.59
CA LEU B 1163 -45.85 25.26 5.79
C LEU B 1163 -47.20 25.81 5.37
N ARG B 1164 -47.38 27.12 5.44
CA ARG B 1164 -48.48 27.84 4.79
C ARG B 1164 -47.91 28.89 3.84
N VAL B 1165 -48.40 28.93 2.61
CA VAL B 1165 -47.94 29.87 1.56
C VAL B 1165 -49.16 30.53 0.95
N ARG B 1166 -49.13 31.87 0.81
CA ARG B 1166 -50.27 32.68 0.40
C ARG B 1166 -49.86 33.63 -0.73
N HIS B 1167 -50.69 33.76 -1.76
CA HIS B 1167 -50.49 34.63 -2.93
C HIS B 1167 -51.30 35.93 -2.86
N GLY B 1168 -51.52 36.49 -1.66
CA GLY B 1168 -52.51 37.54 -1.42
C GLY B 1168 -52.19 38.94 -1.98
N ALA B 1169 -50.93 39.20 -2.35
CA ALA B 1169 -50.46 40.50 -2.83
C ALA B 1169 -50.68 40.71 -4.35
N ASP B 1170 -50.21 41.84 -4.87
CA ASP B 1170 -50.08 42.09 -6.30
C ASP B 1170 -48.83 41.37 -6.88
N GLY B 1171 -48.97 40.08 -7.21
CA GLY B 1171 -47.92 39.29 -7.88
C GLY B 1171 -46.80 38.74 -6.97
N ALA B 1172 -47.01 38.68 -5.66
CA ALA B 1172 -46.01 38.27 -4.65
C ALA B 1172 -46.59 37.32 -3.59
N ALA B 1173 -45.72 36.58 -2.91
CA ALA B 1173 -46.09 35.59 -1.90
C ALA B 1173 -45.56 35.91 -0.49
N ASP B 1174 -46.31 35.51 0.53
CA ASP B 1174 -45.92 35.51 1.94
C ASP B 1174 -46.10 34.10 2.53
N ALA B 1175 -45.33 33.73 3.55
CA ALA B 1175 -45.32 32.38 4.10
C ALA B 1175 -44.97 32.33 5.59
N VAL B 1176 -45.37 31.24 6.25
CA VAL B 1176 -45.12 30.97 7.69
C VAL B 1176 -44.84 29.48 7.88
N VAL B 1177 -43.99 29.15 8.86
CA VAL B 1177 -43.64 27.78 9.24
C VAL B 1177 -43.96 27.53 10.71
N LEU B 1178 -44.65 26.43 11.01
CA LEU B 1178 -45.03 26.00 12.34
C LEU B 1178 -44.46 24.62 12.68
N SER B 1179 -44.12 24.39 13.94
CA SER B 1179 -43.60 23.12 14.44
C SER B 1179 -44.67 22.04 14.55
N GLY B 1180 -44.27 20.79 14.82
CA GLY B 1180 -45.21 19.70 15.11
C GLY B 1180 -46.13 19.96 16.31
N GLU B 1181 -45.68 20.76 17.29
CA GLU B 1181 -46.46 21.21 18.44
C GLU B 1181 -47.45 22.35 18.11
N GLY B 1182 -47.33 22.97 16.93
CA GLY B 1182 -48.07 24.17 16.53
C GLY B 1182 -47.41 25.50 16.94
N VAL B 1183 -46.13 25.49 17.35
CA VAL B 1183 -45.37 26.69 17.74
C VAL B 1183 -44.74 27.36 16.52
N ARG B 1184 -44.63 28.70 16.51
CA ARG B 1184 -44.04 29.47 15.41
C ARG B 1184 -42.53 29.23 15.30
N LEU B 1185 -42.02 28.94 14.09
CA LEU B 1185 -40.59 28.77 13.81
C LEU B 1185 -40.00 29.90 12.96
N ALA B 1186 -40.65 30.24 11.84
CA ALA B 1186 -40.16 31.23 10.89
C ALA B 1186 -41.29 31.87 10.08
N ALA B 1187 -41.01 33.01 9.48
CA ALA B 1187 -41.93 33.72 8.59
C ALA B 1187 -41.17 34.44 7.48
N VAL B 1188 -41.81 34.58 6.32
CA VAL B 1188 -41.25 35.16 5.10
C VAL B 1188 -42.27 36.12 4.49
N GLN B 1189 -41.83 37.30 4.09
CA GLN B 1189 -42.67 38.29 3.43
C GLN B 1189 -42.01 38.81 2.14
N GLY B 1190 -42.83 39.00 1.10
CA GLY B 1190 -42.38 39.55 -0.18
C GLY B 1190 -41.49 38.61 -0.99
N LEU B 1191 -41.73 37.30 -0.92
CA LEU B 1191 -41.09 36.31 -1.79
C LEU B 1191 -41.60 36.50 -3.21
N ARG B 1192 -40.74 37.01 -4.11
CA ARG B 1192 -41.12 37.28 -5.50
C ARG B 1192 -40.36 36.40 -6.48
N LEU B 1193 -41.11 35.67 -7.30
CA LEU B 1193 -40.61 34.93 -8.46
C LEU B 1193 -40.90 35.67 -9.76
N ARG B 1194 -41.95 36.51 -9.81
CA ARG B 1194 -42.45 37.19 -11.01
C ARG B 1194 -41.43 38.04 -11.79
N PRO B 1195 -40.48 38.78 -11.17
CA PRO B 1195 -39.47 39.54 -11.92
C PRO B 1195 -38.48 38.65 -12.70
N MET B 1196 -38.42 37.35 -12.38
CA MET B 1196 -37.70 36.33 -13.15
C MET B 1196 -38.65 35.21 -13.62
N ALA B 1197 -39.93 35.54 -13.89
CA ALA B 1197 -40.73 34.69 -14.77
C ALA B 1197 -40.18 34.75 -16.21
N GLY B 1198 -40.03 33.59 -16.85
CA GLY B 1198 -39.67 33.49 -18.27
C GLY B 1198 -38.20 33.74 -18.62
N ARG B 1199 -37.27 33.61 -17.68
CA ARG B 1199 -35.83 33.75 -17.98
C ARG B 1199 -35.31 32.60 -18.85
N GLU B 1200 -34.32 32.88 -19.69
CA GLU B 1200 -34.03 32.09 -20.90
C GLU B 1200 -33.43 30.69 -20.63
N PRO B 1201 -34.02 29.59 -21.12
CA PRO B 1201 -33.44 28.24 -21.04
C PRO B 1201 -32.32 28.01 -22.07
N ALA B 1202 -32.36 28.68 -23.22
CA ALA B 1202 -31.39 28.53 -24.31
C ALA B 1202 -29.94 28.90 -23.95
N GLY B 1203 -29.76 29.79 -22.96
CA GLY B 1203 -28.45 30.15 -22.42
C GLY B 1203 -27.97 29.27 -21.26
N LEU B 1204 -28.71 28.21 -20.91
CA LEU B 1204 -28.54 27.46 -19.67
C LEU B 1204 -28.45 25.94 -19.89
N ALA B 1205 -29.19 25.40 -20.86
CA ALA B 1205 -29.28 23.95 -21.09
C ALA B 1205 -27.93 23.29 -21.39
N GLU B 1206 -27.74 22.06 -20.96
CA GLU B 1206 -26.45 21.35 -20.98
C GLU B 1206 -26.10 20.74 -22.36
N ALA B 1207 -27.06 20.57 -23.26
CA ALA B 1207 -26.92 19.81 -24.51
C ALA B 1207 -26.09 20.53 -25.59
N PRO B 1208 -25.12 19.87 -26.26
CA PRO B 1208 -24.36 20.44 -27.36
C PRO B 1208 -25.12 20.38 -28.69
N LEU B 1209 -24.69 21.18 -29.68
CA LEU B 1209 -25.20 21.11 -31.05
C LEU B 1209 -24.64 19.87 -31.76
N GLU B 1210 -25.51 19.04 -32.31
CA GLU B 1210 -25.18 17.72 -32.83
C GLU B 1210 -25.96 17.41 -34.11
N ARG B 1211 -25.48 16.43 -34.86
CA ARG B 1211 -26.16 15.93 -36.06
C ARG B 1211 -26.99 14.70 -35.70
N HIS B 1212 -28.29 14.75 -35.97
CA HIS B 1212 -29.29 13.74 -35.62
C HIS B 1212 -29.81 13.07 -36.88
N GLU B 1213 -29.78 11.75 -36.97
CA GLU B 1213 -30.08 11.02 -38.21
C GLU B 1213 -30.88 9.75 -37.95
N VAL B 1214 -31.89 9.46 -38.78
CA VAL B 1214 -32.61 8.20 -38.74
C VAL B 1214 -31.82 7.15 -39.51
N VAL B 1215 -31.36 6.10 -38.82
CA VAL B 1215 -30.59 4.99 -39.39
C VAL B 1215 -31.44 3.73 -39.39
N TRP B 1216 -31.51 3.06 -40.54
CA TRP B 1216 -32.17 1.77 -40.67
C TRP B 1216 -31.20 0.62 -40.37
N HIS B 1217 -31.40 -0.06 -39.24
CA HIS B 1217 -30.58 -1.19 -38.78
C HIS B 1217 -31.28 -2.52 -39.07
N ALA B 1218 -30.53 -3.53 -39.52
CA ALA B 1218 -31.08 -4.86 -39.75
C ALA B 1218 -31.44 -5.56 -38.43
N LEU B 1219 -32.61 -6.19 -38.39
CA LEU B 1219 -33.02 -7.10 -37.31
C LEU B 1219 -32.47 -8.50 -37.57
N ALA B 1220 -31.16 -8.61 -37.81
CA ALA B 1220 -30.47 -9.88 -38.08
C ALA B 1220 -30.48 -10.78 -36.84
N GLU B 1221 -30.16 -10.25 -35.66
CA GLU B 1221 -30.45 -10.89 -34.38
C GLU B 1221 -31.97 -10.98 -34.16
N ASP B 1222 -32.45 -12.19 -33.82
CA ASP B 1222 -33.83 -12.48 -33.36
C ASP B 1222 -34.99 -12.16 -34.32
N GLY B 1223 -34.74 -11.92 -35.61
CA GLY B 1223 -35.76 -11.57 -36.61
C GLY B 1223 -36.73 -12.68 -37.06
N ARG B 1224 -37.18 -13.55 -36.15
CA ARG B 1224 -38.06 -14.70 -36.44
C ARG B 1224 -39.51 -14.37 -36.07
N PRO B 1225 -40.52 -14.57 -36.93
CA PRO B 1225 -41.81 -13.91 -36.79
C PRO B 1225 -42.63 -14.17 -35.52
N GLY B 1226 -42.44 -15.30 -34.83
CA GLY B 1226 -43.32 -15.70 -33.72
C GLY B 1226 -44.76 -16.00 -34.15
N ALA B 1227 -45.69 -16.01 -33.19
CA ALA B 1227 -47.08 -16.43 -33.40
C ALA B 1227 -48.09 -15.28 -33.22
N ILE B 1228 -49.15 -15.29 -34.03
CA ILE B 1228 -50.31 -14.39 -33.90
C ILE B 1228 -51.18 -14.84 -32.72
N GLY B 1229 -51.65 -13.91 -31.89
CA GLY B 1229 -52.27 -14.16 -30.58
C GLY B 1229 -53.68 -14.77 -30.54
N GLY B 1230 -54.02 -15.63 -31.49
CA GLY B 1230 -55.33 -16.28 -31.55
C GLY B 1230 -56.42 -15.41 -32.18
N GLY B 1231 -57.52 -16.05 -32.58
CA GLY B 1231 -58.65 -15.45 -33.29
C GLY B 1231 -59.68 -14.73 -32.41
N THR B 1232 -59.24 -14.04 -31.36
CA THR B 1232 -60.12 -13.37 -30.37
C THR B 1232 -60.96 -12.23 -30.96
N GLY B 1233 -60.46 -11.61 -32.03
CA GLY B 1233 -61.15 -10.59 -32.82
C GLY B 1233 -60.63 -10.60 -34.26
N SER B 1234 -61.44 -10.13 -35.20
CA SER B 1234 -61.11 -10.13 -36.62
C SER B 1234 -59.94 -9.19 -36.96
N TRP B 1235 -59.29 -9.45 -38.09
CA TRP B 1235 -58.41 -8.52 -38.79
C TRP B 1235 -59.13 -7.95 -40.00
N LEU B 1236 -59.25 -6.63 -40.06
CA LEU B 1236 -59.75 -5.94 -41.23
C LEU B 1236 -58.59 -5.70 -42.20
N VAL B 1237 -58.74 -6.00 -43.49
CA VAL B 1237 -57.78 -5.61 -44.52
C VAL B 1237 -58.42 -4.65 -45.51
N PHE B 1238 -57.85 -3.45 -45.65
CA PHE B 1238 -58.21 -2.47 -46.67
C PHE B 1238 -57.04 -2.28 -47.64
N SER B 1239 -57.30 -2.27 -48.94
CA SER B 1239 -56.25 -2.11 -49.96
C SER B 1239 -56.75 -1.32 -51.17
N ASP B 1240 -55.83 -0.65 -51.86
CA ASP B 1240 -56.08 -0.10 -53.20
C ASP B 1240 -56.45 -1.18 -54.23
N ASP B 1241 -55.98 -2.42 -54.05
CA ASP B 1241 -56.25 -3.55 -54.95
C ASP B 1241 -57.16 -4.59 -54.26
N PRO B 1242 -58.39 -4.82 -54.74
CA PRO B 1242 -59.29 -5.81 -54.15
C PRO B 1242 -58.71 -7.22 -54.13
N GLU B 1243 -57.95 -7.60 -55.16
CA GLU B 1243 -57.24 -8.88 -55.22
C GLU B 1243 -56.22 -9.03 -54.08
N ARG B 1244 -55.51 -7.97 -53.70
CA ARG B 1244 -54.54 -8.03 -52.59
C ARG B 1244 -55.26 -8.15 -51.26
N ALA B 1245 -56.35 -7.42 -51.07
CA ALA B 1245 -57.18 -7.54 -49.87
C ALA B 1245 -57.72 -8.97 -49.71
N ALA B 1246 -58.21 -9.56 -50.81
CA ALA B 1246 -58.68 -10.94 -50.83
C ALA B 1246 -57.54 -11.92 -50.51
N ALA B 1247 -56.38 -11.78 -51.16
CA ALA B 1247 -55.24 -12.66 -50.96
C ALA B 1247 -54.79 -12.69 -49.49
N TRP B 1248 -54.65 -11.54 -48.85
CA TRP B 1248 -54.31 -11.50 -47.42
C TRP B 1248 -55.42 -12.05 -46.53
N CYS B 1249 -56.71 -11.82 -46.82
CA CYS B 1249 -57.77 -12.42 -46.03
C CYS B 1249 -57.80 -13.96 -46.17
N ASP B 1250 -57.57 -14.48 -47.37
CA ASP B 1250 -57.45 -15.91 -47.62
C ASP B 1250 -56.24 -16.51 -46.92
N GLU B 1251 -55.08 -15.85 -46.98
CA GLU B 1251 -53.88 -16.30 -46.26
C GLU B 1251 -54.14 -16.38 -44.76
N LEU B 1252 -54.74 -15.36 -44.14
CA LEU B 1252 -55.02 -15.40 -42.70
C LEU B 1252 -56.01 -16.52 -42.34
N ALA B 1253 -56.99 -16.79 -43.19
CA ALA B 1253 -57.98 -17.83 -42.94
C ALA B 1253 -57.34 -19.22 -42.78
N LEU B 1254 -56.26 -19.54 -43.51
CA LEU B 1254 -55.59 -20.84 -43.39
C LEU B 1254 -55.07 -21.10 -41.98
N PHE B 1255 -54.67 -20.04 -41.28
CA PHE B 1255 -54.13 -20.11 -39.92
C PHE B 1255 -55.21 -20.02 -38.83
N GLY B 1256 -56.49 -19.87 -39.19
CA GLY B 1256 -57.58 -19.73 -38.23
C GLY B 1256 -57.74 -18.33 -37.62
N VAL B 1257 -56.97 -17.33 -38.07
CA VAL B 1257 -57.14 -15.91 -37.72
C VAL B 1257 -58.23 -15.34 -38.62
N PRO B 1258 -59.41 -14.96 -38.10
CA PRO B 1258 -60.52 -14.56 -38.94
C PRO B 1258 -60.31 -13.17 -39.54
N ALA B 1259 -60.64 -12.98 -40.81
CA ALA B 1259 -60.35 -11.75 -41.53
C ALA B 1259 -61.50 -11.29 -42.44
N VAL B 1260 -61.57 -9.99 -42.68
CA VAL B 1260 -62.61 -9.33 -43.50
C VAL B 1260 -61.96 -8.40 -44.51
N ALA B 1261 -62.37 -8.45 -45.77
CA ALA B 1261 -61.83 -7.63 -46.84
C ALA B 1261 -62.68 -6.37 -47.07
N LEU B 1262 -62.03 -5.24 -47.27
CA LEU B 1262 -62.65 -3.95 -47.56
C LEU B 1262 -61.97 -3.26 -48.76
N ALA B 1263 -62.71 -2.39 -49.45
CA ALA B 1263 -62.19 -1.60 -50.56
C ALA B 1263 -62.86 -0.22 -50.64
N GLY B 1264 -62.16 0.76 -51.20
CA GLY B 1264 -62.71 2.09 -51.49
C GLY B 1264 -63.68 2.07 -52.67
N GLU B 1265 -64.76 2.84 -52.63
CA GLU B 1265 -65.89 2.70 -53.57
C GLU B 1265 -65.65 3.20 -55.00
N ASP B 1266 -64.49 3.80 -55.30
CA ASP B 1266 -64.04 3.99 -56.69
C ASP B 1266 -63.45 2.70 -57.31
N ALA B 1267 -63.13 1.68 -56.51
CA ALA B 1267 -62.86 0.32 -56.96
C ALA B 1267 -64.14 -0.54 -56.99
N GLU B 1268 -64.25 -1.45 -57.94
CA GLU B 1268 -65.39 -2.39 -58.03
C GLU B 1268 -65.32 -3.48 -56.95
N GLY B 1269 -66.47 -3.93 -56.46
CA GLY B 1269 -66.63 -5.05 -55.50
C GLY B 1269 -66.41 -6.43 -56.12
N ARG B 1270 -65.33 -6.60 -56.90
CA ARG B 1270 -65.01 -7.77 -57.75
C ARG B 1270 -64.96 -9.12 -57.02
N ASP B 1271 -64.66 -9.13 -55.73
CA ASP B 1271 -64.42 -10.37 -54.96
C ASP B 1271 -65.08 -10.36 -53.57
N GLY B 1272 -66.30 -9.83 -53.48
CA GLY B 1272 -67.16 -9.95 -52.30
C GLY B 1272 -66.75 -9.13 -51.07
N THR B 1273 -65.85 -8.15 -51.22
CA THR B 1273 -65.42 -7.27 -50.13
C THR B 1273 -66.59 -6.42 -49.60
N GLU B 1274 -66.51 -5.95 -48.37
CA GLU B 1274 -67.23 -4.74 -47.99
C GLU B 1274 -66.70 -3.56 -48.81
N THR B 1275 -67.47 -2.48 -48.92
CA THR B 1275 -67.02 -1.26 -49.61
C THR B 1275 -67.28 -0.02 -48.76
N VAL B 1276 -66.34 0.92 -48.79
CA VAL B 1276 -66.28 2.06 -47.88
C VAL B 1276 -66.21 3.35 -48.72
N PRO B 1277 -66.94 4.43 -48.38
CA PRO B 1277 -67.01 5.65 -49.18
C PRO B 1277 -65.73 6.52 -49.17
N VAL B 1278 -64.57 5.96 -48.78
CA VAL B 1278 -63.27 6.63 -48.79
C VAL B 1278 -63.04 7.30 -50.15
N GLY B 1279 -62.51 8.53 -50.12
CA GLY B 1279 -62.57 9.50 -51.22
C GLY B 1279 -63.61 10.59 -50.96
N THR B 1280 -64.72 10.23 -50.31
CA THR B 1280 -65.64 11.17 -49.64
C THR B 1280 -65.00 11.54 -48.30
N GLY B 1281 -64.27 12.65 -48.25
CA GLY B 1281 -63.27 12.95 -47.20
C GLY B 1281 -63.81 13.28 -45.80
N ASP B 1282 -65.04 12.88 -45.48
CA ASP B 1282 -65.70 13.19 -44.22
C ASP B 1282 -65.66 11.96 -43.29
N PRO B 1283 -65.08 12.06 -42.08
CA PRO B 1283 -65.09 10.99 -41.12
C PRO B 1283 -66.47 10.45 -40.76
N ASP B 1284 -67.54 11.22 -40.93
CA ASP B 1284 -68.90 10.77 -40.62
C ASP B 1284 -69.36 9.62 -41.52
N VAL B 1285 -69.17 9.70 -42.83
CA VAL B 1285 -69.65 8.65 -43.75
C VAL B 1285 -68.81 7.37 -43.67
N VAL B 1286 -67.52 7.50 -43.41
CA VAL B 1286 -66.62 6.36 -43.16
C VAL B 1286 -66.93 5.73 -41.79
N GLY B 1287 -67.17 6.54 -40.76
CA GLY B 1287 -67.62 6.06 -39.46
C GLY B 1287 -68.96 5.31 -39.56
N LYS B 1288 -69.95 5.86 -40.26
CA LYS B 1288 -71.24 5.20 -40.52
C LYS B 1288 -71.11 3.89 -41.29
N THR B 1289 -70.00 3.68 -42.01
CA THR B 1289 -69.68 2.37 -42.57
C THR B 1289 -69.11 1.42 -41.51
N PHE B 1290 -68.05 1.80 -40.81
CA PHE B 1290 -67.43 0.93 -39.78
C PHE B 1290 -68.35 0.59 -38.60
N ALA B 1291 -69.28 1.49 -38.25
CA ALA B 1291 -70.30 1.24 -37.26
C ALA B 1291 -71.21 0.07 -37.65
N GLU B 1292 -71.50 -0.09 -38.95
CA GLU B 1292 -72.41 -1.14 -39.40
C GLU B 1292 -71.87 -2.54 -39.07
N LEU B 1293 -70.56 -2.76 -39.19
CA LEU B 1293 -69.94 -4.03 -38.81
C LEU B 1293 -70.06 -4.31 -37.31
N ARG B 1294 -70.08 -3.28 -36.45
CA ARG B 1294 -70.29 -3.46 -35.02
C ARG B 1294 -71.72 -3.88 -34.72
N GLU B 1295 -72.70 -3.36 -35.48
CA GLU B 1295 -74.10 -3.79 -35.38
C GLU B 1295 -74.30 -5.24 -35.86
N ARG B 1296 -73.47 -5.75 -36.80
CA ARG B 1296 -73.42 -7.19 -37.12
C ARG B 1296 -72.85 -8.05 -35.99
N GLY B 1297 -72.06 -7.47 -35.09
CA GLY B 1297 -71.35 -8.18 -34.00
C GLY B 1297 -69.88 -8.51 -34.30
N VAL B 1298 -69.22 -7.78 -35.21
CA VAL B 1298 -67.77 -7.91 -35.46
C VAL B 1298 -66.96 -7.26 -34.33
N THR B 1299 -66.05 -8.01 -33.73
CA THR B 1299 -64.97 -7.49 -32.85
C THR B 1299 -63.72 -7.28 -33.69
N VAL B 1300 -62.91 -6.25 -33.42
CA VAL B 1300 -61.65 -6.02 -34.17
C VAL B 1300 -60.42 -6.07 -33.27
N ALA B 1301 -59.45 -6.89 -33.65
CA ALA B 1301 -58.12 -6.90 -33.05
C ALA B 1301 -57.17 -5.90 -33.76
N GLY B 1302 -57.31 -5.71 -35.08
CA GLY B 1302 -56.51 -4.75 -35.82
C GLY B 1302 -56.90 -4.53 -37.27
N LEU B 1303 -56.31 -3.50 -37.86
CA LEU B 1303 -56.53 -3.03 -39.22
C LEU B 1303 -55.22 -3.02 -40.02
N LEU B 1304 -55.23 -3.62 -41.20
CA LEU B 1304 -54.17 -3.52 -42.20
C LEU B 1304 -54.63 -2.52 -43.25
N VAL B 1305 -53.85 -1.48 -43.49
CA VAL B 1305 -54.03 -0.54 -44.60
C VAL B 1305 -52.89 -0.75 -45.58
N HIS B 1306 -53.20 -1.00 -46.85
CA HIS B 1306 -52.21 -1.27 -47.90
C HIS B 1306 -52.33 -0.28 -49.06
N ASP B 1307 -51.20 0.20 -49.56
CA ASP B 1307 -51.11 1.24 -50.58
C ASP B 1307 -50.33 0.76 -51.82
N ALA B 1308 -50.84 1.05 -53.01
CA ALA B 1308 -50.34 0.54 -54.29
C ALA B 1308 -49.01 1.15 -54.78
N GLY B 1309 -48.47 2.18 -54.12
CA GLY B 1309 -47.26 2.87 -54.58
C GLY B 1309 -47.48 3.68 -55.87
N ASP B 1310 -46.50 3.70 -56.78
CA ASP B 1310 -46.54 4.53 -58.00
C ASP B 1310 -47.61 4.13 -59.05
N ALA B 1311 -48.35 3.03 -58.87
CA ALA B 1311 -49.27 2.49 -59.86
C ALA B 1311 -50.37 3.46 -60.33
N ARG B 1312 -50.75 4.45 -59.51
CA ARG B 1312 -51.69 5.52 -59.89
C ARG B 1312 -51.21 6.38 -61.06
N GLU B 1313 -49.89 6.49 -61.29
CA GLU B 1313 -49.34 7.27 -62.40
C GLU B 1313 -49.70 6.65 -63.77
N PRO B 1314 -49.29 5.41 -64.13
CA PRO B 1314 -49.72 4.78 -65.39
C PRO B 1314 -51.23 4.50 -65.44
N ALA B 1315 -51.90 4.26 -64.30
CA ALA B 1315 -53.34 4.03 -64.25
C ALA B 1315 -54.17 5.29 -64.60
N SER B 1316 -53.70 6.49 -64.25
CA SER B 1316 -54.37 7.76 -64.56
C SER B 1316 -53.85 8.44 -65.85
N GLY B 1317 -52.59 8.21 -66.23
CA GLY B 1317 -51.98 8.76 -67.45
C GLY B 1317 -51.54 10.22 -67.36
N ALA B 1318 -51.44 10.80 -66.16
CA ALA B 1318 -50.94 12.15 -65.92
C ALA B 1318 -50.09 12.24 -64.63
N ASP B 1319 -49.05 13.07 -64.64
CA ASP B 1319 -48.07 13.21 -63.55
C ASP B 1319 -48.17 14.57 -62.83
N ASP B 1320 -48.40 14.55 -61.52
CA ASP B 1320 -48.17 15.68 -60.62
C ASP B 1320 -47.92 15.13 -59.19
N PRO B 1321 -46.71 15.27 -58.63
CA PRO B 1321 -46.37 14.65 -57.36
C PRO B 1321 -47.09 15.30 -56.16
N LEU B 1322 -47.42 16.59 -56.23
CA LEU B 1322 -48.13 17.27 -55.16
C LEU B 1322 -49.60 16.85 -55.14
N ASP B 1323 -50.21 16.68 -56.30
CA ASP B 1323 -51.55 16.07 -56.38
C ASP B 1323 -51.53 14.62 -55.93
N ALA B 1324 -50.50 13.85 -56.31
CA ALA B 1324 -50.38 12.45 -55.92
C ALA B 1324 -50.25 12.27 -54.40
N ALA B 1325 -49.60 13.22 -53.71
CA ALA B 1325 -49.60 13.27 -52.25
C ALA B 1325 -50.98 13.64 -51.69
N CYS B 1326 -51.56 14.76 -52.12
CA CYS B 1326 -52.78 15.30 -51.52
C CYS B 1326 -53.99 14.39 -51.70
N ARG B 1327 -54.06 13.59 -52.76
CA ARG B 1327 -55.13 12.59 -52.92
C ARG B 1327 -55.09 11.49 -51.87
N ARG B 1328 -53.90 11.03 -51.46
CA ARG B 1328 -53.75 9.94 -50.46
C ARG B 1328 -54.04 10.38 -49.03
N GLY B 1329 -53.63 11.58 -48.67
CA GLY B 1329 -53.76 12.09 -47.29
C GLY B 1329 -55.21 12.08 -46.82
N GLY B 1330 -56.10 12.76 -47.54
CA GLY B 1330 -57.50 12.86 -47.15
C GLY B 1330 -58.22 11.51 -47.12
N ARG B 1331 -57.93 10.63 -48.08
CA ARG B 1331 -58.48 9.26 -48.10
C ARG B 1331 -58.09 8.48 -46.86
N THR B 1332 -56.81 8.51 -46.49
CA THR B 1332 -56.30 7.71 -45.37
C THR B 1332 -56.65 8.33 -44.01
N LEU B 1333 -56.71 9.66 -43.90
CA LEU B 1333 -57.25 10.33 -42.71
C LEU B 1333 -58.69 9.93 -42.44
N ALA B 1334 -59.53 9.90 -43.48
CA ALA B 1334 -60.92 9.51 -43.32
C ALA B 1334 -61.05 8.06 -42.86
N LEU B 1335 -60.19 7.18 -43.38
CA LEU B 1335 -60.12 5.78 -42.95
C LEU B 1335 -59.68 5.67 -41.49
N VAL B 1336 -58.52 6.22 -41.12
CA VAL B 1336 -57.96 6.09 -39.77
C VAL B 1336 -58.86 6.70 -38.71
N ARG B 1337 -59.42 7.91 -38.93
CA ARG B 1337 -60.40 8.48 -37.99
C ARG B 1337 -61.68 7.65 -37.97
N GLY B 1338 -62.23 7.34 -39.14
CA GLY B 1338 -63.51 6.67 -39.28
C GLY B 1338 -63.50 5.28 -38.64
N PHE B 1339 -62.35 4.63 -38.59
CA PHE B 1339 -62.16 3.39 -37.84
C PHE B 1339 -62.16 3.64 -36.34
N LEU B 1340 -61.27 4.49 -35.84
CA LEU B 1340 -61.08 4.67 -34.40
C LEU B 1340 -62.33 5.19 -33.69
N GLN B 1341 -63.10 6.08 -34.33
CA GLN B 1341 -64.35 6.59 -33.79
C GLN B 1341 -65.38 5.50 -33.45
N GLU B 1342 -65.22 4.29 -33.98
CA GLU B 1342 -66.16 3.18 -33.79
C GLU B 1342 -65.64 2.03 -32.93
N TYR B 1343 -64.32 1.91 -32.70
CA TYR B 1343 -63.73 0.74 -32.04
C TYR B 1343 -62.70 1.02 -30.95
N ALA B 1344 -62.29 2.27 -30.70
CA ALA B 1344 -61.08 2.56 -29.93
C ALA B 1344 -61.05 1.95 -28.51
N GLU B 1345 -62.21 1.74 -27.88
CA GLU B 1345 -62.30 1.09 -26.56
C GLU B 1345 -61.81 -0.36 -26.54
N GLN B 1346 -61.79 -1.06 -27.68
CA GLN B 1346 -61.26 -2.43 -27.82
C GLN B 1346 -59.71 -2.45 -27.88
N THR B 1347 -59.05 -1.29 -27.90
CA THR B 1347 -57.61 -1.09 -28.12
C THR B 1347 -57.09 -1.86 -29.35
N PRO B 1348 -57.61 -1.60 -30.55
CA PRO B 1348 -57.14 -2.25 -31.77
C PRO B 1348 -55.70 -1.84 -32.13
N ARG B 1349 -55.04 -2.65 -32.95
CA ARG B 1349 -53.73 -2.39 -33.54
C ARG B 1349 -53.84 -1.88 -34.98
N ILE B 1350 -53.12 -0.83 -35.35
CA ILE B 1350 -53.11 -0.28 -36.72
C ILE B 1350 -51.78 -0.58 -37.43
N VAL B 1351 -51.82 -1.06 -38.66
CA VAL B 1351 -50.64 -1.19 -39.52
C VAL B 1351 -50.83 -0.37 -40.79
N LEU B 1352 -49.98 0.64 -41.00
CA LEU B 1352 -49.95 1.44 -42.22
C LEU B 1352 -48.83 0.94 -43.12
N CYS B 1353 -49.15 0.01 -44.03
CA CYS B 1353 -48.18 -0.63 -44.89
C CYS B 1353 -47.98 0.20 -46.17
N SER B 1354 -47.14 1.23 -46.08
CA SER B 1354 -46.67 1.99 -47.23
C SER B 1354 -45.80 1.13 -48.18
N ALA B 1355 -45.50 1.65 -49.36
CA ALA B 1355 -44.50 1.04 -50.22
C ALA B 1355 -43.59 2.09 -50.84
N GLY B 1356 -42.27 1.91 -50.73
CA GLY B 1356 -41.30 2.88 -51.25
C GLY B 1356 -41.35 4.24 -50.53
N ALA B 1357 -41.73 4.28 -49.26
CA ALA B 1357 -41.69 5.48 -48.43
C ALA B 1357 -40.36 5.64 -47.66
N ALA B 1358 -39.65 4.56 -47.35
CA ALA B 1358 -38.47 4.58 -46.49
C ALA B 1358 -37.19 4.92 -47.29
N ALA B 1359 -36.51 5.98 -46.87
CA ALA B 1359 -35.25 6.45 -47.44
C ALA B 1359 -34.03 5.60 -47.01
N GLY B 1360 -32.89 5.82 -47.66
CA GLY B 1360 -31.57 5.28 -47.27
C GLY B 1360 -31.33 3.79 -47.61
N LEU B 1361 -32.34 2.95 -47.44
CA LEU B 1361 -32.36 1.56 -47.88
C LEU B 1361 -32.39 1.43 -49.42
N ALA B 1362 -32.16 0.21 -49.92
CA ALA B 1362 -32.29 -0.15 -51.33
C ALA B 1362 -33.76 -0.10 -51.83
N GLY B 1363 -33.97 -0.42 -53.11
CA GLY B 1363 -35.29 -0.45 -53.76
C GLY B 1363 -35.61 0.78 -54.62
N GLY B 1364 -34.62 1.59 -54.99
CA GLY B 1364 -34.79 2.84 -55.74
C GLY B 1364 -35.18 4.04 -54.88
N PRO B 1365 -35.24 5.26 -55.46
CA PRO B 1365 -35.61 6.47 -54.74
C PRO B 1365 -37.03 6.38 -54.17
N PRO B 1366 -37.30 6.90 -52.96
CA PRO B 1366 -38.62 6.88 -52.37
C PRO B 1366 -39.58 7.75 -53.18
N HIS B 1367 -40.83 7.33 -53.33
CA HIS B 1367 -41.85 8.11 -54.03
C HIS B 1367 -42.34 9.26 -53.13
N PRO B 1368 -42.26 10.55 -53.53
CA PRO B 1368 -42.73 11.65 -52.68
C PRO B 1368 -44.20 11.56 -52.31
N ALA B 1369 -45.03 10.99 -53.18
CA ALA B 1369 -46.45 10.79 -52.94
C ALA B 1369 -46.78 9.91 -51.71
N GLN B 1370 -45.82 9.14 -51.17
CA GLN B 1370 -46.03 8.34 -49.96
C GLN B 1370 -45.91 9.13 -48.65
N ALA B 1371 -45.34 10.34 -48.67
CA ALA B 1371 -45.06 11.11 -47.46
C ALA B 1371 -46.26 11.31 -46.49
N PRO B 1372 -47.52 11.50 -46.94
CA PRO B 1372 -48.64 11.61 -46.03
C PRO B 1372 -48.86 10.41 -45.12
N LEU B 1373 -48.45 9.20 -45.52
CA LEU B 1373 -48.53 8.03 -44.65
C LEU B 1373 -47.56 8.08 -43.47
N THR B 1374 -46.30 8.51 -43.67
CA THR B 1374 -45.37 8.65 -42.54
C THR B 1374 -45.82 9.73 -41.56
N ALA B 1375 -46.37 10.82 -42.08
CA ALA B 1375 -46.94 11.89 -41.27
C ALA B 1375 -48.13 11.41 -40.44
N LEU B 1376 -49.04 10.66 -41.05
CA LEU B 1376 -50.21 10.11 -40.37
C LEU B 1376 -49.80 9.08 -39.31
N PHE B 1377 -48.78 8.26 -39.57
CA PHE B 1377 -48.24 7.37 -38.56
C PHE B 1377 -47.73 8.13 -37.35
N THR B 1378 -46.80 9.06 -37.55
CA THR B 1378 -46.16 9.75 -36.43
C THR B 1378 -47.15 10.61 -35.65
N SER B 1379 -48.17 11.14 -36.32
CA SER B 1379 -49.26 11.85 -35.67
C SER B 1379 -50.07 10.97 -34.72
N LEU B 1380 -50.28 9.69 -35.00
CA LEU B 1380 -50.97 8.80 -34.06
C LEU B 1380 -50.17 8.61 -32.77
N VAL B 1381 -48.85 8.41 -32.87
CA VAL B 1381 -48.00 7.94 -31.76
C VAL B 1381 -48.04 8.88 -30.55
N TRP B 1382 -48.14 10.18 -30.78
CA TRP B 1382 -48.23 11.19 -29.72
C TRP B 1382 -49.65 11.66 -29.40
N GLU B 1383 -50.69 11.26 -30.13
CA GLU B 1383 -52.07 11.75 -29.93
C GLU B 1383 -53.05 10.69 -29.40
N HIS B 1384 -52.87 9.42 -29.72
CA HIS B 1384 -53.67 8.30 -29.18
C HIS B 1384 -52.74 7.23 -28.57
N PRO B 1385 -51.98 7.55 -27.51
CA PRO B 1385 -50.91 6.72 -26.99
C PRO B 1385 -51.35 5.36 -26.44
N GLU B 1386 -52.63 5.13 -26.17
CA GLU B 1386 -53.16 3.83 -25.76
C GLU B 1386 -53.11 2.77 -26.88
N LEU B 1387 -53.00 3.16 -28.14
CA LEU B 1387 -53.09 2.26 -29.29
C LEU B 1387 -51.69 1.84 -29.77
N PRO B 1388 -51.41 0.54 -29.94
CA PRO B 1388 -50.25 0.10 -30.67
C PRO B 1388 -50.42 0.31 -32.18
N CYS B 1389 -49.40 0.81 -32.87
CA CYS B 1389 -49.42 0.87 -34.33
C CYS B 1389 -48.02 0.81 -34.93
N ALA B 1390 -47.91 0.42 -36.19
CA ALA B 1390 -46.62 0.22 -36.84
C ALA B 1390 -46.68 0.55 -38.33
N GLN B 1391 -45.60 1.08 -38.86
CA GLN B 1391 -45.44 1.31 -40.29
C GLN B 1391 -44.52 0.22 -40.83
N VAL B 1392 -44.92 -0.43 -41.91
CA VAL B 1392 -44.12 -1.48 -42.56
C VAL B 1392 -43.94 -1.09 -44.01
N ASP B 1393 -42.84 -0.43 -44.34
CA ASP B 1393 -42.61 0.02 -45.71
C ASP B 1393 -42.06 -1.08 -46.58
N LEU B 1394 -42.88 -1.58 -47.50
CA LEU B 1394 -42.49 -2.62 -48.44
C LEU B 1394 -41.64 -2.07 -49.59
N ASP B 1395 -40.89 -2.94 -50.24
CA ASP B 1395 -40.24 -2.63 -51.50
C ASP B 1395 -41.31 -2.35 -52.58
N PRO B 1396 -41.20 -1.26 -53.37
CA PRO B 1396 -42.20 -0.90 -54.37
C PRO B 1396 -42.21 -1.79 -55.63
N ALA B 1397 -41.28 -2.74 -55.79
CA ALA B 1397 -41.11 -3.53 -57.00
C ALA B 1397 -41.12 -5.06 -56.77
N GLU B 1398 -40.58 -5.55 -55.66
CA GLU B 1398 -40.60 -6.98 -55.29
C GLU B 1398 -42.01 -7.48 -54.92
N ASP B 1399 -42.26 -8.79 -55.00
CA ASP B 1399 -43.51 -9.39 -54.53
C ASP B 1399 -43.65 -9.26 -53.00
N PRO B 1400 -44.80 -8.82 -52.47
CA PRO B 1400 -44.99 -8.60 -51.03
C PRO B 1400 -44.92 -9.93 -50.26
N PRO B 1401 -44.36 -9.95 -49.04
CA PRO B 1401 -44.22 -11.18 -48.26
C PRO B 1401 -45.59 -11.73 -47.81
N THR B 1402 -45.60 -12.98 -47.36
CA THR B 1402 -46.79 -13.63 -46.79
C THR B 1402 -47.34 -12.80 -45.63
N VAL B 1403 -48.65 -12.63 -45.53
CA VAL B 1403 -49.23 -11.71 -44.52
C VAL B 1403 -48.92 -12.13 -43.08
N VAL B 1404 -48.72 -13.43 -42.81
CA VAL B 1404 -48.28 -13.92 -41.50
C VAL B 1404 -46.88 -13.42 -41.12
N SER B 1405 -45.99 -13.21 -42.08
CA SER B 1405 -44.68 -12.58 -41.83
C SER B 1405 -44.83 -11.14 -41.37
N LEU B 1406 -45.77 -10.38 -41.96
CA LEU B 1406 -46.06 -9.02 -41.50
C LEU B 1406 -46.58 -9.04 -40.06
N LEU B 1407 -47.70 -9.71 -39.81
CA LEU B 1407 -48.36 -9.65 -38.50
C LEU B 1407 -47.50 -10.26 -37.39
N GLY B 1408 -46.69 -11.26 -37.69
CA GLY B 1408 -45.74 -11.80 -36.72
C GLY B 1408 -44.73 -10.75 -36.29
N GLN B 1409 -43.95 -10.20 -37.21
CA GLN B 1409 -42.92 -9.23 -36.85
C GLN B 1409 -43.48 -7.91 -36.34
N VAL B 1410 -44.72 -7.55 -36.72
CA VAL B 1410 -45.46 -6.44 -36.10
C VAL B 1410 -45.88 -6.75 -34.66
N MET B 1411 -46.47 -7.90 -34.35
CA MET B 1411 -46.94 -8.19 -32.98
C MET B 1411 -45.82 -8.38 -31.95
N ARG B 1412 -44.56 -8.43 -32.37
CA ARG B 1412 -43.40 -8.38 -31.47
C ARG B 1412 -43.08 -6.96 -30.97
N LEU B 1413 -43.68 -5.93 -31.55
CA LEU B 1413 -43.63 -4.56 -31.03
C LEU B 1413 -44.71 -4.33 -29.95
N PRO B 1414 -44.34 -4.14 -28.68
CA PRO B 1414 -45.18 -3.36 -27.78
C PRO B 1414 -45.15 -1.89 -28.22
N GLY B 1415 -46.21 -1.13 -27.96
CA GLY B 1415 -46.24 0.29 -28.32
C GLY B 1415 -46.18 0.51 -29.83
N ALA B 1416 -45.18 1.23 -30.33
CA ALA B 1416 -45.13 1.63 -31.73
C ALA B 1416 -43.72 1.58 -32.31
N GLY B 1417 -43.60 1.42 -33.63
CA GLY B 1417 -42.30 1.38 -34.31
C GLY B 1417 -42.40 1.43 -35.82
N ARG B 1418 -41.30 1.77 -36.49
CA ARG B 1418 -41.18 1.80 -37.95
C ARG B 1418 -40.27 0.68 -38.43
N LEU B 1419 -40.76 -0.11 -39.37
CA LEU B 1419 -40.10 -1.27 -39.93
C LEU B 1419 -40.06 -1.18 -41.46
N ALA B 1420 -39.11 -1.87 -42.08
CA ALA B 1420 -39.05 -1.99 -43.54
C ALA B 1420 -38.57 -3.37 -43.97
N VAL B 1421 -38.92 -3.76 -45.20
CA VAL B 1421 -38.52 -5.01 -45.83
C VAL B 1421 -37.94 -4.72 -47.21
N ARG B 1422 -36.77 -5.29 -47.52
CA ARG B 1422 -36.05 -5.18 -48.80
C ARG B 1422 -35.31 -6.48 -49.06
N GLY B 1423 -35.63 -7.20 -50.12
CA GLY B 1423 -35.24 -8.61 -50.23
C GLY B 1423 -35.87 -9.41 -49.10
N GLY B 1424 -35.08 -10.23 -48.40
CA GLY B 1424 -35.55 -11.01 -47.26
C GLY B 1424 -35.48 -10.29 -45.91
N ARG B 1425 -34.56 -9.34 -45.73
CA ARG B 1425 -34.25 -8.77 -44.41
C ARG B 1425 -35.33 -7.83 -43.88
N TRP B 1426 -35.56 -7.91 -42.57
CA TRP B 1426 -36.27 -6.90 -41.80
C TRP B 1426 -35.31 -5.83 -41.28
N PHE B 1427 -35.74 -4.58 -41.32
CA PHE B 1427 -35.02 -3.43 -40.79
C PHE B 1427 -35.90 -2.63 -39.82
N GLU B 1428 -35.30 -1.98 -38.83
CA GLU B 1428 -35.97 -1.08 -37.89
C GLU B 1428 -35.29 0.29 -37.86
N ALA B 1429 -36.07 1.38 -37.83
CA ALA B 1429 -35.53 2.72 -37.78
C ALA B 1429 -35.14 3.09 -36.35
N ARG B 1430 -33.93 3.62 -36.13
CA ARG B 1430 -33.51 4.25 -34.87
C ARG B 1430 -32.94 5.63 -35.11
N LEU B 1431 -33.17 6.55 -34.19
CA LEU B 1431 -32.68 7.92 -34.28
C LEU B 1431 -31.43 8.04 -33.41
N GLU B 1432 -30.32 8.41 -34.02
CA GLU B 1432 -29.01 8.42 -33.38
C GLU B 1432 -28.21 9.67 -33.76
N ARG B 1433 -27.18 9.96 -32.97
CA ARG B 1433 -26.56 11.28 -32.86
C ARG B 1433 -25.05 11.23 -32.93
N ARG B 1434 -24.43 12.22 -33.59
CA ARG B 1434 -22.97 12.36 -33.75
C ARG B 1434 -22.52 13.83 -33.76
N PRO B 1435 -21.26 14.16 -33.41
CA PRO B 1435 -20.80 15.55 -33.32
C PRO B 1435 -20.88 16.33 -34.63
N ALA B 1436 -21.03 17.65 -34.55
CA ALA B 1436 -21.27 18.53 -35.70
C ALA B 1436 -20.29 19.72 -35.74
N PRO B 1437 -19.14 19.59 -36.43
CA PRO B 1437 -18.09 20.62 -36.48
C PRO B 1437 -18.49 21.93 -37.17
N ALA B 1438 -18.99 22.92 -36.41
CA ALA B 1438 -19.29 24.26 -36.91
C ALA B 1438 -18.03 25.07 -37.29
N ASP B 1439 -16.86 24.71 -36.74
CA ASP B 1439 -15.59 25.31 -37.12
C ASP B 1439 -15.24 25.08 -38.61
N ARG B 1440 -15.84 24.09 -39.29
CA ARG B 1440 -15.77 23.97 -40.75
C ARG B 1440 -16.33 25.21 -41.45
N GLY B 1441 -17.42 25.78 -40.93
CA GLY B 1441 -18.01 27.03 -41.42
C GLY B 1441 -17.19 28.26 -41.04
N GLU B 1442 -16.51 28.23 -39.90
CA GLU B 1442 -15.53 29.28 -39.55
C GLU B 1442 -14.30 29.27 -40.49
N ARG B 1443 -13.90 28.09 -41.00
CA ARG B 1443 -12.87 27.95 -42.04
C ARG B 1443 -13.39 28.22 -43.46
N LEU B 1444 -14.68 27.99 -43.72
CA LEU B 1444 -15.31 28.20 -45.03
C LEU B 1444 -15.22 29.67 -45.49
N ALA B 1445 -15.04 29.85 -46.81
CA ALA B 1445 -15.34 31.10 -47.49
C ALA B 1445 -16.26 30.82 -48.68
N LEU B 1446 -17.31 31.62 -48.83
CA LEU B 1446 -18.19 31.59 -50.00
C LEU B 1446 -17.43 32.14 -51.21
N ARG B 1447 -17.53 31.49 -52.38
CA ARG B 1447 -16.80 31.96 -53.57
C ARG B 1447 -17.29 33.35 -54.05
N PRO B 1448 -16.38 34.30 -54.36
CA PRO B 1448 -16.72 35.71 -54.51
C PRO B 1448 -17.37 36.05 -55.85
N ASP B 1449 -17.09 35.28 -56.89
CA ASP B 1449 -17.49 35.54 -58.28
C ASP B 1449 -18.89 34.98 -58.61
N ALA B 1450 -19.81 35.04 -57.64
CA ALA B 1450 -21.11 34.35 -57.70
C ALA B 1450 -22.27 35.16 -57.10
N THR B 1451 -23.48 34.86 -57.58
CA THR B 1451 -24.73 35.27 -56.93
C THR B 1451 -25.23 34.19 -55.97
N TYR B 1452 -25.98 34.61 -54.95
CA TYR B 1452 -26.69 33.77 -54.00
C TYR B 1452 -28.17 34.21 -53.90
N LEU B 1453 -29.10 33.26 -53.82
CA LEU B 1453 -30.51 33.55 -53.54
C LEU B 1453 -30.87 33.11 -52.12
N VAL B 1454 -31.47 34.01 -51.34
CA VAL B 1454 -32.11 33.67 -50.07
C VAL B 1454 -33.60 33.88 -50.25
N ALA B 1455 -34.42 32.86 -50.01
CA ALA B 1455 -35.79 32.86 -50.50
C ALA B 1455 -36.83 32.50 -49.44
N GLY B 1456 -38.01 33.12 -49.53
CA GLY B 1456 -39.22 32.73 -48.80
C GLY B 1456 -39.28 33.01 -47.30
N GLY B 1457 -38.28 33.64 -46.69
CA GLY B 1457 -38.23 33.89 -45.24
C GLY B 1457 -39.05 35.09 -44.76
N ASP B 1458 -39.39 35.11 -43.46
CA ASP B 1458 -39.81 36.31 -42.75
C ASP B 1458 -38.63 37.23 -42.40
N THR B 1459 -38.90 38.44 -41.89
CA THR B 1459 -37.85 39.43 -41.57
C THR B 1459 -36.81 38.90 -40.59
N ARG B 1460 -37.23 38.20 -39.52
CA ARG B 1460 -36.34 37.75 -38.46
C ARG B 1460 -35.34 36.72 -38.97
N HIS B 1461 -35.76 35.76 -39.80
CA HIS B 1461 -34.83 34.83 -40.42
C HIS B 1461 -33.99 35.53 -41.49
N ALA B 1462 -34.60 36.38 -42.32
CA ALA B 1462 -33.91 37.00 -43.45
C ALA B 1462 -32.71 37.84 -43.01
N ALA B 1463 -32.85 38.64 -41.96
CA ALA B 1463 -31.76 39.46 -41.42
C ALA B 1463 -30.56 38.61 -40.99
N ALA B 1464 -30.78 37.52 -40.26
CA ALA B 1464 -29.70 36.62 -39.84
C ALA B 1464 -29.08 35.82 -41.00
N ALA B 1465 -29.88 35.39 -41.96
CA ALA B 1465 -29.39 34.69 -43.13
C ALA B 1465 -28.43 35.56 -43.94
N LEU B 1466 -28.84 36.79 -44.23
CA LEU B 1466 -28.01 37.78 -44.92
C LEU B 1466 -26.77 38.15 -44.10
N GLU B 1467 -26.89 38.24 -42.77
CA GLU B 1467 -25.74 38.48 -41.90
C GLU B 1467 -24.67 37.38 -41.99
N TRP B 1468 -25.05 36.10 -42.10
CA TRP B 1468 -24.07 35.03 -42.26
C TRP B 1468 -23.41 35.04 -43.65
N LEU B 1469 -24.17 35.26 -44.72
CA LEU B 1469 -23.60 35.45 -46.05
C LEU B 1469 -22.57 36.60 -46.05
N ALA B 1470 -22.89 37.70 -45.38
CA ALA B 1470 -21.96 38.80 -45.17
C ALA B 1470 -20.70 38.35 -44.40
N ALA B 1471 -20.87 37.68 -43.26
CA ALA B 1471 -19.78 37.21 -42.41
C ALA B 1471 -18.89 36.11 -43.04
N ARG B 1472 -19.23 35.57 -44.22
CA ARG B 1472 -18.46 34.54 -44.94
C ARG B 1472 -18.04 34.97 -46.35
N GLY B 1473 -18.23 36.23 -46.70
CA GLY B 1473 -17.64 36.83 -47.90
C GLY B 1473 -18.50 36.72 -49.17
N ALA B 1474 -19.82 36.60 -49.06
CA ALA B 1474 -20.72 36.75 -50.21
C ALA B 1474 -20.61 38.15 -50.85
N ARG B 1475 -21.05 38.29 -52.10
CA ARG B 1475 -20.95 39.55 -52.87
C ARG B 1475 -22.24 39.97 -53.56
N SER B 1476 -22.86 39.10 -54.34
CA SER B 1476 -24.13 39.36 -55.03
C SER B 1476 -25.24 38.52 -54.42
N VAL B 1477 -26.32 39.15 -53.94
CA VAL B 1477 -27.38 38.46 -53.20
C VAL B 1477 -28.76 38.95 -53.64
N VAL B 1478 -29.75 38.07 -53.74
CA VAL B 1478 -31.16 38.46 -53.86
C VAL B 1478 -31.96 37.92 -52.68
N LEU B 1479 -32.70 38.78 -51.99
CA LEU B 1479 -33.71 38.36 -50.99
C LEU B 1479 -35.04 38.16 -51.71
N ALA B 1480 -35.17 36.99 -52.33
CA ALA B 1480 -36.30 36.59 -53.16
C ALA B 1480 -37.51 36.16 -52.33
N GLY B 1481 -38.29 37.11 -51.83
CA GLY B 1481 -39.56 36.81 -51.15
C GLY B 1481 -40.48 38.01 -51.05
N ALA B 1482 -41.75 37.78 -50.73
CA ALA B 1482 -42.76 38.83 -50.56
C ALA B 1482 -42.40 39.80 -49.41
N GLU B 1483 -41.75 39.27 -48.37
CA GLU B 1483 -41.32 40.03 -47.19
C GLU B 1483 -40.37 41.20 -47.54
N SER B 1484 -39.53 41.02 -48.59
CA SER B 1484 -38.46 41.95 -48.98
C SER B 1484 -38.91 43.37 -49.33
N GLU B 1485 -40.19 43.57 -49.62
CA GLU B 1485 -40.77 44.87 -50.00
C GLU B 1485 -41.94 45.30 -49.10
N ARG B 1486 -42.05 44.73 -47.89
CA ARG B 1486 -43.04 45.09 -46.86
C ARG B 1486 -42.47 45.14 -45.44
N GLY B 1487 -41.44 44.36 -45.14
CA GLY B 1487 -40.75 44.36 -43.85
C GLY B 1487 -39.74 45.51 -43.71
N ASP B 1488 -39.29 45.77 -42.47
CA ASP B 1488 -38.25 46.76 -42.17
C ASP B 1488 -36.83 46.19 -42.40
N LEU B 1489 -36.49 45.93 -43.67
CA LEU B 1489 -35.19 45.34 -44.07
C LEU B 1489 -34.00 46.34 -44.01
N ALA B 1490 -34.18 47.57 -43.52
CA ALA B 1490 -33.10 48.56 -43.43
C ALA B 1490 -31.91 48.05 -42.58
N GLY B 1491 -32.17 47.33 -41.49
CA GLY B 1491 -31.14 46.66 -40.69
C GLY B 1491 -30.45 45.51 -41.44
N ALA B 1492 -31.21 44.71 -42.18
CA ALA B 1492 -30.69 43.63 -43.03
C ALA B 1492 -29.75 44.18 -44.11
N ARG B 1493 -30.17 45.22 -44.85
CA ARG B 1493 -29.30 45.94 -45.80
C ARG B 1493 -28.06 46.53 -45.13
N THR B 1494 -28.21 47.06 -43.92
CA THR B 1494 -27.11 47.66 -43.15
C THR B 1494 -26.05 46.63 -42.73
N THR B 1495 -26.43 45.43 -42.26
CA THR B 1495 -25.43 44.35 -42.06
C THR B 1495 -24.84 43.86 -43.39
N GLY B 1496 -25.63 43.87 -44.47
CA GLY B 1496 -25.18 43.70 -45.84
C GLY B 1496 -24.18 44.75 -46.36
N HIS B 1497 -23.82 45.78 -45.58
CA HIS B 1497 -22.66 46.62 -45.88
C HIS B 1497 -21.32 45.89 -45.69
N ALA B 1498 -21.27 44.83 -44.86
CA ALA B 1498 -20.04 44.07 -44.61
C ALA B 1498 -19.84 42.98 -45.70
N GLY B 1499 -18.71 43.04 -46.41
CA GLY B 1499 -18.31 42.07 -47.45
C GLY B 1499 -19.11 42.13 -48.78
N ILE B 1500 -20.43 42.22 -48.69
CA ILE B 1500 -21.35 42.24 -49.83
C ILE B 1500 -21.17 43.50 -50.69
N GLU B 1501 -21.53 43.42 -51.97
CA GLU B 1501 -21.39 44.50 -52.96
C GLU B 1501 -22.67 44.77 -53.78
N ARG B 1502 -23.54 43.77 -53.97
CA ARG B 1502 -24.83 43.90 -54.66
C ARG B 1502 -25.93 43.17 -53.89
N LEU B 1503 -27.08 43.82 -53.70
CA LEU B 1503 -28.23 43.28 -52.98
C LEU B 1503 -29.54 43.73 -53.62
N GLU B 1504 -30.52 42.84 -53.77
CA GLU B 1504 -31.82 43.15 -54.37
C GLU B 1504 -33.00 42.59 -53.59
N HIS B 1505 -34.16 43.24 -53.74
CA HIS B 1505 -35.46 42.90 -53.14
C HIS B 1505 -36.50 42.84 -54.27
N VAL B 1506 -37.51 41.97 -54.17
CA VAL B 1506 -38.27 41.58 -55.37
C VAL B 1506 -39.80 41.50 -55.17
N ALA B 1507 -40.29 41.50 -53.93
CA ALA B 1507 -41.69 41.21 -53.58
C ALA B 1507 -42.22 39.85 -54.13
N VAL B 1508 -41.35 38.97 -54.60
CA VAL B 1508 -41.70 37.85 -55.49
C VAL B 1508 -42.46 36.74 -54.76
N ASP B 1509 -43.61 36.36 -55.32
CA ASP B 1509 -44.49 35.33 -54.76
C ASP B 1509 -44.06 33.94 -55.23
N LEU B 1510 -43.38 33.19 -54.36
CA LEU B 1510 -42.90 31.85 -54.70
C LEU B 1510 -44.04 30.85 -55.01
N SER B 1511 -45.29 31.14 -54.63
CA SER B 1511 -46.43 30.24 -54.88
C SER B 1511 -46.95 30.29 -56.32
N SER B 1512 -46.54 31.27 -57.12
CA SER B 1512 -47.02 31.51 -58.48
C SER B 1512 -46.01 31.02 -59.53
N ALA B 1513 -46.47 30.24 -60.52
CA ALA B 1513 -45.60 29.72 -61.57
C ALA B 1513 -44.95 30.83 -62.43
N ALA B 1514 -45.69 31.89 -62.77
CA ALA B 1514 -45.17 33.03 -63.52
C ALA B 1514 -44.14 33.83 -62.71
N ASP B 1515 -44.40 34.06 -61.42
CA ASP B 1515 -43.42 34.69 -60.52
C ASP B 1515 -42.18 33.80 -60.32
N VAL B 1516 -42.36 32.48 -60.21
CA VAL B 1516 -41.25 31.52 -60.17
C VAL B 1516 -40.45 31.53 -61.48
N ALA B 1517 -41.08 31.70 -62.63
CA ALA B 1517 -40.37 31.95 -63.88
C ALA B 1517 -39.62 33.28 -63.86
N ARG B 1518 -40.15 34.33 -63.22
CA ARG B 1518 -39.42 35.59 -63.03
C ARG B 1518 -38.16 35.41 -62.18
N LEU B 1519 -38.12 34.48 -61.22
CA LEU B 1519 -36.89 34.17 -60.48
C LEU B 1519 -35.76 33.75 -61.42
N ALA B 1520 -36.06 32.85 -62.37
CA ALA B 1520 -35.09 32.42 -63.37
C ALA B 1520 -34.71 33.57 -64.32
N GLU B 1521 -35.66 34.41 -64.73
CA GLU B 1521 -35.38 35.58 -65.57
C GLU B 1521 -34.51 36.63 -64.86
N LEU B 1522 -34.64 36.79 -63.54
CA LEU B 1522 -33.73 37.62 -62.75
C LEU B 1522 -32.34 36.98 -62.63
N CYS B 1523 -32.25 35.67 -62.38
CA CYS B 1523 -30.96 34.99 -62.34
C CYS B 1523 -30.25 34.96 -63.72
N ALA B 1524 -30.99 35.04 -64.82
CA ALA B 1524 -30.46 35.14 -66.20
C ALA B 1524 -29.89 36.52 -66.57
N ASP B 1525 -29.99 37.52 -65.69
CA ASP B 1525 -29.34 38.84 -65.80
C ASP B 1525 -27.79 38.75 -65.83
N GLY B 1526 -27.11 39.86 -66.12
CA GLY B 1526 -25.64 39.97 -66.11
C GLY B 1526 -24.96 39.85 -64.74
N ARG B 1527 -25.73 39.74 -63.64
CA ARG B 1527 -25.22 39.40 -62.30
C ARG B 1527 -24.41 38.10 -62.33
N PRO B 1528 -23.37 37.94 -61.50
CA PRO B 1528 -22.49 36.76 -61.57
C PRO B 1528 -23.27 35.46 -61.32
N PRO B 1529 -22.82 34.32 -61.85
CA PRO B 1529 -23.61 33.09 -61.89
C PRO B 1529 -23.96 32.57 -60.50
N LEU B 1530 -25.12 31.91 -60.37
CA LEU B 1530 -25.62 31.41 -59.09
C LEU B 1530 -24.77 30.23 -58.58
N ARG B 1531 -24.34 30.28 -57.31
CA ARG B 1531 -23.55 29.18 -56.69
C ARG B 1531 -24.04 28.73 -55.31
N GLY B 1532 -25.03 29.36 -54.70
CA GLY B 1532 -25.65 28.88 -53.46
C GLY B 1532 -27.07 29.42 -53.25
N VAL B 1533 -27.96 28.59 -52.69
CA VAL B 1533 -29.38 28.90 -52.46
C VAL B 1533 -29.82 28.44 -51.08
N LEU B 1534 -30.64 29.24 -50.39
CA LEU B 1534 -31.23 28.91 -49.09
C LEU B 1534 -32.70 29.32 -49.02
N LEU B 1535 -33.62 28.35 -49.05
CA LEU B 1535 -35.04 28.59 -48.75
C LEU B 1535 -35.23 28.48 -47.24
N LEU B 1536 -35.56 29.59 -46.59
CA LEU B 1536 -35.63 29.71 -45.12
C LEU B 1536 -36.88 29.05 -44.52
N PRO B 1537 -36.92 28.81 -43.20
CA PRO B 1537 -38.07 28.21 -42.54
C PRO B 1537 -39.34 29.04 -42.72
N GLN B 1538 -40.49 28.36 -42.75
CA GLN B 1538 -41.81 28.97 -42.87
C GLN B 1538 -42.77 28.40 -41.82
N PRO B 1539 -43.65 29.22 -41.22
CA PRO B 1539 -44.69 28.73 -40.34
C PRO B 1539 -45.75 27.96 -41.13
N VAL B 1540 -46.31 26.92 -40.53
CA VAL B 1540 -47.43 26.13 -41.07
C VAL B 1540 -48.48 25.99 -39.98
N ALA B 1541 -49.76 26.10 -40.31
CA ALA B 1541 -50.84 26.06 -39.33
C ALA B 1541 -50.84 24.78 -38.49
N GLY B 1542 -51.20 24.89 -37.21
CA GLY B 1542 -51.39 23.76 -36.31
C GLY B 1542 -52.68 22.96 -36.57
N GLY B 1543 -52.76 21.76 -36.03
CA GLY B 1543 -53.93 20.88 -36.09
C GLY B 1543 -53.55 19.44 -35.75
N GLY B 1544 -54.35 18.78 -34.90
CA GLY B 1544 -54.21 17.35 -34.60
C GLY B 1544 -54.91 16.47 -35.63
N LEU B 1545 -55.00 15.17 -35.36
CA LEU B 1545 -55.84 14.27 -36.15
C LEU B 1545 -57.33 14.53 -35.89
N ASP B 1546 -57.71 14.85 -34.66
CA ASP B 1546 -59.00 15.47 -34.39
C ASP B 1546 -59.00 16.95 -34.79
N GLU B 1547 -60.15 17.48 -35.22
CA GLU B 1547 -60.28 18.77 -35.93
C GLU B 1547 -59.52 18.82 -37.28
N LEU B 1548 -59.45 17.68 -37.97
CA LEU B 1548 -58.94 17.55 -39.33
C LEU B 1548 -59.83 16.61 -40.16
N ASP B 1549 -59.92 16.89 -41.47
CA ASP B 1549 -60.75 16.16 -42.44
C ASP B 1549 -60.09 16.23 -43.83
N GLY B 1550 -60.56 15.42 -44.78
CA GLY B 1550 -59.87 15.27 -46.06
C GLY B 1550 -59.81 16.55 -46.89
N ALA B 1551 -60.86 17.36 -46.87
CA ALA B 1551 -60.88 18.63 -47.57
C ALA B 1551 -59.86 19.61 -46.96
N ARG B 1552 -59.80 19.72 -45.63
CA ARG B 1552 -58.83 20.60 -44.96
C ARG B 1552 -57.39 20.17 -45.26
N PHE B 1553 -57.07 18.88 -45.14
CA PHE B 1553 -55.70 18.41 -45.35
C PHE B 1553 -55.22 18.66 -46.78
N GLY B 1554 -56.08 18.38 -47.76
CA GLY B 1554 -55.77 18.64 -49.18
C GLY B 1554 -55.60 20.13 -49.50
N ALA B 1555 -56.30 21.02 -48.79
CA ALA B 1555 -56.11 22.46 -48.93
C ALA B 1555 -54.78 22.93 -48.29
N GLU B 1556 -54.53 22.59 -47.03
CA GLU B 1556 -53.40 23.16 -46.28
C GLU B 1556 -52.05 22.56 -46.68
N LEU B 1557 -51.96 21.27 -47.03
CA LEU B 1557 -50.69 20.69 -47.48
C LEU B 1557 -50.23 21.32 -48.80
N ALA B 1558 -51.15 21.63 -49.70
CA ALA B 1558 -50.81 22.32 -50.94
C ALA B 1558 -50.30 23.73 -50.65
N GLY B 1559 -50.92 24.45 -49.72
CA GLY B 1559 -50.44 25.75 -49.27
C GLY B 1559 -49.01 25.70 -48.71
N ALA B 1560 -48.67 24.68 -47.93
CA ALA B 1560 -47.34 24.50 -47.37
C ALA B 1560 -46.28 24.18 -48.45
N LEU B 1561 -46.59 23.28 -49.39
CA LEU B 1561 -45.61 22.74 -50.35
C LEU B 1561 -45.45 23.54 -51.64
N ARG B 1562 -46.50 24.22 -52.14
CA ARG B 1562 -46.51 24.70 -53.53
C ARG B 1562 -45.32 25.58 -53.89
N GLY B 1563 -44.92 26.47 -52.99
CA GLY B 1563 -43.78 27.38 -53.18
C GLY B 1563 -42.46 26.65 -53.39
N PRO B 1564 -41.93 25.96 -52.37
CA PRO B 1564 -40.65 25.26 -52.49
C PRO B 1564 -40.64 24.20 -53.59
N VAL B 1565 -41.75 23.52 -53.86
CA VAL B 1565 -41.85 22.59 -54.99
C VAL B 1565 -41.59 23.30 -56.32
N GLU B 1566 -42.34 24.36 -56.64
CA GLU B 1566 -42.23 25.01 -57.95
C GLU B 1566 -40.86 25.65 -58.17
N LEU B 1567 -40.28 26.28 -57.15
CA LEU B 1567 -38.93 26.84 -57.25
C LEU B 1567 -37.90 25.73 -57.53
N THR B 1568 -37.95 24.64 -56.74
CA THR B 1568 -37.01 23.51 -56.89
C THR B 1568 -37.11 22.91 -58.28
N ARG B 1569 -38.33 22.78 -58.81
CA ARG B 1569 -38.58 22.30 -60.17
C ARG B 1569 -38.00 23.28 -61.19
N ARG B 1570 -38.44 24.55 -61.19
CA ARG B 1570 -38.07 25.53 -62.22
C ARG B 1570 -36.56 25.73 -62.34
N PHE B 1571 -35.85 25.92 -61.24
CA PHE B 1571 -34.39 26.11 -61.26
C PHE B 1571 -33.65 24.89 -61.81
N THR B 1572 -34.25 23.70 -61.69
CA THR B 1572 -33.70 22.47 -62.27
C THR B 1572 -34.03 22.37 -63.75
N ASP B 1573 -35.26 22.72 -64.17
CA ASP B 1573 -35.70 22.70 -65.57
C ASP B 1573 -34.98 23.73 -66.46
N VAL B 1574 -34.65 24.92 -65.94
CA VAL B 1574 -33.81 25.92 -66.63
C VAL B 1574 -32.30 25.66 -66.49
N GLY B 1575 -31.88 24.62 -65.75
CA GLY B 1575 -30.49 24.17 -65.70
C GLY B 1575 -29.55 24.97 -64.78
N LEU B 1576 -30.08 25.73 -63.82
CA LEU B 1576 -29.27 26.41 -62.79
C LEU B 1576 -28.82 25.45 -61.68
N THR B 1577 -29.69 24.51 -61.27
CA THR B 1577 -29.35 23.47 -60.28
C THR B 1577 -28.20 22.61 -60.78
N GLY B 1578 -27.35 22.10 -59.87
CA GLY B 1578 -26.16 21.30 -60.23
C GLY B 1578 -24.92 22.15 -60.54
N GLY B 1579 -25.10 23.28 -61.22
CA GLY B 1579 -24.12 24.37 -61.30
C GLY B 1579 -24.11 25.22 -60.04
N THR B 1580 -24.15 24.61 -58.86
CA THR B 1580 -24.27 25.28 -57.56
C THR B 1580 -23.73 24.40 -56.45
N ASP B 1581 -23.13 24.99 -55.42
CA ASP B 1581 -22.42 24.24 -54.37
C ASP B 1581 -23.35 23.76 -53.25
N PHE B 1582 -24.37 24.55 -52.91
CA PHE B 1582 -25.42 24.17 -51.98
C PHE B 1582 -26.78 24.72 -52.40
N PHE B 1583 -27.84 23.91 -52.24
CA PHE B 1583 -29.23 24.31 -52.47
C PHE B 1583 -30.06 23.72 -51.35
N VAL B 1584 -30.35 24.50 -50.32
CA VAL B 1584 -30.87 23.99 -49.05
C VAL B 1584 -32.36 24.31 -48.89
N LEU B 1585 -33.13 23.28 -48.57
CA LEU B 1585 -34.55 23.37 -48.20
C LEU B 1585 -34.71 23.25 -46.68
N SER B 1586 -35.48 24.14 -46.06
CA SER B 1586 -35.75 24.11 -44.62
C SER B 1586 -36.80 23.08 -44.23
N THR B 1587 -36.52 22.33 -43.16
CA THR B 1587 -37.47 21.45 -42.44
C THR B 1587 -37.18 21.52 -40.93
N SER B 1588 -38.08 21.04 -40.07
CA SER B 1588 -37.91 21.05 -38.62
C SER B 1588 -37.42 19.71 -38.06
N VAL B 1589 -36.49 19.73 -37.11
CA VAL B 1589 -36.02 18.52 -36.38
C VAL B 1589 -37.14 17.77 -35.69
N VAL B 1590 -38.20 18.49 -35.30
CA VAL B 1590 -39.41 17.95 -34.69
C VAL B 1590 -40.07 16.90 -35.58
N SER B 1591 -39.93 17.02 -36.91
CA SER B 1591 -40.49 16.08 -37.87
C SER B 1591 -39.77 14.73 -37.98
N LEU B 1592 -38.64 14.50 -37.27
CA LEU B 1592 -37.97 13.19 -37.23
C LEU B 1592 -38.71 12.19 -36.32
N PRO B 1593 -38.91 12.43 -35.01
CA PRO B 1593 -39.75 11.57 -34.16
C PRO B 1593 -41.23 11.95 -34.12
N GLY B 1594 -41.58 13.18 -34.54
CA GLY B 1594 -42.94 13.73 -34.56
C GLY B 1594 -43.35 14.45 -33.28
N ARG B 1595 -44.46 15.19 -33.35
CA ARG B 1595 -45.07 15.92 -32.23
C ARG B 1595 -46.59 16.00 -32.39
N ALA B 1596 -47.31 16.13 -31.29
CA ALA B 1596 -48.77 16.26 -31.33
C ALA B 1596 -49.19 17.59 -31.97
N GLY B 1597 -50.27 17.59 -32.76
CA GLY B 1597 -50.90 18.81 -33.25
C GLY B 1597 -50.24 19.47 -34.46
N THR B 1598 -49.46 18.73 -35.26
CA THR B 1598 -48.73 19.27 -36.42
C THR B 1598 -48.81 18.38 -37.66
N VAL B 1599 -49.97 17.81 -37.97
CA VAL B 1599 -50.14 16.82 -39.06
C VAL B 1599 -49.67 17.37 -40.42
N VAL B 1600 -50.06 18.60 -40.76
CA VAL B 1600 -49.69 19.26 -42.02
C VAL B 1600 -48.20 19.63 -42.07
N GLY B 1601 -47.64 20.12 -40.97
CA GLY B 1601 -46.22 20.46 -40.88
C GLY B 1601 -45.32 19.24 -41.01
N SER B 1602 -45.69 18.14 -40.36
CA SER B 1602 -44.99 16.86 -40.51
C SER B 1602 -45.01 16.38 -41.98
N ALA B 1603 -46.18 16.39 -42.62
CA ALA B 1603 -46.31 15.95 -44.00
C ALA B 1603 -45.45 16.78 -44.95
N ALA B 1604 -45.41 18.10 -44.78
CA ALA B 1604 -44.58 18.95 -45.61
C ALA B 1604 -43.08 18.61 -45.47
N ASP B 1605 -42.57 18.43 -44.26
CA ASP B 1605 -41.16 18.10 -44.06
C ASP B 1605 -40.77 16.73 -44.62
N ALA B 1606 -41.64 15.72 -44.47
CA ALA B 1606 -41.44 14.40 -45.06
C ALA B 1606 -41.41 14.47 -46.59
N PHE B 1607 -42.35 15.18 -47.22
CA PHE B 1607 -42.38 15.35 -48.66
C PHE B 1607 -41.15 16.10 -49.17
N LEU B 1608 -40.75 17.22 -48.55
CA LEU B 1608 -39.56 17.95 -48.99
C LEU B 1608 -38.29 17.11 -48.84
N THR B 1609 -38.22 16.23 -47.85
CA THR B 1609 -37.08 15.30 -47.73
C THR B 1609 -37.05 14.32 -48.91
N ALA B 1610 -38.20 13.76 -49.30
CA ALA B 1610 -38.28 12.89 -50.47
C ALA B 1610 -37.97 13.63 -51.77
N LEU B 1611 -38.45 14.86 -51.93
CA LEU B 1611 -38.15 15.73 -53.07
C LEU B 1611 -36.64 16.01 -53.17
N ALA B 1612 -35.99 16.34 -52.06
CA ALA B 1612 -34.56 16.56 -52.02
C ALA B 1612 -33.77 15.30 -52.43
N ARG B 1613 -34.12 14.13 -51.89
CA ARG B 1613 -33.44 12.87 -52.25
C ARG B 1613 -33.54 12.53 -53.73
N HIS B 1614 -34.68 12.74 -54.36
CA HIS B 1614 -34.88 12.47 -55.78
C HIS B 1614 -33.81 13.14 -56.64
N HIS B 1615 -33.52 14.42 -56.38
CA HIS B 1615 -32.47 15.18 -57.07
C HIS B 1615 -31.05 14.82 -56.63
N ARG B 1616 -30.83 14.50 -55.34
CA ARG B 1616 -29.53 14.06 -54.81
C ARG B 1616 -29.07 12.73 -55.41
N GLN B 1617 -29.99 11.77 -55.60
CA GLN B 1617 -29.71 10.52 -56.32
C GLN B 1617 -29.48 10.75 -57.81
N ALA B 1618 -30.04 11.82 -58.39
CA ALA B 1618 -29.72 12.28 -59.75
C ALA B 1618 -28.39 13.07 -59.86
N GLY B 1619 -27.63 13.23 -58.76
CA GLY B 1619 -26.32 13.88 -58.75
C GLY B 1619 -26.33 15.40 -58.54
N LEU B 1620 -27.46 15.99 -58.15
CA LEU B 1620 -27.61 17.42 -57.90
C LEU B 1620 -27.53 17.69 -56.38
N PRO B 1621 -26.71 18.66 -55.90
CA PRO B 1621 -26.44 18.86 -54.46
C PRO B 1621 -27.56 19.59 -53.70
N VAL B 1622 -28.80 19.14 -53.84
CA VAL B 1622 -29.94 19.58 -53.02
C VAL B 1622 -29.87 18.92 -51.64
N VAL B 1623 -30.12 19.67 -50.57
CA VAL B 1623 -30.12 19.16 -49.19
C VAL B 1623 -31.37 19.63 -48.45
N ALA B 1624 -32.09 18.72 -47.81
CA ALA B 1624 -33.11 19.11 -46.84
C ALA B 1624 -32.45 19.15 -45.46
N ALA B 1625 -32.50 20.30 -44.80
CA ALA B 1625 -31.95 20.48 -43.45
C ALA B 1625 -33.06 20.42 -42.41
N ALA B 1626 -32.96 19.53 -41.42
CA ALA B 1626 -33.89 19.49 -40.30
C ALA B 1626 -33.33 20.24 -39.09
N TRP B 1627 -33.65 21.53 -39.00
CA TRP B 1627 -33.15 22.45 -37.98
C TRP B 1627 -34.05 22.56 -36.76
N GLY B 1628 -33.49 23.00 -35.63
CA GLY B 1628 -34.26 23.50 -34.49
C GLY B 1628 -34.67 24.96 -34.68
N PRO B 1629 -35.42 25.57 -33.74
CA PRO B 1629 -35.76 26.98 -33.79
C PRO B 1629 -34.50 27.87 -33.80
N TRP B 1630 -34.39 28.78 -34.77
CA TRP B 1630 -33.31 29.77 -34.78
C TRP B 1630 -33.47 30.70 -33.57
N LEU B 1631 -32.38 31.03 -32.87
CA LEU B 1631 -32.42 31.85 -31.65
C LEU B 1631 -32.99 33.24 -31.93
N GLU B 1632 -32.61 33.84 -33.05
CA GLU B 1632 -33.13 35.12 -33.55
C GLU B 1632 -34.64 35.07 -33.86
N SER B 1633 -35.20 33.89 -34.07
CA SER B 1633 -36.63 33.70 -34.33
C SER B 1633 -37.44 33.45 -33.06
N VAL B 1634 -36.82 33.44 -31.87
CA VAL B 1634 -37.52 33.40 -30.57
C VAL B 1634 -38.16 34.77 -30.30
N ASP B 1635 -39.38 34.97 -30.77
CA ASP B 1635 -40.06 36.27 -30.75
C ASP B 1635 -40.41 36.71 -29.31
N GLU B 1636 -39.79 37.80 -28.88
CA GLU B 1636 -40.01 38.42 -27.56
C GLU B 1636 -41.45 38.94 -27.38
N SER B 1637 -42.20 39.08 -28.47
CA SER B 1637 -43.61 39.51 -28.45
C SER B 1637 -44.56 38.41 -27.94
N ASP B 1638 -44.17 37.14 -28.10
CA ASP B 1638 -44.97 35.97 -27.72
C ASP B 1638 -44.07 34.72 -27.60
N GLU B 1639 -43.48 34.53 -26.42
CA GLU B 1639 -42.46 33.49 -26.19
C GLU B 1639 -43.03 32.08 -25.98
N ALA B 1640 -44.36 31.92 -25.90
CA ALA B 1640 -45.02 30.66 -25.54
C ALA B 1640 -44.61 29.43 -26.38
N PRO B 1641 -44.40 29.51 -27.72
CA PRO B 1641 -43.92 28.38 -28.50
C PRO B 1641 -42.51 27.94 -28.08
N ALA B 1642 -41.62 28.89 -27.81
CA ALA B 1642 -40.26 28.61 -27.35
C ALA B 1642 -40.25 28.05 -25.92
N VAL B 1643 -41.12 28.54 -25.03
CA VAL B 1643 -41.31 27.96 -23.69
C VAL B 1643 -41.76 26.50 -23.80
N ALA B 1644 -42.74 26.21 -24.64
CA ALA B 1644 -43.22 24.84 -24.85
C ALA B 1644 -42.11 23.93 -25.41
N PHE B 1645 -41.37 24.38 -26.41
CA PHE B 1645 -40.26 23.58 -26.97
C PHE B 1645 -39.15 23.35 -25.94
N ALA B 1646 -38.87 24.31 -25.06
CA ALA B 1646 -37.85 24.14 -24.02
C ALA B 1646 -38.22 23.08 -22.99
N GLU B 1647 -39.47 23.00 -22.59
CA GLU B 1647 -39.96 21.93 -21.71
C GLU B 1647 -39.96 20.57 -22.41
N ALA B 1648 -40.30 20.54 -23.71
CA ALA B 1648 -40.19 19.36 -24.55
C ALA B 1648 -38.74 18.95 -24.85
N GLY B 1649 -37.77 19.82 -24.61
CA GLY B 1649 -36.36 19.55 -24.78
C GLY B 1649 -35.77 19.85 -26.16
N VAL B 1650 -36.48 20.57 -27.05
CA VAL B 1650 -35.90 21.13 -28.27
C VAL B 1650 -35.45 22.57 -27.99
N TYR B 1651 -34.16 22.80 -27.83
CA TYR B 1651 -33.62 24.11 -27.48
C TYR B 1651 -33.26 24.94 -28.71
N PRO B 1652 -33.35 26.28 -28.66
CA PRO B 1652 -32.90 27.15 -29.73
C PRO B 1652 -31.41 27.03 -30.03
N ALA B 1653 -30.98 27.44 -31.22
CA ALA B 1653 -29.57 27.58 -31.58
C ALA B 1653 -29.36 28.79 -32.50
N PRO B 1654 -28.22 29.48 -32.46
CA PRO B 1654 -27.94 30.62 -33.34
C PRO B 1654 -27.87 30.19 -34.82
N GLY B 1655 -28.66 30.81 -35.69
CA GLY B 1655 -28.76 30.44 -37.10
C GLY B 1655 -27.42 30.43 -37.83
N GLY B 1656 -26.52 31.35 -37.48
CA GLY B 1656 -25.17 31.40 -38.04
C GLY B 1656 -24.33 30.16 -37.74
N GLU B 1657 -24.42 29.61 -36.53
CA GLU B 1657 -23.69 28.39 -36.16
C GLU B 1657 -24.24 27.16 -36.90
N MET B 1658 -25.55 27.08 -37.10
CA MET B 1658 -26.14 25.98 -37.87
C MET B 1658 -25.77 26.05 -39.36
N LEU B 1659 -25.75 27.23 -39.97
CA LEU B 1659 -25.27 27.35 -41.34
C LEU B 1659 -23.79 27.01 -41.43
N ASP B 1660 -22.99 27.47 -40.47
CA ASP B 1660 -21.57 27.13 -40.41
C ASP B 1660 -21.35 25.61 -40.33
N ALA B 1661 -22.17 24.89 -39.58
CA ALA B 1661 -22.04 23.45 -39.43
C ALA B 1661 -22.52 22.68 -40.68
N LEU B 1662 -23.54 23.14 -41.41
CA LEU B 1662 -24.07 22.43 -42.57
C LEU B 1662 -23.41 22.78 -43.91
N LEU B 1663 -23.31 24.07 -44.29
CA LEU B 1663 -23.03 24.47 -45.68
C LEU B 1663 -21.64 24.14 -46.26
N PRO B 1664 -20.54 23.86 -45.51
CA PRO B 1664 -19.32 23.32 -46.11
C PRO B 1664 -19.42 21.84 -46.52
N LEU B 1665 -20.46 21.12 -46.10
CA LEU B 1665 -20.60 19.67 -46.25
C LEU B 1665 -21.09 19.14 -47.62
N PRO B 1666 -22.02 19.78 -48.38
CA PRO B 1666 -22.80 19.08 -49.41
C PRO B 1666 -22.00 18.45 -50.56
N ALA B 1667 -20.87 19.05 -50.95
CA ALA B 1667 -19.94 18.49 -51.93
C ALA B 1667 -18.87 17.55 -51.32
N ALA B 1668 -18.60 17.66 -50.02
CA ALA B 1668 -17.57 16.90 -49.30
C ALA B 1668 -18.06 15.57 -48.72
N GLY B 1669 -19.36 15.43 -48.42
CA GLY B 1669 -19.94 14.25 -47.78
C GLY B 1669 -21.47 14.20 -47.87
N GLU B 1670 -22.06 13.21 -47.19
CA GLU B 1670 -23.51 12.96 -47.17
C GLU B 1670 -24.11 12.74 -48.58
N ALA B 1671 -23.36 12.05 -49.45
CA ALA B 1671 -23.73 11.79 -50.84
C ALA B 1671 -24.93 10.81 -50.97
N ASP B 1672 -24.99 9.78 -50.12
CA ASP B 1672 -26.13 8.86 -49.98
C ASP B 1672 -26.11 8.15 -48.62
N GLY B 1673 -27.21 7.49 -48.23
CA GLY B 1673 -27.36 6.80 -46.95
C GLY B 1673 -27.65 7.69 -45.74
N SER B 1674 -27.74 9.02 -45.93
CA SER B 1674 -27.97 10.00 -44.86
C SER B 1674 -29.42 9.99 -44.35
N GLY B 1675 -30.39 9.75 -45.25
CA GLY B 1675 -31.82 9.60 -44.93
C GLY B 1675 -32.50 10.88 -44.40
N GLU B 1676 -33.43 10.72 -43.47
CA GLU B 1676 -34.02 11.82 -42.71
C GLU B 1676 -32.97 12.35 -41.71
N ALA B 1677 -32.37 13.53 -41.98
CA ALA B 1677 -31.17 14.01 -41.29
C ALA B 1677 -31.24 15.49 -40.87
N GLY B 1678 -30.73 15.81 -39.68
CA GLY B 1678 -30.90 17.11 -39.04
C GLY B 1678 -29.74 17.55 -38.16
N LEU B 1679 -29.84 18.79 -37.69
CA LEU B 1679 -28.80 19.51 -36.95
C LEU B 1679 -29.48 20.45 -35.94
N ALA B 1680 -29.41 20.13 -34.66
CA ALA B 1680 -30.17 20.83 -33.61
C ALA B 1680 -29.65 20.53 -32.21
N ARG B 1681 -30.03 21.33 -31.22
CA ARG B 1681 -29.86 21.01 -29.79
C ARG B 1681 -31.14 20.37 -29.28
N VAL B 1682 -31.15 19.05 -29.07
CA VAL B 1682 -32.32 18.34 -28.54
C VAL B 1682 -31.91 17.35 -27.46
N ASP B 1683 -32.67 17.26 -26.38
CA ASP B 1683 -32.53 16.25 -25.34
C ASP B 1683 -33.64 15.20 -25.43
N TRP B 1684 -33.39 14.08 -26.14
CA TRP B 1684 -34.45 13.12 -26.44
C TRP B 1684 -35.05 12.42 -25.22
N ASP B 1685 -34.33 12.34 -24.10
CA ASP B 1685 -34.89 11.78 -22.87
C ASP B 1685 -35.99 12.68 -22.30
N ARG B 1686 -35.84 14.01 -22.38
CA ARG B 1686 -36.96 14.91 -22.12
C ARG B 1686 -38.06 14.72 -23.15
N TYR B 1687 -37.72 14.56 -24.42
CA TYR B 1687 -38.74 14.48 -25.46
C TYR B 1687 -39.71 13.31 -25.27
N LEU B 1688 -39.23 12.11 -24.89
CA LEU B 1688 -40.10 10.95 -24.68
C LEU B 1688 -40.81 10.96 -23.32
N THR B 1689 -40.35 11.74 -22.35
CA THR B 1689 -41.03 11.90 -21.05
C THR B 1689 -41.92 13.15 -20.99
N ALA B 1690 -41.77 14.10 -21.91
CA ALA B 1690 -42.67 15.22 -22.11
C ALA B 1690 -44.02 14.79 -22.67
N GLY B 1691 -45.05 15.61 -22.41
CA GLY B 1691 -46.45 15.17 -22.53
C GLY B 1691 -46.71 14.01 -21.57
N HIS B 1692 -47.14 12.87 -22.11
CA HIS B 1692 -47.13 11.58 -21.43
C HIS B 1692 -47.00 10.45 -22.48
N ARG B 1693 -46.50 9.28 -22.09
CA ARG B 1693 -46.33 8.10 -22.96
C ARG B 1693 -46.27 6.80 -22.14
N PRO B 1694 -47.24 5.88 -22.23
CA PRO B 1694 -47.33 4.69 -21.37
C PRO B 1694 -46.63 3.43 -21.90
N LEU B 1695 -46.22 3.40 -23.17
CA LEU B 1695 -45.59 2.25 -23.83
C LEU B 1695 -44.39 2.73 -24.68
N PRO B 1696 -43.40 1.87 -24.96
CA PRO B 1696 -42.22 2.24 -25.74
C PRO B 1696 -42.51 2.74 -27.16
N TYR B 1697 -41.50 3.37 -27.77
CA TYR B 1697 -41.49 3.83 -29.16
C TYR B 1697 -40.10 3.58 -29.74
N THR B 1698 -39.93 2.54 -30.56
CA THR B 1698 -38.60 1.98 -30.88
C THR B 1698 -37.72 2.86 -31.77
N VAL B 1699 -38.23 3.98 -32.30
CA VAL B 1699 -37.41 4.99 -32.98
C VAL B 1699 -36.53 5.76 -31.99
N LEU B 1700 -37.04 6.11 -30.81
CA LEU B 1700 -36.27 6.81 -29.76
C LEU B 1700 -35.61 5.87 -28.75
N GLU B 1701 -36.19 4.71 -28.47
CA GLU B 1701 -35.80 3.86 -27.33
C GLU B 1701 -35.30 2.46 -27.77
N THR B 1702 -34.33 1.91 -27.04
CA THR B 1702 -33.73 0.58 -27.30
C THR B 1702 -34.76 -0.53 -27.08
N ARG B 1703 -34.91 -1.44 -28.05
CA ARG B 1703 -36.13 -2.25 -28.24
C ARG B 1703 -36.61 -3.00 -27.00
N ALA B 1704 -35.75 -3.81 -26.37
CA ALA B 1704 -36.14 -4.68 -25.25
C ALA B 1704 -34.95 -5.17 -24.41
N SER B 1705 -35.23 -5.65 -23.20
CA SER B 1705 -34.37 -6.51 -22.39
C SER B 1705 -34.42 -7.98 -22.85
N TYR B 1706 -33.57 -8.84 -22.29
CA TYR B 1706 -33.45 -10.26 -22.65
C TYR B 1706 -33.00 -11.12 -21.44
N ASP B 1707 -33.17 -12.44 -21.54
CA ASP B 1707 -32.88 -13.40 -20.48
C ASP B 1707 -31.36 -13.60 -20.24
N GLU B 1708 -30.81 -13.02 -19.18
CA GLU B 1708 -29.49 -13.36 -18.60
C GLU B 1708 -29.43 -13.08 -17.09
N GLU B 1709 -28.44 -13.64 -16.40
CA GLU B 1709 -28.26 -13.55 -14.95
C GLU B 1709 -26.79 -13.24 -14.57
N LYS B 1710 -26.56 -12.78 -13.33
CA LYS B 1710 -25.27 -12.30 -12.82
C LYS B 1710 -24.89 -12.97 -11.50
N ALA B 1711 -23.59 -13.00 -11.21
CA ALA B 1711 -23.01 -13.51 -9.96
C ALA B 1711 -23.37 -12.62 -8.73
N PRO B 1712 -23.34 -13.17 -7.49
CA PRO B 1712 -23.67 -12.43 -6.27
C PRO B 1712 -22.58 -11.43 -5.80
N GLY B 1713 -21.47 -11.28 -6.52
CA GLY B 1713 -20.30 -10.49 -6.08
C GLY B 1713 -19.31 -11.33 -5.25
N PHE B 1714 -18.04 -10.91 -5.23
CA PHE B 1714 -16.93 -11.75 -4.75
C PHE B 1714 -17.03 -12.09 -3.26
N GLY B 1715 -16.85 -11.12 -2.38
CA GLY B 1715 -16.89 -11.37 -0.92
C GLY B 1715 -18.30 -11.33 -0.34
N GLN B 1716 -19.24 -10.71 -1.04
CA GLN B 1716 -20.50 -10.23 -0.46
C GLN B 1716 -21.40 -11.35 0.09
N ASN B 1717 -21.34 -12.56 -0.47
CA ASN B 1717 -22.10 -13.71 0.03
C ASN B 1717 -21.70 -14.15 1.45
N ARG B 1718 -20.49 -13.79 1.91
CA ARG B 1718 -19.99 -14.05 3.27
C ARG B 1718 -20.18 -12.89 4.25
N MET B 1719 -20.73 -11.76 3.81
CA MET B 1719 -20.89 -10.55 4.62
C MET B 1719 -22.10 -9.71 4.20
O01 ONF C . 17.39 -6.00 -10.97
C02 ONF C . 17.17 -4.93 -10.44
C03 ONF C . 15.82 -4.22 -10.53
C04 ONF C . 15.19 -3.97 -9.15
C05 ONF C . 13.71 -3.55 -9.25
C06 ONF C . 13.07 -3.50 -7.85
C07 ONF C . 11.62 -2.98 -7.88
C08 ONF C . 11.17 -2.54 -6.47
C09 ONF C . 9.74 -2.00 -6.42
C10 ONF C . 8.66 -3.09 -6.56
C11 ONF C . 7.32 -2.67 -5.89
C12 ONF C . 6.52 -1.65 -6.69
C13 ONF C . 5.52 -2.18 -7.65
C14 ONF C . 5.35 -3.46 -8.07
C15 ONF C . 4.19 -3.53 -8.85
C16 ONF C . 3.64 -2.28 -8.95
N17 ONF C . 4.49 -1.43 -8.23
O18 ONF C . 6.62 -0.46 -6.48
H1 ONF C . 15.16 -4.84 -11.16
H2 ONF C . 15.97 -3.28 -11.07
H3 ONF C . 15.75 -3.18 -8.63
H4 ONF C . 15.27 -4.88 -8.55
H5 ONF C . 13.64 -2.56 -9.73
H6 ONF C . 13.16 -4.26 -9.89
H7 ONF C . 13.08 -4.50 -7.40
H8 ONF C . 13.68 -2.87 -7.20
H9 ONF C . 10.95 -3.76 -8.26
H10 ONF C . 11.55 -2.12 -8.55
H11 ONF C . 11.85 -1.76 -6.11
H12 ONF C . 11.28 -3.38 -5.77
H13 ONF C . 9.60 -1.23 -7.19
H14 ONF C . 9.62 -1.49 -5.45
H15 ONF C . 8.51 -3.34 -7.61
H16 ONF C . 9.01 -4.01 -6.06
H17 ONF C . 6.69 -3.55 -5.74
H18 ONF C . 7.51 -2.25 -4.89
H19 ONF C . 5.99 -4.31 -7.83
H20 ONF C . 3.79 -4.43 -9.31
H21 ONF C . 2.75 -1.92 -9.44
H22 ONF C . 4.35 -0.44 -8.11
O8 3HA D . 18.37 -1.74 -9.17
C7 3HA D . 19.59 -1.82 -9.14
O9 3HA D . 20.31 -0.86 -9.01
C2 3HA D . 20.25 -3.20 -9.28
C1 3HA D . 21.64 -3.28 -9.16
C6 3HA D . 22.32 -4.50 -9.31
C5 3HA D . 21.60 -5.66 -9.57
C4 3HA D . 20.20 -5.61 -9.67
O11 3HA D . 19.56 -6.79 -9.89
C3 3HA D . 19.51 -4.39 -9.55
N10 3HA D . 18.09 -4.27 -9.67
H1 3HA D . 22.24 -2.40 -8.96
H6 3HA D . 23.40 -4.53 -9.23
H5 3HA D . 22.12 -6.60 -9.72
H11 3HA D . 18.69 -6.55 -10.27
H101 3HA D . 17.76 -3.36 -9.37
O01 ONF E . -12.64 -12.41 9.57
C02 ONF E . -13.36 -11.67 8.92
C03 ONF E . -12.94 -10.26 8.53
C04 ONF E . -11.41 -10.06 8.72
C05 ONF E . -10.85 -8.84 7.98
C06 ONF E . -9.30 -8.84 8.02
C07 ONF E . -8.67 -7.66 7.28
C08 ONF E . -8.69 -7.84 5.74
C09 ONF E . -8.12 -6.61 5.01
C10 ONF E . -6.58 -6.48 5.12
C11 ONF E . -6.13 -5.04 4.79
C12 ONF E . -4.63 -4.83 4.96
C13 ONF E . -4.10 -4.70 6.34
C14 ONF E . -4.78 -4.81 7.53
C15 ONF E . -3.87 -4.63 8.58
C16 ONF E . -2.63 -4.39 8.06
N17 ONF E . -2.78 -4.41 6.67
O18 ONF E . -3.91 -4.75 3.99
H1 ONF E . -13.50 -9.54 9.12
H2 ONF E . -13.21 -10.10 7.47
H3 ONF E . -10.89 -10.94 8.34
H4 ONF E . -11.19 -9.98 9.79
H5 ONF E . -11.19 -8.86 6.93
H6 ONF E . -11.23 -7.92 8.43
H7 ONF E . -8.99 -8.80 9.07
H8 ONF E . -8.92 -9.79 7.61
H9 ONF E . -7.64 -7.55 7.63
H10 ONF E . -9.19 -6.73 7.55
H11 ONF E . -9.71 -8.00 5.40
H12 ONF E . -8.11 -8.73 5.46
H13 ONF E . -8.60 -5.71 5.43
H14 ONF E . -8.40 -6.66 3.96
H15 ONF E . -6.23 -6.76 6.12
H16 ONF E . -6.11 -7.18 4.41
H17 ONF E . -6.40 -4.78 3.77
H18 ONF E . -6.65 -4.33 5.45
H19 ONF E . -5.84 -5.01 7.64
H20 ONF E . -4.11 -4.67 9.64
H21 ONF E . -1.68 -4.19 8.54
H22 ONF E . -2.05 -4.20 6.00
O8 3HA F . -18.52 -11.74 8.79
C7 3HA F . -17.43 -11.86 8.27
O9 3HA F . -16.85 -10.96 7.69
C2 3HA F . -16.73 -13.20 8.41
C1 3HA F . -17.49 -14.37 8.41
C6 3HA F . -16.89 -15.63 8.55
C5 3HA F . -15.50 -15.73 8.69
C4 3HA F . -14.71 -14.58 8.69
O11 3HA F . -13.38 -14.73 8.85
C3 3HA F . -15.31 -13.28 8.55
N10 3HA F . -14.58 -12.06 8.46
H1 3HA F . -18.57 -14.32 8.30
H6 3HA F . -17.49 -16.53 8.55
H5 3HA F . -15.03 -16.70 8.81
H11 3HA F . -13.03 -13.86 9.12
H101 3HA F . -15.11 -11.33 8.00
#